data_6H0F
#
_entry.id   6H0F
#
_cell.length_a   161.450
_cell.length_b   177.860
_cell.length_c   242.470
_cell.angle_alpha   90.000
_cell.angle_beta   90.000
_cell.angle_gamma   90.000
#
_symmetry.space_group_name_H-M   'P 21 21 21'
#
loop_
_entity.id
_entity.type
_entity.pdbx_description
1 polymer 'DNA damage-binding protein 1,DNA damage-binding protein 1,DNA damage-binding protein 1,DNA damage-binding protein 1'
2 polymer 'Protein cereblon'
3 polymer 'DNA-binding protein Ikaros'
4 non-polymer 'ZINC ION'
5 non-polymer S-Pomalidomide
6 water water
#
loop_
_entity_poly.entity_id
_entity_poly.type
_entity_poly.pdbx_seq_one_letter_code
_entity_poly.pdbx_strand_id
1 'polypeptide(L)'
;MHHHHHHVDEENLYFQGGGRMSYNYVVTAQKPTAVNGCVTGHFTSAEDLNLLIAKNTRLEIYVVTAEGLRPVKEVGMYGK
IAVMELFRPKGESKDLLFILTAKYNACILEYKQSGESIDIITRAHGNVQDRIGRPSETGIIGIIDPECRMIGLRLYDGLF
KVIPLDRDNKELKAFNIRLEELHVIDVKFLYGCQAPTICFVYQDPQGRHVKTYEVSLREKEFNKGPWKQENVEAEASMVI
AVPEPFGGAIIIGQESITYHNGDKYLAIAPPIIKQSTIVCHNRVDPNGSRYLLGDMEGRLFMLLLEKEEQMDGTVTLKDL
RVELLGETSIAECLTYLDNGVVFVGSRLGDSQLVKLNVDSNEQGSYVVAMETFTNLGPIVDMCVVDLERQGQGQLVTCSG
AFKEGSLRIIRNGIGGNGNSGEIQKLHIRTVPLYESPRKICYQEVSQCFGVLSSRIEVQDTSGGTTALRPSASTQALSSS
VSSSKLFSSSTAPHETSFGEEVEVHNLLIIDQHTFEVLHAHQFLQNEYALSLVSCKLGKDPNTYFIVGTAMVYPEEAEPK
QGRIVVFQYSDGKLQTVAEKEVKGAVYSMVEFNGKLLASINSTVRLYEWTTEKELRTECNHYNNIMALYLKTKGDFILVG
DLMRSVLLLAYKPMEGNFEEIARDFNPNWMSAVEILDDDNFLGAENAFNLFVCQKDSAATTDEERQHLQEVGLFHLGEFV
NVFCHGSLVMQNLGETSTPTQGSVLFGTVNGMIGLVTSLSESWYNLLLDMQNRLNKVIKSVGKIEHSFWRSFHTERKTEP
ATGFIDGDLIESFLDISRPKMQEVVANLQYDDGSGMKREATADDLIKVVEELTRIH
;
A,D,G,J
2 'polypeptide(L)'
;MDWSHPQFEKSAVDENLYFQGGGRAKKPNIINFDTSLPTSHTYLGADMEEFHGRTLHDDDSCQVIPVLPQVMMILIPGQT
LPLQLFHPQEVSMVRNLIQKDRTFAVLAYSNVQEREAQFGTTAEIYAYREEQDFGIEIVKVKAIGRQRFKVLELRTQSDG
IQQAKVQILPECVLPSTMSAVQLESLNKCQIFPSKPVSREDQCSYKWWQKYQKRKFHCANLTSWPRWLYSLYDAETLMDR
IKKQLREWDENLKDDSLPSNPIDFSYRVAACLPIDDVLRIQLLKIGSAIQRLRCELDIMNKCTSLCCKQCQETEITTKNE
IFSLSLCGPMAAYVNPHGYVHETLTVYKACNLNLIGRPSTEHSWFPGYAWTVAQCKICASHIGWKFTATKKDMSPQKFWG
LTRSALLPTIPDTEDEISPDKVILCL
;
B,E,H,K
3 'polypeptide(L)' GGGRGERPFQCNQCGASFTQKGNLLRHIKLHSGEKPFK C,F,I,L
#
loop_
_chem_comp.id
_chem_comp.type
_chem_comp.name
_chem_comp.formula
Y70 non-polymer S-Pomalidomide 'C13 H11 N3 O4'
ZN non-polymer 'ZINC ION' 'Zn 2'
#
# COMPACT_ATOMS: atom_id res chain seq x y z
N MET A 21 3.25 -4.13 49.87
CA MET A 21 3.03 -3.72 51.26
C MET A 21 1.55 -3.41 51.54
N SER A 22 0.81 -2.89 50.53
CA SER A 22 -0.64 -2.64 50.65
C SER A 22 -1.31 -3.83 49.97
N TYR A 23 -2.40 -4.32 50.56
CA TYR A 23 -3.12 -5.46 50.02
C TYR A 23 -4.55 -5.04 49.80
N ASN A 24 -4.89 -4.67 48.55
CA ASN A 24 -6.24 -4.20 48.23
C ASN A 24 -6.96 -5.04 47.20
N TYR A 25 -8.29 -4.96 47.24
CA TYR A 25 -9.20 -5.67 46.35
C TYR A 25 -10.13 -4.60 45.76
N VAL A 26 -10.27 -4.59 44.43
CA VAL A 26 -11.14 -3.62 43.77
C VAL A 26 -12.13 -4.39 42.88
N VAL A 27 -13.42 -4.01 42.94
CA VAL A 27 -14.48 -4.67 42.18
C VAL A 27 -15.52 -3.66 41.68
N THR A 28 -16.14 -3.97 40.54
CA THR A 28 -17.18 -3.13 39.94
C THR A 28 -18.54 -3.45 40.57
N ALA A 29 -19.19 -2.44 41.17
CA ALA A 29 -20.53 -2.57 41.77
C ALA A 29 -21.57 -2.26 40.69
N GLN A 30 -21.31 -1.24 39.85
CA GLN A 30 -22.17 -0.87 38.71
C GLN A 30 -21.25 -0.72 37.50
N LYS A 31 -21.57 -1.39 36.37
CA LYS A 31 -20.76 -1.30 35.13
C LYS A 31 -20.89 0.11 34.51
N PRO A 32 -19.94 0.57 33.67
CA PRO A 32 -20.10 1.89 33.03
C PRO A 32 -21.38 1.98 32.21
N THR A 33 -22.23 2.96 32.51
CA THR A 33 -23.53 3.16 31.87
C THR A 33 -23.49 4.16 30.69
N ALA A 34 -22.43 5.01 30.61
CA ALA A 34 -22.33 6.04 29.57
C ALA A 34 -21.92 5.47 28.21
N VAL A 35 -22.70 5.77 27.16
CA VAL A 35 -22.45 5.29 25.80
C VAL A 35 -21.49 6.22 25.07
N ASN A 36 -20.30 5.70 24.66
CA ASN A 36 -19.30 6.49 23.92
C ASN A 36 -19.26 6.18 22.42
N GLY A 37 -20.00 5.17 21.97
CA GLY A 37 -20.04 4.84 20.54
C GLY A 37 -21.16 3.89 20.20
N CYS A 38 -21.67 3.96 18.95
CA CYS A 38 -22.72 3.06 18.48
C CYS A 38 -22.69 2.92 16.95
N VAL A 39 -22.82 1.67 16.46
CA VAL A 39 -22.78 1.36 15.02
C VAL A 39 -23.82 0.31 14.69
N THR A 40 -24.41 0.39 13.49
CA THR A 40 -25.40 -0.60 13.01
C THR A 40 -24.82 -1.37 11.85
N GLY A 41 -25.34 -2.57 11.63
CA GLY A 41 -24.90 -3.42 10.55
C GLY A 41 -25.42 -4.84 10.71
N HIS A 42 -24.82 -5.80 10.00
CA HIS A 42 -25.22 -7.21 10.07
C HIS A 42 -24.05 -8.02 10.62
N PHE A 43 -23.86 -7.97 11.94
CA PHE A 43 -22.75 -8.62 12.65
C PHE A 43 -23.04 -10.07 13.00
N THR A 44 -24.26 -10.33 13.50
CA THR A 44 -24.69 -11.67 13.89
C THR A 44 -24.90 -12.56 12.67
N SER A 45 -25.86 -12.20 11.81
CA SER A 45 -26.17 -12.90 10.57
C SER A 45 -26.47 -11.87 9.48
N ALA A 46 -26.15 -12.19 8.22
CA ALA A 46 -26.40 -11.29 7.09
C ALA A 46 -27.86 -10.83 6.97
N GLU A 47 -28.82 -11.66 7.44
CA GLU A 47 -30.24 -11.33 7.36
C GLU A 47 -30.68 -10.25 8.35
N ASP A 48 -30.64 -10.53 9.67
CA ASP A 48 -31.11 -9.55 10.67
C ASP A 48 -30.16 -8.35 10.87
N LEU A 49 -30.74 -7.19 11.23
CA LEU A 49 -30.03 -5.94 11.46
C LEU A 49 -29.65 -5.83 12.94
N ASN A 50 -28.39 -5.44 13.21
CA ASN A 50 -27.86 -5.30 14.56
C ASN A 50 -27.50 -3.87 14.90
N LEU A 51 -27.42 -3.59 16.20
CA LEU A 51 -26.97 -2.32 16.78
C LEU A 51 -25.91 -2.70 17.80
N LEU A 52 -24.67 -2.21 17.63
CA LEU A 52 -23.58 -2.46 18.57
C LEU A 52 -23.33 -1.17 19.36
N ILE A 53 -23.31 -1.26 20.71
CA ILE A 53 -23.07 -0.11 21.58
C ILE A 53 -21.79 -0.34 22.36
N ALA A 54 -20.96 0.70 22.49
CA ALA A 54 -19.72 0.66 23.25
C ALA A 54 -19.89 1.50 24.52
N LYS A 55 -19.87 0.85 25.69
CA LYS A 55 -19.95 1.50 27.01
C LYS A 55 -18.60 1.32 27.71
N ASN A 56 -17.60 2.05 27.20
CA ASN A 56 -16.21 2.09 27.67
C ASN A 56 -15.49 0.73 27.51
N THR A 57 -15.51 -0.13 28.54
CA THR A 57 -14.88 -1.45 28.51
C THR A 57 -15.89 -2.52 28.10
N ARG A 58 -17.19 -2.18 28.07
CA ARG A 58 -18.27 -3.11 27.71
C ARG A 58 -18.76 -2.89 26.28
N LEU A 59 -19.22 -3.98 25.62
CA LEU A 59 -19.76 -3.98 24.26
C LEU A 59 -21.10 -4.74 24.28
N GLU A 60 -22.22 -4.05 24.00
CA GLU A 60 -23.56 -4.64 23.97
C GLU A 60 -23.97 -4.86 22.51
N ILE A 61 -24.48 -6.06 22.16
CA ILE A 61 -24.93 -6.41 20.81
C ILE A 61 -26.46 -6.67 20.87
N TYR A 62 -27.24 -5.93 20.06
CA TYR A 62 -28.69 -6.06 19.99
C TYR A 62 -29.11 -6.40 18.57
N VAL A 63 -30.37 -6.83 18.42
CA VAL A 63 -31.01 -7.09 17.13
C VAL A 63 -32.17 -6.10 17.03
N VAL A 64 -32.28 -5.42 15.89
CA VAL A 64 -33.29 -4.40 15.66
C VAL A 64 -34.60 -5.07 15.22
N THR A 65 -35.63 -5.04 16.09
CA THR A 65 -36.95 -5.59 15.82
C THR A 65 -37.92 -4.47 15.51
N ALA A 66 -39.14 -4.81 15.09
CA ALA A 66 -40.17 -3.82 14.81
C ALA A 66 -40.69 -3.17 16.11
N GLU A 67 -40.61 -3.90 17.24
CA GLU A 67 -41.06 -3.40 18.54
C GLU A 67 -40.03 -2.43 19.12
N GLY A 68 -38.80 -2.91 19.27
CA GLY A 68 -37.69 -2.12 19.80
C GLY A 68 -36.36 -2.81 19.57
N LEU A 69 -35.58 -3.01 20.65
CA LEU A 69 -34.26 -3.68 20.59
C LEU A 69 -34.29 -4.96 21.38
N ARG A 70 -33.81 -6.07 20.78
CA ARG A 70 -33.74 -7.37 21.43
C ARG A 70 -32.30 -7.65 21.86
N PRO A 71 -31.99 -7.72 23.17
CA PRO A 71 -30.60 -7.99 23.58
C PRO A 71 -30.15 -9.39 23.20
N VAL A 72 -28.99 -9.50 22.53
CA VAL A 72 -28.46 -10.76 22.03
C VAL A 72 -27.22 -11.23 22.78
N LYS A 73 -26.22 -10.36 22.96
CA LYS A 73 -24.99 -10.72 23.66
C LYS A 73 -24.29 -9.48 24.21
N GLU A 74 -23.71 -9.59 25.42
CA GLU A 74 -22.98 -8.50 26.06
C GLU A 74 -21.61 -9.05 26.46
N VAL A 75 -20.54 -8.34 26.11
CA VAL A 75 -19.17 -8.78 26.41
C VAL A 75 -18.35 -7.67 27.03
N GLY A 76 -17.34 -8.07 27.78
CA GLY A 76 -16.40 -7.15 28.43
C GLY A 76 -15.02 -7.32 27.80
N MET A 77 -14.36 -6.20 27.52
CA MET A 77 -13.01 -6.19 26.96
C MET A 77 -12.02 -5.71 28.01
N TYR A 78 -10.74 -6.10 27.83
CA TYR A 78 -9.64 -5.70 28.68
C TYR A 78 -9.01 -4.47 28.02
N GLY A 79 -9.79 -3.40 27.94
CA GLY A 79 -9.37 -2.18 27.26
C GLY A 79 -10.51 -1.20 27.05
N LYS A 80 -10.21 0.10 27.06
CA LYS A 80 -11.21 1.13 26.81
C LYS A 80 -11.40 1.20 25.30
N ILE A 81 -12.63 0.92 24.81
CA ILE A 81 -12.93 0.91 23.36
C ILE A 81 -12.80 2.32 22.75
N ALA A 82 -11.75 2.54 21.92
CA ALA A 82 -11.50 3.83 21.25
C ALA A 82 -12.20 3.87 19.88
N VAL A 83 -11.94 2.88 19.00
CA VAL A 83 -12.56 2.75 17.68
C VAL A 83 -13.42 1.50 17.69
N MET A 84 -14.57 1.55 17.00
CA MET A 84 -15.50 0.42 16.85
C MET A 84 -16.22 0.60 15.52
N GLU A 85 -15.85 -0.20 14.49
CA GLU A 85 -16.48 -0.09 13.16
C GLU A 85 -16.69 -1.47 12.55
N LEU A 86 -17.89 -1.70 11.95
CA LEU A 86 -18.20 -2.96 11.26
C LEU A 86 -17.77 -2.85 9.80
N PHE A 87 -17.49 -4.00 9.17
CA PHE A 87 -17.04 -4.04 7.77
C PHE A 87 -17.18 -5.46 7.21
N ARG A 88 -17.54 -5.60 5.92
CA ARG A 88 -17.68 -6.91 5.27
C ARG A 88 -16.65 -7.05 4.16
N PRO A 89 -15.54 -7.80 4.40
CA PRO A 89 -14.54 -7.97 3.32
C PRO A 89 -15.05 -8.82 2.15
N LYS A 90 -14.30 -8.83 1.05
CA LYS A 90 -14.67 -9.62 -0.13
C LYS A 90 -14.66 -11.10 0.21
N GLY A 91 -15.77 -11.78 -0.06
CA GLY A 91 -15.91 -13.21 0.20
C GLY A 91 -16.15 -13.53 1.66
N GLU A 92 -17.13 -12.85 2.28
CA GLU A 92 -17.52 -13.08 3.67
C GLU A 92 -19.04 -13.08 3.79
N SER A 93 -19.58 -13.99 4.61
CA SER A 93 -21.02 -14.15 4.80
C SER A 93 -21.65 -12.94 5.47
N LYS A 94 -21.15 -12.57 6.67
CA LYS A 94 -21.65 -11.45 7.46
C LYS A 94 -20.52 -10.46 7.78
N ASP A 95 -20.86 -9.34 8.45
CA ASP A 95 -19.88 -8.28 8.79
C ASP A 95 -18.97 -8.70 9.95
N LEU A 96 -17.72 -8.18 9.93
CA LEU A 96 -16.71 -8.37 10.97
C LEU A 96 -16.61 -7.06 11.73
N LEU A 97 -16.18 -7.10 13.01
CA LEU A 97 -16.07 -5.91 13.85
C LEU A 97 -14.64 -5.54 14.18
N PHE A 98 -14.19 -4.37 13.71
CA PHE A 98 -12.85 -3.88 14.04
C PHE A 98 -12.96 -3.00 15.28
N ILE A 99 -12.15 -3.32 16.32
CA ILE A 99 -12.09 -2.52 17.55
C ILE A 99 -10.64 -2.16 17.85
N LEU A 100 -10.41 -0.95 18.35
CA LEU A 100 -9.10 -0.47 18.77
C LEU A 100 -9.27 0.06 20.19
N THR A 101 -8.37 -0.32 21.12
CA THR A 101 -8.49 0.16 22.50
C THR A 101 -7.64 1.42 22.71
N ALA A 102 -7.81 2.06 23.87
CA ALA A 102 -7.03 3.25 24.24
C ALA A 102 -5.53 2.94 24.37
N LYS A 103 -5.18 1.69 24.78
CA LYS A 103 -3.79 1.24 24.87
C LYS A 103 -3.27 0.72 23.49
N TYR A 104 -4.01 1.00 22.38
CA TYR A 104 -3.67 0.67 21.01
C TYR A 104 -3.74 -0.83 20.70
N ASN A 105 -4.71 -1.56 21.31
CA ASN A 105 -4.89 -2.99 20.99
C ASN A 105 -5.88 -3.06 19.85
N ALA A 106 -5.40 -3.39 18.66
CA ALA A 106 -6.24 -3.50 17.47
C ALA A 106 -6.72 -4.96 17.34
N CYS A 107 -7.96 -5.17 16.87
CA CYS A 107 -8.52 -6.52 16.70
C CYS A 107 -9.70 -6.56 15.75
N ILE A 108 -9.86 -7.71 15.05
CA ILE A 108 -10.99 -7.99 14.16
C ILE A 108 -11.72 -9.15 14.83
N LEU A 109 -12.96 -8.91 15.25
CA LEU A 109 -13.79 -9.90 15.94
C LEU A 109 -14.91 -10.39 15.01
N GLU A 110 -15.34 -11.65 15.20
CA GLU A 110 -16.41 -12.28 14.43
C GLU A 110 -17.42 -12.89 15.39
N TYR A 111 -18.71 -12.80 15.04
CA TYR A 111 -19.78 -13.35 15.85
C TYR A 111 -19.97 -14.81 15.44
N LYS A 112 -19.84 -15.76 16.40
CA LYS A 112 -20.00 -17.19 16.11
C LYS A 112 -20.94 -17.82 17.14
N GLN A 113 -22.07 -18.38 16.66
CA GLN A 113 -23.07 -19.02 17.51
C GLN A 113 -23.18 -20.49 17.11
N SER A 114 -23.23 -21.38 18.11
CA SER A 114 -23.38 -22.83 17.89
C SER A 114 -24.52 -23.32 18.79
N GLY A 115 -25.69 -23.51 18.19
CA GLY A 115 -26.88 -23.94 18.91
C GLY A 115 -27.38 -22.87 19.86
N GLU A 116 -26.90 -22.92 21.11
CA GLU A 116 -27.24 -21.94 22.15
C GLU A 116 -25.99 -21.45 22.90
N SER A 117 -24.79 -21.57 22.29
CA SER A 117 -23.54 -21.09 22.89
C SER A 117 -22.99 -19.98 21.99
N ILE A 118 -23.08 -18.72 22.47
CA ILE A 118 -22.64 -17.53 21.73
C ILE A 118 -21.21 -17.19 22.13
N ASP A 119 -20.33 -16.93 21.15
CA ASP A 119 -18.94 -16.57 21.40
C ASP A 119 -18.40 -15.59 20.35
N ILE A 120 -17.77 -14.51 20.80
CA ILE A 120 -17.17 -13.48 19.95
C ILE A 120 -15.72 -13.89 19.72
N ILE A 121 -15.47 -14.67 18.66
CA ILE A 121 -14.13 -15.17 18.38
C ILE A 121 -13.24 -14.09 17.77
N THR A 122 -11.96 -14.10 18.15
CA THR A 122 -10.95 -13.13 17.68
C THR A 122 -10.32 -13.62 16.38
N ARG A 123 -10.78 -13.11 15.23
CA ARG A 123 -10.23 -13.49 13.92
C ARG A 123 -8.79 -13.01 13.76
N ALA A 124 -8.46 -11.81 14.28
CA ALA A 124 -7.10 -11.27 14.18
C ALA A 124 -6.86 -10.23 15.27
N HIS A 125 -5.61 -10.05 15.70
CA HIS A 125 -5.29 -9.08 16.75
C HIS A 125 -3.83 -8.67 16.78
N GLY A 126 -3.54 -7.60 17.52
CA GLY A 126 -2.19 -7.09 17.68
C GLY A 126 -2.16 -5.65 18.19
N ASN A 127 -1.10 -5.30 18.93
CA ASN A 127 -0.94 -3.95 19.45
C ASN A 127 -0.32 -3.07 18.36
N VAL A 128 -0.95 -1.93 18.06
CA VAL A 128 -0.51 -1.02 16.98
C VAL A 128 0.20 0.24 17.52
N GLN A 129 0.72 0.21 18.77
CA GLN A 129 1.41 1.37 19.34
C GLN A 129 2.75 1.55 18.66
N ASP A 130 3.23 2.80 18.58
CA ASP A 130 4.54 3.12 18.00
C ASP A 130 5.37 3.70 19.11
N ARG A 131 6.49 3.05 19.50
CA ARG A 131 7.36 3.62 20.53
C ARG A 131 7.96 4.85 19.85
N ILE A 132 7.71 6.04 20.42
CA ILE A 132 8.03 7.36 19.89
C ILE A 132 6.88 7.76 18.93
N GLY A 133 6.32 8.94 19.15
CA GLY A 133 5.20 9.46 18.38
C GLY A 133 4.32 10.30 19.29
N ARG A 134 4.09 11.56 18.92
CA ARG A 134 3.28 12.49 19.71
C ARG A 134 1.80 12.22 19.42
N PRO A 135 0.99 11.72 20.39
CA PRO A 135 -0.44 11.49 20.10
C PRO A 135 -1.16 12.75 19.63
N SER A 136 -2.10 12.60 18.68
CA SER A 136 -2.79 13.74 18.08
C SER A 136 -3.74 14.50 18.99
N GLU A 137 -3.92 15.80 18.68
CA GLU A 137 -4.80 16.72 19.41
C GLU A 137 -6.26 16.28 19.31
N THR A 138 -6.65 15.71 18.16
CA THR A 138 -8.00 15.22 17.92
C THR A 138 -8.18 13.73 18.32
N GLY A 139 -7.22 13.17 19.08
CA GLY A 139 -7.29 11.79 19.54
C GLY A 139 -7.16 10.74 18.46
N ILE A 140 -7.55 9.51 18.81
CA ILE A 140 -7.47 8.39 17.87
C ILE A 140 -8.59 8.49 16.85
N ILE A 141 -8.24 8.36 15.56
CA ILE A 141 -9.20 8.35 14.45
C ILE A 141 -8.94 7.05 13.72
N GLY A 142 -9.93 6.16 13.67
CA GLY A 142 -9.82 4.88 12.98
C GLY A 142 -10.89 4.74 11.93
N ILE A 143 -10.48 4.58 10.65
CA ILE A 143 -11.40 4.49 9.50
C ILE A 143 -11.07 3.30 8.61
N ILE A 144 -12.09 2.75 7.94
CA ILE A 144 -11.93 1.60 7.05
C ILE A 144 -12.33 2.03 5.63
N ASP A 145 -11.62 1.51 4.62
CA ASP A 145 -11.90 1.80 3.22
C ASP A 145 -13.25 1.14 2.83
N PRO A 146 -14.12 1.81 2.02
CA PRO A 146 -15.42 1.20 1.69
C PRO A 146 -15.37 -0.16 0.99
N GLU A 147 -14.31 -0.43 0.21
CA GLU A 147 -14.09 -1.74 -0.45
C GLU A 147 -13.29 -2.73 0.45
N CYS A 148 -13.02 -2.37 1.73
CA CYS A 148 -12.30 -3.18 2.72
C CYS A 148 -10.88 -3.59 2.27
N ARG A 149 -10.18 -2.69 1.58
CA ARG A 149 -8.82 -2.94 1.14
C ARG A 149 -7.82 -2.68 2.28
N MET A 150 -8.20 -1.87 3.30
CA MET A 150 -7.29 -1.51 4.41
C MET A 150 -8.02 -0.78 5.56
N ILE A 151 -7.36 -0.70 6.74
CA ILE A 151 -7.82 0.07 7.90
C ILE A 151 -6.80 1.20 8.06
N GLY A 152 -7.27 2.42 8.05
CA GLY A 152 -6.45 3.61 8.21
C GLY A 152 -6.60 4.17 9.60
N LEU A 153 -5.49 4.28 10.34
CA LEU A 153 -5.50 4.80 11.71
C LEU A 153 -4.64 6.04 11.82
N ARG A 154 -5.18 7.09 12.46
CA ARG A 154 -4.45 8.31 12.75
C ARG A 154 -4.33 8.35 14.27
N LEU A 155 -3.15 7.97 14.77
CA LEU A 155 -2.85 7.92 16.20
C LEU A 155 -1.91 9.06 16.62
N TYR A 156 -0.83 9.31 15.83
CA TYR A 156 0.16 10.34 16.15
C TYR A 156 0.26 11.38 15.06
N ASP A 157 0.54 12.64 15.44
CA ASP A 157 0.68 13.75 14.49
C ASP A 157 1.87 13.50 13.56
N GLY A 158 1.67 13.71 12.26
CA GLY A 158 2.69 13.52 11.25
C GLY A 158 2.77 12.12 10.64
N LEU A 159 1.94 11.16 11.10
CA LEU A 159 1.97 9.78 10.59
C LEU A 159 0.57 9.18 10.41
N PHE A 160 0.38 8.40 9.34
CA PHE A 160 -0.87 7.72 9.04
C PHE A 160 -0.62 6.21 8.92
N LYS A 161 -0.99 5.46 9.97
CA LYS A 161 -0.78 4.01 10.02
C LYS A 161 -1.79 3.30 9.13
N VAL A 162 -1.33 2.28 8.38
CA VAL A 162 -2.17 1.51 7.46
C VAL A 162 -2.02 0.03 7.75
N ILE A 163 -3.14 -0.66 8.04
CA ILE A 163 -3.19 -2.11 8.26
C ILE A 163 -3.84 -2.66 7.01
N PRO A 164 -3.08 -3.31 6.08
CA PRO A 164 -3.74 -3.85 4.87
C PRO A 164 -4.64 -5.03 5.19
N LEU A 165 -5.80 -5.11 4.52
CA LEU A 165 -6.77 -6.19 4.71
C LEU A 165 -6.52 -7.31 3.73
N ASP A 166 -5.61 -8.22 4.12
CA ASP A 166 -5.24 -9.42 3.37
C ASP A 166 -5.51 -10.59 4.30
N ARG A 167 -5.93 -11.73 3.72
CA ARG A 167 -6.21 -12.95 4.50
C ARG A 167 -4.97 -13.41 5.30
N ASP A 168 -3.75 -13.12 4.79
CA ASP A 168 -2.50 -13.48 5.46
C ASP A 168 -2.24 -12.63 6.71
N ASN A 169 -2.66 -11.34 6.72
CA ASN A 169 -2.42 -10.46 7.85
C ASN A 169 -3.30 -10.82 9.07
N LYS A 170 -2.76 -11.69 9.94
CA LYS A 170 -3.43 -12.14 11.17
C LYS A 170 -2.92 -11.40 12.42
N GLU A 171 -1.63 -11.01 12.45
CA GLU A 171 -1.04 -10.28 13.57
C GLU A 171 -1.31 -8.77 13.47
N LEU A 172 -1.91 -8.30 12.36
CA LEU A 172 -2.20 -6.88 12.10
C LEU A 172 -0.92 -6.09 11.93
N LYS A 173 -0.03 -6.60 11.07
CA LYS A 173 1.22 -5.93 10.75
C LYS A 173 0.83 -4.74 9.88
N ALA A 174 1.29 -3.55 10.25
CA ALA A 174 0.96 -2.31 9.58
C ALA A 174 2.18 -1.44 9.36
N PHE A 175 2.06 -0.47 8.46
CA PHE A 175 3.15 0.45 8.13
C PHE A 175 2.67 1.89 8.19
N ASN A 176 3.55 2.79 8.62
CA ASN A 176 3.22 4.21 8.71
C ASN A 176 3.55 4.89 7.38
N ILE A 177 2.78 5.94 7.04
CA ILE A 177 3.01 6.75 5.84
C ILE A 177 3.25 8.17 6.32
N ARG A 178 4.33 8.82 5.80
CA ARG A 178 4.71 10.19 6.16
C ARG A 178 3.59 11.13 5.71
N LEU A 179 3.12 11.97 6.64
CA LEU A 179 2.04 12.91 6.38
C LEU A 179 2.58 14.31 6.66
N GLU A 180 2.69 15.16 5.62
CA GLU A 180 3.23 16.52 5.77
C GLU A 180 2.32 17.43 6.59
N GLU A 181 0.99 17.16 6.60
CA GLU A 181 0.02 17.95 7.35
C GLU A 181 0.01 17.40 8.78
N LEU A 182 0.61 18.15 9.71
CA LEU A 182 0.72 17.71 11.11
C LEU A 182 -0.60 17.76 11.85
N HIS A 183 -1.31 18.89 11.74
CA HIS A 183 -2.56 19.11 12.48
C HIS A 183 -3.81 18.71 11.69
N VAL A 184 -4.08 17.39 11.59
CA VAL A 184 -5.27 16.88 10.91
C VAL A 184 -6.42 16.86 11.95
N ILE A 185 -7.57 17.45 11.58
CA ILE A 185 -8.75 17.53 12.44
C ILE A 185 -9.59 16.28 12.28
N ASP A 186 -10.12 16.04 11.08
CA ASP A 186 -10.93 14.85 10.80
C ASP A 186 -10.52 14.25 9.45
N VAL A 187 -10.65 12.92 9.31
CA VAL A 187 -10.30 12.18 8.10
C VAL A 187 -11.30 11.03 7.86
N LYS A 188 -11.64 10.80 6.57
CA LYS A 188 -12.56 9.73 6.15
C LYS A 188 -12.06 9.13 4.84
N PHE A 189 -12.52 7.91 4.52
CA PHE A 189 -12.19 7.24 3.26
C PHE A 189 -13.32 7.54 2.27
N LEU A 190 -12.99 8.06 1.09
CA LEU A 190 -14.02 8.42 0.09
C LEU A 190 -14.59 7.23 -0.64
N TYR A 191 -15.84 7.38 -1.13
CA TYR A 191 -16.55 6.35 -1.90
C TYR A 191 -16.37 6.61 -3.38
N GLY A 192 -16.50 5.56 -4.18
CA GLY A 192 -16.42 5.63 -5.64
C GLY A 192 -15.10 6.12 -6.19
N CYS A 193 -13.99 5.57 -5.66
CA CYS A 193 -12.63 5.92 -6.09
C CYS A 193 -11.97 4.67 -6.65
N GLN A 194 -11.11 4.85 -7.67
CA GLN A 194 -10.40 3.73 -8.29
C GLN A 194 -9.45 3.11 -7.28
N ALA A 195 -8.66 3.96 -6.60
CA ALA A 195 -7.73 3.55 -5.56
C ALA A 195 -8.23 4.06 -4.21
N PRO A 196 -7.82 3.45 -3.07
CA PRO A 196 -8.27 3.96 -1.76
C PRO A 196 -7.85 5.40 -1.57
N THR A 197 -8.82 6.30 -1.35
CA THR A 197 -8.55 7.73 -1.22
C THR A 197 -9.05 8.26 0.13
N ILE A 198 -8.17 8.96 0.85
CA ILE A 198 -8.51 9.59 2.13
C ILE A 198 -8.77 11.07 1.89
N CYS A 199 -9.76 11.62 2.59
CA CYS A 199 -10.11 13.03 2.53
C CYS A 199 -10.04 13.54 3.93
N PHE A 200 -9.37 14.68 4.17
CA PHE A 200 -9.22 15.17 5.52
C PHE A 200 -9.11 16.69 5.61
N VAL A 201 -9.56 17.25 6.75
CA VAL A 201 -9.45 18.68 7.02
C VAL A 201 -8.28 18.82 7.96
N TYR A 202 -7.43 19.82 7.74
CA TYR A 202 -6.27 20.06 8.57
C TYR A 202 -6.05 21.55 8.74
N GLN A 203 -5.22 21.94 9.71
CA GLN A 203 -4.92 23.34 9.96
C GLN A 203 -3.44 23.65 9.79
N ASP A 204 -3.17 24.85 9.27
CA ASP A 204 -1.81 25.39 9.10
C ASP A 204 -1.90 26.90 9.41
N PRO A 205 -0.80 27.66 9.41
CA PRO A 205 -0.91 29.10 9.73
C PRO A 205 -1.82 29.94 8.82
N GLN A 206 -2.19 29.43 7.63
CA GLN A 206 -3.09 30.12 6.70
C GLN A 206 -4.58 29.75 6.92
N GLY A 207 -4.88 28.93 7.94
CA GLY A 207 -6.24 28.53 8.27
C GLY A 207 -6.47 27.06 8.03
N ARG A 208 -7.76 26.65 7.89
CA ARG A 208 -8.15 25.25 7.67
C ARG A 208 -8.37 24.98 6.19
N HIS A 209 -8.00 23.76 5.75
CA HIS A 209 -8.13 23.33 4.36
C HIS A 209 -8.49 21.85 4.27
N VAL A 210 -9.19 21.45 3.19
CA VAL A 210 -9.57 20.05 2.94
C VAL A 210 -8.73 19.53 1.77
N LYS A 211 -7.98 18.44 1.98
CA LYS A 211 -7.08 17.85 0.97
C LYS A 211 -7.33 16.35 0.87
N THR A 212 -6.97 15.77 -0.28
CA THR A 212 -7.12 14.34 -0.54
C THR A 212 -5.80 13.70 -0.93
N TYR A 213 -5.67 12.40 -0.66
CA TYR A 213 -4.50 11.61 -1.03
C TYR A 213 -4.94 10.22 -1.43
N GLU A 214 -4.24 9.62 -2.40
CA GLU A 214 -4.51 8.25 -2.83
C GLU A 214 -3.51 7.37 -2.06
N VAL A 215 -3.98 6.33 -1.37
CA VAL A 215 -3.13 5.45 -0.56
C VAL A 215 -2.71 4.21 -1.38
N SER A 216 -1.41 4.11 -1.71
CA SER A 216 -0.86 2.99 -2.50
C SER A 216 -0.24 1.93 -1.60
N LEU A 217 -0.84 0.73 -1.56
CA LEU A 217 -0.32 -0.40 -0.77
C LEU A 217 0.92 -1.01 -1.44
N ARG A 218 1.03 -0.94 -2.77
CA ARG A 218 2.17 -1.49 -3.50
C ARG A 218 3.41 -0.62 -3.19
N GLU A 219 3.29 0.70 -3.43
CA GLU A 219 4.38 1.64 -3.17
C GLU A 219 4.56 1.90 -1.67
N LYS A 220 3.52 1.65 -0.85
CA LYS A 220 3.51 1.90 0.60
C LYS A 220 3.71 3.39 0.85
N GLU A 221 2.97 4.23 0.09
CA GLU A 221 3.09 5.68 0.17
C GLU A 221 1.84 6.40 -0.38
N PHE A 222 1.77 7.73 -0.17
CA PHE A 222 0.66 8.56 -0.66
C PHE A 222 0.92 9.00 -2.10
N ASN A 223 -0.17 9.26 -2.84
CA ASN A 223 -0.15 9.75 -4.23
C ASN A 223 -1.11 10.94 -4.33
N LYS A 224 -1.01 11.71 -5.44
CA LYS A 224 -1.86 12.89 -5.68
C LYS A 224 -3.34 12.51 -5.62
N GLY A 225 -4.11 13.26 -4.82
CA GLY A 225 -5.54 12.99 -4.66
C GLY A 225 -6.36 13.45 -5.84
N PRO A 226 -7.62 12.94 -5.96
CA PRO A 226 -8.48 13.37 -7.09
C PRO A 226 -8.74 14.88 -7.17
N TRP A 227 -8.79 15.57 -6.02
CA TRP A 227 -8.96 17.03 -5.98
C TRP A 227 -8.16 17.58 -4.83
N LYS A 228 -7.01 18.20 -5.18
CA LYS A 228 -6.05 18.81 -4.27
C LYS A 228 -6.70 19.80 -3.30
N GLN A 229 -5.89 20.32 -2.38
CA GLN A 229 -6.25 21.28 -1.35
C GLN A 229 -7.27 22.35 -1.76
N GLU A 230 -8.32 22.52 -0.92
CA GLU A 230 -9.41 23.47 -1.09
C GLU A 230 -9.58 24.16 0.27
N ASN A 231 -9.75 25.49 0.30
CA ASN A 231 -9.89 26.22 1.57
C ASN A 231 -11.30 26.04 2.18
N VAL A 232 -11.36 25.77 3.50
CA VAL A 232 -12.63 25.56 4.24
C VAL A 232 -12.82 26.65 5.29
N GLU A 233 -13.95 26.60 6.07
CA GLU A 233 -14.20 27.62 7.10
C GLU A 233 -13.27 27.46 8.29
N ALA A 234 -13.07 28.57 9.02
CA ALA A 234 -12.18 28.65 10.19
C ALA A 234 -12.38 27.55 11.21
N GLU A 235 -13.64 27.16 11.47
CA GLU A 235 -14.00 26.14 12.45
C GLU A 235 -14.46 24.82 11.81
N ALA A 236 -13.98 24.50 10.60
CA ALA A 236 -14.34 23.23 9.95
C ALA A 236 -13.89 22.07 10.84
N SER A 237 -14.84 21.33 11.42
CA SER A 237 -14.54 20.25 12.37
C SER A 237 -14.98 18.84 11.94
N MET A 238 -15.93 18.68 11.00
CA MET A 238 -16.42 17.34 10.63
C MET A 238 -16.27 17.04 9.14
N VAL A 239 -15.92 15.78 8.80
CA VAL A 239 -15.77 15.28 7.42
C VAL A 239 -16.70 14.06 7.28
N ILE A 240 -17.53 14.03 6.23
CA ILE A 240 -18.48 12.92 5.99
C ILE A 240 -18.34 12.50 4.54
N ALA A 241 -17.94 11.24 4.28
CA ALA A 241 -17.82 10.72 2.91
C ALA A 241 -19.23 10.33 2.44
N VAL A 242 -19.63 10.75 1.21
CA VAL A 242 -20.99 10.47 0.72
C VAL A 242 -20.97 9.29 -0.23
N PRO A 243 -21.91 8.31 -0.05
CA PRO A 243 -21.94 7.12 -0.93
C PRO A 243 -21.95 7.34 -2.43
N GLU A 244 -21.63 6.25 -3.16
CA GLU A 244 -21.46 6.15 -4.63
C GLU A 244 -22.33 7.08 -5.49
N PRO A 245 -23.67 7.14 -5.36
CA PRO A 245 -24.46 8.03 -6.25
C PRO A 245 -23.94 9.48 -6.25
N PHE A 246 -23.80 10.08 -5.06
CA PHE A 246 -23.26 11.43 -4.94
C PHE A 246 -21.76 11.44 -5.13
N GLY A 247 -21.05 10.76 -4.21
CA GLY A 247 -19.60 10.77 -4.16
C GLY A 247 -19.11 12.01 -3.45
N GLY A 248 -17.81 12.14 -3.32
CA GLY A 248 -17.22 13.30 -2.66
C GLY A 248 -17.44 13.31 -1.15
N ALA A 249 -17.44 14.52 -0.54
CA ALA A 249 -17.62 14.64 0.91
C ALA A 249 -18.26 15.94 1.39
N ILE A 250 -18.87 15.88 2.59
CA ILE A 250 -19.52 17.02 3.26
C ILE A 250 -18.63 17.43 4.42
N ILE A 251 -18.29 18.72 4.51
CA ILE A 251 -17.49 19.29 5.58
C ILE A 251 -18.39 20.19 6.41
N ILE A 252 -18.53 19.91 7.71
CA ILE A 252 -19.35 20.73 8.61
C ILE A 252 -18.44 21.57 9.51
N GLY A 253 -18.80 22.84 9.67
CA GLY A 253 -18.12 23.80 10.52
C GLY A 253 -19.10 24.41 11.50
N GLN A 254 -18.76 25.57 12.11
CA GLN A 254 -19.66 26.18 13.09
C GLN A 254 -20.87 26.82 12.39
N GLU A 255 -20.60 27.76 11.48
CA GLU A 255 -21.65 28.48 10.76
C GLU A 255 -22.14 27.81 9.49
N SER A 256 -21.29 26.99 8.81
CA SER A 256 -21.63 26.40 7.51
C SER A 256 -21.50 24.88 7.36
N ILE A 257 -22.12 24.38 6.28
CA ILE A 257 -22.08 22.99 5.83
C ILE A 257 -21.75 23.09 4.34
N THR A 258 -20.63 22.51 3.90
CA THR A 258 -20.23 22.57 2.50
C THR A 258 -20.03 21.18 1.94
N TYR A 259 -20.33 21.00 0.64
CA TYR A 259 -20.15 19.74 -0.08
C TYR A 259 -19.11 19.96 -1.15
N HIS A 260 -18.10 19.08 -1.23
CA HIS A 260 -17.05 19.17 -2.23
C HIS A 260 -16.98 17.89 -3.05
N ASN A 261 -16.81 18.05 -4.38
CA ASN A 261 -16.71 16.93 -5.30
C ASN A 261 -16.05 17.38 -6.60
N GLY A 262 -14.76 17.10 -6.71
CA GLY A 262 -13.96 17.40 -7.89
C GLY A 262 -13.93 18.88 -8.23
N ASP A 263 -14.78 19.29 -9.19
CA ASP A 263 -14.87 20.68 -9.65
C ASP A 263 -15.94 21.45 -8.89
N LYS A 264 -17.08 20.79 -8.54
CA LYS A 264 -18.18 21.47 -7.84
C LYS A 264 -17.89 21.63 -6.34
N TYR A 265 -18.33 22.77 -5.77
CA TYR A 265 -18.15 23.11 -4.36
C TYR A 265 -19.34 23.96 -3.89
N LEU A 266 -20.37 23.31 -3.34
CA LEU A 266 -21.59 24.00 -2.88
C LEU A 266 -21.50 24.21 -1.38
N ALA A 267 -21.83 25.42 -0.90
CA ALA A 267 -21.76 25.74 0.52
C ALA A 267 -22.98 26.50 1.00
N ILE A 268 -23.53 26.09 2.16
CA ILE A 268 -24.71 26.73 2.75
C ILE A 268 -24.42 27.13 4.19
N ALA A 269 -24.94 28.29 4.62
CA ALA A 269 -24.76 28.81 5.98
C ALA A 269 -26.15 28.98 6.63
N PRO A 270 -26.81 27.87 6.98
CA PRO A 270 -28.16 27.98 7.55
C PRO A 270 -28.17 28.58 8.94
N PRO A 271 -28.97 29.63 9.22
CA PRO A 271 -28.97 30.22 10.58
C PRO A 271 -29.41 29.26 11.69
N ILE A 272 -30.23 28.24 11.36
CA ILE A 272 -30.72 27.28 12.36
C ILE A 272 -29.58 26.49 13.06
N ILE A 273 -28.35 26.38 12.47
CA ILE A 273 -27.23 25.67 13.11
C ILE A 273 -26.23 26.59 13.83
N LYS A 274 -26.40 27.91 13.77
CA LYS A 274 -25.41 28.84 14.34
C LYS A 274 -25.37 28.88 15.87
N GLN A 275 -26.51 28.76 16.56
CA GLN A 275 -26.57 28.81 18.03
C GLN A 275 -25.71 27.73 18.76
N SER A 276 -25.36 26.59 18.11
CA SER A 276 -24.52 25.55 18.73
C SER A 276 -23.80 24.66 17.70
N THR A 277 -22.65 24.09 18.10
CA THR A 277 -21.82 23.26 17.23
C THR A 277 -22.37 21.85 16.99
N ILE A 278 -22.34 21.40 15.71
CA ILE A 278 -22.72 20.05 15.31
C ILE A 278 -21.54 19.16 15.69
N VAL A 279 -21.76 18.18 16.59
CA VAL A 279 -20.69 17.34 17.11
C VAL A 279 -20.83 15.85 16.76
N CYS A 280 -21.93 15.44 16.12
CA CYS A 280 -22.08 14.04 15.70
C CYS A 280 -23.04 13.94 14.53
N HIS A 281 -22.85 12.91 13.70
CA HIS A 281 -23.69 12.69 12.52
C HIS A 281 -23.97 11.22 12.31
N ASN A 282 -24.88 10.91 11.37
CA ASN A 282 -25.19 9.55 10.98
C ASN A 282 -25.98 9.50 9.69
N ARG A 283 -25.64 8.56 8.80
CA ARG A 283 -26.33 8.41 7.52
C ARG A 283 -27.69 7.74 7.73
N VAL A 284 -28.74 8.31 7.13
CA VAL A 284 -30.10 7.77 7.21
C VAL A 284 -30.30 6.85 6.02
N ASP A 285 -30.36 7.42 4.80
CA ASP A 285 -30.57 6.66 3.56
C ASP A 285 -29.24 6.10 3.07
N PRO A 286 -29.14 4.79 2.69
CA PRO A 286 -27.85 4.26 2.23
C PRO A 286 -27.20 4.94 1.02
N ASN A 287 -28.01 5.60 0.17
CA ASN A 287 -27.52 6.36 -0.99
C ASN A 287 -26.88 7.70 -0.57
N GLY A 288 -27.16 8.16 0.65
CA GLY A 288 -26.64 9.41 1.19
C GLY A 288 -27.56 10.59 1.02
N SER A 289 -28.84 10.35 0.66
CA SER A 289 -29.80 11.43 0.44
C SER A 289 -30.18 12.15 1.73
N ARG A 290 -30.10 11.49 2.89
CA ARG A 290 -30.42 12.10 4.19
C ARG A 290 -29.39 11.73 5.25
N TYR A 291 -29.14 12.68 6.17
CA TYR A 291 -28.17 12.54 7.27
C TYR A 291 -28.72 13.18 8.54
N LEU A 292 -28.47 12.59 9.71
CA LEU A 292 -28.88 13.13 11.01
C LEU A 292 -27.71 13.89 11.63
N LEU A 293 -27.91 15.14 12.09
CA LEU A 293 -26.83 15.92 12.73
C LEU A 293 -27.27 16.29 14.14
N GLY A 294 -26.37 16.13 15.11
CA GLY A 294 -26.66 16.42 16.51
C GLY A 294 -25.73 17.46 17.10
N ASP A 295 -26.29 18.49 17.74
CA ASP A 295 -25.44 19.53 18.35
C ASP A 295 -25.15 19.25 19.84
N MET A 296 -24.27 20.08 20.41
CA MET A 296 -23.87 19.98 21.81
C MET A 296 -25.00 20.18 22.82
N GLU A 297 -26.06 20.92 22.45
CA GLU A 297 -27.19 21.21 23.35
C GLU A 297 -28.41 20.25 23.17
N GLY A 298 -28.20 19.09 22.51
CA GLY A 298 -29.26 18.10 22.35
C GLY A 298 -30.17 18.23 21.15
N ARG A 299 -30.06 19.31 20.32
CA ARG A 299 -30.89 19.43 19.12
C ARG A 299 -30.53 18.36 18.09
N LEU A 300 -31.51 18.00 17.27
CA LEU A 300 -31.39 16.98 16.22
C LEU A 300 -31.89 17.55 14.92
N PHE A 301 -31.03 17.61 13.90
CA PHE A 301 -31.38 18.12 12.58
C PHE A 301 -31.36 17.01 11.56
N MET A 302 -31.88 17.31 10.38
CA MET A 302 -31.91 16.42 9.23
C MET A 302 -31.25 17.19 8.09
N LEU A 303 -30.13 16.70 7.59
CA LEU A 303 -29.41 17.28 6.47
C LEU A 303 -29.86 16.50 5.25
N LEU A 304 -30.48 17.18 4.26
CA LEU A 304 -30.98 16.54 3.04
C LEU A 304 -30.14 16.96 1.83
N LEU A 305 -29.78 15.99 0.97
CA LEU A 305 -28.99 16.19 -0.25
C LEU A 305 -29.91 15.95 -1.48
N GLU A 306 -30.32 17.02 -2.18
CA GLU A 306 -31.19 16.89 -3.36
C GLU A 306 -30.39 16.37 -4.55
N LYS A 307 -30.97 15.47 -5.36
CA LYS A 307 -30.28 14.84 -6.49
C LYS A 307 -30.66 15.48 -7.84
N GLU A 308 -29.96 15.10 -8.92
CA GLU A 308 -30.20 15.58 -10.29
C GLU A 308 -29.61 14.53 -11.23
N GLU A 309 -30.44 13.79 -12.01
CA GLU A 309 -29.96 12.68 -12.86
C GLU A 309 -29.00 13.10 -13.98
N GLN A 310 -29.23 14.26 -14.60
CA GLN A 310 -28.38 14.82 -15.66
C GLN A 310 -28.21 13.92 -16.91
N MET A 311 -29.32 13.44 -17.47
CA MET A 311 -29.40 12.63 -18.70
C MET A 311 -28.55 11.35 -18.72
N ASP A 312 -27.23 11.49 -18.86
CA ASP A 312 -26.30 10.36 -18.96
C ASP A 312 -26.30 9.41 -17.72
N GLY A 313 -26.84 9.85 -16.59
CA GLY A 313 -26.95 9.04 -15.37
C GLY A 313 -25.76 9.20 -14.43
N THR A 314 -25.06 10.34 -14.51
CA THR A 314 -23.91 10.65 -13.64
C THR A 314 -24.41 10.96 -12.24
N VAL A 315 -25.55 11.68 -12.16
CA VAL A 315 -26.24 12.15 -10.95
C VAL A 315 -25.34 13.12 -10.16
N THR A 316 -25.83 14.34 -9.97
CA THR A 316 -25.09 15.40 -9.29
C THR A 316 -25.92 16.00 -8.15
N LEU A 317 -25.24 16.68 -7.21
CA LEU A 317 -25.90 17.30 -6.06
C LEU A 317 -26.51 18.61 -6.49
N LYS A 318 -27.83 18.73 -6.36
CA LYS A 318 -28.56 19.92 -6.77
C LYS A 318 -28.46 20.97 -5.67
N ASP A 319 -28.80 20.57 -4.42
CA ASP A 319 -28.86 21.50 -3.29
C ASP A 319 -28.72 20.78 -1.93
N LEU A 320 -28.45 21.57 -0.87
CA LEU A 320 -28.33 21.11 0.53
C LEU A 320 -29.39 21.84 1.36
N ARG A 321 -30.02 21.12 2.30
CA ARG A 321 -31.04 21.70 3.18
C ARG A 321 -30.87 21.16 4.58
N VAL A 322 -31.12 22.00 5.60
CA VAL A 322 -31.06 21.59 7.01
C VAL A 322 -32.42 21.85 7.64
N GLU A 323 -32.99 20.83 8.31
CA GLU A 323 -34.29 20.94 8.98
C GLU A 323 -34.16 20.52 10.43
N LEU A 324 -34.64 21.34 11.37
CA LEU A 324 -34.59 21.02 12.80
C LEU A 324 -35.75 20.06 13.12
N LEU A 325 -35.42 18.80 13.46
CA LEU A 325 -36.42 17.79 13.77
C LEU A 325 -36.97 18.04 15.18
N GLY A 326 -36.08 18.11 16.16
CA GLY A 326 -36.46 18.36 17.55
C GLY A 326 -35.31 18.22 18.53
N GLU A 327 -35.65 17.98 19.82
CA GLU A 327 -34.68 17.85 20.92
C GLU A 327 -34.61 16.41 21.43
N THR A 328 -33.39 15.95 21.76
CA THR A 328 -33.13 14.61 22.32
C THR A 328 -32.25 14.81 23.57
N SER A 329 -31.63 13.74 24.09
CA SER A 329 -30.66 13.87 25.17
C SER A 329 -29.41 14.45 24.51
N ILE A 330 -28.43 14.95 25.29
CA ILE A 330 -27.21 15.48 24.67
C ILE A 330 -26.48 14.27 24.03
N ALA A 331 -26.63 14.13 22.68
CA ALA A 331 -26.11 12.98 21.96
C ALA A 331 -24.61 13.01 21.73
N GLU A 332 -23.95 11.93 22.12
CA GLU A 332 -22.52 11.68 21.89
C GLU A 332 -22.42 11.06 20.51
N CYS A 333 -23.31 10.10 20.22
CA CYS A 333 -23.41 9.43 18.93
C CYS A 333 -24.88 9.23 18.59
N LEU A 334 -25.15 9.06 17.30
CA LEU A 334 -26.51 8.83 16.77
C LEU A 334 -26.42 7.69 15.81
N THR A 335 -27.51 6.92 15.68
CA THR A 335 -27.54 5.84 14.70
C THR A 335 -28.98 5.54 14.29
N TYR A 336 -29.28 5.72 12.98
CA TYR A 336 -30.62 5.46 12.44
C TYR A 336 -30.77 3.95 12.35
N LEU A 337 -31.80 3.40 13.02
CA LEU A 337 -32.06 1.96 13.01
C LEU A 337 -32.93 1.64 11.79
N ASP A 338 -34.24 1.92 11.84
CA ASP A 338 -35.15 1.71 10.70
C ASP A 338 -36.54 2.19 11.03
N ASN A 339 -37.35 2.44 9.99
CA ASN A 339 -38.74 2.85 10.14
C ASN A 339 -38.91 4.05 11.10
N GLY A 340 -38.08 5.07 10.91
CA GLY A 340 -38.14 6.29 11.72
C GLY A 340 -37.54 6.21 13.11
N VAL A 341 -37.00 5.06 13.55
CA VAL A 341 -36.42 4.96 14.89
C VAL A 341 -34.91 5.27 14.86
N VAL A 342 -34.47 6.13 15.78
CA VAL A 342 -33.07 6.53 15.92
C VAL A 342 -32.65 6.21 17.35
N PHE A 343 -31.43 5.64 17.52
CA PHE A 343 -30.87 5.39 18.85
C PHE A 343 -29.94 6.57 19.18
N VAL A 344 -30.24 7.24 20.31
CA VAL A 344 -29.49 8.40 20.78
C VAL A 344 -28.52 7.96 21.86
N GLY A 345 -27.26 7.78 21.50
CA GLY A 345 -26.22 7.42 22.45
C GLY A 345 -25.77 8.65 23.20
N SER A 346 -25.94 8.68 24.55
CA SER A 346 -25.60 9.85 25.37
C SER A 346 -24.52 9.57 26.44
N ARG A 347 -23.72 10.61 26.76
CA ARG A 347 -22.68 10.57 27.80
C ARG A 347 -23.11 11.40 29.01
N LEU A 348 -23.67 12.61 28.78
CA LEU A 348 -24.12 13.51 29.84
C LEU A 348 -25.51 13.17 30.39
N GLY A 349 -26.30 12.37 29.66
CA GLY A 349 -27.63 11.99 30.08
C GLY A 349 -28.04 10.57 29.72
N ASP A 350 -29.33 10.26 29.93
CA ASP A 350 -29.87 8.95 29.59
C ASP A 350 -29.86 8.78 28.06
N SER A 351 -29.50 7.59 27.59
CA SER A 351 -29.51 7.31 26.15
C SER A 351 -30.94 6.98 25.84
N GLN A 352 -31.33 7.03 24.56
CA GLN A 352 -32.74 6.83 24.22
C GLN A 352 -32.94 6.11 22.91
N LEU A 353 -34.20 5.83 22.63
CA LEU A 353 -34.72 5.38 21.36
C LEU A 353 -35.80 6.42 21.06
N VAL A 354 -35.76 7.06 19.88
CA VAL A 354 -36.73 8.11 19.55
C VAL A 354 -37.31 7.87 18.17
N LYS A 355 -38.62 8.18 18.00
CA LYS A 355 -39.32 8.04 16.73
C LYS A 355 -39.35 9.38 16.01
N LEU A 356 -39.08 9.35 14.71
CA LEU A 356 -39.09 10.54 13.85
C LEU A 356 -40.36 10.50 13.00
N ASN A 357 -41.41 11.24 13.42
CA ASN A 357 -42.67 11.27 12.69
C ASN A 357 -42.55 12.23 11.52
N VAL A 358 -43.21 11.88 10.38
CA VAL A 358 -43.20 12.70 9.16
C VAL A 358 -43.89 14.04 9.40
N ASP A 359 -45.02 14.02 10.14
CA ASP A 359 -45.76 15.22 10.50
C ASP A 359 -45.35 15.61 11.93
N SER A 360 -45.29 16.92 12.20
CA SER A 360 -44.90 17.42 13.52
C SER A 360 -46.04 17.27 14.51
N ASN A 361 -45.81 17.66 15.76
CA ASN A 361 -46.83 17.67 16.80
C ASN A 361 -47.21 19.14 17.06
N GLU A 362 -48.13 19.39 18.00
CA GLU A 362 -48.63 20.75 18.31
C GLU A 362 -47.54 21.73 18.75
N GLN A 363 -46.50 21.23 19.44
CA GLN A 363 -45.37 22.07 19.88
C GLN A 363 -44.45 22.43 18.71
N GLY A 364 -44.43 21.58 17.67
CA GLY A 364 -43.62 21.78 16.48
C GLY A 364 -42.52 20.74 16.29
N SER A 365 -42.32 19.84 17.26
CA SER A 365 -41.27 18.83 17.18
C SER A 365 -41.69 17.63 16.34
N TYR A 366 -40.74 17.03 15.63
CA TYR A 366 -40.93 15.84 14.80
C TYR A 366 -40.38 14.60 15.54
N VAL A 367 -39.79 14.78 16.75
CA VAL A 367 -39.19 13.71 17.55
C VAL A 367 -40.10 13.31 18.73
N VAL A 368 -40.28 12.00 18.94
CA VAL A 368 -41.09 11.50 20.04
C VAL A 368 -40.33 10.37 20.73
N ALA A 369 -40.08 10.51 22.04
CA ALA A 369 -39.30 9.52 22.80
C ALA A 369 -40.04 8.21 22.98
N MET A 370 -39.33 7.07 22.78
CA MET A 370 -39.89 5.72 22.96
C MET A 370 -39.38 5.10 24.26
N GLU A 371 -38.06 4.88 24.36
CA GLU A 371 -37.41 4.29 25.54
C GLU A 371 -36.35 5.22 26.06
N THR A 372 -36.03 5.08 27.35
CA THR A 372 -35.02 5.87 28.05
C THR A 372 -34.13 4.92 28.85
N PHE A 373 -32.92 4.65 28.37
CA PHE A 373 -31.97 3.77 29.04
C PHE A 373 -31.20 4.57 30.08
N THR A 374 -31.24 4.13 31.34
CA THR A 374 -30.59 4.81 32.45
C THR A 374 -29.10 4.91 32.26
N ASN A 375 -28.57 6.14 32.48
CA ASN A 375 -27.16 6.46 32.47
C ASN A 375 -26.87 7.21 33.76
N LEU A 376 -26.06 6.62 34.65
CA LEU A 376 -25.62 7.31 35.88
C LEU A 376 -24.70 8.49 35.55
N GLY A 377 -24.25 8.55 34.28
CA GLY A 377 -23.54 9.67 33.66
C GLY A 377 -22.35 10.14 34.45
N PRO A 378 -21.84 11.36 34.22
CA PRO A 378 -20.72 11.83 35.03
C PRO A 378 -21.13 11.91 36.51
N ILE A 379 -20.67 10.98 37.36
CA ILE A 379 -20.96 11.03 38.79
C ILE A 379 -19.93 12.02 39.34
N VAL A 380 -20.33 13.26 39.61
CA VAL A 380 -19.45 14.35 40.04
C VAL A 380 -19.26 14.40 41.57
N ASP A 381 -20.25 13.86 42.31
CA ASP A 381 -20.21 13.74 43.78
C ASP A 381 -21.31 12.75 44.18
N MET A 382 -21.19 12.16 45.37
CA MET A 382 -22.18 11.21 45.87
C MET A 382 -22.04 11.05 47.39
N CYS A 383 -23.01 10.39 48.00
CA CYS A 383 -22.99 10.12 49.43
C CYS A 383 -23.78 8.86 49.73
N VAL A 384 -23.54 8.27 50.90
CA VAL A 384 -24.24 7.07 51.34
C VAL A 384 -25.17 7.41 52.51
N VAL A 385 -26.45 6.99 52.44
CA VAL A 385 -27.46 7.28 53.45
C VAL A 385 -28.31 6.04 53.70
N ASP A 386 -28.77 5.84 54.96
CA ASP A 386 -29.58 4.70 55.33
C ASP A 386 -31.04 4.81 54.82
N LEU A 387 -31.64 5.99 55.00
CA LEU A 387 -32.98 6.38 54.52
C LEU A 387 -34.16 5.64 55.16
N GLU A 388 -34.52 4.40 54.72
CA GLU A 388 -35.71 3.73 55.27
C GLU A 388 -35.45 2.38 55.99
N ARG A 389 -34.46 1.57 55.56
CA ARG A 389 -34.21 0.27 56.20
C ARG A 389 -33.60 0.41 57.60
N GLN A 390 -32.86 1.50 57.87
CA GLN A 390 -32.18 1.77 59.15
C GLN A 390 -31.14 0.67 59.50
N GLY A 391 -30.48 0.17 58.46
CA GLY A 391 -29.45 -0.85 58.54
C GLY A 391 -28.65 -0.97 57.25
N GLN A 392 -29.36 -1.12 56.12
CA GLN A 392 -28.80 -1.25 54.77
C GLN A 392 -28.64 0.16 54.13
N GLY A 393 -27.42 0.50 53.67
CA GLY A 393 -27.12 1.80 53.07
C GLY A 393 -27.50 1.92 51.60
N GLN A 394 -27.81 3.16 51.16
CA GLN A 394 -28.19 3.50 49.79
C GLN A 394 -27.30 4.63 49.31
N LEU A 395 -26.94 4.66 48.01
CA LEU A 395 -26.00 5.64 47.43
C LEU A 395 -26.70 6.73 46.59
N VAL A 396 -26.61 8.00 47.02
CA VAL A 396 -27.22 9.14 46.31
C VAL A 396 -26.12 9.91 45.57
N THR A 397 -26.20 9.96 44.22
CA THR A 397 -25.19 10.61 43.36
C THR A 397 -25.67 11.89 42.68
N CYS A 398 -24.70 12.77 42.34
CA CYS A 398 -24.91 13.98 41.54
C CYS A 398 -24.51 13.50 40.15
N SER A 399 -25.51 13.24 39.29
CA SER A 399 -25.30 12.67 37.96
C SER A 399 -25.61 13.66 36.85
N GLY A 400 -24.98 13.45 35.69
CA GLY A 400 -25.23 14.25 34.51
C GLY A 400 -24.82 15.71 34.55
N ALA A 401 -25.05 16.42 33.44
CA ALA A 401 -24.75 17.85 33.29
C ALA A 401 -25.86 18.57 32.53
N PHE A 402 -26.04 19.87 32.80
CA PHE A 402 -27.00 20.73 32.10
C PHE A 402 -28.44 20.18 32.20
N LYS A 403 -29.28 20.27 31.12
CA LYS A 403 -30.64 19.73 31.16
C LYS A 403 -30.66 18.24 31.57
N GLU A 404 -29.56 17.51 31.29
CA GLU A 404 -29.44 16.10 31.63
C GLU A 404 -29.06 15.85 33.11
N GLY A 405 -28.79 16.93 33.85
CA GLY A 405 -28.41 16.81 35.26
C GLY A 405 -29.51 16.26 36.13
N SER A 406 -29.14 15.36 37.06
CA SER A 406 -30.11 14.71 37.95
C SER A 406 -29.45 14.10 39.19
N LEU A 407 -30.28 13.54 40.07
CA LEU A 407 -29.79 12.78 41.22
C LEU A 407 -30.18 11.36 40.95
N ARG A 408 -29.40 10.41 41.43
CA ARG A 408 -29.74 9.00 41.26
C ARG A 408 -29.55 8.31 42.59
N ILE A 409 -30.56 7.55 43.04
CA ILE A 409 -30.48 6.82 44.29
C ILE A 409 -30.32 5.36 43.92
N ILE A 410 -29.11 4.82 44.14
CA ILE A 410 -28.76 3.43 43.82
C ILE A 410 -28.85 2.61 45.10
N ARG A 411 -29.54 1.46 45.04
CA ARG A 411 -29.68 0.54 46.18
C ARG A 411 -29.76 -0.91 45.67
N ASN A 412 -29.41 -1.88 46.53
CA ASN A 412 -29.50 -3.30 46.15
C ASN A 412 -30.94 -3.80 46.26
N GLY A 413 -31.26 -4.84 45.50
CA GLY A 413 -32.60 -5.45 45.45
C GLY A 413 -33.13 -5.94 46.78
N ILE A 414 -32.32 -6.73 47.51
CA ILE A 414 -32.65 -7.32 48.81
C ILE A 414 -33.97 -8.10 48.80
N LYS A 425 -29.48 -7.59 42.14
CA LYS A 425 -29.43 -6.54 41.13
C LYS A 425 -29.64 -5.14 41.74
N LEU A 426 -29.05 -4.09 41.14
CA LEU A 426 -29.18 -2.71 41.61
C LEU A 426 -30.45 -2.02 41.08
N HIS A 427 -31.20 -1.38 42.00
CA HIS A 427 -32.42 -0.63 41.70
C HIS A 427 -32.04 0.86 41.75
N ILE A 428 -32.37 1.62 40.69
CA ILE A 428 -32.02 3.04 40.57
C ILE A 428 -33.27 3.89 40.50
N ARG A 429 -33.35 4.97 41.30
CA ARG A 429 -34.45 5.94 41.26
C ARG A 429 -33.86 7.27 40.80
N THR A 430 -34.37 7.85 39.69
CA THR A 430 -33.87 9.10 39.12
C THR A 430 -34.69 10.30 39.57
N VAL A 431 -34.02 11.42 39.83
CA VAL A 431 -34.65 12.68 40.22
C VAL A 431 -34.13 13.73 39.23
N PRO A 432 -34.87 14.05 38.14
CA PRO A 432 -34.35 15.02 37.17
C PRO A 432 -34.33 16.44 37.72
N LEU A 433 -33.22 17.16 37.51
CA LEU A 433 -33.07 18.53 37.98
C LEU A 433 -33.10 19.56 36.86
N TYR A 434 -32.79 19.17 35.60
CA TYR A 434 -32.76 20.07 34.44
C TYR A 434 -31.65 21.15 34.55
N GLU A 435 -30.66 20.92 35.42
CA GLU A 435 -29.52 21.79 35.62
C GLU A 435 -28.39 20.95 36.22
N SER A 436 -27.15 21.47 36.18
CA SER A 436 -25.99 20.71 36.62
C SER A 436 -25.85 20.57 38.16
N PRO A 437 -26.02 19.35 38.76
CA PRO A 437 -25.75 19.19 40.21
C PRO A 437 -24.24 19.03 40.38
N ARG A 438 -23.68 19.58 41.49
CA ARG A 438 -22.24 19.57 41.70
C ARG A 438 -21.77 18.86 42.97
N LYS A 439 -22.33 19.21 44.14
CA LYS A 439 -21.95 18.61 45.43
C LYS A 439 -23.18 18.19 46.18
N ILE A 440 -23.10 17.13 47.00
CA ILE A 440 -24.22 16.61 47.78
C ILE A 440 -23.80 16.14 49.17
N CYS A 441 -24.61 16.49 50.17
CA CYS A 441 -24.42 16.04 51.55
C CYS A 441 -25.80 15.87 52.18
N TYR A 442 -25.91 14.98 53.18
CA TYR A 442 -27.16 14.63 53.85
C TYR A 442 -27.22 15.24 55.25
N GLN A 443 -28.43 15.60 55.71
CA GLN A 443 -28.66 16.15 57.07
C GLN A 443 -29.82 15.37 57.71
N GLU A 444 -29.48 14.41 58.58
CA GLU A 444 -30.43 13.54 59.27
C GLU A 444 -31.37 14.31 60.17
N VAL A 445 -30.85 15.31 60.89
CA VAL A 445 -31.63 16.14 61.82
C VAL A 445 -32.84 16.79 61.13
N SER A 446 -32.71 17.21 59.85
CA SER A 446 -33.81 17.81 59.11
C SER A 446 -34.41 16.89 58.03
N GLN A 447 -34.07 15.58 58.05
CA GLN A 447 -34.57 14.58 57.10
C GLN A 447 -34.52 15.05 55.64
N CYS A 448 -33.37 15.62 55.22
CA CYS A 448 -33.21 16.16 53.86
C CYS A 448 -31.74 16.21 53.40
N PHE A 449 -31.54 16.54 52.10
CA PHE A 449 -30.24 16.66 51.45
C PHE A 449 -29.95 18.07 51.03
N GLY A 450 -28.68 18.44 51.13
CA GLY A 450 -28.16 19.71 50.66
C GLY A 450 -27.43 19.44 49.35
N VAL A 451 -27.77 20.18 48.27
CA VAL A 451 -27.11 19.98 46.97
C VAL A 451 -26.65 21.31 46.35
N LEU A 452 -25.34 21.45 46.03
CA LEU A 452 -24.87 22.65 45.33
C LEU A 452 -25.15 22.37 43.87
N SER A 453 -25.66 23.36 43.12
CA SER A 453 -25.98 23.14 41.71
C SER A 453 -25.90 24.44 40.94
N SER A 454 -25.69 24.36 39.63
CA SER A 454 -25.56 25.55 38.80
C SER A 454 -26.43 25.44 37.55
N ARG A 455 -27.06 26.56 37.16
CA ARG A 455 -27.88 26.66 35.95
C ARG A 455 -27.28 27.76 35.05
N ILE A 456 -27.30 27.56 33.74
CA ILE A 456 -26.79 28.55 32.78
C ILE A 456 -27.90 29.51 32.41
N GLU A 457 -27.64 30.82 32.49
CA GLU A 457 -28.57 31.85 32.07
C GLU A 457 -27.84 32.68 31.01
N VAL A 458 -28.58 33.41 30.16
CA VAL A 458 -28.01 34.22 29.08
C VAL A 458 -28.22 35.70 29.37
N GLN A 459 -27.23 36.55 29.03
CA GLN A 459 -27.30 37.99 29.27
C GLN A 459 -28.41 38.60 28.41
N ASP A 460 -29.38 39.28 29.05
CA ASP A 460 -30.51 39.92 28.40
C ASP A 460 -30.18 41.36 28.01
N THR A 461 -30.87 41.86 26.95
CA THR A 461 -30.77 43.23 26.45
C THR A 461 -30.96 44.25 27.58
N SER A 462 -31.95 43.98 28.46
CA SER A 462 -32.32 44.81 29.62
C SER A 462 -31.15 45.08 30.59
N GLY A 463 -30.23 44.13 30.72
CA GLY A 463 -29.08 44.25 31.63
C GLY A 463 -28.93 43.01 32.47
N GLY A 464 -30.04 42.46 32.94
CA GLY A 464 -30.08 41.24 33.73
C GLY A 464 -29.93 39.98 32.89
N THR A 465 -30.15 38.81 33.51
CA THR A 465 -30.02 37.51 32.86
C THR A 465 -31.37 36.79 32.74
N THR A 466 -31.49 35.90 31.73
CA THR A 466 -32.71 35.12 31.48
C THR A 466 -32.35 33.63 31.44
N ALA A 467 -33.20 32.77 32.04
CA ALA A 467 -32.97 31.32 32.06
C ALA A 467 -33.31 30.69 30.72
N LEU A 468 -32.75 29.51 30.46
CA LEU A 468 -32.97 28.76 29.22
C LEU A 468 -34.25 27.92 29.34
N ARG A 469 -34.41 27.22 30.46
CA ARG A 469 -35.55 26.34 30.72
C ARG A 469 -35.86 26.34 32.21
N PRO A 470 -37.07 25.89 32.63
CA PRO A 470 -37.34 25.86 34.07
C PRO A 470 -36.69 24.64 34.72
N SER A 471 -35.74 24.87 35.64
CA SER A 471 -34.98 23.84 36.35
C SER A 471 -35.21 23.88 37.85
N ALA A 472 -34.66 22.86 38.55
CA ALA A 472 -34.75 22.64 40.00
C ALA A 472 -34.55 23.89 40.87
N SER A 473 -33.67 24.81 40.50
CA SER A 473 -33.47 26.03 41.31
C SER A 473 -34.57 27.08 41.04
N THR A 474 -35.12 27.11 39.82
CA THR A 474 -36.20 28.04 39.45
C THR A 474 -37.59 27.56 39.92
N GLN A 475 -37.78 26.24 40.06
CA GLN A 475 -39.06 25.63 40.48
C GLN A 475 -38.94 25.08 41.92
N ALA A 476 -38.53 25.96 42.87
CA ALA A 476 -38.39 25.62 44.30
C ALA A 476 -39.56 26.19 45.09
N LEU A 477 -40.03 25.48 46.14
CA LEU A 477 -41.16 25.93 46.95
C LEU A 477 -40.76 27.22 47.64
N SER A 478 -39.73 27.16 48.50
CA SER A 478 -39.19 28.32 49.19
C SER A 478 -37.98 28.81 48.37
N SER A 479 -37.72 30.13 48.35
CA SER A 479 -36.61 30.68 47.58
C SER A 479 -35.94 31.84 48.29
N SER A 480 -34.66 32.08 47.97
CA SER A 480 -33.91 33.20 48.57
C SER A 480 -32.67 33.56 47.77
N VAL A 481 -32.13 34.76 48.03
CA VAL A 481 -30.92 35.30 47.39
C VAL A 481 -29.96 35.77 48.47
N SER A 482 -28.65 35.60 48.23
CA SER A 482 -27.63 36.00 49.20
C SER A 482 -27.55 37.53 49.28
N SER A 483 -27.47 38.06 50.51
CA SER A 483 -27.39 39.49 50.76
C SER A 483 -25.97 40.00 50.51
N SER A 484 -25.79 40.81 49.45
CA SER A 484 -24.48 41.34 49.08
C SER A 484 -24.04 42.43 50.07
N LYS A 485 -23.05 42.10 50.91
CA LYS A 485 -22.50 43.01 51.93
C LYS A 485 -20.98 43.20 51.77
N LEU A 486 -20.24 42.08 51.80
CA LEU A 486 -18.78 41.97 51.73
C LEU A 486 -18.23 42.43 50.39
N PHE A 487 -18.80 41.92 49.28
CA PHE A 487 -18.35 42.25 47.92
C PHE A 487 -19.26 43.22 47.17
N SER A 488 -20.41 43.63 47.75
CA SER A 488 -21.26 44.66 47.10
C SER A 488 -20.46 45.96 47.06
N SER A 489 -19.72 46.27 48.15
CA SER A 489 -18.84 47.45 48.24
C SER A 489 -17.48 47.15 47.61
N SER A 490 -16.93 45.94 47.89
CA SER A 490 -15.63 45.50 47.35
C SER A 490 -15.81 44.66 46.06
N THR A 491 -16.10 45.35 44.95
CA THR A 491 -16.32 44.77 43.62
C THR A 491 -15.43 45.46 42.58
N ALA A 492 -14.96 44.70 41.57
CA ALA A 492 -14.11 45.23 40.49
C ALA A 492 -14.98 45.84 39.37
N PRO A 493 -14.49 46.84 38.59
CA PRO A 493 -15.33 47.41 37.53
C PRO A 493 -15.28 46.60 36.23
N HIS A 494 -16.45 46.17 35.72
CA HIS A 494 -16.56 45.39 34.47
C HIS A 494 -18.02 45.29 34.03
N GLU A 495 -18.28 44.91 32.77
CA GLU A 495 -19.65 44.75 32.27
C GLU A 495 -19.77 43.51 31.37
N THR A 496 -20.93 42.81 31.44
CA THR A 496 -21.19 41.60 30.63
C THR A 496 -21.98 41.98 29.38
N SER A 497 -21.53 41.51 28.19
CA SER A 497 -22.17 41.81 26.90
C SER A 497 -23.36 40.89 26.60
N PHE A 498 -24.32 41.39 25.80
CA PHE A 498 -25.52 40.66 25.42
C PHE A 498 -25.20 39.31 24.77
N GLY A 499 -25.98 38.29 25.13
CA GLY A 499 -25.81 36.94 24.61
C GLY A 499 -24.86 36.05 25.39
N GLU A 500 -23.92 36.64 26.17
CA GLU A 500 -22.94 35.84 26.94
C GLU A 500 -23.64 34.99 27.99
N GLU A 501 -23.19 33.75 28.14
CA GLU A 501 -23.74 32.82 29.14
C GLU A 501 -23.09 33.07 30.49
N VAL A 502 -23.85 32.88 31.58
CA VAL A 502 -23.36 33.04 32.95
C VAL A 502 -24.03 32.00 33.81
N GLU A 503 -23.26 31.22 34.59
CA GLU A 503 -23.86 30.19 35.44
C GLU A 503 -24.24 30.75 36.82
N VAL A 504 -25.47 30.42 37.26
CA VAL A 504 -26.07 30.84 38.52
C VAL A 504 -25.97 29.69 39.52
N HIS A 505 -25.26 29.91 40.65
CA HIS A 505 -25.04 28.88 41.67
C HIS A 505 -26.10 28.90 42.77
N ASN A 506 -26.56 27.72 43.22
CA ASN A 506 -27.60 27.59 44.25
C ASN A 506 -27.37 26.43 45.22
N LEU A 507 -27.73 26.62 46.49
CA LEU A 507 -27.73 25.54 47.48
C LEU A 507 -29.19 25.06 47.53
N LEU A 508 -29.47 23.84 47.05
CA LEU A 508 -30.82 23.29 47.05
C LEU A 508 -31.05 22.43 48.27
N ILE A 509 -32.21 22.58 48.95
CA ILE A 509 -32.61 21.75 50.06
C ILE A 509 -33.65 20.82 49.46
N ILE A 510 -33.33 19.52 49.39
CA ILE A 510 -34.17 18.49 48.76
C ILE A 510 -34.62 17.46 49.81
N ASP A 511 -35.95 17.17 49.88
CA ASP A 511 -36.51 16.21 50.86
C ASP A 511 -35.97 14.81 50.67
N GLN A 512 -35.71 14.09 51.76
CA GLN A 512 -35.18 12.72 51.65
C GLN A 512 -36.18 11.69 51.14
N HIS A 513 -37.50 11.94 51.31
CA HIS A 513 -38.55 11.00 50.93
C HIS A 513 -39.08 11.30 49.53
N THR A 514 -39.67 12.48 49.33
CA THR A 514 -40.29 12.89 48.07
C THR A 514 -39.29 13.40 47.03
N PHE A 515 -38.12 13.88 47.48
CA PHE A 515 -37.08 14.47 46.61
C PHE A 515 -37.58 15.73 45.87
N GLU A 516 -38.50 16.49 46.51
CA GLU A 516 -38.99 17.74 45.93
C GLU A 516 -38.06 18.83 46.41
N VAL A 517 -37.91 19.89 45.61
CA VAL A 517 -37.03 21.00 45.96
C VAL A 517 -37.74 21.87 47.00
N LEU A 518 -37.42 21.64 48.27
CA LEU A 518 -38.03 22.33 49.39
C LEU A 518 -37.61 23.80 49.44
N HIS A 519 -36.32 24.09 49.19
CA HIS A 519 -35.82 25.48 49.19
C HIS A 519 -34.64 25.61 48.21
N ALA A 520 -34.48 26.79 47.60
CA ALA A 520 -33.36 27.06 46.67
C ALA A 520 -32.73 28.42 47.02
N HIS A 521 -31.47 28.39 47.49
CA HIS A 521 -30.76 29.62 47.87
C HIS A 521 -29.75 29.98 46.82
N GLN A 522 -29.98 31.11 46.12
CA GLN A 522 -29.07 31.61 45.10
C GLN A 522 -27.93 32.40 45.75
N PHE A 523 -26.71 32.21 45.25
CA PHE A 523 -25.51 32.88 45.75
C PHE A 523 -25.30 34.23 45.06
N LEU A 524 -24.27 35.00 45.47
CA LEU A 524 -24.01 36.34 44.91
C LEU A 524 -23.62 36.30 43.44
N GLN A 525 -23.68 37.46 42.78
CA GLN A 525 -23.29 37.57 41.38
C GLN A 525 -21.78 37.36 41.33
N ASN A 526 -21.31 36.54 40.36
CA ASN A 526 -19.90 36.15 40.20
C ASN A 526 -19.40 35.20 41.32
N GLU A 527 -20.29 34.65 42.18
CA GLU A 527 -19.88 33.76 43.26
C GLU A 527 -19.99 32.30 42.83
N TYR A 528 -18.85 31.57 42.87
CA TYR A 528 -18.78 30.16 42.51
C TYR A 528 -18.78 29.33 43.80
N ALA A 529 -19.82 28.46 44.02
CA ALA A 529 -19.90 27.62 45.22
C ALA A 529 -19.08 26.36 44.99
N LEU A 530 -18.03 26.13 45.82
CA LEU A 530 -17.08 25.03 45.64
C LEU A 530 -17.25 23.86 46.58
N SER A 531 -17.40 24.12 47.89
CA SER A 531 -17.49 23.06 48.91
C SER A 531 -18.75 23.16 49.73
N LEU A 532 -19.22 22.01 50.25
CA LEU A 532 -20.46 21.92 51.03
C LEU A 532 -20.39 20.82 52.09
N VAL A 533 -20.70 21.15 53.37
CA VAL A 533 -20.72 20.18 54.49
C VAL A 533 -21.96 20.42 55.36
N SER A 534 -22.38 19.38 56.11
CA SER A 534 -23.53 19.43 57.02
C SER A 534 -23.06 18.85 58.36
N CYS A 535 -22.95 19.68 59.40
CA CYS A 535 -22.41 19.22 60.69
C CYS A 535 -22.82 20.08 61.89
N LYS A 536 -22.45 19.63 63.09
CA LYS A 536 -22.62 20.33 64.36
C LYS A 536 -21.20 20.82 64.72
N LEU A 537 -21.03 22.12 65.04
CA LEU A 537 -19.71 22.68 65.41
C LEU A 537 -19.72 23.20 66.86
N GLY A 538 -18.66 22.89 67.62
CA GLY A 538 -18.50 23.32 69.01
C GLY A 538 -19.58 22.81 69.94
N LYS A 539 -19.96 23.65 70.92
CA LYS A 539 -21.00 23.32 71.90
C LYS A 539 -22.41 23.40 71.29
N ASP A 540 -22.57 24.12 70.15
CA ASP A 540 -23.86 24.35 69.50
C ASP A 540 -24.57 23.04 69.13
N PRO A 541 -25.80 22.81 69.64
CA PRO A 541 -26.53 21.57 69.31
C PRO A 541 -27.19 21.58 67.92
N ASN A 542 -27.32 22.75 67.25
CA ASN A 542 -27.95 22.82 65.92
C ASN A 542 -27.02 22.25 64.86
N THR A 543 -27.59 21.59 63.83
CA THR A 543 -26.83 21.05 62.71
C THR A 543 -26.96 22.06 61.56
N TYR A 544 -25.82 22.60 61.09
CA TYR A 544 -25.78 23.62 60.04
C TYR A 544 -25.28 23.08 58.71
N PHE A 545 -25.68 23.74 57.61
CA PHE A 545 -25.22 23.43 56.26
C PHE A 545 -24.17 24.51 55.95
N ILE A 546 -22.86 24.18 55.99
CA ILE A 546 -21.81 25.16 55.69
C ILE A 546 -21.40 25.04 54.22
N VAL A 547 -21.24 26.19 53.52
CA VAL A 547 -20.84 26.26 52.11
C VAL A 547 -19.60 27.12 51.97
N GLY A 548 -18.66 26.66 51.15
CA GLY A 548 -17.43 27.38 50.81
C GLY A 548 -17.54 27.86 49.38
N THR A 549 -17.18 29.13 49.13
CA THR A 549 -17.31 29.74 47.79
C THR A 549 -16.02 30.41 47.30
N ALA A 550 -16.10 31.09 46.15
CA ALA A 550 -14.99 31.85 45.57
C ALA A 550 -15.56 32.87 44.59
N MET A 551 -15.13 34.13 44.66
CA MET A 551 -15.61 35.16 43.75
C MET A 551 -14.76 35.10 42.47
N VAL A 552 -15.41 34.66 41.39
CA VAL A 552 -14.78 34.45 40.09
C VAL A 552 -15.10 35.57 39.11
N TYR A 553 -14.10 36.43 38.84
CA TYR A 553 -14.21 37.50 37.86
C TYR A 553 -13.37 37.07 36.66
N PRO A 554 -13.72 37.45 35.41
CA PRO A 554 -12.91 36.98 34.26
C PRO A 554 -11.51 37.57 34.19
N GLU A 555 -11.36 38.87 34.49
CA GLU A 555 -10.06 39.54 34.48
C GLU A 555 -9.11 38.99 35.57
N GLU A 556 -9.68 38.52 36.70
CA GLU A 556 -8.92 37.98 37.84
C GLU A 556 -8.63 36.48 37.59
N ALA A 557 -7.34 36.12 37.46
CA ALA A 557 -6.94 34.72 37.21
C ALA A 557 -7.14 33.79 38.41
N GLU A 558 -6.36 33.99 39.49
CA GLU A 558 -6.47 33.19 40.71
C GLU A 558 -7.45 33.91 41.66
N PRO A 559 -8.47 33.24 42.26
CA PRO A 559 -9.40 33.97 43.13
C PRO A 559 -8.77 34.56 44.38
N LYS A 560 -9.07 35.83 44.67
CA LYS A 560 -8.57 36.55 45.85
C LYS A 560 -9.69 36.88 46.86
N GLN A 561 -10.91 36.36 46.63
CA GLN A 561 -12.06 36.61 47.52
C GLN A 561 -12.97 35.39 47.58
N GLY A 562 -13.50 35.11 48.76
CA GLY A 562 -14.44 34.01 48.95
C GLY A 562 -15.11 34.06 50.30
N ARG A 563 -16.10 33.18 50.55
CA ARG A 563 -16.79 33.14 51.84
C ARG A 563 -17.06 31.74 52.32
N ILE A 564 -17.33 31.65 53.63
CA ILE A 564 -17.79 30.46 54.32
C ILE A 564 -19.12 30.90 54.91
N VAL A 565 -20.25 30.42 54.33
CA VAL A 565 -21.59 30.77 54.78
C VAL A 565 -22.20 29.63 55.59
N VAL A 566 -22.59 29.91 56.85
CA VAL A 566 -23.18 28.91 57.73
C VAL A 566 -24.70 29.08 57.63
N PHE A 567 -25.42 28.05 57.14
CA PHE A 567 -26.88 28.11 56.97
C PHE A 567 -27.55 27.16 57.94
N GLN A 568 -28.81 27.47 58.32
CA GLN A 568 -29.64 26.59 59.16
C GLN A 568 -30.97 26.42 58.48
N TYR A 569 -31.39 25.17 58.25
CA TYR A 569 -32.69 24.88 57.65
C TYR A 569 -33.66 24.53 58.76
N SER A 570 -34.73 25.33 58.89
CA SER A 570 -35.74 25.10 59.91
C SER A 570 -37.07 25.71 59.49
N ASP A 571 -38.19 25.06 59.85
CA ASP A 571 -39.54 25.51 59.54
C ASP A 571 -39.77 25.77 58.04
N GLY A 572 -39.16 24.94 57.20
CA GLY A 572 -39.29 25.06 55.75
C GLY A 572 -38.53 26.20 55.09
N LYS A 573 -37.60 26.85 55.83
CA LYS A 573 -36.83 27.99 55.32
C LYS A 573 -35.35 27.87 55.70
N LEU A 574 -34.46 28.37 54.83
CA LEU A 574 -33.02 28.37 55.03
C LEU A 574 -32.58 29.78 55.44
N GLN A 575 -31.94 29.92 56.61
CA GLN A 575 -31.50 31.22 57.13
C GLN A 575 -30.00 31.28 57.31
N THR A 576 -29.40 32.41 56.96
CA THR A 576 -27.96 32.59 57.05
C THR A 576 -27.57 32.90 58.50
N VAL A 577 -26.87 31.97 59.16
CA VAL A 577 -26.47 32.07 60.56
C VAL A 577 -25.26 32.99 60.65
N ALA A 578 -24.23 32.70 59.83
CA ALA A 578 -23.00 33.47 59.82
C ALA A 578 -22.42 33.53 58.43
N GLU A 579 -21.44 34.41 58.25
CA GLU A 579 -20.76 34.67 57.00
C GLU A 579 -19.32 35.08 57.32
N LYS A 580 -18.31 34.38 56.78
CA LYS A 580 -16.90 34.71 57.04
C LYS A 580 -16.16 34.93 55.74
N GLU A 581 -15.62 36.14 55.53
CA GLU A 581 -14.87 36.49 54.32
C GLU A 581 -13.49 35.85 54.39
N VAL A 582 -12.93 35.47 53.22
CA VAL A 582 -11.59 34.90 53.11
C VAL A 582 -10.85 35.48 51.92
N LYS A 583 -9.51 35.42 52.00
CA LYS A 583 -8.60 35.93 50.97
C LYS A 583 -8.46 35.07 49.70
N GLY A 584 -9.24 34.00 49.57
CA GLY A 584 -9.13 33.12 48.41
C GLY A 584 -10.33 32.23 48.18
N ALA A 585 -10.12 31.13 47.43
CA ALA A 585 -11.18 30.16 47.09
C ALA A 585 -11.23 29.04 48.12
N VAL A 586 -12.41 28.81 48.73
CA VAL A 586 -12.60 27.74 49.71
C VAL A 586 -12.85 26.44 48.93
N TYR A 587 -11.77 25.79 48.43
CA TYR A 587 -11.86 24.58 47.60
C TYR A 587 -12.49 23.40 48.33
N SER A 588 -12.14 23.21 49.61
CA SER A 588 -12.65 22.09 50.40
C SER A 588 -12.78 22.41 51.86
N MET A 589 -13.69 21.68 52.52
CA MET A 589 -13.97 21.81 53.95
C MET A 589 -14.34 20.45 54.53
N VAL A 590 -13.95 20.21 55.79
CA VAL A 590 -14.29 18.98 56.50
C VAL A 590 -14.58 19.27 57.97
N GLU A 591 -15.43 18.41 58.58
CA GLU A 591 -15.78 18.50 59.99
C GLU A 591 -14.57 17.89 60.70
N PHE A 592 -13.90 18.68 61.54
CA PHE A 592 -12.69 18.25 62.22
C PHE A 592 -12.79 18.35 63.74
N ASN A 593 -13.22 17.26 64.40
CA ASN A 593 -13.31 17.18 65.86
C ASN A 593 -14.06 18.37 66.49
N GLY A 594 -15.27 18.61 66.00
CA GLY A 594 -16.12 19.72 66.46
C GLY A 594 -15.72 21.10 65.96
N LYS A 595 -14.74 21.18 65.05
CA LYS A 595 -14.25 22.44 64.47
C LYS A 595 -14.37 22.33 62.95
N LEU A 596 -14.29 23.46 62.24
CA LEU A 596 -14.38 23.49 60.78
C LEU A 596 -12.99 23.65 60.18
N LEU A 597 -12.54 22.64 59.42
CA LEU A 597 -11.25 22.69 58.75
C LEU A 597 -11.54 23.07 57.30
N ALA A 598 -11.05 24.24 56.86
CA ALA A 598 -11.25 24.74 55.50
C ALA A 598 -9.92 24.94 54.81
N SER A 599 -9.93 25.01 53.47
CA SER A 599 -8.72 25.19 52.66
C SER A 599 -8.90 26.39 51.74
N ILE A 600 -8.17 27.49 52.00
CA ILE A 600 -8.22 28.72 51.20
C ILE A 600 -6.94 28.80 50.38
N ASN A 601 -7.02 28.49 49.07
CA ASN A 601 -5.89 28.44 48.14
C ASN A 601 -4.75 27.54 48.67
N SER A 602 -3.63 28.11 49.17
CA SER A 602 -2.49 27.35 49.68
C SER A 602 -2.57 27.10 51.18
N THR A 603 -3.42 27.87 51.90
CA THR A 603 -3.57 27.75 53.34
C THR A 603 -4.59 26.69 53.71
N VAL A 604 -4.35 25.98 54.82
CA VAL A 604 -5.26 25.01 55.41
C VAL A 604 -5.58 25.63 56.77
N ARG A 605 -6.76 26.24 56.89
CA ARG A 605 -7.19 26.98 58.08
C ARG A 605 -8.15 26.19 58.96
N LEU A 606 -8.06 26.40 60.29
CA LEU A 606 -8.93 25.75 61.27
C LEU A 606 -9.73 26.83 61.99
N TYR A 607 -11.06 26.78 61.86
CA TYR A 607 -11.95 27.74 62.49
C TYR A 607 -12.65 27.05 63.64
N GLU A 608 -12.96 27.81 64.70
CA GLU A 608 -13.69 27.36 65.88
C GLU A 608 -15.02 28.11 65.88
N TRP A 609 -16.11 27.41 66.23
CA TRP A 609 -17.46 28.00 66.27
C TRP A 609 -17.72 28.60 67.66
N THR A 610 -17.60 29.93 67.77
CA THR A 610 -17.75 30.66 69.03
C THR A 610 -19.18 30.65 69.56
N THR A 611 -19.31 31.01 70.85
CA THR A 611 -20.61 31.10 71.53
C THR A 611 -21.49 32.21 70.97
N GLU A 612 -20.88 33.20 70.29
CA GLU A 612 -21.60 34.29 69.63
C GLU A 612 -22.12 33.85 68.24
N LYS A 613 -21.94 32.56 67.85
CA LYS A 613 -22.36 31.99 66.57
C LYS A 613 -21.62 32.65 65.40
N GLU A 614 -20.29 32.60 65.45
CA GLU A 614 -19.38 33.14 64.44
C GLU A 614 -18.14 32.27 64.33
N LEU A 615 -17.52 32.21 63.15
CA LEU A 615 -16.30 31.43 62.96
C LEU A 615 -15.12 32.27 63.43
N ARG A 616 -14.21 31.67 64.20
CA ARG A 616 -13.01 32.34 64.71
C ARG A 616 -11.79 31.50 64.36
N THR A 617 -10.79 32.11 63.71
CA THR A 617 -9.58 31.41 63.28
C THR A 617 -8.69 30.98 64.45
N GLU A 618 -8.31 29.68 64.52
CA GLU A 618 -7.39 29.17 65.56
C GLU A 618 -6.02 28.78 64.98
N CYS A 619 -5.99 28.13 63.79
CA CYS A 619 -4.75 27.69 63.14
C CYS A 619 -4.74 28.02 61.66
N ASN A 620 -3.53 28.03 61.09
CA ASN A 620 -3.26 28.21 59.67
C ASN A 620 -2.07 27.32 59.34
N HIS A 621 -2.04 26.76 58.14
CA HIS A 621 -0.90 26.00 57.69
C HIS A 621 -0.65 26.31 56.23
N TYR A 622 0.46 27.01 55.97
CA TYR A 622 0.82 27.46 54.64
C TYR A 622 1.58 26.34 53.95
N ASN A 623 1.02 25.84 52.82
CA ASN A 623 1.57 24.69 52.10
C ASN A 623 2.29 25.07 50.82
N ASN A 624 3.10 24.12 50.31
CA ASN A 624 3.81 24.26 49.05
C ASN A 624 2.90 23.87 47.87
N ILE A 625 1.62 23.51 48.13
CA ILE A 625 0.68 23.11 47.09
C ILE A 625 -0.65 23.81 47.32
N MET A 626 -1.55 23.69 46.35
CA MET A 626 -2.90 24.25 46.48
C MET A 626 -3.75 23.19 47.18
N ALA A 627 -4.28 23.51 48.36
CA ALA A 627 -5.08 22.56 49.13
C ALA A 627 -6.46 22.31 48.50
N LEU A 628 -6.49 21.51 47.42
CA LEU A 628 -7.73 21.20 46.71
C LEU A 628 -8.44 20.07 47.38
N TYR A 629 -7.74 18.95 47.54
CA TYR A 629 -8.28 17.74 48.13
C TYR A 629 -8.03 17.75 49.62
N LEU A 630 -9.11 17.74 50.42
CA LEU A 630 -9.02 17.77 51.88
C LEU A 630 -9.80 16.60 52.44
N LYS A 631 -9.11 15.67 53.11
CA LYS A 631 -9.73 14.50 53.74
C LYS A 631 -9.11 14.37 55.14
N THR A 632 -9.85 13.81 56.11
CA THR A 632 -9.37 13.70 57.48
C THR A 632 -9.78 12.42 58.19
N LYS A 633 -8.91 11.99 59.15
CA LYS A 633 -9.14 10.81 60.00
C LYS A 633 -8.61 11.12 61.41
N GLY A 634 -9.53 11.43 62.33
CA GLY A 634 -9.19 11.78 63.70
C GLY A 634 -8.45 13.10 63.77
N ASP A 635 -7.13 13.04 64.01
CA ASP A 635 -6.27 14.22 64.06
C ASP A 635 -5.38 14.33 62.81
N PHE A 636 -5.42 13.33 61.89
CA PHE A 636 -4.65 13.36 60.64
C PHE A 636 -5.43 14.08 59.55
N ILE A 637 -4.72 14.84 58.69
CA ILE A 637 -5.31 15.58 57.58
C ILE A 637 -4.54 15.24 56.31
N LEU A 638 -5.23 14.73 55.28
CA LEU A 638 -4.63 14.43 53.98
C LEU A 638 -4.95 15.60 53.07
N VAL A 639 -3.90 16.24 52.49
CA VAL A 639 -4.02 17.37 51.57
C VAL A 639 -3.45 16.95 50.21
N GLY A 640 -4.03 17.47 49.14
CA GLY A 640 -3.57 17.15 47.80
C GLY A 640 -3.97 18.17 46.76
N ASP A 641 -3.11 18.34 45.71
CA ASP A 641 -3.38 19.27 44.61
C ASP A 641 -3.68 18.52 43.31
N LEU A 642 -3.96 19.27 42.25
CA LEU A 642 -4.33 18.68 40.96
C LEU A 642 -3.18 17.88 40.30
N MET A 643 -1.91 18.15 40.68
CA MET A 643 -0.75 17.47 40.12
C MET A 643 -0.20 16.33 40.99
N ARG A 644 -1.11 15.61 41.68
CA ARG A 644 -0.78 14.46 42.52
C ARG A 644 0.30 14.74 43.59
N SER A 645 0.30 15.95 44.13
CA SER A 645 1.21 16.29 45.20
C SER A 645 0.46 15.90 46.47
N VAL A 646 0.85 14.78 47.10
CA VAL A 646 0.18 14.27 48.31
C VAL A 646 0.92 14.76 49.56
N LEU A 647 0.17 15.23 50.58
CA LEU A 647 0.74 15.80 51.80
C LEU A 647 -0.07 15.34 53.03
N LEU A 648 0.62 14.91 54.09
CA LEU A 648 -0.03 14.43 55.33
C LEU A 648 0.29 15.36 56.50
N LEU A 649 -0.70 16.12 57.00
CA LEU A 649 -0.54 17.02 58.15
C LEU A 649 -1.16 16.36 59.38
N ALA A 650 -0.92 16.96 60.56
CA ALA A 650 -1.47 16.46 61.83
C ALA A 650 -1.69 17.61 62.80
N TYR A 651 -2.89 17.68 63.42
CA TYR A 651 -3.19 18.74 64.38
C TYR A 651 -2.60 18.33 65.71
N LYS A 652 -1.70 19.15 66.25
CA LYS A 652 -1.08 18.89 67.56
C LYS A 652 -2.00 19.56 68.60
N PRO A 653 -2.80 18.82 69.41
CA PRO A 653 -3.72 19.49 70.34
C PRO A 653 -3.07 20.27 71.47
N MET A 654 -2.04 19.69 72.11
CA MET A 654 -1.33 20.34 73.21
C MET A 654 -0.61 21.63 72.76
N GLU A 655 -0.04 21.63 71.53
CA GLU A 655 0.64 22.80 70.97
C GLU A 655 -0.34 23.82 70.41
N GLY A 656 -1.40 23.34 69.75
CA GLY A 656 -2.42 24.20 69.14
C GLY A 656 -1.99 24.75 67.79
N ASN A 657 -1.46 23.86 66.93
CA ASN A 657 -0.98 24.21 65.59
C ASN A 657 -0.86 22.95 64.72
N PHE A 658 -0.60 23.11 63.41
CA PHE A 658 -0.43 21.98 62.49
C PHE A 658 1.03 21.61 62.32
N GLU A 659 1.27 20.33 62.04
CA GLU A 659 2.61 19.78 61.85
C GLU A 659 2.58 18.84 60.66
N GLU A 660 3.56 18.97 59.74
CA GLU A 660 3.65 18.07 58.60
C GLU A 660 4.30 16.76 59.02
N ILE A 661 3.66 15.64 58.69
CA ILE A 661 4.15 14.30 59.03
C ILE A 661 4.96 13.74 57.88
N ALA A 662 4.40 13.71 56.66
CA ALA A 662 5.08 13.18 55.48
C ALA A 662 4.45 13.70 54.20
N ARG A 663 5.06 13.36 53.04
CA ARG A 663 4.55 13.77 51.73
C ARG A 663 5.13 12.93 50.58
N ASP A 664 4.56 13.07 49.38
CA ASP A 664 5.04 12.39 48.18
C ASP A 664 4.57 13.17 46.95
N PHE A 665 5.49 13.97 46.37
CA PHE A 665 5.22 14.80 45.22
C PHE A 665 5.82 14.21 43.95
N ASN A 666 4.99 13.55 43.14
CA ASN A 666 5.35 13.00 41.84
C ASN A 666 4.40 13.74 40.87
N PRO A 667 4.88 14.57 39.92
CA PRO A 667 3.92 15.31 39.09
C PRO A 667 3.11 14.44 38.14
N ASN A 668 1.77 14.48 38.26
CA ASN A 668 0.82 13.76 37.42
C ASN A 668 -0.60 14.24 37.75
N TRP A 669 -1.53 14.21 36.81
CA TRP A 669 -2.87 14.71 37.09
C TRP A 669 -3.64 13.80 38.05
N MET A 670 -4.09 14.33 39.21
CA MET A 670 -4.88 13.58 40.22
C MET A 670 -6.34 14.07 40.23
N SER A 671 -7.31 13.15 40.17
CA SER A 671 -8.75 13.46 40.11
C SER A 671 -9.52 13.31 41.44
N ALA A 672 -9.04 12.44 42.35
CA ALA A 672 -9.69 12.22 43.65
C ALA A 672 -8.71 11.59 44.64
N VAL A 673 -9.00 11.71 45.95
CA VAL A 673 -8.16 11.17 47.01
C VAL A 673 -8.99 10.71 48.22
N GLU A 674 -8.46 9.78 49.02
CA GLU A 674 -9.16 9.25 50.21
C GLU A 674 -8.20 8.58 51.19
N ILE A 675 -8.54 8.60 52.49
CA ILE A 675 -7.75 7.97 53.54
C ILE A 675 -8.36 6.58 53.76
N LEU A 676 -7.61 5.50 53.43
CA LEU A 676 -8.09 4.13 53.60
C LEU A 676 -8.11 3.76 55.08
N ASP A 677 -6.94 3.87 55.73
CA ASP A 677 -6.76 3.60 57.16
C ASP A 677 -5.74 4.62 57.69
N ASP A 678 -5.35 4.52 58.97
CA ASP A 678 -4.41 5.46 59.58
C ASP A 678 -3.09 5.61 58.82
N ASP A 679 -2.62 4.52 58.14
CA ASP A 679 -1.35 4.53 57.41
C ASP A 679 -1.46 4.52 55.88
N ASN A 680 -2.60 4.10 55.28
CA ASN A 680 -2.76 4.04 53.82
C ASN A 680 -3.68 5.15 53.26
N PHE A 681 -3.33 5.66 52.06
CA PHE A 681 -4.06 6.73 51.37
C PHE A 681 -4.25 6.36 49.90
N LEU A 682 -5.51 6.31 49.44
CA LEU A 682 -5.87 5.95 48.07
C LEU A 682 -6.05 7.22 47.24
N GLY A 683 -5.68 7.14 45.95
CA GLY A 683 -5.86 8.24 45.01
C GLY A 683 -6.14 7.75 43.60
N ALA A 684 -6.61 8.66 42.73
CA ALA A 684 -6.92 8.36 41.32
C ALA A 684 -6.11 9.30 40.43
N GLU A 685 -5.03 8.78 39.79
CA GLU A 685 -4.12 9.58 38.96
C GLU A 685 -4.24 9.27 37.44
N ASN A 686 -3.66 10.16 36.61
CA ASN A 686 -3.74 10.20 35.14
C ASN A 686 -3.72 8.88 34.44
N ALA A 687 -4.51 8.83 33.35
CA ALA A 687 -4.72 7.68 32.48
C ALA A 687 -5.45 6.60 33.25
N PHE A 688 -6.55 7.01 33.93
CA PHE A 688 -7.48 6.15 34.63
C PHE A 688 -6.87 5.15 35.62
N ASN A 689 -5.78 5.55 36.30
CA ASN A 689 -5.11 4.66 37.26
C ASN A 689 -5.53 4.95 38.68
N LEU A 690 -5.35 3.95 39.55
CA LEU A 690 -5.58 4.03 41.00
C LEU A 690 -4.22 3.85 41.64
N PHE A 691 -3.96 4.50 42.77
CA PHE A 691 -2.67 4.35 43.45
C PHE A 691 -2.83 4.42 44.96
N VAL A 692 -1.93 3.75 45.71
CA VAL A 692 -1.95 3.77 47.17
C VAL A 692 -0.59 4.22 47.71
N CYS A 693 -0.63 5.21 48.61
CA CYS A 693 0.52 5.79 49.27
C CYS A 693 0.47 5.31 50.68
N GLN A 694 1.64 5.04 51.28
CA GLN A 694 1.67 4.52 52.66
C GLN A 694 2.67 5.26 53.53
N LYS A 695 2.34 5.38 54.84
CA LYS A 695 3.23 5.98 55.85
C LYS A 695 4.35 4.97 56.08
N ASP A 696 5.59 5.34 55.75
CA ASP A 696 6.75 4.43 55.84
C ASP A 696 6.98 3.84 57.25
N SER A 697 6.88 2.51 57.36
CA SER A 697 7.11 1.75 58.58
C SER A 697 8.58 1.29 58.57
N ALA A 698 9.10 0.86 59.74
CA ALA A 698 10.51 0.44 59.89
C ALA A 698 11.43 1.58 59.44
N ALA A 699 11.06 2.83 59.83
CA ALA A 699 11.77 4.04 59.46
C ALA A 699 12.59 4.57 60.64
N THR A 700 13.92 4.54 60.49
CA THR A 700 14.87 5.01 61.50
C THR A 700 15.11 6.51 61.32
N THR A 701 15.45 6.92 60.08
CA THR A 701 15.73 8.32 59.74
C THR A 701 14.44 9.15 59.64
N ASP A 702 14.55 10.46 59.94
CA ASP A 702 13.44 11.40 59.82
C ASP A 702 13.11 11.58 58.34
N GLU A 703 14.15 11.64 57.49
CA GLU A 703 14.06 11.76 56.04
C GLU A 703 13.11 10.71 55.43
N GLU A 704 13.30 9.43 55.78
CA GLU A 704 12.45 8.33 55.27
C GLU A 704 11.07 8.31 55.95
N ARG A 705 10.98 8.69 57.26
CA ARG A 705 9.70 8.80 57.98
C ARG A 705 8.79 9.83 57.27
N GLN A 706 9.39 10.93 56.78
CA GLN A 706 8.70 12.02 56.08
C GLN A 706 8.36 11.75 54.60
N HIS A 707 8.49 10.49 54.11
CA HIS A 707 8.14 10.14 52.73
C HIS A 707 7.09 9.05 52.71
N LEU A 708 6.04 9.25 51.89
CA LEU A 708 4.98 8.25 51.72
C LEU A 708 5.40 7.36 50.56
N GLN A 709 5.52 6.04 50.79
CA GLN A 709 5.95 5.14 49.73
C GLN A 709 4.76 4.69 48.88
N GLU A 710 4.93 4.70 47.53
CA GLU A 710 3.89 4.20 46.61
C GLU A 710 3.91 2.70 46.80
N VAL A 711 2.81 2.15 47.34
CA VAL A 711 2.70 0.72 47.66
C VAL A 711 1.65 -0.03 46.82
N GLY A 712 0.98 0.65 45.90
CA GLY A 712 -0.02 0.01 45.05
C GLY A 712 -0.34 0.83 43.82
N LEU A 713 -0.45 0.18 42.66
CA LEU A 713 -0.76 0.81 41.37
C LEU A 713 -1.71 -0.10 40.59
N PHE A 714 -2.76 0.45 39.94
CA PHE A 714 -3.72 -0.38 39.18
C PHE A 714 -4.49 0.43 38.14
N HIS A 715 -4.42 0.02 36.85
CA HIS A 715 -5.13 0.72 35.78
C HIS A 715 -6.61 0.35 35.77
N LEU A 716 -7.40 1.14 36.49
CA LEU A 716 -8.84 0.95 36.64
C LEU A 716 -9.59 1.05 35.29
N GLY A 717 -9.18 1.99 34.45
CA GLY A 717 -9.82 2.21 33.15
C GLY A 717 -11.02 3.14 33.21
N GLU A 718 -11.23 3.80 34.38
CA GLU A 718 -12.30 4.77 34.61
C GLU A 718 -11.72 6.01 35.30
N PHE A 719 -12.36 7.17 35.10
CA PHE A 719 -11.94 8.42 35.72
C PHE A 719 -12.76 8.64 37.02
N VAL A 720 -12.12 8.46 38.21
CA VAL A 720 -12.78 8.64 39.51
C VAL A 720 -12.90 10.12 39.83
N ASN A 721 -14.10 10.52 40.25
CA ASN A 721 -14.41 11.89 40.67
C ASN A 721 -14.62 12.00 42.17
N VAL A 722 -15.16 10.93 42.80
CA VAL A 722 -15.47 10.94 44.23
C VAL A 722 -15.19 9.59 44.86
N PHE A 723 -14.58 9.62 46.07
CA PHE A 723 -14.33 8.44 46.89
C PHE A 723 -15.23 8.63 48.09
N CYS A 724 -15.90 7.56 48.54
CA CYS A 724 -16.85 7.67 49.64
C CYS A 724 -16.82 6.44 50.52
N HIS A 725 -16.59 6.61 51.84
CA HIS A 725 -16.60 5.47 52.78
C HIS A 725 -18.05 5.01 52.98
N GLY A 726 -18.28 3.70 52.82
CA GLY A 726 -19.61 3.12 52.97
C GLY A 726 -19.77 1.82 52.22
N SER A 727 -20.94 1.19 52.35
CA SER A 727 -21.23 -0.08 51.68
C SER A 727 -22.71 -0.20 51.34
N LEU A 728 -23.01 -0.79 50.19
CA LEU A 728 -24.38 -0.99 49.71
C LEU A 728 -24.97 -2.36 50.11
N VAL A 729 -24.37 -3.05 51.10
CA VAL A 729 -24.85 -4.36 51.58
C VAL A 729 -25.18 -4.25 53.06
N MET A 730 -25.86 -5.27 53.62
CA MET A 730 -26.25 -5.26 55.03
C MET A 730 -25.00 -5.25 55.89
N GLN A 731 -24.89 -4.22 56.75
CA GLN A 731 -23.74 -3.96 57.63
C GLN A 731 -23.33 -5.09 58.56
N ASN A 732 -24.24 -6.06 58.86
CA ASN A 732 -24.00 -7.25 59.70
C ASN A 732 -23.85 -6.85 61.20
N LEU A 733 -24.93 -7.05 61.99
CA LEU A 733 -24.96 -6.73 63.43
C LEU A 733 -23.91 -7.54 64.21
N GLY A 734 -24.06 -8.86 64.20
CA GLY A 734 -23.13 -9.76 64.87
C GLY A 734 -21.82 -9.90 64.10
N GLU A 735 -20.70 -9.61 64.77
CA GLU A 735 -19.35 -9.66 64.16
C GLU A 735 -18.90 -11.11 63.85
N THR A 736 -19.02 -11.56 62.56
CA THR A 736 -18.65 -12.91 62.14
C THR A 736 -17.44 -12.91 61.18
N SER A 737 -16.22 -12.92 61.77
CA SER A 737 -14.91 -12.92 61.10
C SER A 737 -14.91 -12.52 59.61
N THR A 738 -14.93 -11.21 59.34
CA THR A 738 -14.94 -10.68 57.96
C THR A 738 -13.60 -10.91 57.24
N PRO A 739 -13.60 -11.41 55.98
CA PRO A 739 -12.33 -11.59 55.25
C PRO A 739 -11.74 -10.26 54.76
N THR A 740 -12.61 -9.30 54.37
CA THR A 740 -12.22 -7.97 53.88
C THR A 740 -12.43 -6.93 54.98
N GLN A 741 -11.51 -5.97 55.10
CA GLN A 741 -11.57 -4.89 56.09
C GLN A 741 -11.73 -3.55 55.38
N GLY A 742 -12.69 -2.74 55.81
CA GLY A 742 -12.97 -1.43 55.22
C GLY A 742 -13.80 -1.50 53.97
N SER A 743 -14.36 -0.36 53.54
CA SER A 743 -15.17 -0.30 52.32
C SER A 743 -15.28 1.12 51.80
N VAL A 744 -14.64 1.38 50.63
CA VAL A 744 -14.64 2.70 50.00
C VAL A 744 -15.25 2.59 48.61
N LEU A 745 -16.40 3.21 48.41
CA LEU A 745 -17.10 3.26 47.13
C LEU A 745 -16.54 4.40 46.30
N PHE A 746 -16.76 4.39 44.96
CA PHE A 746 -16.29 5.50 44.13
C PHE A 746 -17.12 5.72 42.87
N GLY A 747 -17.29 7.00 42.52
CA GLY A 747 -18.07 7.45 41.37
C GLY A 747 -17.18 7.93 40.25
N THR A 748 -17.52 7.55 38.98
CA THR A 748 -16.71 7.87 37.80
C THR A 748 -17.48 8.60 36.70
N VAL A 749 -16.72 9.12 35.73
CA VAL A 749 -17.22 9.89 34.59
C VAL A 749 -18.18 9.06 33.69
N ASN A 750 -17.97 7.72 33.58
CA ASN A 750 -18.81 6.86 32.75
C ASN A 750 -20.00 6.25 33.49
N GLY A 751 -20.23 6.65 34.75
CA GLY A 751 -21.33 6.10 35.52
C GLY A 751 -20.99 4.79 36.22
N MET A 752 -19.76 4.26 36.04
CA MET A 752 -19.32 3.02 36.70
C MET A 752 -19.12 3.34 38.18
N ILE A 753 -19.57 2.43 39.06
CA ILE A 753 -19.40 2.58 40.51
C ILE A 753 -18.58 1.39 40.93
N GLY A 754 -17.47 1.64 41.60
CA GLY A 754 -16.59 0.57 42.07
C GLY A 754 -16.44 0.61 43.58
N LEU A 755 -15.85 -0.43 44.12
CA LEU A 755 -15.63 -0.56 45.55
C LEU A 755 -14.20 -1.00 45.78
N VAL A 756 -13.57 -0.45 46.81
CA VAL A 756 -12.22 -0.79 47.20
C VAL A 756 -12.26 -1.26 48.64
N THR A 757 -11.45 -2.28 48.96
CA THR A 757 -11.35 -2.82 50.32
C THR A 757 -9.94 -3.34 50.57
N SER A 758 -9.57 -3.53 51.85
CA SER A 758 -8.25 -4.06 52.23
C SER A 758 -8.33 -5.52 52.63
N LEU A 759 -7.25 -6.28 52.35
CA LEU A 759 -7.14 -7.72 52.66
C LEU A 759 -5.94 -8.00 53.58
N SER A 760 -5.73 -9.29 53.92
CA SER A 760 -4.59 -9.75 54.69
C SER A 760 -3.53 -10.26 53.70
N GLU A 761 -2.24 -10.31 54.13
CA GLU A 761 -1.14 -10.80 53.27
C GLU A 761 -1.43 -12.18 52.71
N SER A 762 -1.96 -13.09 53.55
CA SER A 762 -2.28 -14.46 53.15
C SER A 762 -3.36 -14.49 52.07
N TRP A 763 -4.48 -13.79 52.31
CA TRP A 763 -5.58 -13.71 51.34
C TRP A 763 -5.14 -13.06 50.03
N TYR A 764 -4.26 -12.04 50.10
CA TYR A 764 -3.76 -11.37 48.90
C TYR A 764 -2.92 -12.33 48.07
N ASN A 765 -1.88 -12.94 48.66
CA ASN A 765 -1.00 -13.88 47.95
C ASN A 765 -1.77 -15.05 47.33
N LEU A 766 -2.86 -15.50 48.00
CA LEU A 766 -3.72 -16.56 47.47
C LEU A 766 -4.43 -16.04 46.23
N LEU A 767 -5.14 -14.92 46.37
CA LEU A 767 -5.89 -14.31 45.27
C LEU A 767 -5.01 -13.90 44.09
N LEU A 768 -3.79 -13.40 44.35
CA LEU A 768 -2.84 -13.01 43.31
C LEU A 768 -2.44 -14.25 42.49
N ASP A 769 -2.07 -15.34 43.17
CA ASP A 769 -1.73 -16.60 42.51
C ASP A 769 -2.94 -17.10 41.70
N MET A 770 -4.13 -16.93 42.26
CA MET A 770 -5.41 -17.25 41.64
C MET A 770 -5.63 -16.47 40.33
N GLN A 771 -5.39 -15.15 40.32
CA GLN A 771 -5.53 -14.31 39.12
C GLN A 771 -4.69 -14.86 37.99
N ASN A 772 -3.43 -15.23 38.28
CA ASN A 772 -2.52 -15.72 37.23
C ASN A 772 -2.94 -17.08 36.69
N ARG A 773 -3.61 -17.91 37.52
CA ARG A 773 -4.13 -19.20 37.10
C ARG A 773 -5.37 -18.95 36.23
N LEU A 774 -6.28 -18.09 36.72
CA LEU A 774 -7.51 -17.69 36.01
C LEU A 774 -7.24 -17.15 34.61
N ASN A 775 -6.18 -16.35 34.43
CA ASN A 775 -5.79 -15.78 33.13
C ASN A 775 -5.47 -16.82 32.07
N LYS A 776 -4.92 -17.99 32.47
CA LYS A 776 -4.59 -19.05 31.51
C LYS A 776 -5.84 -19.68 30.92
N VAL A 777 -6.88 -19.90 31.76
CA VAL A 777 -8.13 -20.54 31.32
C VAL A 777 -9.16 -19.56 30.74
N ILE A 778 -9.18 -18.28 31.17
CA ILE A 778 -10.17 -17.31 30.68
C ILE A 778 -9.87 -16.85 29.25
N LYS A 779 -10.94 -16.68 28.43
CA LYS A 779 -10.82 -16.25 27.03
C LYS A 779 -11.05 -14.74 26.95
N SER A 780 -9.99 -13.96 26.63
CA SER A 780 -10.05 -12.51 26.48
C SER A 780 -10.54 -12.12 25.08
N VAL A 781 -11.45 -11.14 25.01
CA VAL A 781 -12.00 -10.66 23.73
C VAL A 781 -10.88 -9.82 23.10
N GLY A 782 -10.53 -10.14 21.86
CA GLY A 782 -9.44 -9.47 21.17
C GLY A 782 -8.06 -9.95 21.59
N LYS A 783 -7.99 -11.05 22.39
CA LYS A 783 -6.76 -11.65 22.90
C LYS A 783 -5.81 -10.62 23.55
N ILE A 784 -6.39 -9.69 24.33
CA ILE A 784 -5.65 -8.65 25.06
C ILE A 784 -5.29 -9.26 26.40
N GLU A 785 -4.03 -9.08 26.85
CA GLU A 785 -3.56 -9.68 28.10
C GLU A 785 -4.07 -8.95 29.33
N HIS A 786 -4.61 -9.68 30.33
CA HIS A 786 -5.11 -9.05 31.55
C HIS A 786 -4.01 -8.27 32.23
N SER A 787 -2.82 -8.89 32.34
CA SER A 787 -1.63 -8.28 32.94
C SER A 787 -1.33 -6.93 32.28
N PHE A 788 -1.33 -6.90 30.93
CA PHE A 788 -1.11 -5.68 30.15
C PHE A 788 -2.19 -4.65 30.41
N TRP A 789 -3.45 -5.09 30.45
CA TRP A 789 -4.61 -4.21 30.67
C TRP A 789 -4.53 -3.48 32.00
N ARG A 790 -4.42 -4.22 33.10
CA ARG A 790 -4.37 -3.60 34.42
C ARG A 790 -3.03 -2.94 34.74
N SER A 791 -1.95 -3.17 33.96
CA SER A 791 -0.66 -2.52 34.20
C SER A 791 -0.82 -1.00 34.23
N PHE A 792 -0.24 -0.35 35.24
CA PHE A 792 -0.28 1.11 35.42
C PHE A 792 0.25 1.77 34.18
N HIS A 793 -0.51 2.68 33.56
CA HIS A 793 -0.08 3.30 32.30
C HIS A 793 -0.28 4.80 32.26
N THR A 794 0.67 5.51 31.67
CA THR A 794 0.62 6.94 31.36
C THR A 794 1.37 7.07 30.04
N GLU A 795 1.24 8.21 29.35
CA GLU A 795 1.92 8.37 28.05
C GLU A 795 3.44 8.21 28.19
N ARG A 796 4.02 8.63 29.34
CA ARG A 796 5.46 8.52 29.59
C ARG A 796 5.89 7.13 30.19
N LYS A 797 5.36 6.76 31.38
CA LYS A 797 5.70 5.52 32.09
C LYS A 797 4.59 4.45 32.04
N THR A 798 4.96 3.13 32.04
CA THR A 798 4.01 2.02 32.05
C THR A 798 4.59 0.86 32.88
N GLU A 799 4.22 0.74 34.17
CA GLU A 799 4.72 -0.30 35.09
C GLU A 799 3.64 -1.37 35.39
N PRO A 800 4.01 -2.58 35.85
CA PRO A 800 2.98 -3.58 36.16
C PRO A 800 2.17 -3.25 37.41
N ALA A 801 0.93 -3.77 37.48
CA ALA A 801 0.04 -3.50 38.61
C ALA A 801 0.54 -4.18 39.88
N THR A 802 0.42 -3.51 41.03
CA THR A 802 0.88 -4.05 42.32
C THR A 802 -0.08 -3.64 43.42
N GLY A 803 -0.14 -4.46 44.48
CA GLY A 803 -0.98 -4.21 45.65
C GLY A 803 -2.46 -4.12 45.37
N PHE A 804 -2.94 -4.69 44.23
CA PHE A 804 -4.34 -4.64 43.81
C PHE A 804 -4.79 -5.95 43.20
N ILE A 805 -5.90 -6.51 43.72
CA ILE A 805 -6.51 -7.74 43.24
C ILE A 805 -7.72 -7.34 42.39
N ASP A 806 -7.74 -7.83 41.13
CA ASP A 806 -8.85 -7.56 40.23
C ASP A 806 -10.05 -8.43 40.65
N GLY A 807 -11.02 -7.80 41.31
CA GLY A 807 -12.23 -8.46 41.78
C GLY A 807 -13.11 -8.96 40.65
N ASP A 808 -13.20 -8.21 39.52
CA ASP A 808 -14.00 -8.63 38.38
C ASP A 808 -13.45 -9.95 37.82
N LEU A 809 -12.11 -10.10 37.81
CA LEU A 809 -11.47 -11.34 37.34
C LEU A 809 -11.68 -12.45 38.36
N ILE A 810 -11.52 -12.17 39.66
CA ILE A 810 -11.70 -13.18 40.69
C ILE A 810 -13.15 -13.67 40.69
N GLU A 811 -14.11 -12.76 40.68
CA GLU A 811 -15.53 -13.13 40.68
C GLU A 811 -15.97 -13.86 39.41
N SER A 812 -15.25 -13.70 38.27
CA SER A 812 -15.58 -14.44 37.05
C SER A 812 -15.34 -15.97 37.23
N PHE A 813 -14.60 -16.39 38.29
CA PHE A 813 -14.39 -17.80 38.65
C PHE A 813 -15.71 -18.56 38.84
N LEU A 814 -16.72 -17.92 39.42
CA LEU A 814 -18.00 -18.59 39.66
C LEU A 814 -18.81 -18.84 38.39
N ASP A 815 -18.55 -18.07 37.32
CA ASP A 815 -19.23 -18.21 36.04
C ASP A 815 -18.57 -19.27 35.14
N ILE A 816 -17.30 -19.67 35.42
CA ILE A 816 -16.60 -20.65 34.57
C ILE A 816 -17.07 -22.09 34.87
N SER A 817 -16.56 -23.03 34.07
CA SER A 817 -16.87 -24.45 34.10
C SER A 817 -15.94 -25.25 35.05
N ARG A 818 -16.51 -26.23 35.79
CA ARG A 818 -15.81 -27.15 36.72
C ARG A 818 -14.42 -27.69 36.25
N PRO A 819 -14.14 -28.12 34.99
CA PRO A 819 -12.77 -28.54 34.65
C PRO A 819 -11.79 -27.38 34.63
N LYS A 820 -12.26 -26.17 34.28
CA LYS A 820 -11.43 -24.98 34.23
C LYS A 820 -11.17 -24.58 35.68
N MET A 821 -12.15 -24.83 36.59
CA MET A 821 -11.96 -24.61 38.02
C MET A 821 -10.95 -25.66 38.51
N GLN A 822 -11.09 -26.92 38.07
CA GLN A 822 -10.16 -28.00 38.42
C GLN A 822 -8.74 -27.68 37.93
N GLU A 823 -8.62 -27.12 36.71
CA GLU A 823 -7.33 -26.71 36.14
C GLU A 823 -6.75 -25.54 36.93
N VAL A 824 -7.62 -24.58 37.33
CA VAL A 824 -7.20 -23.42 38.13
C VAL A 824 -6.74 -23.90 39.52
N VAL A 825 -7.49 -24.82 40.17
CA VAL A 825 -7.11 -25.37 41.48
C VAL A 825 -6.17 -26.58 41.37
N ALA A 826 -5.70 -26.96 40.16
CA ALA A 826 -4.80 -28.10 39.98
C ALA A 826 -3.42 -27.79 40.58
N ASN A 827 -2.96 -28.67 41.51
CA ASN A 827 -1.67 -28.54 42.19
C ASN A 827 -1.55 -27.18 42.90
N LEU A 828 -2.62 -26.78 43.61
CA LEU A 828 -2.71 -25.52 44.34
C LEU A 828 -2.99 -25.80 45.80
N GLN A 829 -2.27 -25.15 46.72
CA GLN A 829 -2.44 -25.36 48.16
C GLN A 829 -3.29 -24.27 48.79
N TYR A 830 -4.40 -24.66 49.44
CA TYR A 830 -5.35 -23.77 50.10
C TYR A 830 -5.24 -23.94 51.60
N ASP A 831 -5.30 -22.82 52.34
CA ASP A 831 -5.21 -22.81 53.81
C ASP A 831 -6.48 -22.19 54.38
N ASP A 832 -7.15 -22.91 55.30
CA ASP A 832 -8.38 -22.42 55.94
C ASP A 832 -8.16 -21.69 57.28
N GLY A 833 -6.89 -21.46 57.69
CA GLY A 833 -6.62 -20.76 58.94
C GLY A 833 -6.08 -21.72 59.97
N SER A 834 -5.07 -21.29 60.75
CA SER A 834 -4.39 -22.07 61.79
C SER A 834 -3.61 -23.27 61.24
N GLY A 835 -4.31 -24.29 60.75
CA GLY A 835 -3.69 -25.48 60.18
C GLY A 835 -4.45 -25.99 58.98
N MET A 836 -4.27 -27.28 58.65
CA MET A 836 -4.93 -27.94 57.50
C MET A 836 -4.68 -27.21 56.19
N LYS A 837 -3.41 -27.23 55.77
CA LYS A 837 -2.94 -26.65 54.52
C LYS A 837 -2.97 -27.79 53.51
N ARG A 838 -4.17 -28.09 53.01
CA ARG A 838 -4.43 -29.20 52.07
C ARG A 838 -4.57 -28.75 50.62
N GLU A 839 -4.62 -29.74 49.71
CA GLU A 839 -4.81 -29.55 48.27
C GLU A 839 -6.15 -28.82 48.06
N ALA A 840 -6.09 -27.68 47.37
CA ALA A 840 -7.27 -26.84 47.12
C ALA A 840 -8.23 -27.53 46.17
N THR A 841 -9.54 -27.39 46.43
CA THR A 841 -10.60 -27.96 45.58
C THR A 841 -11.47 -26.81 45.09
N ALA A 842 -12.15 -27.04 43.97
CA ALA A 842 -13.05 -26.03 43.37
C ALA A 842 -14.25 -25.70 44.28
N ASP A 843 -14.68 -26.64 45.14
CA ASP A 843 -15.80 -26.44 46.06
C ASP A 843 -15.39 -25.55 47.27
N ASP A 844 -14.10 -25.65 47.72
CA ASP A 844 -13.55 -24.80 48.78
C ASP A 844 -13.45 -23.37 48.24
N LEU A 845 -12.87 -23.25 47.04
CA LEU A 845 -12.66 -21.98 46.38
C LEU A 845 -13.98 -21.32 46.00
N ILE A 846 -15.00 -22.09 45.58
CA ILE A 846 -16.35 -21.56 45.27
C ILE A 846 -16.89 -20.88 46.53
N LYS A 847 -16.67 -21.49 47.71
CA LYS A 847 -17.12 -20.93 48.99
C LYS A 847 -16.45 -19.58 49.28
N VAL A 848 -15.13 -19.46 48.97
CA VAL A 848 -14.35 -18.22 49.18
C VAL A 848 -14.81 -17.09 48.26
N VAL A 849 -14.94 -17.37 46.95
CA VAL A 849 -15.35 -16.37 45.98
C VAL A 849 -16.81 -15.95 46.27
N GLU A 850 -17.66 -16.89 46.71
CA GLU A 850 -19.04 -16.57 47.08
C GLU A 850 -19.07 -15.61 48.28
N GLU A 851 -18.09 -15.72 49.20
CA GLU A 851 -18.00 -14.79 50.32
C GLU A 851 -17.60 -13.38 49.82
N LEU A 852 -16.74 -13.30 48.79
CA LEU A 852 -16.32 -12.01 48.22
C LEU A 852 -17.47 -11.29 47.49
N THR A 853 -18.33 -12.02 46.77
CA THR A 853 -19.47 -11.41 46.07
C THR A 853 -20.47 -10.72 47.00
N ARG A 854 -20.47 -11.05 48.30
CA ARG A 854 -21.37 -10.46 49.28
C ARG A 854 -20.94 -9.05 49.75
N ILE A 855 -19.76 -8.50 49.31
CA ILE A 855 -19.35 -7.14 49.73
C ILE A 855 -20.05 -6.04 48.92
N HIS A 856 -20.73 -6.38 47.81
CA HIS A 856 -21.44 -5.42 46.96
C HIS A 856 -22.76 -6.00 46.43
N GLY B 53 27.31 19.02 17.49
CA GLY B 53 25.93 18.56 17.55
C GLY B 53 25.31 18.70 18.93
N ARG B 54 24.84 17.56 19.50
CA ARG B 54 24.23 17.54 20.83
C ARG B 54 24.38 16.17 21.52
N THR B 55 25.08 16.13 22.68
CA THR B 55 25.30 14.90 23.46
C THR B 55 24.30 14.89 24.63
N LEU B 56 23.32 13.93 24.64
CA LEU B 56 22.31 13.83 25.69
C LEU B 56 22.19 12.42 26.30
N HIS B 57 22.20 12.33 27.65
CA HIS B 57 22.12 11.06 28.39
C HIS B 57 20.66 10.63 28.60
N ASP B 58 20.46 9.35 28.96
CA ASP B 58 19.12 8.80 29.18
C ASP B 58 18.53 9.28 30.50
N ASP B 59 17.19 9.33 30.53
CA ASP B 59 16.42 9.75 31.72
C ASP B 59 16.65 8.75 32.86
N ASP B 60 16.86 9.27 34.09
CA ASP B 60 17.12 8.46 35.30
C ASP B 60 18.42 7.63 35.21
N SER B 61 19.33 7.95 34.26
CA SER B 61 20.57 7.21 34.09
C SER B 61 21.65 7.73 35.04
N CYS B 62 22.55 6.84 35.46
CA CYS B 62 23.64 7.17 36.34
C CYS B 62 24.85 7.52 35.50
N GLN B 63 25.43 8.72 35.70
CA GLN B 63 26.59 9.20 34.95
C GLN B 63 27.60 9.80 35.91
N VAL B 64 28.87 9.84 35.51
CA VAL B 64 29.94 10.43 36.31
C VAL B 64 30.57 11.49 35.46
N ILE B 65 30.51 12.76 35.89
CA ILE B 65 31.10 13.83 35.09
C ILE B 65 31.88 14.81 35.96
N PRO B 66 32.89 15.48 35.36
CA PRO B 66 33.75 16.39 36.14
C PRO B 66 33.09 17.68 36.58
N VAL B 67 33.62 18.31 37.62
CA VAL B 67 33.13 19.58 38.15
C VAL B 67 34.28 20.57 38.09
N LEU B 68 34.06 21.74 37.45
CA LEU B 68 35.09 22.77 37.38
C LEU B 68 35.16 23.47 38.75
N PRO B 69 36.30 23.44 39.46
CA PRO B 69 36.34 24.01 40.81
C PRO B 69 36.08 25.52 40.90
N GLN B 70 36.44 26.28 39.85
CA GLN B 70 36.23 27.73 39.86
C GLN B 70 34.74 28.13 39.88
N VAL B 71 33.87 27.28 39.33
CA VAL B 71 32.45 27.58 39.19
C VAL B 71 31.70 27.48 40.53
N MET B 72 30.64 28.32 40.67
CA MET B 72 29.78 28.33 41.85
C MET B 72 28.32 28.70 41.57
N MET B 73 28.07 29.69 40.71
CA MET B 73 26.70 30.11 40.42
C MET B 73 25.85 29.02 39.76
N ILE B 74 24.54 28.96 40.12
CA ILE B 74 23.58 27.98 39.60
C ILE B 74 23.43 28.15 38.09
N LEU B 75 23.45 27.04 37.33
CA LEU B 75 23.26 27.08 35.88
C LEU B 75 21.91 26.45 35.53
N ILE B 76 20.97 27.22 34.96
CA ILE B 76 19.66 26.70 34.58
C ILE B 76 19.72 26.11 33.16
N PRO B 77 19.10 24.94 32.91
CA PRO B 77 19.07 24.41 31.54
C PRO B 77 18.69 25.46 30.52
N GLY B 78 19.49 25.61 29.47
CA GLY B 78 19.26 26.57 28.41
C GLY B 78 20.14 27.80 28.49
N GLN B 79 20.31 28.40 29.68
CA GLN B 79 21.14 29.60 29.78
C GLN B 79 22.66 29.27 29.58
N THR B 80 23.41 30.25 29.03
CA THR B 80 24.83 30.11 28.71
C THR B 80 25.71 30.40 29.92
N LEU B 81 26.87 29.71 29.99
CA LEU B 81 27.86 29.89 31.03
C LEU B 81 29.20 30.25 30.37
N PRO B 82 29.59 31.54 30.41
CA PRO B 82 30.91 31.92 29.89
C PRO B 82 31.98 31.64 30.95
N LEU B 83 33.15 31.13 30.54
CA LEU B 83 34.25 30.80 31.47
C LEU B 83 35.58 31.35 30.98
N GLN B 84 36.45 31.72 31.95
CA GLN B 84 37.79 32.23 31.73
C GLN B 84 38.73 31.30 32.52
N LEU B 85 39.52 30.47 31.83
CA LEU B 85 40.40 29.50 32.50
C LEU B 85 41.88 29.88 32.37
N PHE B 86 42.61 29.84 33.52
CA PHE B 86 44.03 30.18 33.63
C PHE B 86 44.88 28.98 34.03
N HIS B 87 44.39 28.17 34.99
CA HIS B 87 45.18 27.06 35.53
C HIS B 87 45.31 25.92 34.51
N PRO B 88 46.51 25.35 34.29
CA PRO B 88 46.66 24.28 33.28
C PRO B 88 45.76 23.06 33.47
N GLN B 89 45.47 22.68 34.72
CA GLN B 89 44.58 21.53 34.98
C GLN B 89 43.16 21.81 34.46
N GLU B 90 42.67 23.06 34.57
CA GLU B 90 41.35 23.44 34.08
C GLU B 90 41.34 23.46 32.55
N VAL B 91 42.39 24.03 31.92
CA VAL B 91 42.49 24.12 30.47
C VAL B 91 42.61 22.70 29.88
N SER B 92 43.54 21.90 30.42
CA SER B 92 43.76 20.53 29.96
C SER B 92 42.52 19.68 30.11
N MET B 93 41.78 19.84 31.23
CA MET B 93 40.53 19.09 31.45
C MET B 93 39.50 19.46 30.39
N VAL B 94 39.33 20.76 30.12
CA VAL B 94 38.38 21.21 29.10
C VAL B 94 38.80 20.70 27.71
N ARG B 95 40.10 20.73 27.38
CA ARG B 95 40.58 20.21 26.09
C ARG B 95 40.23 18.73 25.94
N ASN B 96 40.26 17.94 27.04
CA ASN B 96 39.91 16.51 26.95
C ASN B 96 38.42 16.40 26.70
N LEU B 97 37.59 17.17 27.43
CA LEU B 97 36.14 17.13 27.24
C LEU B 97 35.75 17.41 25.79
N ILE B 98 36.45 18.33 25.09
CA ILE B 98 36.14 18.64 23.68
C ILE B 98 36.24 17.36 22.82
N GLN B 99 37.28 16.54 23.05
CA GLN B 99 37.45 15.27 22.35
C GLN B 99 36.36 14.26 22.75
N LYS B 100 35.98 14.23 24.04
CA LYS B 100 34.96 13.33 24.57
C LYS B 100 33.53 13.93 24.34
N ASP B 101 32.63 13.89 25.35
CA ASP B 101 31.23 14.36 25.22
C ASP B 101 31.03 15.90 25.29
N ARG B 102 32.07 16.66 25.66
CA ARG B 102 32.04 18.12 25.82
C ARG B 102 31.20 18.55 27.01
N THR B 103 30.83 17.63 27.92
CA THR B 103 29.93 17.93 29.03
C THR B 103 30.58 17.79 30.39
N PHE B 104 30.24 18.72 31.30
CA PHE B 104 30.72 18.74 32.69
C PHE B 104 29.59 19.14 33.61
N ALA B 105 29.73 18.90 34.90
CA ALA B 105 28.70 19.20 35.90
C ALA B 105 28.86 20.59 36.53
N VAL B 106 27.74 21.27 36.77
CA VAL B 106 27.70 22.58 37.43
C VAL B 106 26.83 22.34 38.66
N LEU B 107 27.46 22.29 39.85
CA LEU B 107 26.74 22.00 41.08
C LEU B 107 25.98 23.21 41.60
N ALA B 108 24.75 22.95 42.09
CA ALA B 108 23.89 23.97 42.67
C ALA B 108 24.15 23.96 44.17
N TYR B 109 25.10 24.79 44.61
CA TYR B 109 25.50 24.81 46.01
C TYR B 109 24.47 25.42 46.95
N SER B 110 24.21 24.75 48.07
CA SER B 110 23.37 25.25 49.17
C SER B 110 24.27 26.17 50.02
N ASN B 111 25.55 25.77 50.19
CA ASN B 111 26.57 26.53 50.90
C ASN B 111 27.90 26.39 50.12
N VAL B 112 28.31 27.45 49.41
CA VAL B 112 29.55 27.46 48.62
C VAL B 112 30.81 27.47 49.51
N GLN B 113 30.72 27.96 50.76
CA GLN B 113 31.87 27.99 51.68
C GLN B 113 32.33 26.54 51.98
N GLU B 114 31.37 25.68 52.36
CA GLU B 114 31.62 24.26 52.66
C GLU B 114 31.49 23.36 51.42
N ARG B 115 31.06 23.91 50.26
CA ARG B 115 30.89 23.19 48.99
C ARG B 115 29.86 22.06 49.14
N GLU B 116 28.64 22.43 49.59
CA GLU B 116 27.51 21.52 49.83
C GLU B 116 26.51 21.61 48.68
N ALA B 117 26.30 20.52 47.91
CA ALA B 117 25.36 20.53 46.79
C ALA B 117 24.62 19.20 46.66
N GLN B 118 23.28 19.27 46.47
CA GLN B 118 22.39 18.11 46.32
C GLN B 118 21.92 17.93 44.87
N PHE B 119 21.85 19.04 44.06
CA PHE B 119 21.46 19.00 42.65
C PHE B 119 22.39 19.86 41.80
N GLY B 120 22.18 19.82 40.49
CA GLY B 120 22.97 20.62 39.55
C GLY B 120 22.54 20.47 38.11
N THR B 121 23.37 20.98 37.18
CA THR B 121 23.09 20.97 35.74
C THR B 121 24.30 20.62 34.89
N THR B 122 24.11 19.72 33.91
CA THR B 122 25.17 19.35 32.98
C THR B 122 25.36 20.50 31.99
N ALA B 123 26.61 20.94 31.78
CA ALA B 123 26.97 22.07 30.91
C ALA B 123 27.74 21.56 29.68
N GLU B 124 27.17 21.69 28.47
CA GLU B 124 27.81 21.23 27.24
C GLU B 124 28.60 22.38 26.64
N ILE B 125 29.90 22.20 26.40
CA ILE B 125 30.75 23.22 25.81
C ILE B 125 30.44 23.34 24.32
N TYR B 126 30.15 24.57 23.86
CA TYR B 126 29.85 24.86 22.45
C TYR B 126 30.81 25.87 21.81
N ALA B 127 31.83 26.38 22.55
CA ALA B 127 32.79 27.36 22.02
C ALA B 127 34.07 27.39 22.86
N TYR B 128 35.24 27.30 22.21
CA TYR B 128 36.57 27.32 22.87
C TYR B 128 37.49 28.25 22.06
N ARG B 129 38.26 29.12 22.73
CA ARG B 129 39.16 30.04 22.03
C ARG B 129 40.26 30.50 22.99
N GLU B 130 41.52 30.41 22.55
CA GLU B 130 42.70 30.76 23.35
C GLU B 130 43.05 32.23 23.17
N GLU B 131 42.54 33.10 24.05
CA GLU B 131 42.77 34.54 23.95
C GLU B 131 43.90 35.05 24.83
N GLN B 132 44.19 36.34 24.70
CA GLN B 132 45.18 37.08 25.47
C GLN B 132 44.47 38.33 26.00
N ASP B 133 44.60 38.62 27.30
CA ASP B 133 43.94 39.78 27.90
C ASP B 133 44.78 40.33 29.04
N PHE B 134 45.08 41.64 29.00
CA PHE B 134 45.88 42.34 30.01
C PHE B 134 47.29 41.73 30.20
N GLY B 135 47.86 41.18 29.12
CA GLY B 135 49.16 40.52 29.15
C GLY B 135 49.14 39.16 29.81
N ILE B 136 47.95 38.53 29.86
CA ILE B 136 47.74 37.22 30.46
C ILE B 136 47.20 36.33 29.36
N GLU B 137 47.73 35.11 29.20
CA GLU B 137 47.22 34.16 28.21
C GLU B 137 46.11 33.34 28.88
N ILE B 138 44.84 33.55 28.48
CA ILE B 138 43.68 32.88 29.10
C ILE B 138 42.78 32.25 28.04
N VAL B 139 42.25 31.04 28.30
CA VAL B 139 41.32 30.40 27.35
C VAL B 139 39.88 30.74 27.75
N LYS B 140 39.08 31.13 26.77
CA LYS B 140 37.69 31.50 26.99
C LYS B 140 36.79 30.45 26.38
N VAL B 141 35.85 29.93 27.18
CA VAL B 141 34.94 28.84 26.78
C VAL B 141 33.50 29.20 27.10
N LYS B 142 32.57 28.80 26.22
CA LYS B 142 31.13 29.00 26.41
C LYS B 142 30.45 27.65 26.47
N ALA B 143 29.65 27.42 27.51
CA ALA B 143 28.91 26.20 27.66
C ALA B 143 27.43 26.54 27.84
N ILE B 144 26.56 25.57 27.59
CA ILE B 144 25.12 25.78 27.70
C ILE B 144 24.53 24.71 28.63
N GLY B 145 23.60 25.10 29.49
CA GLY B 145 22.97 24.16 30.42
C GLY B 145 22.11 23.18 29.65
N ARG B 146 22.24 21.86 29.95
CA ARG B 146 21.46 20.83 29.30
C ARG B 146 20.62 20.06 30.31
N GLN B 147 20.99 18.84 30.73
CA GLN B 147 20.16 18.09 31.69
C GLN B 147 20.38 18.51 33.15
N ARG B 148 19.35 18.29 33.98
CA ARG B 148 19.38 18.55 35.42
C ARG B 148 19.73 17.23 36.09
N PHE B 149 20.35 17.28 37.28
CA PHE B 149 20.72 16.06 38.00
C PHE B 149 20.61 16.15 39.52
N LYS B 150 20.63 14.96 40.16
CA LYS B 150 20.70 14.81 41.60
C LYS B 150 22.10 14.26 41.89
N VAL B 151 22.80 14.86 42.85
CA VAL B 151 24.17 14.52 43.22
C VAL B 151 24.16 13.28 44.12
N LEU B 152 24.87 12.20 43.73
CA LEU B 152 24.97 10.95 44.49
C LEU B 152 26.28 10.88 45.26
N GLU B 153 27.43 11.06 44.58
CA GLU B 153 28.77 11.03 45.19
C GLU B 153 29.62 12.16 44.64
N LEU B 154 30.49 12.75 45.48
CA LEU B 154 31.39 13.85 45.10
C LEU B 154 32.85 13.47 45.45
N ARG B 155 33.43 12.52 44.71
CA ARG B 155 34.83 12.12 44.96
C ARG B 155 35.77 13.17 44.35
N THR B 156 36.75 13.63 45.13
CA THR B 156 37.74 14.63 44.68
C THR B 156 39.03 13.92 44.24
N GLN B 157 39.59 14.31 43.08
CA GLN B 157 40.78 13.69 42.49
C GLN B 157 42.07 14.24 43.10
N SER B 158 43.24 13.79 42.57
CA SER B 158 44.58 14.27 42.95
C SER B 158 44.67 15.79 42.79
N ASP B 159 44.07 16.31 41.70
CA ASP B 159 44.05 17.75 41.39
C ASP B 159 42.93 18.43 42.19
N GLY B 160 42.74 19.72 41.97
CA GLY B 160 41.64 20.46 42.58
C GLY B 160 40.30 20.06 41.97
N ILE B 161 40.33 19.52 40.73
CA ILE B 161 39.16 19.05 40.00
C ILE B 161 38.59 17.79 40.68
N GLN B 162 37.25 17.69 40.70
CA GLN B 162 36.52 16.59 41.31
C GLN B 162 35.46 16.00 40.39
N GLN B 163 35.33 14.67 40.40
CA GLN B 163 34.30 13.97 39.63
C GLN B 163 33.00 13.97 40.43
N ALA B 164 31.89 13.60 39.79
CA ALA B 164 30.60 13.59 40.46
C ALA B 164 29.66 12.52 39.91
N LYS B 165 29.32 11.50 40.74
CA LYS B 165 28.37 10.47 40.36
C LYS B 165 27.02 11.15 40.48
N VAL B 166 26.23 11.09 39.41
CA VAL B 166 25.00 11.84 39.32
C VAL B 166 23.89 11.07 38.64
N GLN B 167 22.63 11.30 39.07
CA GLN B 167 21.46 10.66 38.47
C GLN B 167 20.70 11.74 37.67
N ILE B 168 20.48 11.51 36.36
CA ILE B 168 19.81 12.47 35.48
C ILE B 168 18.33 12.58 35.83
N LEU B 169 17.86 13.78 36.20
CA LEU B 169 16.45 14.01 36.52
C LEU B 169 15.71 14.28 35.21
N PRO B 170 14.62 13.52 34.92
CA PRO B 170 13.92 13.71 33.65
C PRO B 170 13.04 14.94 33.60
N GLU B 171 12.73 15.42 32.39
CA GLU B 171 11.83 16.56 32.20
C GLU B 171 10.44 15.99 32.16
N CYS B 172 9.64 16.26 33.20
CA CYS B 172 8.27 15.73 33.27
C CYS B 172 7.37 16.49 32.30
N VAL B 173 6.81 15.78 31.29
CA VAL B 173 5.90 16.38 30.30
C VAL B 173 4.56 15.64 30.41
N LEU B 174 3.50 16.34 30.83
CA LEU B 174 2.17 15.74 31.00
C LEU B 174 1.26 16.15 29.87
N PRO B 175 0.23 15.33 29.56
CA PRO B 175 -0.72 15.72 28.52
C PRO B 175 -1.67 16.79 29.04
N SER B 176 -2.58 17.27 28.20
CA SER B 176 -3.54 18.26 28.66
C SER B 176 -4.31 17.69 29.83
N THR B 177 -4.61 18.52 30.82
CA THR B 177 -5.39 18.10 31.99
C THR B 177 -6.77 17.47 31.55
N MET B 178 -7.33 17.93 30.42
CA MET B 178 -8.59 17.43 29.85
C MET B 178 -8.44 16.22 28.91
N SER B 179 -7.22 15.89 28.44
CA SER B 179 -6.97 14.79 27.51
C SER B 179 -7.68 13.49 27.84
N ALA B 180 -7.72 13.13 29.13
CA ALA B 180 -8.38 11.91 29.61
C ALA B 180 -9.91 12.02 29.50
N VAL B 181 -10.46 13.07 30.08
CA VAL B 181 -11.91 13.29 30.15
C VAL B 181 -12.58 13.85 28.87
N GLN B 182 -11.81 14.26 27.82
CA GLN B 182 -12.42 14.85 26.61
C GLN B 182 -13.35 13.86 25.91
N LEU B 183 -14.51 14.38 25.46
CA LEU B 183 -15.51 13.58 24.74
C LEU B 183 -15.04 13.41 23.32
N GLU B 184 -15.27 12.22 22.75
CA GLU B 184 -14.85 11.92 21.38
C GLU B 184 -15.51 12.89 20.41
N SER B 185 -16.81 13.18 20.62
CA SER B 185 -17.55 14.13 19.79
C SER B 185 -16.90 15.52 19.82
N LEU B 186 -16.48 15.98 21.02
CA LEU B 186 -15.85 17.29 21.21
C LEU B 186 -14.34 17.32 20.89
N ASN B 187 -13.70 16.18 20.54
CA ASN B 187 -12.27 16.18 20.20
C ASN B 187 -11.96 17.10 19.02
N LYS B 188 -12.81 17.11 17.99
CA LYS B 188 -12.58 17.96 16.81
C LYS B 188 -12.70 19.46 17.12
N CYS B 189 -13.49 19.85 18.16
CA CYS B 189 -13.64 21.26 18.55
C CYS B 189 -12.49 21.74 19.44
N GLN B 190 -11.61 20.84 19.93
CA GLN B 190 -10.48 21.26 20.78
C GLN B 190 -9.47 22.14 20.07
N ILE B 191 -9.33 22.01 18.73
CA ILE B 191 -8.33 22.78 17.98
C ILE B 191 -8.90 24.16 17.72
N PHE B 192 -7.23 25.65 18.09
CA PHE B 192 -8.01 26.86 17.91
C PHE B 192 -7.75 27.41 16.52
N PRO B 193 -8.66 28.20 15.92
CA PRO B 193 -8.35 28.76 14.61
C PRO B 193 -7.35 29.93 14.68
N SER B 194 -6.06 29.60 14.90
CA SER B 194 -4.94 30.56 14.97
C SER B 194 -5.00 31.55 16.15
N LYS B 195 -3.88 32.27 16.36
CA LYS B 195 -3.73 33.27 17.43
C LYS B 195 -4.10 34.67 16.90
N PRO B 196 -4.59 35.60 17.76
CA PRO B 196 -4.92 36.95 17.27
C PRO B 196 -3.70 37.82 17.01
N VAL B 197 -2.52 37.49 17.64
CA VAL B 197 -1.20 38.14 17.61
C VAL B 197 -1.24 39.68 17.33
N SER B 198 -2.20 40.35 17.99
CA SER B 198 -2.36 41.80 17.98
C SER B 198 -2.28 42.10 19.46
N ARG B 199 -1.16 42.73 19.89
CA ARG B 199 -0.91 43.06 21.29
C ARG B 199 -2.17 43.42 22.07
N GLU B 200 -3.01 44.31 21.50
CA GLU B 200 -4.26 44.78 22.11
C GLU B 200 -5.32 43.68 22.22
N ASP B 201 -5.50 42.87 21.15
CA ASP B 201 -6.54 41.81 21.10
C ASP B 201 -6.27 40.62 22.05
N GLN B 202 -5.00 40.24 22.22
CA GLN B 202 -4.72 39.15 23.16
C GLN B 202 -4.50 39.71 24.63
N CYS B 203 -4.11 41.01 24.78
CA CYS B 203 -4.05 41.64 26.12
C CYS B 203 -5.50 41.77 26.65
N SER B 204 -6.48 41.96 25.73
CA SER B 204 -7.91 42.00 26.05
C SER B 204 -8.36 40.60 26.48
N TYR B 205 -8.85 40.49 27.73
CA TYR B 205 -9.25 39.23 28.35
C TYR B 205 -10.44 38.50 27.66
N LYS B 206 -11.11 39.11 26.66
CA LYS B 206 -12.21 38.45 25.97
C LYS B 206 -11.75 37.20 25.20
N TRP B 207 -10.53 37.22 24.63
CA TRP B 207 -9.98 36.05 23.93
C TRP B 207 -9.64 34.91 24.90
N TRP B 208 -8.98 35.23 26.02
CA TRP B 208 -8.65 34.22 27.03
C TRP B 208 -9.93 33.62 27.65
N GLN B 209 -11.06 34.40 27.71
CA GLN B 209 -12.36 33.92 28.19
C GLN B 209 -12.85 32.81 27.27
N LYS B 210 -12.76 33.08 25.78
CA LYS B 210 -13.13 32.12 24.76
C LYS B 210 -12.24 30.87 24.81
N TYR B 211 -10.93 31.06 25.02
CA TYR B 211 -9.97 29.97 25.17
C TYR B 211 -10.33 29.02 26.32
N GLN B 212 -10.62 29.60 27.50
CA GLN B 212 -10.98 28.84 28.69
C GLN B 212 -12.25 28.04 28.46
N LYS B 213 -13.30 28.72 27.97
CA LYS B 213 -14.59 28.09 27.67
C LYS B 213 -14.45 26.90 26.72
N ARG B 214 -13.59 27.01 25.70
CA ARG B 214 -13.39 25.94 24.72
C ARG B 214 -12.49 24.83 25.20
N LYS B 215 -11.29 25.17 25.66
CA LYS B 215 -10.31 24.15 26.06
C LYS B 215 -10.77 23.31 27.24
N PHE B 216 -11.36 23.94 28.28
CA PHE B 216 -11.81 23.25 29.49
C PHE B 216 -13.31 23.05 29.56
N HIS B 217 -14.00 22.85 28.42
CA HIS B 217 -15.44 22.62 28.44
C HIS B 217 -15.77 21.38 29.25
N CYS B 218 -14.99 20.30 29.07
CA CYS B 218 -15.21 19.03 29.79
C CYS B 218 -14.88 19.07 31.29
N ALA B 219 -14.56 20.25 31.86
CA ALA B 219 -14.40 20.40 33.29
C ALA B 219 -15.75 20.07 33.97
N ASN B 220 -16.89 20.26 33.25
CA ASN B 220 -18.24 19.92 33.71
C ASN B 220 -18.39 18.42 34.06
N LEU B 221 -17.62 17.53 33.40
CA LEU B 221 -17.63 16.09 33.71
C LEU B 221 -16.88 15.81 35.00
N THR B 222 -15.93 16.68 35.38
CA THR B 222 -15.11 16.50 36.57
C THR B 222 -15.72 17.18 37.78
N SER B 223 -14.98 17.17 38.90
CA SER B 223 -15.36 17.77 40.18
C SER B 223 -14.85 19.23 40.35
N TRP B 224 -14.17 19.80 39.32
CA TRP B 224 -13.61 21.17 39.39
C TRP B 224 -14.05 22.05 38.23
N PRO B 225 -14.00 23.40 38.40
CA PRO B 225 -14.40 24.31 37.31
C PRO B 225 -13.29 24.59 36.29
N ARG B 226 -13.69 25.23 35.18
CA ARG B 226 -12.78 25.59 34.09
C ARG B 226 -11.66 26.47 34.61
N TRP B 227 -12.00 27.50 35.39
CA TRP B 227 -11.00 28.41 35.95
C TRP B 227 -9.97 27.73 36.82
N LEU B 228 -10.28 26.58 37.43
CA LEU B 228 -9.26 25.87 38.20
C LEU B 228 -8.27 25.25 37.22
N TYR B 229 -8.77 24.62 36.15
CA TYR B 229 -7.89 24.01 35.18
C TYR B 229 -6.95 25.03 34.51
N SER B 230 -7.39 26.30 34.37
CA SER B 230 -6.55 27.37 33.83
C SER B 230 -5.34 27.65 34.74
N LEU B 231 -5.48 27.43 36.06
CA LEU B 231 -4.38 27.64 37.01
C LEU B 231 -3.26 26.61 36.83
N TYR B 232 -3.53 25.48 36.15
CA TYR B 232 -2.53 24.47 35.84
C TYR B 232 -2.33 24.38 34.31
N ASP B 233 -2.67 25.45 33.55
CA ASP B 233 -2.50 25.48 32.10
C ASP B 233 -1.20 26.19 31.71
N ALA B 234 -0.37 25.56 30.87
CA ALA B 234 0.90 26.14 30.45
C ALA B 234 0.74 27.51 29.78
N GLU B 235 -0.08 27.59 28.71
CA GLU B 235 -0.28 28.82 27.94
C GLU B 235 -0.78 29.99 28.78
N THR B 236 -1.77 29.74 29.67
CA THR B 236 -2.31 30.77 30.55
C THR B 236 -1.25 31.24 31.55
N LEU B 237 -0.52 30.29 32.15
CA LEU B 237 0.53 30.62 33.11
C LEU B 237 1.66 31.46 32.47
N MET B 238 2.08 31.12 31.22
CA MET B 238 3.13 31.88 30.53
C MET B 238 2.66 33.30 30.32
N ASP B 239 1.44 33.45 29.76
CA ASP B 239 0.83 34.75 29.51
C ASP B 239 0.79 35.59 30.81
N ARG B 240 0.35 35.01 31.93
CA ARG B 240 0.34 35.71 33.23
C ARG B 240 1.73 36.24 33.60
N ILE B 241 2.78 35.43 33.39
CA ILE B 241 4.16 35.83 33.69
C ILE B 241 4.55 37.00 32.78
N LYS B 242 4.41 36.81 31.45
CA LYS B 242 4.71 37.85 30.45
C LYS B 242 4.09 39.19 30.86
N LYS B 243 2.79 39.19 31.21
CA LYS B 243 2.08 40.39 31.62
C LYS B 243 2.69 41.02 32.88
N GLN B 244 3.06 40.20 33.90
CA GLN B 244 3.67 40.72 35.12
C GLN B 244 5.12 41.18 34.91
N LEU B 245 5.85 40.57 33.95
CA LEU B 245 7.22 40.99 33.63
C LEU B 245 7.18 42.34 32.94
N ARG B 246 6.18 42.55 32.05
CA ARG B 246 6.01 43.84 31.38
C ARG B 246 5.64 44.92 32.42
N GLU B 247 4.81 44.54 33.41
CA GLU B 247 4.42 45.43 34.51
C GLU B 247 5.64 45.89 35.32
N TRP B 248 6.61 44.97 35.54
CA TRP B 248 7.86 45.31 36.25
C TRP B 248 8.74 46.24 35.44
N ASP B 249 8.93 45.93 34.15
CA ASP B 249 9.77 46.72 33.25
C ASP B 249 9.23 46.64 31.82
N GLU B 250 9.12 47.79 31.14
CA GLU B 250 8.66 47.80 29.73
C GLU B 250 9.74 47.17 28.79
N ASN B 251 9.33 46.18 27.95
CA ASN B 251 10.24 45.47 27.01
C ASN B 251 9.49 44.74 25.87
N LEU B 252 10.24 44.30 24.83
CA LEU B 252 9.68 43.57 23.68
C LEU B 252 9.45 42.12 24.08
N LYS B 253 8.18 41.66 24.10
CA LYS B 253 7.84 40.31 24.54
C LYS B 253 8.10 39.20 23.50
N ASP B 254 7.74 39.44 22.21
CA ASP B 254 7.88 38.44 21.15
C ASP B 254 9.31 37.95 20.97
N ASP B 255 10.27 38.86 21.05
CA ASP B 255 11.68 38.52 20.86
C ASP B 255 12.31 37.90 22.10
N SER B 256 12.20 38.60 23.24
CA SER B 256 12.85 38.23 24.50
C SER B 256 12.47 36.84 25.09
N LEU B 257 11.19 36.42 25.04
CA LEU B 257 10.78 35.15 25.67
C LEU B 257 10.34 34.06 24.68
N PRO B 258 10.81 32.80 24.86
CA PRO B 258 10.41 31.72 23.93
C PRO B 258 8.95 31.27 24.07
N SER B 259 8.39 30.74 22.98
CA SER B 259 7.00 30.28 22.97
C SER B 259 6.82 28.92 23.67
N ASN B 260 7.88 28.09 23.77
CA ASN B 260 7.80 26.77 24.41
C ASN B 260 7.74 26.92 25.93
N PRO B 261 6.81 26.24 26.64
CA PRO B 261 6.76 26.39 28.11
C PRO B 261 7.97 25.83 28.88
N ILE B 262 8.64 24.79 28.36
CA ILE B 262 9.83 24.22 29.00
C ILE B 262 10.92 25.29 28.95
N ASP B 263 11.17 25.82 27.73
CA ASP B 263 12.18 26.85 27.50
C ASP B 263 11.83 28.13 28.24
N PHE B 264 10.56 28.57 28.17
CA PHE B 264 10.06 29.78 28.84
C PHE B 264 10.29 29.70 30.35
N SER B 265 9.84 28.59 30.97
CA SER B 265 9.98 28.41 32.42
C SER B 265 11.46 28.52 32.84
N TYR B 266 12.39 27.88 32.10
CA TYR B 266 13.82 28.01 32.43
C TYR B 266 14.34 29.44 32.25
N ARG B 267 14.04 30.07 31.10
CA ARG B 267 14.43 31.46 30.83
C ARG B 267 14.03 32.39 32.00
N VAL B 268 12.79 32.23 32.52
CA VAL B 268 12.29 33.03 33.64
C VAL B 268 13.05 32.65 34.92
N ALA B 269 13.21 31.34 35.21
CA ALA B 269 13.91 30.87 36.42
C ALA B 269 15.33 31.45 36.50
N ALA B 270 15.96 31.66 35.33
CA ALA B 270 17.29 32.27 35.29
C ALA B 270 17.25 33.78 35.54
N CYS B 271 16.30 34.50 34.91
CA CYS B 271 16.23 35.95 35.03
C CYS B 271 15.52 36.52 36.28
N LEU B 272 14.82 35.72 37.12
CA LEU B 272 14.08 36.31 38.25
C LEU B 272 15.01 37.00 39.29
N PRO B 273 14.60 38.14 39.90
CA PRO B 273 15.47 38.82 40.90
C PRO B 273 15.41 38.12 42.25
N ILE B 274 16.10 36.97 42.36
CA ILE B 274 16.08 36.15 43.57
C ILE B 274 17.45 35.59 43.95
N ASP B 275 17.53 35.13 45.21
CA ASP B 275 18.70 34.51 45.79
C ASP B 275 18.91 33.16 45.10
N ASP B 276 20.17 32.76 44.87
CA ASP B 276 20.47 31.47 44.24
C ASP B 276 20.02 30.28 45.08
N VAL B 277 19.95 30.44 46.43
CA VAL B 277 19.43 29.38 47.31
C VAL B 277 17.94 29.18 47.03
N LEU B 278 17.20 30.28 46.79
CA LEU B 278 15.79 30.19 46.42
C LEU B 278 15.67 29.58 45.02
N ARG B 279 16.55 29.97 44.08
CA ARG B 279 16.59 29.46 42.71
C ARG B 279 16.72 27.93 42.66
N ILE B 280 17.39 27.30 43.65
CA ILE B 280 17.51 25.85 43.69
C ILE B 280 16.12 25.20 43.66
N GLN B 281 15.12 25.84 44.29
CA GLN B 281 13.75 25.33 44.31
C GLN B 281 13.23 25.16 42.89
N LEU B 282 13.44 26.16 42.01
CA LEU B 282 13.05 26.05 40.61
C LEU B 282 13.85 24.93 39.89
N LEU B 283 15.16 24.75 40.22
CA LEU B 283 15.94 23.69 39.60
C LEU B 283 15.39 22.31 39.99
N LYS B 284 14.99 22.15 41.26
CA LYS B 284 14.43 20.88 41.76
C LYS B 284 13.13 20.49 41.06
N ILE B 285 12.30 21.47 40.64
CA ILE B 285 11.03 21.19 39.97
C ILE B 285 11.26 20.57 38.57
N GLY B 286 10.56 19.47 38.30
CA GLY B 286 10.68 18.73 37.05
C GLY B 286 9.60 19.00 36.03
N SER B 287 8.40 19.43 36.45
CA SER B 287 7.30 19.73 35.53
C SER B 287 7.29 21.20 35.20
N ALA B 288 7.29 21.54 33.89
CA ALA B 288 7.24 22.95 33.49
C ALA B 288 5.98 23.65 34.03
N ILE B 289 4.85 22.91 34.21
CA ILE B 289 3.60 23.48 34.76
C ILE B 289 3.88 23.98 36.17
N GLN B 290 4.41 23.09 37.02
CA GLN B 290 4.75 23.41 38.41
C GLN B 290 5.80 24.51 38.45
N ARG B 291 6.78 24.46 37.52
CA ARG B 291 7.85 25.44 37.44
C ARG B 291 7.29 26.85 37.20
N LEU B 292 6.31 26.97 36.26
CA LEU B 292 5.67 28.26 35.95
C LEU B 292 4.80 28.73 37.12
N ARG B 293 4.06 27.80 37.75
CA ARG B 293 3.22 28.15 38.90
C ARG B 293 4.06 28.65 40.06
N CYS B 294 5.25 28.07 40.23
CA CYS B 294 6.19 28.46 41.26
C CYS B 294 6.76 29.84 40.97
N GLU B 295 7.07 30.10 39.69
CA GLU B 295 7.58 31.41 39.28
C GLU B 295 6.57 32.50 39.53
N LEU B 296 5.28 32.25 39.26
CA LEU B 296 4.25 33.25 39.56
C LEU B 296 4.13 33.48 41.06
N ASP B 297 4.33 32.44 41.89
CA ASP B 297 4.28 32.60 43.33
C ASP B 297 5.43 33.49 43.78
N ILE B 298 6.65 33.18 43.31
CA ILE B 298 7.86 33.97 43.59
C ILE B 298 7.60 35.42 43.21
N MET B 299 7.06 35.65 42.00
CA MET B 299 6.76 37.00 41.49
C MET B 299 5.80 37.74 42.41
N ASN B 300 4.73 37.08 42.83
CA ASN B 300 3.74 37.67 43.74
C ASN B 300 4.33 37.96 45.12
N LYS B 301 5.37 37.21 45.52
CA LYS B 301 6.02 37.40 46.80
C LYS B 301 7.07 38.53 46.79
N CYS B 302 7.35 39.16 45.62
CA CYS B 302 8.29 40.28 45.54
C CYS B 302 7.57 41.58 45.89
N THR B 303 7.20 41.70 47.17
CA THR B 303 6.47 42.85 47.70
C THR B 303 7.38 43.96 48.24
N SER B 304 8.71 43.85 48.06
CA SER B 304 9.64 44.90 48.49
C SER B 304 10.45 45.35 47.31
N LEU B 305 11.14 46.48 47.47
CA LEU B 305 11.98 47.05 46.44
C LEU B 305 13.34 47.29 47.00
N CYS B 306 14.38 46.96 46.22
CA CYS B 306 15.77 47.09 46.65
C CYS B 306 16.58 47.88 45.65
N CYS B 307 17.82 48.21 46.06
CA CYS B 307 18.78 48.93 45.24
C CYS B 307 19.07 48.10 43.99
N LYS B 308 18.63 48.57 42.82
CA LYS B 308 18.85 47.83 41.58
C LYS B 308 20.34 47.55 41.36
N GLN B 309 21.22 48.49 41.77
CA GLN B 309 22.66 48.33 41.57
C GLN B 309 23.28 47.25 42.42
N CYS B 310 23.19 47.35 43.75
CA CYS B 310 23.82 46.34 44.60
C CYS B 310 22.90 45.18 44.91
N GLN B 311 21.58 45.42 45.02
CA GLN B 311 20.59 44.39 45.34
C GLN B 311 20.86 43.75 46.68
N GLU B 312 21.43 44.51 47.63
CA GLU B 312 21.74 44.02 48.97
C GLU B 312 21.00 44.84 50.01
N THR B 313 20.17 45.77 49.59
CA THR B 313 19.59 46.78 50.44
C THR B 313 18.09 46.88 50.15
N GLU B 314 17.21 46.50 51.11
CA GLU B 314 15.75 46.64 50.94
C GLU B 314 15.40 48.09 51.28
N ILE B 315 14.99 48.85 50.27
CA ILE B 315 14.69 50.26 50.46
C ILE B 315 13.33 50.41 51.12
N THR B 316 12.30 49.88 50.47
CA THR B 316 10.94 50.01 50.95
C THR B 316 10.07 48.81 50.54
N THR B 317 8.84 48.79 51.04
CA THR B 317 7.85 47.76 50.72
C THR B 317 6.69 48.38 49.98
N LYS B 318 5.99 47.58 49.17
CA LYS B 318 4.82 48.05 48.43
C LYS B 318 3.72 48.60 49.36
N ASN B 319 3.66 48.09 50.62
CA ASN B 319 2.69 48.56 51.63
C ASN B 319 2.90 50.04 51.95
N GLU B 320 4.16 50.53 51.89
CA GLU B 320 4.49 51.93 52.17
C GLU B 320 4.13 52.87 51.02
N ILE B 321 3.73 52.36 49.83
CA ILE B 321 3.36 53.21 48.70
C ILE B 321 2.11 53.99 49.05
N PHE B 322 2.05 55.25 48.62
CA PHE B 322 0.88 56.10 48.88
C PHE B 322 0.75 57.16 47.80
N SER B 323 -0.48 57.64 47.59
CA SER B 323 -0.79 58.64 46.57
C SER B 323 -0.89 60.00 47.26
N LEU B 324 0.06 60.91 47.00
CA LEU B 324 0.03 62.26 47.58
C LEU B 324 -0.97 63.12 46.80
N SER B 325 -0.90 63.06 45.45
CA SER B 325 -1.81 63.78 44.55
C SER B 325 -2.66 62.79 43.77
N LEU B 326 -3.78 63.27 43.21
CA LEU B 326 -4.70 62.44 42.41
C LEU B 326 -4.05 61.81 41.16
N CYS B 327 -2.88 62.33 40.70
CA CYS B 327 -2.14 61.76 39.55
C CYS B 327 -1.85 60.26 39.74
N GLY B 328 -1.46 59.88 40.97
CA GLY B 328 -1.13 58.51 41.32
C GLY B 328 0.10 58.41 42.22
N PRO B 329 0.47 57.21 42.68
CA PRO B 329 1.67 57.09 43.54
C PRO B 329 2.96 57.33 42.75
N MET B 330 3.04 56.79 41.52
CA MET B 330 4.19 56.98 40.64
C MET B 330 3.84 57.97 39.53
N ALA B 331 4.73 58.93 39.30
CA ALA B 331 4.54 59.95 38.27
C ALA B 331 5.88 60.51 37.82
N ALA B 332 5.96 60.95 36.57
CA ALA B 332 7.20 61.48 36.00
C ALA B 332 7.32 62.97 36.26
N TYR B 333 8.45 63.42 36.83
CA TYR B 333 8.71 64.83 37.10
C TYR B 333 10.03 65.21 36.48
N VAL B 334 10.13 66.42 35.91
CA VAL B 334 11.39 66.90 35.33
C VAL B 334 12.08 67.81 36.33
N ASN B 335 13.41 67.85 36.32
CA ASN B 335 14.20 68.69 37.22
C ASN B 335 14.59 69.98 36.48
N PRO B 336 15.26 70.96 37.11
CA PRO B 336 15.56 72.21 36.38
C PRO B 336 16.58 72.10 35.22
N HIS B 337 17.25 70.95 35.06
CA HIS B 337 18.21 70.72 33.97
C HIS B 337 17.70 69.76 32.87
N GLY B 338 16.42 69.40 32.89
CA GLY B 338 15.83 68.53 31.90
C GLY B 338 15.89 67.03 32.16
N TYR B 339 16.34 66.61 33.36
CA TYR B 339 16.37 65.17 33.67
C TYR B 339 14.97 64.75 34.14
N VAL B 340 14.35 63.77 33.47
CA VAL B 340 13.01 63.29 33.85
C VAL B 340 13.13 62.10 34.79
N HIS B 341 12.39 62.12 35.91
CA HIS B 341 12.43 61.07 36.92
C HIS B 341 11.06 60.46 37.18
N GLU B 342 10.86 59.17 36.84
CA GLU B 342 9.62 58.45 37.15
C GLU B 342 9.76 58.19 38.65
N THR B 343 9.06 58.97 39.48
CA THR B 343 9.21 58.91 40.93
C THR B 343 8.04 58.27 41.64
N LEU B 344 8.34 57.28 42.52
CA LEU B 344 7.38 56.58 43.36
C LEU B 344 7.39 57.23 44.74
N THR B 345 6.21 57.51 45.32
CA THR B 345 6.09 58.12 46.64
C THR B 345 5.80 57.04 47.69
N VAL B 346 6.64 56.95 48.74
CA VAL B 346 6.46 55.97 49.83
C VAL B 346 6.53 56.70 51.16
N TYR B 347 5.74 56.26 52.15
CA TYR B 347 5.72 56.89 53.49
C TYR B 347 7.04 56.73 54.20
N LYS B 348 7.64 55.54 54.13
CA LYS B 348 8.91 55.23 54.79
C LYS B 348 9.84 54.49 53.84
N ALA B 349 11.15 54.67 54.07
CA ALA B 349 12.21 54.01 53.32
C ALA B 349 13.43 53.91 54.24
N CYS B 350 14.32 52.93 54.00
CA CYS B 350 15.51 52.74 54.84
C CYS B 350 16.70 52.20 54.08
N ASN B 351 17.86 52.16 54.73
CA ASN B 351 19.15 51.77 54.15
C ASN B 351 19.59 52.82 53.17
N LEU B 352 19.37 54.10 53.55
CA LEU B 352 19.74 55.25 52.74
C LEU B 352 20.52 56.26 53.57
N ASN B 353 21.44 56.99 52.92
CA ASN B 353 22.19 58.10 53.53
C ASN B 353 21.71 59.36 52.86
N LEU B 354 21.65 60.48 53.60
CA LEU B 354 21.25 61.75 53.01
C LEU B 354 22.49 62.55 52.68
N ILE B 355 22.47 63.27 51.54
CA ILE B 355 23.58 64.10 51.06
C ILE B 355 23.15 65.56 51.10
N GLY B 356 23.98 66.40 51.72
CA GLY B 356 23.71 67.83 51.84
C GLY B 356 22.58 68.19 52.79
N ARG B 357 22.17 69.46 52.77
CA ARG B 357 21.07 69.97 53.59
C ARG B 357 19.77 69.98 52.77
N PRO B 358 18.58 70.03 53.39
CA PRO B 358 17.35 70.07 52.60
C PRO B 358 17.21 71.36 51.80
N SER B 359 16.48 71.30 50.68
CA SER B 359 16.26 72.47 49.83
C SER B 359 14.86 72.45 49.25
N THR B 360 14.25 73.63 49.14
CA THR B 360 12.93 73.82 48.55
C THR B 360 13.04 74.27 47.09
N GLU B 361 14.27 74.52 46.59
CA GLU B 361 14.49 74.99 45.22
C GLU B 361 13.94 74.00 44.19
N HIS B 362 12.90 74.38 43.44
N HIS B 362 12.90 74.40 43.47
CA HIS B 362 12.26 73.57 42.40
CA HIS B 362 12.22 73.62 42.43
C HIS B 362 11.70 72.24 42.96
C HIS B 362 11.71 72.26 42.96
N SER B 363 11.07 72.28 44.15
CA SER B 363 10.49 71.07 44.76
C SER B 363 9.27 70.62 43.96
N TRP B 364 9.16 69.32 43.69
CA TRP B 364 8.03 68.76 42.94
C TRP B 364 6.75 68.71 43.78
N PHE B 365 6.86 68.80 45.13
CA PHE B 365 5.70 68.75 46.02
C PHE B 365 5.75 70.02 46.87
N PRO B 366 5.11 71.12 46.41
CA PRO B 366 5.18 72.38 47.15
C PRO B 366 4.85 72.24 48.63
N GLY B 367 5.64 72.88 49.46
CA GLY B 367 5.53 72.79 50.91
C GLY B 367 6.51 71.83 51.52
N TYR B 368 7.28 71.06 50.68
CA TYR B 368 8.29 70.09 51.14
C TYR B 368 9.67 70.43 50.61
N ALA B 369 10.71 70.05 51.39
CA ALA B 369 12.12 70.26 51.03
C ALA B 369 12.78 68.90 50.77
N TRP B 370 13.42 68.76 49.61
CA TRP B 370 14.09 67.52 49.21
C TRP B 370 15.51 67.44 49.73
N THR B 371 15.92 66.21 50.10
CA THR B 371 17.29 65.90 50.55
C THR B 371 17.72 64.65 49.77
N VAL B 372 18.82 64.73 49.02
CA VAL B 372 19.25 63.61 48.17
C VAL B 372 19.56 62.36 49.00
N ALA B 373 18.96 61.21 48.61
CA ALA B 373 19.11 59.93 49.30
C ALA B 373 19.83 58.90 48.43
N GLN B 374 20.84 58.22 48.98
CA GLN B 374 21.61 57.21 48.25
C GLN B 374 21.74 55.91 49.06
N CYS B 375 22.03 54.79 48.37
CA CYS B 375 22.17 53.47 48.96
C CYS B 375 23.25 53.43 50.02
N LYS B 376 22.94 52.84 51.19
CA LYS B 376 23.89 52.71 52.29
C LYS B 376 25.13 51.89 51.89
N ILE B 377 24.94 50.88 50.99
CA ILE B 377 26.01 49.97 50.57
C ILE B 377 26.83 50.50 49.38
N CYS B 378 26.19 50.73 48.22
CA CYS B 378 26.90 51.14 47.00
C CYS B 378 26.89 52.63 46.71
N ALA B 379 26.18 53.46 47.51
CA ALA B 379 26.11 54.92 47.31
C ALA B 379 25.42 55.35 46.02
N SER B 380 24.66 54.45 45.36
CA SER B 380 23.94 54.79 44.13
C SER B 380 22.74 55.63 44.51
N HIS B 381 22.41 56.63 43.68
CA HIS B 381 21.29 57.52 43.97
C HIS B 381 19.96 56.80 43.91
N ILE B 382 19.21 56.79 45.01
CA ILE B 382 17.90 56.14 45.08
C ILE B 382 16.73 57.13 44.94
N GLY B 383 16.92 58.37 45.35
CA GLY B 383 15.88 59.39 45.26
C GLY B 383 16.07 60.48 46.26
N TRP B 384 14.97 60.98 46.88
CA TRP B 384 15.03 62.06 47.85
C TRP B 384 14.11 61.85 49.04
N LYS B 385 14.44 62.51 50.17
CA LYS B 385 13.62 62.51 51.37
C LYS B 385 12.92 63.86 51.39
N PHE B 386 11.57 63.84 51.33
CA PHE B 386 10.76 65.06 51.33
C PHE B 386 10.34 65.33 52.76
N THR B 387 10.75 66.50 53.28
CA THR B 387 10.47 66.92 54.65
C THR B 387 9.65 68.20 54.62
N ALA B 388 8.52 68.25 55.36
CA ALA B 388 7.61 69.39 55.37
C ALA B 388 8.22 70.63 55.97
N THR B 389 7.83 71.78 55.44
CA THR B 389 8.29 73.09 55.89
C THR B 389 7.41 73.63 57.02
N LYS B 390 6.09 73.36 56.97
CA LYS B 390 5.11 73.79 57.96
C LYS B 390 4.74 72.65 58.91
N LYS B 391 4.07 72.98 60.02
CA LYS B 391 3.63 72.00 61.02
C LYS B 391 2.26 71.40 60.69
N ASP B 392 1.45 72.13 59.88
CA ASP B 392 0.11 71.69 59.47
C ASP B 392 0.09 70.78 58.23
N MET B 393 1.25 70.26 57.79
CA MET B 393 1.33 69.42 56.59
C MET B 393 0.93 67.99 56.94
N SER B 394 0.22 67.31 56.03
CA SER B 394 -0.34 65.98 56.27
C SER B 394 0.70 64.88 56.51
N PRO B 395 1.39 64.24 55.51
CA PRO B 395 2.35 63.20 55.86
C PRO B 395 3.57 63.69 56.67
N GLN B 396 3.94 64.99 56.57
CA GLN B 396 5.05 65.60 57.31
C GLN B 396 6.41 65.18 56.78
N LYS B 397 6.70 63.87 56.74
CA LYS B 397 7.92 63.33 56.15
C LYS B 397 7.59 62.13 55.26
N PHE B 398 8.12 62.11 54.03
CA PHE B 398 7.92 61.01 53.10
C PHE B 398 9.15 60.87 52.18
N TRP B 399 9.10 59.94 51.22
CA TRP B 399 10.23 59.72 50.32
C TRP B 399 9.76 59.62 48.89
N GLY B 400 10.53 60.20 47.98
CA GLY B 400 10.31 60.13 46.54
C GLY B 400 11.44 59.33 45.94
N LEU B 401 11.18 58.06 45.58
CA LEU B 401 12.20 57.18 45.04
C LEU B 401 12.13 57.16 43.52
N THR B 402 13.29 57.14 42.82
CA THR B 402 13.27 57.07 41.35
C THR B 402 13.12 55.59 40.93
N ARG B 403 12.04 55.28 40.15
CA ARG B 403 11.67 53.91 39.71
C ARG B 403 12.84 53.15 39.09
N SER B 404 13.57 53.83 38.20
CA SER B 404 14.75 53.28 37.51
C SER B 404 15.84 52.75 38.46
N ALA B 405 15.96 53.28 39.68
CA ALA B 405 16.95 52.83 40.66
C ALA B 405 16.50 51.64 41.46
N LEU B 406 15.19 51.37 41.50
CA LEU B 406 14.66 50.27 42.29
C LEU B 406 14.48 48.99 41.48
N LEU B 407 14.36 47.87 42.20
CA LEU B 407 14.16 46.55 41.62
C LEU B 407 13.30 45.71 42.57
N PRO B 408 12.31 44.92 42.08
CA PRO B 408 11.48 44.13 43.01
C PRO B 408 12.24 42.99 43.66
N THR B 409 11.90 42.68 44.90
CA THR B 409 12.55 41.59 45.62
C THR B 409 11.68 41.07 46.79
N ILE B 410 11.93 39.81 47.18
CA ILE B 410 11.23 39.17 48.30
C ILE B 410 11.72 39.79 49.61
N PRO B 411 10.82 40.21 50.53
CA PRO B 411 11.31 40.81 51.80
C PRO B 411 12.24 39.87 52.56
N ASP B 412 13.48 40.31 52.83
CA ASP B 412 14.44 39.46 53.54
C ASP B 412 14.20 39.52 55.04
N THR B 413 14.51 38.42 55.75
CA THR B 413 14.39 38.34 57.20
C THR B 413 15.77 38.00 57.75
N GLU B 414 16.66 39.01 57.73
CA GLU B 414 18.03 38.87 58.24
C GLU B 414 18.07 38.69 59.76
N ASP B 415 17.03 39.17 60.49
CA ASP B 415 16.95 39.02 61.94
C ASP B 415 16.72 37.54 62.30
N GLU B 416 17.47 37.05 63.31
CA GLU B 416 17.39 35.66 63.78
C GLU B 416 16.32 35.44 64.88
N ILE B 417 15.48 36.47 65.19
CA ILE B 417 14.43 36.36 66.20
C ILE B 417 13.25 35.53 65.67
N SER B 418 12.82 35.79 64.42
CA SER B 418 11.72 35.06 63.77
C SER B 418 12.01 34.85 62.26
N PRO B 419 13.00 33.98 61.91
CA PRO B 419 13.31 33.75 60.50
C PRO B 419 12.42 32.66 59.91
N ASP B 420 11.18 33.02 59.53
CA ASP B 420 10.22 32.09 58.92
C ASP B 420 10.63 31.93 57.45
N LYS B 421 11.04 30.70 57.04
CA LYS B 421 11.54 30.44 55.68
C LYS B 421 10.49 30.68 54.60
N VAL B 422 10.95 31.07 53.38
CA VAL B 422 10.06 31.30 52.25
C VAL B 422 9.57 29.95 51.77
N ILE B 423 8.25 29.75 51.81
CA ILE B 423 7.60 28.49 51.43
C ILE B 423 6.94 28.68 50.07
N LEU B 424 7.65 28.31 48.99
CA LEU B 424 7.14 28.47 47.63
C LEU B 424 6.09 27.42 47.30
N CYS B 425 5.10 27.81 46.47
CA CYS B 425 3.98 26.96 46.10
C CYS B 425 4.01 26.48 44.65
N LEU B 426 3.64 25.20 44.44
CA LEU B 426 3.53 24.49 43.17
C LEU B 426 2.03 24.36 42.90
N GLY C 2 38.01 70.53 55.34
CA GLY C 2 36.91 70.73 54.41
C GLY C 2 37.30 71.44 53.12
N GLY C 3 36.30 72.06 52.48
CA GLY C 3 36.46 72.81 51.23
C GLY C 3 35.67 74.09 51.26
N ARG C 4 34.38 74.03 50.87
CA ARG C 4 33.47 75.18 50.85
C ARG C 4 32.16 74.82 51.56
N GLY C 5 32.00 75.29 52.81
CA GLY C 5 30.86 74.98 53.66
C GLY C 5 29.47 75.11 53.07
N GLU C 6 29.28 76.09 52.17
CA GLU C 6 27.98 76.30 51.52
C GLU C 6 27.61 75.21 50.52
N ARG C 7 28.60 74.42 50.02
CA ARG C 7 28.40 73.32 49.05
C ARG C 7 27.97 73.88 47.70
N PRO C 8 28.85 74.67 47.05
CA PRO C 8 28.48 75.23 45.75
C PRO C 8 28.50 74.26 44.58
N PHE C 9 29.10 73.07 44.70
CA PHE C 9 29.17 72.11 43.59
C PHE C 9 27.93 71.23 43.54
N GLN C 10 27.03 71.45 42.57
CA GLN C 10 25.79 70.68 42.50
C GLN C 10 25.70 69.74 41.31
N CYS C 11 25.00 68.61 41.49
CA CYS C 11 24.76 67.63 40.45
C CYS C 11 23.50 68.00 39.67
N ASN C 12 23.61 68.07 38.34
CA ASN C 12 22.48 68.43 37.47
C ASN C 12 21.42 67.33 37.36
N GLN C 13 21.79 66.07 37.68
CA GLN C 13 20.89 64.94 37.59
C GLN C 13 20.00 64.79 38.80
N CYS C 14 20.53 64.96 40.03
CA CYS C 14 19.73 64.80 41.25
C CYS C 14 19.77 65.98 42.25
N GLY C 15 20.59 67.01 42.00
CA GLY C 15 20.67 68.16 42.91
C GLY C 15 21.61 67.97 44.09
N ALA C 16 22.38 66.86 44.12
CA ALA C 16 23.34 66.62 45.20
C ALA C 16 24.41 67.70 45.23
N SER C 17 24.50 68.44 46.34
CA SER C 17 25.50 69.50 46.52
C SER C 17 26.73 68.95 47.22
N PHE C 18 27.92 69.49 46.89
CA PHE C 18 29.21 69.06 47.46
C PHE C 18 30.07 70.23 47.85
N THR C 19 30.90 69.97 48.85
CA THR C 19 31.82 70.94 49.44
C THR C 19 33.02 71.16 48.49
N GLN C 20 33.47 70.11 47.77
CA GLN C 20 34.59 70.13 46.82
C GLN C 20 34.19 69.55 45.47
N LYS C 21 34.75 70.12 44.38
CA LYS C 21 34.44 69.69 43.00
C LYS C 21 34.75 68.22 42.80
N GLY C 22 35.85 67.74 43.37
CA GLY C 22 36.24 66.33 43.26
C GLY C 22 35.16 65.37 43.71
N ASN C 23 34.48 65.71 44.83
CA ASN C 23 33.39 64.89 45.38
C ASN C 23 32.21 64.90 44.42
N LEU C 24 31.93 66.05 43.78
CA LEU C 24 30.86 66.11 42.79
C LEU C 24 31.23 65.25 41.57
N LEU C 25 32.50 65.31 41.11
CA LEU C 25 32.93 64.51 39.96
C LEU C 25 32.71 63.03 40.24
N ARG C 26 33.11 62.58 41.44
CA ARG C 26 32.93 61.18 41.88
C ARG C 26 31.43 60.82 41.86
N HIS C 27 30.59 61.73 42.40
CA HIS C 27 29.14 61.54 42.46
C HIS C 27 28.53 61.37 41.09
N ILE C 28 28.89 62.25 40.13
CA ILE C 28 28.33 62.17 38.78
C ILE C 28 28.80 60.87 38.10
N LYS C 29 30.03 60.35 38.41
CA LYS C 29 30.48 59.07 37.84
C LYS C 29 29.60 57.91 38.30
N LEU C 30 29.05 57.97 39.54
CA LEU C 30 28.15 56.92 40.04
C LEU C 30 26.82 56.83 39.27
N HIS C 31 26.31 57.97 38.71
CA HIS C 31 25.06 57.97 37.94
C HIS C 31 25.20 57.16 36.64
N SER C 32 26.43 57.10 36.07
CA SER C 32 26.73 56.37 34.84
C SER C 32 26.58 54.83 35.06
N GLY C 33 27.14 54.33 36.16
CA GLY C 33 27.03 52.93 36.56
C GLY C 33 27.74 51.96 35.63
N MET D 21 -8.19 -82.08 26.66
CA MET D 21 -8.76 -82.34 27.98
C MET D 21 -10.09 -81.56 28.20
N SER D 22 -10.77 -81.13 27.11
CA SER D 22 -12.07 -80.45 27.19
C SER D 22 -13.05 -81.25 26.39
N TYR D 23 -14.09 -81.73 27.05
CA TYR D 23 -15.10 -82.54 26.41
C TYR D 23 -16.32 -81.66 26.26
N ASN D 24 -16.65 -81.25 25.01
CA ASN D 24 -17.78 -80.35 24.74
C ASN D 24 -18.61 -80.75 23.52
N TYR D 25 -19.91 -80.39 23.55
CA TYR D 25 -20.91 -80.69 22.51
C TYR D 25 -21.54 -79.37 22.11
N VAL D 26 -21.58 -79.06 20.80
CA VAL D 26 -22.16 -77.82 20.28
C VAL D 26 -23.24 -78.15 19.24
N VAL D 27 -24.44 -77.56 19.37
CA VAL D 27 -25.57 -77.84 18.48
C VAL D 27 -26.35 -76.59 18.14
N THR D 28 -27.04 -76.60 16.98
CA THR D 28 -27.85 -75.46 16.52
C THR D 28 -29.26 -75.53 17.09
N ALA D 29 -29.69 -74.50 17.84
CA ALA D 29 -31.04 -74.40 18.41
C ALA D 29 -31.94 -73.70 17.39
N GLN D 30 -31.43 -72.65 16.72
CA GLN D 30 -32.12 -71.93 15.66
C GLN D 30 -31.16 -71.81 14.48
N LYS D 31 -31.57 -72.21 13.27
CA LYS D 31 -30.72 -72.14 12.07
C LYS D 31 -30.50 -70.67 11.67
N PRO D 32 -29.43 -70.33 10.91
CA PRO D 32 -29.27 -68.92 10.49
C PRO D 32 -30.47 -68.42 9.68
N THR D 33 -31.07 -67.31 10.12
CA THR D 33 -32.25 -66.72 9.52
C THR D 33 -31.94 -65.60 8.51
N ALA D 34 -30.72 -65.03 8.55
CA ALA D 34 -30.34 -63.91 7.69
C ALA D 34 -30.01 -64.36 6.26
N VAL D 35 -30.68 -63.73 5.27
CA VAL D 35 -30.52 -64.06 3.85
C VAL D 35 -29.34 -63.28 3.24
N ASN D 36 -28.29 -64.00 2.80
CA ASN D 36 -27.10 -63.37 2.18
C ASN D 36 -27.08 -63.46 0.65
N GLY D 37 -28.03 -64.19 0.07
CA GLY D 37 -28.12 -64.31 -1.38
C GLY D 37 -29.42 -64.91 -1.85
N CYS D 38 -29.85 -64.54 -3.07
CA CYS D 38 -31.08 -65.09 -3.67
C CYS D 38 -31.02 -65.00 -5.20
N VAL D 39 -31.40 -66.10 -5.89
CA VAL D 39 -31.40 -66.17 -7.36
C VAL D 39 -32.64 -66.91 -7.83
N THR D 40 -33.17 -66.51 -9.02
CA THR D 40 -34.33 -67.16 -9.63
C THR D 40 -33.89 -67.86 -10.90
N GLY D 41 -34.67 -68.86 -11.29
CA GLY D 41 -34.40 -69.63 -12.51
C GLY D 41 -35.23 -70.89 -12.55
N HIS D 42 -34.85 -71.85 -13.39
CA HIS D 42 -35.56 -73.12 -13.54
C HIS D 42 -34.61 -74.26 -13.13
N PHE D 43 -34.45 -74.44 -11.81
CA PHE D 43 -33.55 -75.43 -11.21
C PHE D 43 -34.19 -76.81 -11.06
N THR D 44 -35.46 -76.86 -10.63
CA THR D 44 -36.19 -78.11 -10.44
C THR D 44 -36.55 -78.74 -11.79
N SER D 45 -37.37 -78.03 -12.58
CA SER D 45 -37.80 -78.46 -13.92
C SER D 45 -37.82 -77.24 -14.83
N ALA D 46 -37.53 -77.43 -16.12
CA ALA D 46 -37.53 -76.33 -17.11
C ALA D 46 -38.84 -75.55 -17.16
N GLU D 47 -39.98 -76.18 -16.81
CA GLU D 47 -41.29 -75.53 -16.84
C GLU D 47 -41.50 -74.53 -15.71
N ASP D 48 -41.57 -75.01 -14.44
CA ASP D 48 -41.85 -74.11 -13.31
C ASP D 48 -40.65 -73.20 -12.93
N LEU D 49 -40.98 -72.01 -12.39
CA LEU D 49 -40.00 -71.00 -11.97
C LEU D 49 -39.66 -71.21 -10.51
N ASN D 50 -38.36 -71.16 -10.17
CA ASN D 50 -37.84 -71.35 -8.81
C ASN D 50 -37.18 -70.11 -8.26
N LEU D 51 -37.10 -70.07 -6.93
CA LEU D 51 -36.41 -69.04 -6.15
C LEU D 51 -35.49 -69.76 -5.16
N LEU D 52 -34.18 -69.60 -5.32
CA LEU D 52 -33.17 -70.19 -4.44
C LEU D 52 -32.70 -69.10 -3.47
N ILE D 53 -32.65 -69.40 -2.16
CA ILE D 53 -32.22 -68.46 -1.13
C ILE D 53 -31.06 -69.08 -0.36
N ALA D 54 -30.02 -68.27 -0.07
CA ALA D 54 -28.82 -68.69 0.66
C ALA D 54 -28.81 -68.08 2.06
N LYS D 55 -29.01 -68.92 3.09
CA LYS D 55 -28.99 -68.47 4.49
C LYS D 55 -27.75 -69.06 5.15
N ASN D 56 -26.59 -68.51 4.77
CA ASN D 56 -25.24 -68.85 5.26
C ASN D 56 -24.82 -70.30 4.91
N THR D 57 -25.11 -71.29 5.77
CA THR D 57 -24.80 -72.71 5.54
C THR D 57 -26.02 -73.44 4.97
N ARG D 58 -27.21 -72.81 4.99
CA ARG D 58 -28.45 -73.40 4.50
C ARG D 58 -28.82 -72.88 3.11
N LEU D 59 -29.50 -73.71 2.30
CA LEU D 59 -29.99 -73.38 0.96
C LEU D 59 -31.46 -73.80 0.87
N GLU D 60 -32.38 -72.83 0.69
CA GLU D 60 -33.82 -73.09 0.57
C GLU D 60 -34.22 -72.99 -0.90
N ILE D 61 -35.02 -73.95 -1.39
CA ILE D 61 -35.50 -74.00 -2.78
C ILE D 61 -37.02 -73.88 -2.75
N TYR D 62 -37.57 -72.90 -3.48
CA TYR D 62 -39.01 -72.68 -3.57
C TYR D 62 -39.45 -72.69 -5.02
N VAL D 63 -40.79 -72.80 -5.23
CA VAL D 63 -41.43 -72.71 -6.55
C VAL D 63 -42.32 -71.48 -6.50
N VAL D 64 -42.24 -70.64 -7.54
CA VAL D 64 -42.99 -69.38 -7.64
C VAL D 64 -44.41 -69.67 -8.14
N THR D 65 -45.41 -69.51 -7.26
CA THR D 65 -46.82 -69.70 -7.60
C THR D 65 -47.48 -68.34 -7.74
N ALA D 66 -48.74 -68.33 -8.20
CA ALA D 66 -49.51 -67.10 -8.34
C ALA D 66 -49.91 -66.54 -6.95
N GLU D 67 -50.03 -67.43 -5.94
CA GLU D 67 -50.40 -67.04 -4.57
C GLU D 67 -49.19 -66.44 -3.85
N GLY D 68 -48.10 -67.20 -3.79
CA GLY D 68 -46.87 -66.79 -3.15
C GLY D 68 -45.71 -67.70 -3.49
N LEU D 69 -45.03 -68.25 -2.45
CA LEU D 69 -43.91 -69.18 -2.62
C LEU D 69 -44.26 -70.53 -2.03
N ARG D 70 -44.02 -71.62 -2.78
CA ARG D 70 -44.29 -72.98 -2.33
C ARG D 70 -42.95 -73.64 -1.95
N PRO D 71 -42.71 -73.98 -0.67
CA PRO D 71 -41.44 -74.61 -0.30
C PRO D 71 -41.31 -76.01 -0.90
N VAL D 72 -40.18 -76.28 -1.56
CA VAL D 72 -39.93 -77.55 -2.26
C VAL D 72 -38.87 -78.40 -1.58
N LYS D 73 -37.70 -77.83 -1.28
CA LYS D 73 -36.61 -78.57 -0.64
C LYS D 73 -35.66 -77.61 0.09
N GLU D 74 -35.17 -78.03 1.26
CA GLU D 74 -34.23 -77.24 2.07
C GLU D 74 -33.03 -78.14 2.38
N VAL D 75 -31.81 -77.66 2.12
CA VAL D 75 -30.59 -78.45 2.37
C VAL D 75 -29.56 -77.66 3.15
N GLY D 76 -28.68 -78.39 3.83
CA GLY D 76 -27.58 -77.84 4.60
C GLY D 76 -26.27 -78.22 3.97
N MET D 77 -25.35 -77.26 3.86
CA MET D 77 -24.01 -77.48 3.31
C MET D 77 -22.98 -77.42 4.42
N TYR D 78 -21.83 -78.06 4.19
CA TYR D 78 -20.71 -78.03 5.12
C TYR D 78 -19.76 -76.93 4.62
N GLY D 79 -20.22 -75.68 4.72
CA GLY D 79 -19.51 -74.51 4.23
C GLY D 79 -20.41 -73.28 4.12
N LYS D 80 -19.84 -72.09 4.34
CA LYS D 80 -20.59 -70.82 4.26
C LYS D 80 -20.71 -70.48 2.78
N ILE D 81 -21.94 -70.39 2.24
CA ILE D 81 -22.19 -70.12 0.82
C ILE D 81 -21.73 -68.70 0.43
N ALA D 82 -20.62 -68.60 -0.35
CA ALA D 82 -20.05 -67.34 -0.83
C ALA D 82 -20.68 -66.92 -2.17
N VAL D 83 -20.62 -67.82 -3.19
CA VAL D 83 -21.22 -67.58 -4.51
C VAL D 83 -22.34 -68.60 -4.69
N MET D 84 -23.42 -68.19 -5.37
CA MET D 84 -24.59 -69.03 -5.68
C MET D 84 -25.20 -68.50 -6.97
N GLU D 85 -24.99 -69.19 -8.12
CA GLU D 85 -25.52 -68.74 -9.41
C GLU D 85 -26.04 -69.94 -10.23
N LEU D 86 -27.22 -69.80 -10.86
CA LEU D 86 -27.79 -70.84 -11.73
C LEU D 86 -27.29 -70.62 -13.16
N PHE D 87 -27.25 -71.69 -13.96
CA PHE D 87 -26.80 -71.62 -15.34
C PHE D 87 -27.23 -72.88 -16.11
N ARG D 88 -27.56 -72.74 -17.41
CA ARG D 88 -27.98 -73.87 -18.25
C ARG D 88 -26.97 -74.09 -19.35
N PRO D 89 -26.06 -75.10 -19.25
CA PRO D 89 -25.10 -75.34 -20.33
C PRO D 89 -25.75 -75.86 -21.61
N LYS D 90 -24.97 -75.89 -22.70
CA LYS D 90 -25.47 -76.39 -23.99
C LYS D 90 -25.82 -77.88 -23.88
N GLY D 91 -27.03 -78.22 -24.26
CA GLY D 91 -27.51 -79.60 -24.21
C GLY D 91 -27.88 -80.08 -22.81
N GLU D 92 -28.70 -79.28 -22.10
CA GLU D 92 -29.17 -79.61 -20.76
C GLU D 92 -30.65 -79.27 -20.64
N SER D 93 -31.42 -80.16 -19.97
CA SER D 93 -32.87 -80.00 -19.80
C SER D 93 -33.23 -78.78 -18.96
N LYS D 94 -32.69 -78.73 -17.73
CA LYS D 94 -32.96 -77.64 -16.77
C LYS D 94 -31.64 -76.99 -16.30
N ASP D 95 -31.74 -75.94 -15.47
CA ASP D 95 -30.56 -75.21 -14.98
C ASP D 95 -29.80 -75.98 -13.89
N LEU D 96 -28.47 -75.77 -13.84
CA LEU D 96 -27.57 -76.35 -12.83
C LEU D 96 -27.20 -75.21 -11.88
N LEU D 97 -26.83 -75.55 -10.63
CA LEU D 97 -26.49 -74.55 -9.61
C LEU D 97 -25.02 -74.57 -9.23
N PHE D 98 -24.31 -73.46 -9.51
CA PHE D 98 -22.91 -73.33 -9.12
C PHE D 98 -22.84 -72.67 -7.75
N ILE D 99 -22.16 -73.32 -6.78
CA ILE D 99 -21.96 -72.76 -5.45
C ILE D 99 -20.47 -72.80 -5.10
N LEU D 100 -19.99 -71.74 -4.42
CA LEU D 100 -18.62 -71.64 -3.93
C LEU D 100 -18.71 -71.31 -2.46
N THR D 101 -17.96 -72.02 -1.59
CA THR D 101 -18.01 -71.74 -0.15
C THR D 101 -16.91 -70.76 0.24
N ALA D 102 -16.95 -70.28 1.49
CA ALA D 102 -15.94 -69.37 2.04
C ALA D 102 -14.56 -70.03 2.11
N LYS D 103 -14.52 -71.38 2.34
CA LYS D 103 -13.27 -72.16 2.35
C LYS D 103 -12.84 -72.56 0.90
N TYR D 104 -13.46 -71.94 -0.13
CA TYR D 104 -13.15 -72.13 -1.55
C TYR D 104 -13.56 -73.52 -2.09
N ASN D 105 -14.65 -74.10 -1.57
CA ASN D 105 -15.16 -75.38 -2.09
C ASN D 105 -16.11 -75.04 -3.24
N ALA D 106 -15.68 -75.29 -4.48
CA ALA D 106 -16.49 -75.04 -5.68
C ALA D 106 -17.28 -76.30 -6.02
N CYS D 107 -18.52 -76.15 -6.52
CA CYS D 107 -19.36 -77.29 -6.89
C CYS D 107 -20.50 -76.93 -7.83
N ILE D 108 -20.90 -77.89 -8.70
CA ILE D 108 -22.03 -77.77 -9.62
C ILE D 108 -23.02 -78.82 -9.14
N LEU D 109 -24.19 -78.36 -8.67
CA LEU D 109 -25.25 -79.23 -8.16
C LEU D 109 -26.41 -79.30 -9.14
N GLU D 110 -27.13 -80.45 -9.14
CA GLU D 110 -28.29 -80.69 -10.01
C GLU D 110 -29.44 -81.18 -9.14
N TYR D 111 -30.67 -80.75 -9.48
CA TYR D 111 -31.88 -81.15 -8.76
C TYR D 111 -32.38 -82.44 -9.38
N LYS D 112 -32.49 -83.53 -8.58
CA LYS D 112 -32.97 -84.82 -9.09
C LYS D 112 -34.06 -85.37 -8.16
N GLN D 113 -35.27 -85.58 -8.71
CA GLN D 113 -36.41 -86.09 -7.97
C GLN D 113 -36.85 -87.42 -8.59
N SER D 114 -37.13 -88.42 -7.74
CA SER D 114 -37.60 -89.73 -8.17
C SER D 114 -38.84 -90.08 -7.35
N GLY D 115 -40.01 -89.91 -7.96
CA GLY D 115 -41.29 -90.16 -7.32
C GLY D 115 -41.57 -89.17 -6.22
N GLU D 116 -41.15 -89.50 -4.99
CA GLU D 116 -41.30 -88.64 -3.82
C GLU D 116 -39.99 -88.55 -3.00
N SER D 117 -38.83 -88.85 -3.62
CA SER D 117 -37.52 -88.76 -2.96
C SER D 117 -36.71 -87.68 -3.68
N ILE D 118 -36.53 -86.53 -3.02
CA ILE D 118 -35.81 -85.38 -3.57
C ILE D 118 -34.35 -85.44 -3.12
N ASP D 119 -33.40 -85.24 -4.06
CA ASP D 119 -31.97 -85.26 -3.76
C ASP D 119 -31.19 -84.28 -4.66
N ILE D 120 -30.33 -83.46 -4.04
CA ILE D 120 -29.49 -82.47 -4.73
C ILE D 120 -28.17 -83.17 -5.02
N ILE D 121 -28.07 -83.83 -6.19
CA ILE D 121 -26.87 -84.57 -6.54
C ILE D 121 -25.73 -83.66 -6.99
N THR D 122 -24.49 -84.02 -6.61
CA THR D 122 -23.29 -83.25 -6.93
C THR D 122 -22.73 -83.67 -8.30
N ARG D 123 -23.03 -82.90 -9.35
CA ARG D 123 -22.52 -83.19 -10.70
C ARG D 123 -21.00 -83.05 -10.78
N ALA D 124 -20.44 -82.04 -10.09
CA ALA D 124 -18.99 -81.83 -10.10
C ALA D 124 -18.56 -81.03 -8.87
N HIS D 125 -17.30 -81.22 -8.42
CA HIS D 125 -16.81 -80.51 -7.22
C HIS D 125 -15.29 -80.47 -7.14
N GLY D 126 -14.81 -79.61 -6.25
CA GLY D 126 -13.38 -79.45 -6.01
C GLY D 126 -13.03 -78.16 -5.29
N ASN D 127 -11.93 -78.16 -4.51
CA ASN D 127 -11.49 -76.97 -3.79
C ASN D 127 -10.65 -76.11 -4.74
N VAL D 128 -11.00 -74.81 -4.87
CA VAL D 128 -10.32 -73.88 -5.78
C VAL D 128 -9.36 -72.91 -5.06
N GLN D 129 -8.92 -73.25 -3.83
CA GLN D 129 -8.00 -72.38 -3.09
C GLN D 129 -6.63 -72.41 -3.75
N ASP D 130 -5.88 -71.30 -3.63
CA ASP D 130 -4.51 -71.21 -4.15
C ASP D 130 -3.60 -71.00 -2.96
N ARG D 131 -2.68 -71.94 -2.69
CA ARG D 131 -1.73 -71.75 -1.59
C ARG D 131 -0.85 -70.61 -2.07
N ILE D 132 -0.84 -69.50 -1.32
CA ILE D 132 -0.21 -68.21 -1.65
C ILE D 132 -1.21 -67.42 -2.53
N GLY D 133 -1.48 -66.19 -2.14
CA GLY D 133 -2.44 -65.32 -2.81
C GLY D 133 -3.14 -64.44 -1.80
N ARG D 134 -3.04 -63.11 -1.98
CA ARG D 134 -3.65 -62.15 -1.06
C ARG D 134 -5.14 -62.02 -1.38
N PRO D 135 -6.08 -62.45 -0.49
CA PRO D 135 -7.51 -62.30 -0.82
C PRO D 135 -7.90 -60.85 -1.10
N SER D 136 -8.83 -60.66 -2.06
CA SER D 136 -9.21 -59.30 -2.49
C SER D 136 -10.01 -58.48 -1.48
N GLU D 137 -9.87 -57.14 -1.59
CA GLU D 137 -10.53 -56.15 -0.74
C GLU D 137 -12.04 -56.23 -0.90
N THR D 138 -12.52 -56.51 -2.13
CA THR D 138 -13.94 -56.66 -2.44
C THR D 138 -14.46 -58.10 -2.26
N GLY D 139 -13.68 -58.97 -1.60
CA GLY D 139 -14.08 -60.35 -1.33
C GLY D 139 -14.17 -61.24 -2.56
N ILE D 140 -14.82 -62.39 -2.40
CA ILE D 140 -14.97 -63.35 -3.48
C ILE D 140 -16.01 -62.84 -4.48
N ILE D 141 -15.65 -62.86 -5.78
CA ILE D 141 -16.56 -62.50 -6.87
C ILE D 141 -16.57 -63.70 -7.80
N GLY D 142 -17.73 -64.33 -7.97
CA GLY D 142 -17.90 -65.48 -8.84
C GLY D 142 -18.95 -65.21 -9.89
N ILE D 143 -18.54 -65.27 -11.19
CA ILE D 143 -19.41 -64.98 -12.33
C ILE D 143 -19.34 -66.08 -13.38
N ILE D 144 -20.44 -66.28 -14.14
CA ILE D 144 -20.51 -67.29 -15.19
C ILE D 144 -20.75 -66.60 -16.52
N ASP D 145 -20.13 -67.12 -17.60
CA ASP D 145 -20.30 -66.60 -18.95
C ASP D 145 -21.75 -66.84 -19.41
N PRO D 146 -22.42 -65.90 -20.12
CA PRO D 146 -23.82 -66.12 -20.54
C PRO D 146 -24.05 -67.36 -21.43
N GLU D 147 -23.06 -67.74 -22.25
CA GLU D 147 -23.12 -68.94 -23.11
C GLU D 147 -22.60 -70.20 -22.37
N CYS D 148 -22.30 -70.10 -21.05
CA CYS D 148 -21.83 -71.20 -20.20
C CYS D 148 -20.52 -71.86 -20.69
N ARG D 149 -19.61 -71.05 -21.25
CA ARG D 149 -18.32 -71.55 -21.72
C ARG D 149 -17.32 -71.67 -20.56
N MET D 150 -17.54 -70.93 -19.43
CA MET D 150 -16.62 -70.93 -18.28
C MET D 150 -17.20 -70.24 -17.03
N ILE D 151 -16.58 -70.50 -15.85
CA ILE D 151 -16.88 -69.83 -14.58
C ILE D 151 -15.63 -69.01 -14.26
N GLY D 152 -15.82 -67.71 -14.09
CA GLY D 152 -14.74 -66.79 -13.75
C GLY D 152 -14.82 -66.42 -12.29
N LEU D 153 -13.74 -66.68 -11.54
CA LEU D 153 -13.68 -66.37 -10.10
C LEU D 153 -12.57 -65.40 -9.81
N ARG D 154 -12.87 -64.35 -9.03
CA ARG D 154 -11.89 -63.38 -8.56
C ARG D 154 -11.82 -63.59 -7.05
N LEU D 155 -10.77 -64.30 -6.60
CA LEU D 155 -10.53 -64.63 -5.21
C LEU D 155 -9.38 -63.81 -4.62
N TYR D 156 -8.25 -63.70 -5.36
CA TYR D 156 -7.05 -62.99 -4.90
C TYR D 156 -6.68 -61.85 -5.83
N ASP D 157 -6.14 -60.74 -5.26
CA ASP D 157 -5.72 -59.57 -6.03
C ASP D 157 -4.58 -59.96 -6.99
N GLY D 158 -4.68 -59.52 -8.24
CA GLY D 158 -3.69 -59.80 -9.29
C GLY D 158 -3.91 -61.07 -10.08
N LEU D 159 -4.96 -61.88 -9.76
CA LEU D 159 -5.23 -63.14 -10.48
C LEU D 159 -6.71 -63.37 -10.75
N PHE D 160 -7.04 -63.91 -11.96
CA PHE D 160 -8.40 -64.24 -12.37
C PHE D 160 -8.49 -65.74 -12.67
N LYS D 161 -9.08 -66.53 -11.74
CA LYS D 161 -9.19 -67.98 -11.90
C LYS D 161 -10.31 -68.30 -12.90
N VAL D 162 -10.08 -69.28 -13.78
CA VAL D 162 -11.03 -69.69 -14.80
C VAL D 162 -11.24 -71.20 -14.74
N ILE D 163 -12.50 -71.64 -14.56
CA ILE D 163 -12.88 -73.05 -14.55
C ILE D 163 -13.60 -73.25 -15.89
N PRO D 164 -12.98 -73.92 -16.89
CA PRO D 164 -13.71 -74.10 -18.17
C PRO D 164 -14.86 -75.08 -18.04
N LEU D 165 -15.99 -74.79 -18.71
CA LEU D 165 -17.18 -75.63 -18.67
C LEU D 165 -17.16 -76.63 -19.82
N ASP D 166 -16.50 -77.77 -19.57
CA ASP D 166 -16.40 -78.90 -20.49
C ASP D 166 -16.95 -80.10 -19.77
N ARG D 167 -17.59 -81.02 -20.50
CA ARG D 167 -18.16 -82.24 -19.91
C ARG D 167 -17.09 -83.08 -19.20
N ASP D 168 -15.83 -83.01 -19.66
CA ASP D 168 -14.71 -83.74 -19.05
C ASP D 168 -14.31 -83.16 -17.68
N ASN D 169 -14.43 -81.83 -17.49
CA ASN D 169 -14.04 -81.20 -16.23
C ASN D 169 -15.01 -81.51 -15.07
N LYS D 170 -14.72 -82.61 -14.34
CA LYS D 170 -15.51 -83.08 -13.20
C LYS D 170 -14.89 -82.66 -11.85
N GLU D 171 -13.54 -82.58 -11.78
CA GLU D 171 -12.85 -82.18 -10.55
C GLU D 171 -12.75 -80.65 -10.43
N LEU D 172 -13.21 -79.89 -11.44
CA LEU D 172 -13.15 -78.43 -11.49
C LEU D 172 -11.71 -77.94 -11.53
N LYS D 173 -10.93 -78.51 -12.46
CA LYS D 173 -9.55 -78.11 -12.68
C LYS D 173 -9.63 -76.75 -13.36
N ALA D 174 -8.92 -75.76 -12.80
CA ALA D 174 -8.94 -74.39 -13.28
C ALA D 174 -7.54 -73.81 -13.37
N PHE D 175 -7.41 -72.71 -14.11
CA PHE D 175 -6.13 -72.04 -14.30
C PHE D 175 -6.27 -70.55 -14.03
N ASN D 176 -5.23 -69.94 -13.46
CA ASN D 176 -5.22 -68.52 -13.16
C ASN D 176 -4.70 -67.74 -14.37
N ILE D 177 -5.18 -66.49 -14.51
CA ILE D 177 -4.77 -65.59 -15.57
C ILE D 177 -4.20 -64.33 -14.91
N ARG D 178 -3.00 -63.90 -15.35
CA ARG D 178 -2.32 -62.73 -14.81
C ARG D 178 -3.18 -61.50 -15.11
N LEU D 179 -3.49 -60.73 -14.06
CA LEU D 179 -4.30 -59.53 -14.18
C LEU D 179 -3.48 -58.34 -13.70
N GLU D 180 -3.14 -57.41 -14.61
CA GLU D 180 -2.31 -56.25 -14.26
C GLU D 180 -3.02 -55.27 -13.32
N GLU D 181 -4.37 -55.23 -13.35
CA GLU D 181 -5.16 -54.37 -12.48
C GLU D 181 -5.33 -55.08 -11.16
N LEU D 182 -4.62 -54.63 -10.12
CA LEU D 182 -4.65 -55.28 -8.80
C LEU D 182 -5.95 -55.03 -8.07
N HIS D 183 -6.39 -53.76 -8.01
CA HIS D 183 -7.58 -53.37 -7.26
C HIS D 183 -8.84 -53.35 -8.10
N VAL D 184 -9.41 -54.55 -8.38
CA VAL D 184 -10.67 -54.68 -9.12
C VAL D 184 -11.81 -54.58 -8.11
N ILE D 185 -12.78 -53.69 -8.38
CA ILE D 185 -13.94 -53.46 -7.51
C ILE D 185 -15.05 -54.46 -7.85
N ASP D 186 -15.58 -54.40 -9.09
CA ASP D 186 -16.63 -55.33 -9.53
C ASP D 186 -16.37 -55.77 -10.96
N VAL D 187 -16.74 -57.03 -11.28
CA VAL D 187 -16.54 -57.64 -12.59
C VAL D 187 -17.76 -58.48 -13.00
N LYS D 188 -18.11 -58.46 -14.31
CA LYS D 188 -19.23 -59.21 -14.87
C LYS D 188 -18.84 -59.73 -16.24
N PHE D 189 -19.56 -60.74 -16.75
CA PHE D 189 -19.34 -61.28 -18.10
C PHE D 189 -20.34 -60.60 -19.03
N LEU D 190 -19.87 -60.00 -20.13
CA LEU D 190 -20.75 -59.28 -21.05
C LEU D 190 -21.56 -60.21 -21.95
N TYR D 191 -22.72 -59.70 -22.42
CA TYR D 191 -23.63 -60.38 -23.33
C TYR D 191 -23.35 -59.97 -24.76
N GLY D 192 -23.68 -60.85 -25.70
CA GLY D 192 -23.52 -60.57 -27.12
C GLY D 192 -22.10 -60.33 -27.60
N CYS D 193 -21.17 -61.20 -27.17
CA CYS D 193 -19.76 -61.12 -27.54
C CYS D 193 -19.39 -62.38 -28.28
N GLN D 194 -18.47 -62.27 -29.27
CA GLN D 194 -18.01 -63.42 -30.06
C GLN D 194 -17.25 -64.37 -29.15
N ALA D 195 -16.32 -63.84 -28.35
CA ALA D 195 -15.54 -64.60 -27.38
C ALA D 195 -15.96 -64.18 -25.97
N PRO D 196 -15.73 -65.03 -24.93
CA PRO D 196 -16.10 -64.62 -23.56
C PRO D 196 -15.37 -63.36 -23.16
N THR D 197 -16.13 -62.30 -22.80
CA THR D 197 -15.54 -61.01 -22.47
C THR D 197 -15.95 -60.58 -21.06
N ILE D 198 -14.95 -60.21 -20.23
CA ILE D 198 -15.20 -59.71 -18.88
C ILE D 198 -15.10 -58.19 -18.90
N CYS D 199 -15.96 -57.53 -18.12
CA CYS D 199 -15.98 -56.08 -17.98
C CYS D 199 -15.85 -55.80 -16.52
N PHE D 200 -14.95 -54.90 -16.12
CA PHE D 200 -14.73 -54.64 -14.71
C PHE D 200 -14.29 -53.22 -14.40
N VAL D 201 -14.63 -52.74 -13.20
CA VAL D 201 -14.23 -51.44 -12.69
C VAL D 201 -13.07 -51.70 -11.73
N TYR D 202 -12.00 -50.90 -11.85
CA TYR D 202 -10.83 -51.05 -10.99
C TYR D 202 -10.29 -49.69 -10.62
N GLN D 203 -9.42 -49.65 -9.60
CA GLN D 203 -8.82 -48.40 -9.16
C GLN D 203 -7.31 -48.41 -9.27
N ASP D 204 -6.75 -47.24 -9.62
CA ASP D 204 -5.31 -47.02 -9.70
C ASP D 204 -5.06 -45.58 -9.19
N PRO D 205 -3.81 -45.09 -9.08
CA PRO D 205 -3.60 -43.73 -8.55
C PRO D 205 -4.27 -42.59 -9.33
N GLN D 206 -4.71 -42.82 -10.59
CA GLN D 206 -5.39 -41.82 -11.41
C GLN D 206 -6.93 -41.87 -11.24
N GLY D 207 -7.45 -42.74 -10.35
CA GLY D 207 -8.88 -42.86 -10.09
C GLY D 207 -9.43 -44.20 -10.55
N ARG D 208 -10.77 -44.27 -10.73
CA ARG D 208 -11.44 -45.49 -11.16
C ARG D 208 -11.67 -45.50 -12.66
N HIS D 209 -11.58 -46.69 -13.27
CA HIS D 209 -11.75 -46.87 -14.71
C HIS D 209 -12.46 -48.21 -15.00
N VAL D 210 -13.18 -48.28 -16.13
CA VAL D 210 -13.86 -49.51 -16.58
C VAL D 210 -13.12 -50.03 -17.81
N LYS D 211 -12.66 -51.28 -17.75
CA LYS D 211 -11.89 -51.91 -18.82
C LYS D 211 -12.46 -53.29 -19.15
N THR D 212 -12.21 -53.77 -20.36
CA THR D 212 -12.67 -55.08 -20.82
C THR D 212 -11.52 -55.94 -21.30
N TYR D 213 -11.69 -57.26 -21.22
CA TYR D 213 -10.72 -58.24 -21.71
C TYR D 213 -11.45 -59.41 -22.30
N GLU D 214 -10.87 -60.01 -23.35
CA GLU D 214 -11.43 -61.21 -23.98
C GLU D 214 -10.68 -62.39 -23.36
N VAL D 215 -11.41 -63.38 -22.83
CA VAL D 215 -10.80 -64.54 -22.16
C VAL D 215 -10.65 -65.70 -23.15
N SER D 216 -9.39 -66.05 -23.50
CA SER D 216 -9.08 -67.14 -24.44
C SER D 216 -8.75 -68.44 -23.71
N LEU D 217 -9.62 -69.46 -23.85
CA LEU D 217 -9.39 -70.77 -23.24
C LEU D 217 -8.31 -71.55 -23.98
N ARG D 218 -8.14 -71.32 -25.30
CA ARG D 218 -7.12 -72.00 -26.09
C ARG D 218 -5.74 -71.50 -25.67
N GLU D 219 -5.54 -70.17 -25.70
CA GLU D 219 -4.27 -69.54 -25.30
C GLU D 219 -4.08 -69.55 -23.78
N LYS D 220 -5.19 -69.67 -23.01
CA LYS D 220 -5.19 -69.64 -21.54
C LYS D 220 -4.66 -68.29 -21.07
N GLU D 221 -5.17 -67.21 -21.70
CA GLU D 221 -4.73 -65.84 -21.40
C GLU D 221 -5.76 -64.79 -21.83
N PHE D 222 -5.53 -63.52 -21.43
CA PHE D 222 -6.41 -62.40 -21.80
C PHE D 222 -6.01 -61.83 -23.15
N ASN D 223 -6.98 -61.22 -23.85
CA ASN D 223 -6.80 -60.56 -25.14
C ASN D 223 -7.45 -59.19 -25.06
N LYS D 224 -7.10 -58.27 -25.98
CA LYS D 224 -7.66 -56.92 -25.95
C LYS D 224 -9.18 -56.95 -26.05
N GLY D 225 -9.83 -56.19 -25.18
CA GLY D 225 -11.29 -56.15 -25.09
C GLY D 225 -11.95 -55.35 -26.20
N PRO D 226 -13.28 -55.53 -26.39
CA PRO D 226 -13.98 -54.77 -27.45
C PRO D 226 -13.89 -53.25 -27.31
N TRP D 227 -13.82 -52.73 -26.07
CA TRP D 227 -13.66 -51.30 -25.82
C TRP D 227 -12.80 -51.12 -24.58
N LYS D 228 -11.49 -50.85 -24.76
CA LYS D 228 -10.57 -50.73 -23.64
C LYS D 228 -10.73 -49.41 -22.85
N GLN D 229 -10.12 -49.41 -21.64
CA GLN D 229 -10.09 -48.37 -20.59
C GLN D 229 -10.89 -47.06 -20.86
N GLU D 230 -11.95 -46.86 -20.05
CA GLU D 230 -12.80 -45.69 -20.09
C GLU D 230 -12.85 -45.17 -18.65
N ASN D 231 -12.71 -43.86 -18.42
CA ASN D 231 -12.73 -43.30 -17.06
C ASN D 231 -14.15 -43.23 -16.49
N VAL D 232 -14.34 -43.67 -15.21
CA VAL D 232 -15.64 -43.67 -14.51
C VAL D 232 -15.60 -42.72 -13.32
N GLU D 233 -16.72 -42.63 -12.55
CA GLU D 233 -16.78 -41.74 -11.39
C GLU D 233 -15.94 -42.27 -10.23
N ALA D 234 -15.52 -41.35 -9.35
CA ALA D 234 -14.68 -41.63 -8.19
C ALA D 234 -15.15 -42.80 -7.32
N GLU D 235 -16.48 -42.91 -7.12
CA GLU D 235 -17.08 -43.96 -6.30
C GLU D 235 -17.81 -45.04 -7.12
N ALA D 236 -17.40 -45.28 -8.39
CA ALA D 236 -18.04 -46.32 -9.22
C ALA D 236 -17.88 -47.68 -8.52
N SER D 237 -18.97 -48.24 -8.00
CA SER D 237 -18.95 -49.48 -7.22
C SER D 237 -19.69 -50.68 -7.84
N MET D 238 -20.61 -50.48 -8.81
CA MET D 238 -21.38 -51.61 -9.36
C MET D 238 -21.25 -51.71 -10.87
N VAL D 239 -21.19 -52.97 -11.38
CA VAL D 239 -21.15 -53.25 -12.82
C VAL D 239 -22.32 -54.19 -13.10
N ILE D 240 -23.09 -53.93 -14.17
CA ILE D 240 -24.25 -54.73 -14.56
C ILE D 240 -24.16 -54.98 -16.07
N ALA D 241 -24.06 -56.25 -16.51
CA ALA D 241 -24.03 -56.59 -17.93
C ALA D 241 -25.47 -56.57 -18.46
N VAL D 242 -25.73 -55.90 -19.62
CA VAL D 242 -27.09 -55.78 -20.16
C VAL D 242 -27.33 -56.83 -21.25
N PRO D 243 -28.48 -57.55 -21.22
CA PRO D 243 -28.77 -58.58 -22.25
C PRO D 243 -28.68 -58.15 -23.72
N GLU D 244 -28.59 -59.18 -24.59
CA GLU D 244 -28.39 -59.11 -26.05
C GLU D 244 -29.06 -57.94 -26.79
N PRO D 245 -30.37 -57.62 -26.65
CA PRO D 245 -30.93 -56.50 -27.43
C PRO D 245 -30.13 -55.21 -27.27
N PHE D 246 -29.76 -54.85 -26.02
CA PHE D 246 -28.96 -53.67 -25.71
C PHE D 246 -27.47 -53.94 -25.79
N GLY D 247 -26.98 -54.89 -24.99
CA GLY D 247 -25.56 -55.22 -24.91
C GLY D 247 -24.82 -54.22 -24.02
N GLY D 248 -23.49 -54.39 -23.89
CA GLY D 248 -22.67 -53.50 -23.07
C GLY D 248 -22.93 -53.64 -21.59
N ALA D 249 -22.68 -52.55 -20.81
CA ALA D 249 -22.86 -52.60 -19.35
C ALA D 249 -23.22 -51.26 -18.70
N ILE D 250 -23.86 -51.34 -17.51
CA ILE D 250 -24.25 -50.19 -16.68
C ILE D 250 -23.33 -50.15 -15.47
N ILE D 251 -22.70 -48.99 -15.21
CA ILE D 251 -21.83 -48.79 -14.08
C ILE D 251 -22.53 -47.82 -13.12
N ILE D 252 -22.76 -48.24 -11.88
CA ILE D 252 -23.40 -47.39 -10.86
C ILE D 252 -22.35 -46.93 -9.86
N GLY D 253 -22.41 -45.64 -9.52
CA GLY D 253 -21.56 -44.99 -8.53
C GLY D 253 -22.40 -44.32 -7.47
N GLN D 254 -21.82 -43.37 -6.71
CA GLN D 254 -22.59 -42.71 -5.64
C GLN D 254 -23.60 -41.72 -6.24
N GLU D 255 -23.10 -40.75 -7.01
CA GLU D 255 -23.94 -39.71 -7.61
C GLU D 255 -24.53 -40.07 -8.98
N SER D 256 -23.86 -40.95 -9.77
CA SER D 256 -24.29 -41.26 -11.13
C SER D 256 -24.51 -42.72 -11.50
N ILE D 257 -25.20 -42.92 -12.64
CA ILE D 257 -25.45 -44.20 -13.30
C ILE D 257 -25.08 -43.98 -14.76
N THR D 258 -24.09 -44.73 -15.28
CA THR D 258 -23.66 -44.56 -16.67
C THR D 258 -23.76 -45.89 -17.41
N TYR D 259 -24.05 -45.80 -18.72
CA TYR D 259 -24.14 -46.96 -19.60
C TYR D 259 -23.05 -46.84 -20.64
N HIS D 260 -22.26 -47.92 -20.83
CA HIS D 260 -21.19 -47.94 -21.82
C HIS D 260 -21.39 -49.07 -22.82
N ASN D 261 -21.15 -48.78 -24.10
CA ASN D 261 -21.28 -49.76 -25.18
C ASN D 261 -20.49 -49.29 -26.41
N GLY D 262 -19.29 -49.84 -26.56
CA GLY D 262 -18.41 -49.56 -27.68
C GLY D 262 -18.03 -48.10 -27.82
N ASP D 263 -18.74 -47.39 -28.71
CA ASP D 263 -18.51 -45.96 -28.97
C ASP D 263 -19.41 -45.09 -28.11
N LYS D 264 -20.67 -45.51 -27.85
CA LYS D 264 -21.61 -44.72 -27.05
C LYS D 264 -21.34 -44.82 -25.56
N TYR D 265 -21.53 -43.70 -24.83
CA TYR D 265 -21.31 -43.61 -23.39
C TYR D 265 -22.29 -42.58 -22.80
N LEU D 266 -23.47 -43.04 -22.34
CA LEU D 266 -24.51 -42.16 -21.79
C LEU D 266 -24.41 -42.18 -20.27
N ALA D 267 -24.47 -41.00 -19.62
CA ALA D 267 -24.36 -40.89 -18.17
C ALA D 267 -25.39 -39.94 -17.59
N ILE D 268 -26.06 -40.36 -16.49
CA ILE D 268 -27.07 -39.55 -15.81
C ILE D 268 -26.74 -39.44 -14.32
N ALA D 269 -26.99 -38.27 -13.73
CA ALA D 269 -26.74 -38.00 -12.30
C ALA D 269 -28.07 -37.61 -11.63
N PRO D 270 -28.98 -38.57 -11.43
CA PRO D 270 -30.28 -38.25 -10.84
C PRO D 270 -30.20 -37.86 -9.37
N PRO D 271 -30.73 -36.70 -8.94
CA PRO D 271 -30.64 -36.34 -7.52
C PRO D 271 -31.32 -37.31 -6.55
N ILE D 272 -32.33 -38.07 -7.00
CA ILE D 272 -33.06 -39.01 -6.16
C ILE D 272 -32.15 -40.14 -5.60
N ILE D 273 -30.97 -40.43 -6.20
CA ILE D 273 -30.04 -41.48 -5.67
C ILE D 273 -28.88 -40.92 -4.84
N LYS D 274 -28.74 -39.60 -4.70
CA LYS D 274 -27.59 -39.00 -4.00
C LYS D 274 -27.58 -39.21 -2.49
N GLN D 275 -28.74 -39.16 -1.81
CA GLN D 275 -28.82 -39.31 -0.35
C GLN D 275 -28.26 -40.66 0.22
N SER D 276 -28.16 -41.74 -0.61
CA SER D 276 -27.60 -43.02 -0.13
C SER D 276 -27.07 -43.89 -1.28
N THR D 277 -26.10 -44.77 -0.95
CA THR D 277 -25.45 -45.63 -1.95
C THR D 277 -26.30 -46.83 -2.38
N ILE D 278 -26.38 -47.08 -3.71
CA ILE D 278 -27.07 -48.24 -4.27
C ILE D 278 -26.10 -49.41 -4.05
N VAL D 279 -26.55 -50.44 -3.31
CA VAL D 279 -25.70 -51.57 -2.94
C VAL D 279 -26.18 -52.92 -3.50
N CYS D 280 -27.32 -52.98 -4.19
CA CYS D 280 -27.78 -54.23 -4.80
C CYS D 280 -28.70 -53.93 -5.96
N HIS D 281 -28.74 -54.85 -6.94
CA HIS D 281 -29.57 -54.71 -8.13
C HIS D 281 -30.18 -56.03 -8.55
N ASN D 282 -31.11 -55.97 -9.52
CA ASN D 282 -31.73 -57.15 -10.09
C ASN D 282 -32.45 -56.82 -11.38
N ARG D 283 -32.31 -57.69 -12.40
CA ARG D 283 -32.98 -57.50 -13.68
C ARG D 283 -34.46 -57.86 -13.58
N VAL D 284 -35.34 -56.98 -14.08
CA VAL D 284 -36.78 -57.20 -14.08
C VAL D 284 -37.16 -57.88 -15.39
N ASP D 285 -37.04 -57.14 -16.51
CA ASP D 285 -37.39 -57.65 -17.84
C ASP D 285 -36.20 -58.44 -18.41
N PRO D 286 -36.39 -59.66 -18.97
CA PRO D 286 -35.24 -60.42 -19.50
C PRO D 286 -34.44 -59.73 -20.60
N ASN D 287 -35.05 -58.79 -21.34
CA ASN D 287 -34.37 -58.02 -22.39
C ASN D 287 -33.44 -56.93 -21.80
N GLY D 288 -33.64 -56.59 -20.53
CA GLY D 288 -32.86 -55.58 -19.81
C GLY D 288 -33.49 -54.21 -19.82
N SER D 289 -34.78 -54.10 -20.20
CA SER D 289 -35.46 -52.80 -20.26
C SER D 289 -35.70 -52.18 -18.87
N ARG D 290 -35.81 -53.02 -17.82
CA ARG D 290 -36.01 -52.54 -16.45
C ARG D 290 -35.13 -53.27 -15.46
N TYR D 291 -34.69 -52.56 -14.41
CA TYR D 291 -33.82 -53.05 -13.34
C TYR D 291 -34.25 -52.48 -11.99
N LEU D 292 -34.17 -53.28 -10.92
CA LEU D 292 -34.49 -52.79 -9.58
C LEU D 292 -33.19 -52.49 -8.87
N LEU D 293 -33.09 -51.31 -8.20
CA LEU D 293 -31.89 -50.90 -7.46
C LEU D 293 -32.28 -50.64 -6.01
N GLY D 294 -31.46 -51.13 -5.07
CA GLY D 294 -31.71 -50.99 -3.64
C GLY D 294 -30.57 -50.28 -2.92
N ASP D 295 -30.90 -49.27 -2.10
CA ASP D 295 -29.85 -48.56 -1.36
C ASP D 295 -29.66 -49.11 0.05
N MET D 296 -28.65 -48.58 0.75
CA MET D 296 -28.32 -48.99 2.12
C MET D 296 -29.42 -48.68 3.15
N GLU D 297 -30.27 -47.67 2.89
CA GLU D 297 -31.33 -47.26 3.82
C GLU D 297 -32.72 -47.87 3.51
N GLY D 298 -32.78 -48.93 2.68
CA GLY D 298 -34.03 -49.61 2.38
C GLY D 298 -34.84 -49.10 1.21
N ARG D 299 -34.46 -47.98 0.55
CA ARG D 299 -35.21 -47.49 -0.62
C ARG D 299 -35.08 -48.46 -1.79
N LEU D 300 -36.13 -48.51 -2.63
CA LEU D 300 -36.18 -49.36 -3.83
C LEU D 300 -36.51 -48.49 -5.04
N PHE D 301 -35.62 -48.48 -6.04
CA PHE D 301 -35.80 -47.71 -7.26
C PHE D 301 -36.00 -48.63 -8.44
N MET D 302 -36.43 -48.04 -9.55
CA MET D 302 -36.61 -48.74 -10.82
C MET D 302 -35.79 -47.98 -11.86
N LEU D 303 -34.77 -48.64 -12.42
CA LEU D 303 -33.90 -48.09 -13.45
C LEU D 303 -34.49 -48.57 -14.77
N LEU D 304 -34.91 -47.63 -15.64
CA LEU D 304 -35.51 -47.96 -16.93
C LEU D 304 -34.58 -47.57 -18.07
N LEU D 305 -34.46 -48.48 -19.06
CA LEU D 305 -33.63 -48.30 -20.26
C LEU D 305 -34.58 -48.15 -21.44
N GLU D 306 -34.76 -46.91 -21.94
CA GLU D 306 -35.64 -46.66 -23.09
C GLU D 306 -34.91 -47.14 -24.34
N LYS D 307 -35.59 -47.81 -25.28
CA LYS D 307 -34.95 -48.31 -26.49
C LYS D 307 -35.41 -47.59 -27.76
N GLU D 308 -34.62 -47.75 -28.85
CA GLU D 308 -34.92 -47.17 -30.16
C GLU D 308 -34.40 -48.12 -31.24
N GLU D 309 -35.24 -48.38 -32.25
CA GLU D 309 -35.05 -49.39 -33.30
C GLU D 309 -33.90 -49.13 -34.29
N GLN D 310 -33.68 -47.85 -34.65
CA GLN D 310 -32.60 -47.42 -35.55
C GLN D 310 -32.63 -48.05 -36.96
N MET D 311 -33.78 -47.99 -37.64
CA MET D 311 -33.99 -48.45 -39.02
C MET D 311 -33.64 -49.93 -39.28
N ASP D 312 -32.33 -50.24 -39.36
CA ASP D 312 -31.83 -51.58 -39.66
C ASP D 312 -32.26 -52.70 -38.66
N GLY D 313 -32.73 -52.33 -37.47
CA GLY D 313 -33.20 -53.27 -36.46
C GLY D 313 -32.12 -53.72 -35.48
N THR D 314 -31.08 -52.88 -35.29
CA THR D 314 -29.97 -53.16 -34.36
C THR D 314 -30.45 -52.94 -32.93
N VAL D 315 -31.30 -51.92 -32.71
CA VAL D 315 -31.89 -51.47 -31.45
C VAL D 315 -30.78 -50.99 -30.47
N THR D 316 -30.88 -49.72 -30.03
CA THR D 316 -29.91 -49.09 -29.14
C THR D 316 -30.61 -48.41 -27.96
N LEU D 317 -29.82 -48.04 -26.93
CA LEU D 317 -30.31 -47.35 -25.74
C LEU D 317 -30.56 -45.89 -26.09
N LYS D 318 -31.78 -45.43 -25.86
CA LYS D 318 -32.18 -44.05 -26.12
C LYS D 318 -31.81 -43.20 -24.91
N ASP D 319 -32.28 -43.61 -23.72
CA ASP D 319 -32.05 -42.87 -22.48
C ASP D 319 -32.16 -43.76 -21.25
N LEU D 320 -31.78 -43.19 -20.09
CA LEU D 320 -31.82 -43.82 -18.78
C LEU D 320 -32.70 -43.00 -17.86
N ARG D 321 -33.50 -43.67 -17.01
CA ARG D 321 -34.39 -43.00 -16.06
C ARG D 321 -34.38 -43.76 -14.74
N VAL D 322 -34.47 -43.04 -13.61
CA VAL D 322 -34.54 -43.64 -12.28
C VAL D 322 -35.83 -43.16 -11.60
N GLU D 323 -36.63 -44.11 -11.09
CA GLU D 323 -37.88 -43.80 -10.40
C GLU D 323 -37.89 -44.45 -9.03
N LEU D 324 -38.19 -43.68 -7.98
CA LEU D 324 -38.26 -44.20 -6.61
C LEU D 324 -39.61 -44.91 -6.44
N LEU D 325 -39.58 -46.23 -6.26
CA LEU D 325 -40.81 -47.00 -6.06
C LEU D 325 -41.31 -46.76 -4.65
N GLY D 326 -40.48 -47.09 -3.67
CA GLY D 326 -40.83 -46.90 -2.27
C GLY D 326 -39.76 -47.39 -1.31
N GLU D 327 -40.20 -47.82 -0.10
CA GLU D 327 -39.33 -48.33 0.96
C GLU D 327 -39.63 -49.81 1.23
N THR D 328 -38.58 -50.60 1.48
CA THR D 328 -38.68 -52.02 1.82
C THR D 328 -37.82 -52.20 3.08
N SER D 329 -37.43 -53.45 3.42
CA SER D 329 -36.49 -53.67 4.52
C SER D 329 -35.10 -53.31 3.97
N ILE D 330 -34.05 -53.25 4.80
CA ILE D 330 -32.70 -52.96 4.27
C ILE D 330 -32.25 -54.19 3.45
N ALA D 331 -32.38 -54.07 2.12
CA ALA D 331 -32.12 -55.16 1.19
C ALA D 331 -30.63 -55.49 0.99
N GLU D 332 -30.26 -56.75 1.24
CA GLU D 332 -28.93 -57.28 0.98
C GLU D 332 -28.94 -57.71 -0.49
N CYS D 333 -30.00 -58.45 -0.88
CA CYS D 333 -30.21 -58.95 -2.23
C CYS D 333 -31.69 -58.77 -2.61
N LEU D 334 -31.96 -58.57 -3.90
CA LEU D 334 -33.32 -58.42 -4.43
C LEU D 334 -33.48 -59.42 -5.56
N THR D 335 -34.73 -59.84 -5.83
CA THR D 335 -34.98 -60.72 -6.96
C THR D 335 -36.44 -60.62 -7.42
N TYR D 336 -36.65 -60.18 -8.69
CA TYR D 336 -38.00 -60.05 -9.25
C TYR D 336 -38.50 -61.45 -9.55
N LEU D 337 -39.66 -61.82 -8.99
CA LEU D 337 -40.25 -63.14 -9.22
C LEU D 337 -41.12 -63.08 -10.49
N ASP D 338 -42.34 -62.52 -10.40
CA ASP D 338 -43.21 -62.36 -11.56
C ASP D 338 -44.48 -61.62 -11.18
N ASN D 339 -45.16 -61.04 -12.18
CA ASN D 339 -46.43 -60.33 -11.97
C ASN D 339 -46.36 -59.27 -10.86
N GLY D 340 -45.31 -58.46 -10.89
CA GLY D 340 -45.11 -57.40 -9.90
C GLY D 340 -44.59 -57.82 -8.54
N VAL D 341 -44.33 -59.13 -8.34
CA VAL D 341 -43.83 -59.65 -7.07
C VAL D 341 -42.31 -59.60 -7.07
N VAL D 342 -41.75 -59.08 -5.97
CA VAL D 342 -40.31 -59.00 -5.74
C VAL D 342 -40.04 -59.58 -4.38
N PHE D 343 -38.95 -60.36 -4.24
CA PHE D 343 -38.51 -60.89 -2.95
C PHE D 343 -37.34 -60.00 -2.50
N VAL D 344 -37.45 -59.47 -1.28
CA VAL D 344 -36.43 -58.60 -0.69
C VAL D 344 -35.66 -59.39 0.39
N GLY D 345 -34.48 -59.88 0.03
CA GLY D 345 -33.62 -60.63 0.94
C GLY D 345 -32.80 -59.67 1.79
N SER D 346 -33.01 -59.69 3.13
CA SER D 346 -32.36 -58.77 4.07
C SER D 346 -31.50 -59.51 5.09
N ARG D 347 -30.51 -58.76 5.60
CA ARG D 347 -29.55 -59.20 6.63
C ARG D 347 -29.82 -58.49 7.95
N LEU D 348 -30.07 -57.16 7.90
CA LEU D 348 -30.35 -56.34 9.08
C LEU D 348 -31.78 -56.44 9.58
N GLY D 349 -32.71 -56.95 8.75
CA GLY D 349 -34.12 -57.06 9.12
C GLY D 349 -34.85 -58.23 8.51
N ASP D 350 -36.19 -58.23 8.67
CA ASP D 350 -37.02 -59.30 8.12
C ASP D 350 -37.00 -59.23 6.60
N SER D 351 -36.89 -60.41 5.95
CA SER D 351 -36.90 -60.48 4.49
C SER D 351 -38.37 -60.47 4.09
N GLN D 352 -38.70 -59.94 2.90
CA GLN D 352 -40.11 -59.79 2.52
C GLN D 352 -40.41 -60.22 1.10
N LEU D 353 -41.72 -60.32 0.81
CA LEU D 353 -42.29 -60.48 -0.53
C LEU D 353 -43.08 -59.19 -0.66
N VAL D 354 -42.84 -58.39 -1.72
CA VAL D 354 -43.51 -57.10 -1.91
C VAL D 354 -44.11 -56.97 -3.32
N LYS D 355 -45.32 -56.38 -3.41
CA LYS D 355 -46.01 -56.17 -4.68
C LYS D 355 -45.70 -54.79 -5.20
N LEU D 356 -45.42 -54.67 -6.51
CA LEU D 356 -45.15 -53.41 -7.18
C LEU D 356 -46.37 -53.02 -8.02
N ASN D 357 -47.22 -52.13 -7.48
CA ASN D 357 -48.42 -51.67 -8.15
C ASN D 357 -48.07 -50.57 -9.14
N VAL D 358 -48.93 -50.36 -10.14
CA VAL D 358 -48.69 -49.38 -11.19
C VAL D 358 -49.16 -47.99 -10.79
N ASP D 359 -50.34 -47.89 -10.18
CA ASP D 359 -50.92 -46.61 -9.78
C ASP D 359 -50.38 -45.98 -8.50
N SER D 360 -49.64 -46.71 -7.65
CA SER D 360 -49.13 -46.18 -6.37
C SER D 360 -50.27 -46.05 -5.34
N ASN D 361 -50.02 -45.39 -4.19
CA ASN D 361 -51.05 -45.18 -3.18
C ASN D 361 -51.07 -43.71 -2.74
N GLU D 362 -51.94 -43.36 -1.76
CA GLU D 362 -52.11 -41.98 -1.27
C GLU D 362 -50.83 -41.36 -0.70
N GLN D 363 -49.96 -42.18 -0.08
CA GLN D 363 -48.69 -41.70 0.48
C GLN D 363 -47.67 -41.42 -0.63
N GLY D 364 -47.82 -42.10 -1.78
CA GLY D 364 -46.95 -41.95 -2.94
C GLY D 364 -46.12 -43.17 -3.26
N SER D 365 -46.11 -44.22 -2.40
CA SER D 365 -45.32 -45.44 -2.63
C SER D 365 -46.01 -46.40 -3.60
N TYR D 366 -45.21 -47.06 -4.44
CA TYR D 366 -45.64 -48.04 -5.43
C TYR D 366 -45.42 -49.46 -4.89
N VAL D 367 -44.81 -49.60 -3.69
CA VAL D 367 -44.52 -50.91 -3.09
C VAL D 367 -45.52 -51.21 -1.97
N VAL D 368 -46.03 -52.46 -1.91
CA VAL D 368 -46.98 -52.90 -0.89
C VAL D 368 -46.52 -54.27 -0.38
N ALA D 369 -46.29 -54.39 0.94
CA ALA D 369 -45.80 -55.63 1.54
C ALA D 369 -46.84 -56.74 1.54
N MET D 370 -46.43 -57.96 1.18
CA MET D 370 -47.29 -59.15 1.15
C MET D 370 -46.97 -60.05 2.34
N GLU D 371 -45.75 -60.61 2.39
CA GLU D 371 -45.29 -61.50 3.47
C GLU D 371 -44.05 -60.91 4.11
N THR D 372 -43.81 -61.31 5.36
CA THR D 372 -42.67 -60.87 6.16
C THR D 372 -42.05 -62.10 6.82
N PHE D 373 -40.92 -62.57 6.28
CA PHE D 373 -40.21 -63.74 6.82
C PHE D 373 -39.31 -63.29 7.95
N THR D 374 -39.50 -63.89 9.13
CA THR D 374 -38.76 -63.54 10.34
C THR D 374 -37.27 -63.78 10.17
N ASN D 375 -36.49 -62.77 10.60
CA ASN D 375 -35.04 -62.79 10.60
C ASN D 375 -34.58 -62.31 11.96
N LEU D 376 -34.02 -63.21 12.79
CA LEU D 376 -33.48 -62.83 14.10
C LEU D 376 -32.30 -61.86 13.95
N GLY D 377 -31.80 -61.72 12.71
CA GLY D 377 -30.82 -60.73 12.27
C GLY D 377 -29.58 -60.69 13.13
N PRO D 378 -28.79 -59.59 13.08
CA PRO D 378 -27.62 -59.53 13.96
C PRO D 378 -28.04 -59.56 15.42
N ILE D 379 -27.81 -60.70 16.11
CA ILE D 379 -28.14 -60.80 17.54
C ILE D 379 -26.92 -60.17 18.20
N VAL D 380 -27.08 -58.93 18.71
CA VAL D 380 -25.98 -58.16 19.31
C VAL D 380 -25.86 -58.39 20.83
N ASP D 381 -26.96 -58.79 21.48
CA ASP D 381 -27.02 -59.14 22.90
C ASP D 381 -28.32 -59.89 23.14
N MET D 382 -28.39 -60.67 24.23
CA MET D 382 -29.59 -61.43 24.58
C MET D 382 -29.56 -61.81 26.05
N CYS D 383 -30.70 -62.28 26.56
CA CYS D 383 -30.84 -62.75 27.94
C CYS D 383 -31.92 -63.80 28.03
N VAL D 384 -31.86 -64.64 29.07
CA VAL D 384 -32.84 -65.71 29.31
C VAL D 384 -33.71 -65.33 30.52
N VAL D 385 -35.06 -65.42 30.35
CA VAL D 385 -36.02 -65.06 31.40
C VAL D 385 -37.12 -66.10 31.46
N ASP D 386 -37.54 -66.44 32.69
CA ASP D 386 -38.60 -67.39 32.97
C ASP D 386 -39.84 -66.51 33.20
N LEU D 387 -40.46 -66.12 32.09
CA LEU D 387 -41.57 -65.16 32.10
C LEU D 387 -42.89 -65.65 32.72
N GLU D 388 -43.71 -66.45 31.98
CA GLU D 388 -45.03 -66.86 32.46
C GLU D 388 -45.10 -68.29 33.00
N ARG D 389 -44.31 -69.23 32.45
CA ARG D 389 -44.37 -70.62 32.90
C ARG D 389 -43.81 -70.83 34.31
N GLN D 390 -42.85 -69.98 34.75
CA GLN D 390 -42.21 -70.06 36.07
C GLN D 390 -41.50 -71.42 36.27
N GLY D 391 -40.88 -71.89 35.19
CA GLY D 391 -40.12 -73.14 35.14
C GLY D 391 -39.30 -73.26 33.87
N GLN D 392 -39.95 -73.08 32.70
CA GLN D 392 -39.31 -73.14 31.37
C GLN D 392 -38.81 -71.73 30.99
N GLY D 393 -37.54 -71.62 30.58
CA GLY D 393 -36.93 -70.35 30.20
C GLY D 393 -37.21 -69.93 28.76
N GLN D 394 -37.20 -68.62 28.51
CA GLN D 394 -37.43 -68.00 27.20
C GLN D 394 -36.28 -67.05 26.90
N LEU D 395 -35.88 -66.93 25.63
CA LEU D 395 -34.75 -66.12 25.20
C LEU D 395 -35.16 -64.82 24.50
N VAL D 396 -34.82 -63.65 25.10
CA VAL D 396 -35.10 -62.32 24.52
C VAL D 396 -33.80 -61.86 23.89
N THR D 397 -33.82 -61.39 22.62
CA THR D 397 -32.60 -60.98 21.89
C THR D 397 -32.69 -59.57 21.26
N CYS D 398 -31.58 -58.78 21.36
CA CYS D 398 -31.44 -57.48 20.70
C CYS D 398 -31.12 -57.82 19.26
N SER D 399 -32.10 -57.69 18.37
CA SER D 399 -31.99 -58.08 16.96
C SER D 399 -32.01 -56.90 16.03
N GLY D 400 -31.40 -57.07 14.86
CA GLY D 400 -31.42 -56.06 13.80
C GLY D 400 -30.69 -54.76 14.08
N ALA D 401 -30.77 -53.84 13.12
CA ALA D 401 -30.14 -52.53 13.22
C ALA D 401 -30.97 -51.48 12.50
N PHE D 402 -30.86 -50.22 12.97
CA PHE D 402 -31.56 -49.05 12.42
C PHE D 402 -33.09 -49.25 12.43
N LYS D 403 -33.84 -48.81 11.38
CA LYS D 403 -35.29 -49.00 11.33
C LYS D 403 -35.71 -50.48 11.52
N GLU D 404 -34.89 -51.44 11.06
CA GLU D 404 -35.22 -52.86 11.20
C GLU D 404 -35.03 -53.37 12.64
N GLY D 405 -34.26 -52.64 13.45
CA GLY D 405 -33.97 -52.97 14.84
C GLY D 405 -35.19 -53.31 15.68
N SER D 406 -35.07 -54.39 16.49
CA SER D 406 -36.19 -54.90 17.28
C SER D 406 -35.75 -55.85 18.37
N LEU D 407 -36.70 -56.30 19.21
CA LEU D 407 -36.44 -57.32 20.23
C LEU D 407 -37.20 -58.56 19.79
N ARG D 408 -36.66 -59.76 20.05
CA ARG D 408 -37.33 -61.01 19.66
C ARG D 408 -37.40 -61.90 20.88
N ILE D 409 -38.60 -62.39 21.25
CA ILE D 409 -38.79 -63.30 22.38
C ILE D 409 -38.98 -64.69 21.79
N ILE D 410 -37.92 -65.53 21.87
CA ILE D 410 -37.91 -66.89 21.34
C ILE D 410 -38.19 -67.89 22.46
N ARG D 411 -39.03 -68.90 22.20
CA ARG D 411 -39.41 -69.94 23.16
C ARG D 411 -39.79 -71.23 22.45
N ASN D 412 -39.73 -72.38 23.14
CA ASN D 412 -40.12 -73.67 22.53
C ASN D 412 -41.64 -73.83 22.54
N GLY D 413 -42.15 -74.65 21.63
CA GLY D 413 -43.58 -74.90 21.47
C GLY D 413 -44.27 -75.47 22.69
N ILE D 414 -43.68 -76.53 23.29
CA ILE D 414 -44.18 -77.22 24.49
C ILE D 414 -45.64 -77.69 24.33
N GLN D 424 -42.36 -79.48 18.77
CA GLN D 424 -40.91 -79.53 18.60
C GLN D 424 -40.39 -78.41 17.66
N LYS D 425 -40.91 -77.17 17.87
CA LYS D 425 -40.56 -76.02 17.03
C LYS D 425 -40.49 -74.71 17.87
N LEU D 426 -39.65 -73.74 17.46
CA LEU D 426 -39.48 -72.46 18.15
C LEU D 426 -40.53 -71.43 17.73
N HIS D 427 -41.15 -70.78 18.73
CA HIS D 427 -42.15 -69.73 18.55
C HIS D 427 -41.45 -68.39 18.85
N ILE D 428 -41.55 -67.42 17.92
CA ILE D 428 -40.89 -66.12 18.04
C ILE D 428 -41.91 -64.99 18.08
N ARG D 429 -41.77 -64.05 19.03
CA ARG D 429 -42.63 -62.85 19.12
C ARG D 429 -41.72 -61.64 18.89
N THR D 430 -42.02 -60.80 17.89
CA THR D 430 -41.23 -59.62 17.52
C THR D 430 -41.78 -58.33 18.15
N VAL D 431 -40.89 -57.43 18.60
CA VAL D 431 -41.24 -56.12 19.18
C VAL D 431 -40.44 -55.09 18.37
N PRO D 432 -41.04 -54.46 17.32
CA PRO D 432 -40.26 -53.49 16.53
C PRO D 432 -39.94 -52.21 17.29
N LEU D 433 -38.68 -51.75 17.21
CA LEU D 433 -38.23 -50.53 17.88
C LEU D 433 -37.99 -49.37 16.93
N TYR D 434 -37.71 -49.65 15.63
CA TYR D 434 -37.40 -48.63 14.62
C TYR D 434 -36.08 -47.88 14.90
N GLU D 435 -35.20 -48.48 15.72
CA GLU D 435 -33.88 -47.96 16.07
C GLU D 435 -33.01 -49.12 16.52
N SER D 436 -31.68 -48.92 16.56
CA SER D 436 -30.75 -49.99 16.88
C SER D 436 -30.69 -50.39 18.37
N PRO D 437 -31.16 -51.62 18.77
CA PRO D 437 -31.00 -52.05 20.17
C PRO D 437 -29.58 -52.58 20.34
N ARG D 438 -28.95 -52.35 21.50
CA ARG D 438 -27.56 -52.74 21.73
C ARG D 438 -27.32 -53.71 22.89
N LYS D 439 -27.83 -53.43 24.09
CA LYS D 439 -27.66 -54.32 25.24
C LYS D 439 -28.99 -54.50 25.94
N ILE D 440 -29.16 -55.64 26.64
CA ILE D 440 -30.40 -55.98 27.35
C ILE D 440 -30.12 -56.65 28.70
N CYS D 441 -30.98 -56.36 29.68
CA CYS D 441 -30.95 -56.97 31.01
C CYS D 441 -32.37 -56.95 31.58
N TYR D 442 -32.73 -57.97 32.35
CA TYR D 442 -34.07 -58.12 32.91
C TYR D 442 -34.08 -57.73 34.40
N GLN D 443 -35.21 -57.17 34.87
CA GLN D 443 -35.41 -56.78 36.27
C GLN D 443 -36.74 -57.35 36.77
N GLU D 444 -36.66 -58.47 37.50
CA GLU D 444 -37.82 -59.20 38.05
C GLU D 444 -38.58 -58.36 39.05
N VAL D 445 -37.88 -57.63 39.92
CA VAL D 445 -38.48 -56.80 40.96
C VAL D 445 -39.48 -55.78 40.38
N SER D 446 -39.20 -55.22 39.20
CA SER D 446 -40.11 -54.25 38.56
C SER D 446 -40.86 -54.83 37.33
N GLN D 447 -40.80 -56.17 37.13
CA GLN D 447 -41.48 -56.88 36.03
C GLN D 447 -41.26 -56.20 34.66
N CYS D 448 -40.01 -55.82 34.37
CA CYS D 448 -39.71 -55.13 33.10
C CYS D 448 -38.24 -55.26 32.71
N PHE D 449 -37.96 -54.97 31.44
CA PHE D 449 -36.62 -55.04 30.86
C PHE D 449 -35.99 -53.67 30.74
N GLY D 450 -34.66 -53.66 30.80
CA GLY D 450 -33.82 -52.48 30.61
C GLY D 450 -33.04 -52.74 29.34
N VAL D 451 -33.16 -51.84 28.34
CA VAL D 451 -32.50 -52.03 27.04
C VAL D 451 -31.78 -50.77 26.61
N LEU D 452 -30.47 -50.89 26.30
CA LEU D 452 -29.72 -49.76 25.75
C LEU D 452 -29.98 -49.73 24.24
N SER D 453 -30.20 -48.54 23.66
CA SER D 453 -30.49 -48.39 22.24
C SER D 453 -29.99 -47.07 21.71
N SER D 454 -29.72 -47.01 20.40
CA SER D 454 -29.27 -45.78 19.76
C SER D 454 -30.08 -45.49 18.50
N ARG D 455 -30.41 -44.20 18.28
CA ARG D 455 -31.14 -43.74 17.11
C ARG D 455 -30.29 -42.68 16.41
N ILE D 456 -30.28 -42.66 15.07
CA ILE D 456 -29.51 -41.71 14.29
C ILE D 456 -30.35 -40.45 14.06
N GLU D 457 -29.79 -39.28 14.33
CA GLU D 457 -30.42 -37.99 14.06
C GLU D 457 -29.47 -37.23 13.14
N VAL D 458 -29.98 -36.24 12.41
CA VAL D 458 -29.18 -35.44 11.48
C VAL D 458 -29.05 -34.01 11.98
N GLN D 459 -27.86 -33.39 11.77
CA GLN D 459 -27.60 -32.02 12.22
C GLN D 459 -28.50 -31.04 11.45
N ASP D 460 -29.29 -30.25 12.19
CA ASP D 460 -30.21 -29.26 11.63
C ASP D 460 -29.53 -27.90 11.46
N THR D 461 -30.04 -27.11 10.49
CA THR D 461 -29.58 -25.74 10.19
C THR D 461 -29.59 -24.87 11.47
N SER D 462 -30.65 -25.03 12.29
CA SER D 462 -30.85 -24.31 13.55
C SER D 462 -29.70 -24.47 14.57
N GLY D 463 -29.03 -25.62 14.56
CA GLY D 463 -27.94 -25.93 15.48
C GLY D 463 -28.12 -27.28 16.13
N GLY D 464 -29.36 -27.59 16.50
CA GLY D 464 -29.71 -28.86 17.11
C GLY D 464 -29.83 -29.99 16.09
N THR D 465 -30.35 -31.15 16.53
CA THR D 465 -30.50 -32.33 15.68
C THR D 465 -31.97 -32.69 15.46
N THR D 466 -32.28 -33.36 14.32
CA THR D 466 -33.63 -33.77 13.95
C THR D 466 -33.64 -35.28 13.68
N ALA D 467 -34.68 -35.99 14.16
CA ALA D 467 -34.81 -37.43 13.95
C ALA D 467 -35.25 -37.76 12.53
N LEU D 468 -34.97 -38.99 12.10
CA LEU D 468 -35.31 -39.48 10.76
C LEU D 468 -36.75 -39.99 10.74
N ARG D 469 -37.13 -40.79 11.74
CA ARG D 469 -38.45 -41.39 11.86
C ARG D 469 -38.82 -41.53 13.33
N PRO D 470 -40.11 -41.72 13.68
CA PRO D 470 -40.45 -41.89 15.08
C PRO D 470 -40.13 -43.31 15.54
N SER D 471 -39.15 -43.43 16.46
CA SER D 471 -38.67 -44.71 17.00
C SER D 471 -38.92 -44.84 18.51
N ALA D 472 -38.69 -46.05 19.04
CA ALA D 472 -38.88 -46.45 20.44
C ALA D 472 -38.58 -45.37 21.48
N SER D 473 -37.39 -44.76 21.41
CA SER D 473 -37.00 -43.72 22.36
C SER D 473 -37.85 -42.44 22.21
N THR D 474 -38.27 -42.09 20.98
CA THR D 474 -39.07 -40.88 20.75
C THR D 474 -40.56 -41.09 21.11
N GLN D 475 -41.06 -42.34 21.05
CA GLN D 475 -42.46 -42.67 21.37
C GLN D 475 -42.56 -43.43 22.69
N ALA D 476 -42.04 -42.84 23.77
CA ALA D 476 -42.07 -43.42 25.11
C ALA D 476 -43.15 -42.75 25.93
N LEU D 477 -43.73 -43.46 26.91
CA LEU D 477 -44.76 -42.88 27.78
C LEU D 477 -44.09 -41.84 28.67
N SER D 478 -43.15 -42.28 29.51
CA SER D 478 -42.37 -41.39 30.38
C SER D 478 -41.04 -41.10 29.66
N SER D 479 -40.48 -39.90 29.83
CA SER D 479 -39.24 -39.52 29.15
C SER D 479 -38.35 -38.67 30.03
N SER D 480 -37.03 -38.71 29.78
CA SER D 480 -36.07 -37.90 30.54
C SER D 480 -34.74 -37.74 29.81
N VAL D 481 -33.94 -36.75 30.25
CA VAL D 481 -32.63 -36.43 29.70
C VAL D 481 -31.63 -36.38 30.85
N SER D 482 -30.41 -36.90 30.65
CA SER D 482 -29.38 -36.94 31.70
C SER D 482 -28.93 -35.52 32.06
N SER D 483 -28.82 -35.23 33.36
CA SER D 483 -28.43 -33.92 33.85
C SER D 483 -26.93 -33.72 33.67
N SER D 484 -26.57 -32.81 32.75
CA SER D 484 -25.18 -32.52 32.43
C SER D 484 -24.56 -31.70 33.57
N LYS D 485 -23.58 -32.31 34.29
CA LYS D 485 -22.90 -31.70 35.44
C LYS D 485 -21.37 -31.94 35.38
N LEU D 486 -20.96 -33.21 35.27
CA LEU D 486 -19.56 -33.64 35.20
C LEU D 486 -18.87 -33.12 33.94
N PHE D 487 -19.49 -33.32 32.77
CA PHE D 487 -18.93 -32.90 31.48
C PHE D 487 -19.60 -31.68 30.86
N SER D 488 -20.68 -31.12 31.46
CA SER D 488 -21.32 -29.89 30.92
C SER D 488 -20.31 -28.79 31.02
N SER D 489 -19.60 -28.85 32.12
CA SER D 489 -18.51 -27.99 32.41
C SER D 489 -17.27 -28.63 31.72
N SER D 490 -16.99 -29.93 31.99
CA SER D 490 -15.82 -30.62 31.39
C SER D 490 -16.05 -31.00 29.94
N THR D 491 -16.01 -30.00 29.03
CA THR D 491 -16.24 -30.26 27.62
C THR D 491 -15.16 -29.63 26.74
N ALA D 492 -14.81 -30.32 25.63
CA ALA D 492 -13.80 -29.84 24.68
C ALA D 492 -14.45 -28.88 23.66
N PRO D 493 -13.71 -27.91 23.06
CA PRO D 493 -14.35 -27.01 22.08
C PRO D 493 -14.40 -27.61 20.67
N HIS D 494 -15.61 -27.68 20.07
CA HIS D 494 -15.81 -28.22 18.72
C HIS D 494 -17.22 -27.93 18.21
N GLU D 495 -17.44 -28.05 16.89
CA GLU D 495 -18.78 -27.81 16.31
C GLU D 495 -19.10 -28.84 15.22
N THR D 496 -20.38 -29.27 15.14
CA THR D 496 -20.87 -30.25 14.15
C THR D 496 -21.49 -29.52 12.96
N SER D 497 -21.11 -29.90 11.73
CA SER D 497 -21.60 -29.26 10.49
C SER D 497 -22.96 -29.81 10.05
N PHE D 498 -23.74 -28.99 9.32
CA PHE D 498 -25.08 -29.34 8.82
C PHE D 498 -25.05 -30.62 8.00
N GLY D 499 -26.08 -31.46 8.18
CA GLY D 499 -26.21 -32.72 7.46
C GLY D 499 -25.53 -33.91 8.11
N GLU D 500 -24.51 -33.69 8.97
CA GLU D 500 -23.79 -34.79 9.62
C GLU D 500 -24.71 -35.60 10.53
N GLU D 501 -24.58 -36.93 10.49
CA GLU D 501 -25.38 -37.83 11.32
C GLU D 501 -24.74 -37.93 12.71
N VAL D 502 -25.57 -38.09 13.75
CA VAL D 502 -25.11 -38.25 15.14
C VAL D 502 -26.06 -39.22 15.83
N GLU D 503 -25.52 -40.26 16.48
CA GLU D 503 -26.37 -41.23 17.16
C GLU D 503 -26.66 -40.81 18.61
N VAL D 504 -27.95 -40.89 19.00
CA VAL D 504 -28.47 -40.50 20.31
C VAL D 504 -28.70 -41.78 21.10
N HIS D 505 -28.02 -41.94 22.26
CA HIS D 505 -28.11 -43.12 23.10
C HIS D 505 -29.17 -42.99 24.18
N ASN D 506 -29.96 -44.06 24.41
CA ASN D 506 -31.05 -44.07 25.40
C ASN D 506 -31.14 -45.40 26.14
N LEU D 507 -31.57 -45.34 27.43
CA LEU D 507 -31.84 -46.53 28.23
C LEU D 507 -33.36 -46.65 28.22
N LEU D 508 -33.90 -47.69 27.54
CA LEU D 508 -35.34 -47.91 27.41
C LEU D 508 -35.82 -48.86 28.49
N ILE D 509 -36.87 -48.48 29.23
CA ILE D 509 -37.52 -49.34 30.23
C ILE D 509 -38.75 -49.86 29.52
N ILE D 510 -38.75 -51.17 29.17
CA ILE D 510 -39.83 -51.81 28.40
C ILE D 510 -40.53 -52.92 29.23
N ASP D 511 -41.89 -52.90 29.30
CA ASP D 511 -42.72 -53.84 30.08
C ASP D 511 -42.53 -55.31 29.68
N GLN D 512 -42.44 -56.25 30.66
CA GLN D 512 -42.23 -57.66 30.34
C GLN D 512 -43.43 -58.34 29.67
N HIS D 513 -44.65 -57.82 29.86
CA HIS D 513 -45.87 -58.42 29.32
C HIS D 513 -46.26 -57.79 27.98
N THR D 514 -46.55 -56.48 27.99
CA THR D 514 -46.99 -55.76 26.78
C THR D 514 -45.85 -55.35 25.85
N PHE D 515 -44.62 -55.20 26.38
CA PHE D 515 -43.44 -54.74 25.64
C PHE D 515 -43.61 -53.32 25.09
N GLU D 516 -44.34 -52.48 25.82
CA GLU D 516 -44.51 -51.08 25.45
C GLU D 516 -43.39 -50.32 26.11
N VAL D 517 -42.98 -49.19 25.50
CA VAL D 517 -41.89 -48.36 26.03
C VAL D 517 -42.42 -47.54 27.20
N LEU D 518 -42.24 -48.06 28.42
CA LEU D 518 -42.71 -47.40 29.65
C LEU D 518 -41.94 -46.10 29.93
N HIS D 519 -40.60 -46.13 29.76
CA HIS D 519 -39.77 -44.94 29.96
C HIS D 519 -38.56 -44.96 29.03
N ALA D 520 -38.09 -43.77 28.60
CA ALA D 520 -36.91 -43.64 27.74
C ALA D 520 -35.98 -42.55 28.28
N HIS D 521 -34.77 -42.95 28.75
CA HIS D 521 -33.80 -42.01 29.32
C HIS D 521 -32.68 -41.72 28.36
N GLN D 522 -32.64 -40.49 27.81
CA GLN D 522 -31.60 -40.07 26.88
C GLN D 522 -30.35 -39.70 27.67
N PHE D 523 -29.18 -40.15 27.19
CA PHE D 523 -27.90 -39.85 27.85
C PHE D 523 -27.35 -38.49 27.39
N LEU D 524 -26.16 -38.09 27.86
CA LEU D 524 -25.58 -36.79 27.53
C LEU D 524 -25.14 -36.69 26.08
N GLN D 525 -24.90 -35.46 25.61
CA GLN D 525 -24.43 -35.23 24.24
C GLN D 525 -23.01 -35.78 24.17
N ASN D 526 -22.70 -36.53 23.10
CA ASN D 526 -21.40 -37.21 22.89
C ASN D 526 -21.18 -38.40 23.85
N GLU D 527 -22.21 -38.85 24.61
CA GLU D 527 -22.06 -39.97 25.53
C GLU D 527 -22.48 -41.27 24.86
N TYR D 528 -21.54 -42.23 24.79
CA TYR D 528 -21.78 -43.54 24.21
C TYR D 528 -22.05 -44.55 25.33
N ALA D 529 -23.28 -45.11 25.34
CA ALA D 529 -23.67 -46.11 26.33
C ALA D 529 -23.06 -47.43 25.88
N LEU D 530 -22.30 -48.07 26.76
CA LEU D 530 -21.59 -49.29 26.43
C LEU D 530 -22.12 -50.51 27.15
N SER D 531 -21.99 -50.56 28.49
CA SER D 531 -22.40 -51.70 29.31
C SER D 531 -23.65 -51.41 30.14
N LEU D 532 -24.41 -52.48 30.46
CA LEU D 532 -25.67 -52.38 31.22
C LEU D 532 -25.90 -53.61 32.15
N VAL D 533 -26.22 -53.37 33.45
CA VAL D 533 -26.53 -54.45 34.41
C VAL D 533 -27.73 -54.07 35.28
N SER D 534 -28.43 -55.08 35.81
CA SER D 534 -29.58 -54.93 36.72
C SER D 534 -29.26 -55.78 37.96
N CYS D 535 -29.08 -55.15 39.16
CA CYS D 535 -28.71 -55.92 40.36
C CYS D 535 -28.97 -55.17 41.67
N LYS D 536 -28.78 -55.90 42.80
CA LYS D 536 -28.83 -55.38 44.16
C LYS D 536 -27.37 -55.35 44.62
N LEU D 537 -26.91 -54.22 45.21
CA LEU D 537 -25.52 -54.05 45.66
C LEU D 537 -25.45 -53.75 47.16
N GLY D 538 -24.56 -54.44 47.86
CA GLY D 538 -24.36 -54.28 49.30
C GLY D 538 -25.57 -54.63 50.13
N LYS D 539 -25.79 -53.89 51.23
CA LYS D 539 -26.92 -54.10 52.13
C LYS D 539 -28.24 -53.57 51.53
N ASP D 540 -28.17 -52.67 50.52
CA ASP D 540 -29.33 -52.04 49.90
C ASP D 540 -30.32 -53.07 49.30
N PRO D 541 -31.59 -53.07 49.76
CA PRO D 541 -32.56 -54.02 49.22
C PRO D 541 -33.14 -53.64 47.85
N ASN D 542 -32.96 -52.38 47.38
CA ASN D 542 -33.49 -51.95 46.08
C ASN D 542 -32.68 -52.55 44.94
N THR D 543 -33.33 -52.88 43.81
CA THR D 543 -32.68 -53.41 42.62
C THR D 543 -32.51 -52.23 41.66
N TYR D 544 -31.25 -51.91 41.30
CA TYR D 544 -30.93 -50.77 40.42
C TYR D 544 -30.49 -51.20 39.02
N PHE D 545 -30.62 -50.28 38.04
CA PHE D 545 -30.15 -50.45 36.65
C PHE D 545 -28.87 -49.63 36.50
N ILE D 546 -27.68 -50.27 36.51
CA ILE D 546 -26.40 -49.54 36.37
C ILE D 546 -25.98 -49.55 34.91
N VAL D 547 -25.45 -48.40 34.41
CA VAL D 547 -25.03 -48.23 33.01
C VAL D 547 -23.63 -47.64 32.92
N GLY D 548 -22.76 -48.35 32.19
CA GLY D 548 -21.39 -47.93 31.91
C GLY D 548 -21.38 -47.21 30.58
N THR D 549 -20.76 -46.02 30.54
CA THR D 549 -20.73 -45.16 29.35
C THR D 549 -19.29 -44.73 29.01
N ALA D 550 -19.14 -43.87 27.98
CA ALA D 550 -17.86 -43.30 27.54
C ALA D 550 -18.13 -42.03 26.73
N MET D 551 -17.43 -40.94 27.02
CA MET D 551 -17.60 -39.69 26.27
C MET D 551 -16.75 -39.74 25.01
N VAL D 552 -17.42 -39.86 23.86
CA VAL D 552 -16.79 -40.01 22.55
C VAL D 552 -16.80 -38.70 21.76
N TYR D 553 -15.64 -38.07 21.64
CA TYR D 553 -15.45 -36.86 20.84
C TYR D 553 -14.67 -37.29 19.60
N PRO D 554 -14.86 -36.65 18.42
CA PRO D 554 -14.12 -37.10 17.22
C PRO D 554 -12.62 -36.82 17.26
N GLU D 555 -12.21 -35.66 17.79
CA GLU D 555 -10.79 -35.31 17.91
C GLU D 555 -10.05 -36.22 18.90
N GLU D 556 -10.76 -36.72 19.94
CA GLU D 556 -10.20 -37.60 20.97
C GLU D 556 -10.23 -39.06 20.49
N ALA D 557 -9.05 -39.70 20.32
CA ALA D 557 -8.95 -41.08 19.85
C ALA D 557 -9.43 -42.11 20.89
N GLU D 558 -8.68 -42.27 21.99
CA GLU D 558 -9.03 -43.21 23.05
C GLU D 558 -9.86 -42.44 24.09
N PRO D 559 -11.03 -42.95 24.57
CA PRO D 559 -11.83 -42.17 25.53
C PRO D 559 -11.14 -41.95 26.88
N LYS D 560 -11.15 -40.70 27.37
CA LYS D 560 -10.55 -40.32 28.65
C LYS D 560 -11.62 -39.90 29.69
N GLN D 561 -12.92 -40.07 29.36
CA GLN D 561 -14.02 -39.70 30.26
C GLN D 561 -15.19 -40.67 30.12
N GLY D 562 -15.83 -40.99 31.24
CA GLY D 562 -17.00 -41.87 31.24
C GLY D 562 -17.70 -41.88 32.57
N ARG D 563 -18.88 -42.53 32.67
CA ARG D 563 -19.61 -42.61 33.94
C ARG D 563 -20.21 -43.99 34.17
N ILE D 564 -20.48 -44.28 35.45
CA ILE D 564 -21.18 -45.48 35.91
C ILE D 564 -22.40 -44.87 36.61
N VAL D 565 -23.57 -44.87 35.94
CA VAL D 565 -24.78 -44.25 36.48
C VAL D 565 -25.71 -45.32 37.02
N VAL D 566 -26.12 -45.18 38.30
CA VAL D 566 -27.02 -46.10 38.99
C VAL D 566 -28.42 -45.50 38.93
N PHE D 567 -29.38 -46.19 38.28
CA PHE D 567 -30.76 -45.74 38.15
C PHE D 567 -31.72 -46.63 38.94
N GLN D 568 -32.88 -46.09 39.34
CA GLN D 568 -33.94 -46.86 40.02
C GLN D 568 -35.25 -46.59 39.32
N TYR D 569 -35.95 -47.65 38.90
CA TYR D 569 -37.24 -47.53 38.24
C TYR D 569 -38.33 -47.78 39.28
N SER D 570 -39.17 -46.77 39.53
CA SER D 570 -40.26 -46.89 40.50
C SER D 570 -41.37 -45.90 40.18
N ASP D 571 -42.63 -46.31 40.43
CA ASP D 571 -43.83 -45.50 40.19
C ASP D 571 -43.91 -44.97 38.75
N GLY D 572 -43.50 -45.80 37.78
CA GLY D 572 -43.53 -45.45 36.37
C GLY D 572 -42.49 -44.44 35.90
N LYS D 573 -41.46 -44.15 36.73
CA LYS D 573 -40.42 -43.18 36.40
C LYS D 573 -39.03 -43.71 36.78
N LEU D 574 -38.01 -43.31 36.00
CA LEU D 574 -36.61 -43.69 36.20
C LEU D 574 -35.87 -42.52 36.84
N GLN D 575 -35.26 -42.72 38.02
CA GLN D 575 -34.56 -41.66 38.74
C GLN D 575 -33.08 -41.98 38.94
N THR D 576 -32.21 -40.97 38.82
CA THR D 576 -30.77 -41.10 38.98
C THR D 576 -30.42 -41.21 40.47
N VAL D 577 -29.95 -42.38 40.92
CA VAL D 577 -29.61 -42.60 42.33
C VAL D 577 -28.21 -42.06 42.59
N ALA D 578 -27.23 -42.53 41.81
CA ALA D 578 -25.83 -42.14 41.92
C ALA D 578 -25.18 -42.03 40.55
N GLU D 579 -24.10 -41.28 40.48
CA GLU D 579 -23.34 -41.00 39.26
C GLU D 579 -21.86 -40.99 39.65
N LYS D 580 -21.02 -41.82 39.00
CA LYS D 580 -19.59 -41.87 39.32
C LYS D 580 -18.77 -41.62 38.07
N GLU D 581 -17.97 -40.56 38.06
CA GLU D 581 -17.10 -40.21 36.92
C GLU D 581 -15.90 -41.15 36.90
N VAL D 582 -15.39 -41.47 35.69
CA VAL D 582 -14.21 -42.32 35.51
C VAL D 582 -13.30 -41.75 34.43
N LYS D 583 -12.03 -42.12 34.51
CA LYS D 583 -10.97 -41.69 33.60
C LYS D 583 -10.97 -42.35 32.20
N GLY D 584 -11.97 -43.19 31.88
CA GLY D 584 -12.01 -43.88 30.61
C GLY D 584 -13.37 -44.42 30.21
N ALA D 585 -13.38 -45.40 29.30
CA ALA D 585 -14.61 -46.03 28.80
C ALA D 585 -14.97 -47.26 29.62
N VAL D 586 -16.20 -47.30 30.14
CA VAL D 586 -16.68 -48.45 30.93
C VAL D 586 -17.18 -49.49 29.93
N TYR D 587 -16.25 -50.28 29.40
CA TYR D 587 -16.57 -51.31 28.39
C TYR D 587 -17.49 -52.41 28.91
N SER D 588 -17.25 -52.86 30.15
CA SER D 588 -18.04 -53.94 30.73
C SER D 588 -18.17 -53.82 32.24
N MET D 589 -19.26 -54.41 32.77
CA MET D 589 -19.57 -54.45 34.20
C MET D 589 -20.27 -55.74 34.55
N VAL D 590 -20.01 -56.26 35.75
CA VAL D 590 -20.68 -57.47 36.25
C VAL D 590 -20.96 -57.35 37.75
N GLU D 591 -22.01 -58.05 38.20
CA GLU D 591 -22.39 -58.12 39.61
C GLU D 591 -21.39 -59.09 40.23
N PHE D 592 -20.59 -58.63 41.19
CA PHE D 592 -19.54 -59.43 41.80
C PHE D 592 -19.69 -59.55 43.32
N ASN D 593 -20.40 -60.59 43.79
CA ASN D 593 -20.58 -60.88 45.21
C ASN D 593 -21.07 -59.66 46.01
N GLY D 594 -22.16 -59.06 45.56
CA GLY D 594 -22.74 -57.87 46.19
C GLY D 594 -22.02 -56.57 45.93
N LYS D 595 -21.00 -56.58 45.05
CA LYS D 595 -20.21 -55.40 44.68
C LYS D 595 -20.27 -55.24 43.17
N LEU D 596 -19.91 -54.07 42.64
CA LEU D 596 -19.94 -53.82 41.20
C LEU D 596 -18.53 -53.86 40.64
N LEU D 597 -18.26 -54.83 39.75
CA LEU D 597 -16.96 -54.97 39.10
C LEU D 597 -17.08 -54.32 37.72
N ALA D 598 -16.32 -53.23 37.49
CA ALA D 598 -16.33 -52.50 36.22
C ALA D 598 -14.96 -52.54 35.58
N SER D 599 -14.89 -52.25 34.27
CA SER D 599 -13.63 -52.22 33.52
C SER D 599 -13.48 -50.89 32.80
N ILE D 600 -12.52 -50.05 33.24
CA ILE D 600 -12.26 -48.73 32.65
C ILE D 600 -10.95 -48.82 31.86
N ASN D 601 -11.05 -48.92 30.52
CA ASN D 601 -9.91 -49.07 29.61
C ASN D 601 -9.02 -50.28 29.99
N SER D 602 -7.83 -50.08 30.59
CA SER D 602 -6.93 -51.16 30.98
C SER D 602 -7.14 -51.61 32.43
N THR D 603 -7.82 -50.78 33.24
CA THR D 603 -8.06 -51.08 34.66
C THR D 603 -9.32 -51.91 34.84
N VAL D 604 -9.30 -52.83 35.82
CA VAL D 604 -10.44 -53.63 36.24
C VAL D 604 -10.67 -53.18 37.68
N ARG D 605 -11.69 -52.33 37.88
CA ARG D 605 -11.99 -51.72 39.17
C ARG D 605 -13.14 -52.38 39.91
N LEU D 606 -13.06 -52.40 41.25
CA LEU D 606 -14.11 -52.98 42.10
C LEU D 606 -14.69 -51.86 42.98
N TYR D 607 -15.99 -51.59 42.82
CA TYR D 607 -16.71 -50.56 43.57
C TYR D 607 -17.63 -51.19 44.60
N GLU D 608 -17.71 -50.58 45.80
CA GLU D 608 -18.58 -51.02 46.88
C GLU D 608 -19.70 -49.99 47.02
N TRP D 609 -20.93 -50.46 47.25
CA TRP D 609 -22.10 -49.60 47.39
C TRP D 609 -22.22 -49.17 48.86
N THR D 610 -21.86 -47.92 49.16
CA THR D 610 -21.89 -47.39 50.53
C THR D 610 -23.30 -47.15 51.04
N THR D 611 -23.41 -46.98 52.36
CA THR D 611 -24.66 -46.70 53.06
C THR D 611 -25.24 -45.33 52.68
N GLU D 612 -24.38 -44.41 52.18
CA GLU D 612 -24.80 -43.09 51.70
C GLU D 612 -25.34 -43.16 50.25
N LYS D 613 -25.46 -44.39 49.66
CA LYS D 613 -25.93 -44.61 48.29
C LYS D 613 -25.02 -43.97 47.26
N GLU D 614 -23.74 -44.35 47.30
CA GLU D 614 -22.69 -43.89 46.39
C GLU D 614 -21.68 -45.01 46.15
N LEU D 615 -21.03 -45.01 44.97
CA LEU D 615 -20.02 -46.01 44.62
C LEU D 615 -18.68 -45.59 45.22
N ARG D 616 -18.00 -46.50 45.93
CA ARG D 616 -16.70 -46.22 46.55
C ARG D 616 -15.70 -47.26 46.07
N THR D 617 -14.56 -46.81 45.54
CA THR D 617 -13.53 -47.70 45.00
C THR D 617 -12.81 -48.50 46.10
N GLU D 618 -12.75 -49.85 45.96
CA GLU D 618 -12.02 -50.71 46.92
C GLU D 618 -10.76 -51.33 46.28
N CYS D 619 -10.82 -51.76 45.00
CA CYS D 619 -9.68 -52.38 44.30
C CYS D 619 -9.53 -51.84 42.90
N ASN D 620 -8.32 -52.03 42.35
CA ASN D 620 -7.96 -51.70 40.99
C ASN D 620 -7.00 -52.77 40.52
N HIS D 621 -7.03 -53.13 39.24
CA HIS D 621 -6.06 -54.07 38.68
C HIS D 621 -5.70 -53.58 37.31
N TYR D 622 -4.44 -53.14 37.16
CA TYR D 622 -3.93 -52.58 35.92
C TYR D 622 -3.42 -53.73 35.07
N ASN D 623 -4.01 -53.91 33.87
CA ASN D 623 -3.69 -55.02 32.98
C ASN D 623 -2.86 -54.63 31.78
N ASN D 624 -2.27 -55.63 31.13
CA ASN D 624 -1.49 -55.47 29.91
C ASN D 624 -2.40 -55.47 28.68
N ILE D 625 -3.73 -55.56 28.86
CA ILE D 625 -4.69 -55.57 27.77
C ILE D 625 -5.84 -54.63 28.10
N MET D 626 -6.70 -54.37 27.11
CA MET D 626 -7.88 -53.55 27.32
C MET D 626 -8.98 -54.47 27.83
N ALA D 627 -9.48 -54.22 29.04
CA ALA D 627 -10.52 -55.07 29.65
C ALA D 627 -11.88 -54.88 28.97
N LEU D 628 -12.05 -55.48 27.78
CA LEU D 628 -13.29 -55.37 27.01
C LEU D 628 -14.28 -56.40 27.50
N TYR D 629 -13.85 -57.66 27.48
CA TYR D 629 -14.69 -58.79 27.87
C TYR D 629 -14.50 -59.06 29.33
N LEU D 630 -15.59 -58.95 30.11
CA LEU D 630 -15.57 -59.15 31.56
C LEU D 630 -16.63 -60.19 31.93
N LYS D 631 -16.20 -61.34 32.45
CA LYS D 631 -17.08 -62.42 32.88
C LYS D 631 -16.60 -62.90 34.25
N THR D 632 -17.49 -63.42 35.11
CA THR D 632 -17.11 -63.85 36.45
C THR D 632 -17.83 -65.10 36.94
N LYS D 633 -17.14 -65.86 37.82
CA LYS D 633 -17.68 -67.07 38.47
C LYS D 633 -17.15 -67.10 39.92
N GLY D 634 -18.01 -66.73 40.86
CA GLY D 634 -17.67 -66.68 42.28
C GLY D 634 -16.66 -65.60 42.56
N ASP D 635 -15.40 -66.00 42.81
CA ASP D 635 -14.29 -65.08 43.05
C ASP D 635 -13.34 -64.99 41.84
N PHE D 636 -13.57 -65.79 40.77
CA PHE D 636 -12.75 -65.75 39.56
C PHE D 636 -13.29 -64.72 38.59
N ILE D 637 -12.39 -64.02 37.87
CA ILE D 637 -12.73 -62.99 36.88
C ILE D 637 -12.00 -63.31 35.57
N LEU D 638 -12.74 -63.48 34.48
CA LEU D 638 -12.18 -63.73 33.15
C LEU D 638 -12.18 -62.42 32.37
N VAL D 639 -10.97 -61.93 31.97
CA VAL D 639 -10.79 -60.67 31.23
C VAL D 639 -10.27 -60.99 29.84
N GLY D 640 -10.66 -60.20 28.86
CA GLY D 640 -10.22 -60.40 27.48
C GLY D 640 -10.32 -59.17 26.61
N ASP D 641 -9.42 -59.05 25.61
CA ASP D 641 -9.41 -57.93 24.68
C ASP D 641 -9.82 -58.38 23.28
N LEU D 642 -9.87 -57.44 22.33
CA LEU D 642 -10.30 -57.72 20.96
C LEU D 642 -9.35 -58.65 20.20
N MET D 643 -8.07 -58.75 20.62
CA MET D 643 -7.07 -59.60 19.98
C MET D 643 -6.84 -60.95 20.66
N ARG D 644 -7.90 -61.56 21.20
CA ARG D 644 -7.85 -62.88 21.84
C ARG D 644 -6.79 -63.00 22.94
N SER D 645 -6.57 -61.91 23.70
CA SER D 645 -5.66 -61.95 24.82
C SER D 645 -6.53 -62.34 26.01
N VAL D 646 -6.44 -63.61 26.46
CA VAL D 646 -7.26 -64.13 27.57
C VAL D 646 -6.48 -64.02 28.88
N LEU D 647 -7.15 -63.55 29.95
CA LEU D 647 -6.53 -63.33 31.26
C LEU D 647 -7.48 -63.76 32.39
N LEU D 648 -6.97 -64.51 33.38
CA LEU D 648 -7.76 -64.99 34.52
C LEU D 648 -7.28 -64.36 35.83
N LEU D 649 -8.11 -63.47 36.43
CA LEU D 649 -7.81 -62.83 37.71
C LEU D 649 -8.61 -63.49 38.82
N ALA D 650 -8.31 -63.15 40.07
CA ALA D 650 -8.99 -63.70 41.24
C ALA D 650 -9.01 -62.70 42.38
N TYR D 651 -10.19 -62.46 42.99
CA TYR D 651 -10.34 -61.54 44.11
C TYR D 651 -9.91 -62.25 45.38
N LYS D 652 -8.85 -61.75 46.05
CA LYS D 652 -8.38 -62.35 47.30
C LYS D 652 -9.16 -61.65 48.43
N PRO D 653 -10.15 -62.31 49.10
CA PRO D 653 -10.95 -61.59 50.11
C PRO D 653 -10.18 -61.17 51.36
N MET D 654 -9.35 -62.07 51.92
CA MET D 654 -8.57 -61.77 53.12
C MET D 654 -7.55 -60.65 52.89
N GLU D 655 -6.94 -60.58 51.68
CA GLU D 655 -5.98 -59.53 51.33
C GLU D 655 -6.68 -58.23 50.93
N GLY D 656 -7.78 -58.33 50.19
CA GLY D 656 -8.54 -57.19 49.72
C GLY D 656 -7.93 -56.56 48.48
N ASN D 657 -7.57 -57.40 47.49
CA ASN D 657 -6.95 -56.97 46.24
C ASN D 657 -7.08 -58.08 45.17
N PHE D 658 -6.71 -57.75 43.92
CA PHE D 658 -6.76 -58.69 42.80
C PHE D 658 -5.43 -59.39 42.60
N GLU D 659 -5.48 -60.65 42.11
CA GLU D 659 -4.29 -61.46 41.85
C GLU D 659 -4.47 -62.18 40.51
N GLU D 660 -3.44 -62.15 39.64
CA GLU D 660 -3.50 -62.85 38.37
C GLU D 660 -3.20 -64.32 38.59
N ILE D 661 -4.05 -65.21 38.07
CA ILE D 661 -3.90 -66.66 38.20
C ILE D 661 -3.17 -67.22 36.97
N ALA D 662 -3.67 -66.92 35.77
CA ALA D 662 -3.07 -67.41 34.52
C ALA D 662 -3.51 -66.57 33.33
N ARG D 663 -2.95 -66.85 32.14
CA ARG D 663 -3.28 -66.15 30.90
C ARG D 663 -2.86 -66.92 29.64
N ASP D 664 -3.32 -66.47 28.48
CA ASP D 664 -2.96 -67.04 27.18
C ASP D 664 -3.18 -66.00 26.09
N PHE D 665 -2.08 -65.36 25.65
CA PHE D 665 -2.11 -64.32 24.63
C PHE D 665 -1.60 -64.83 23.29
N ASN D 666 -2.52 -65.16 22.38
CA ASN D 666 -2.25 -65.57 21.01
C ASN D 666 -2.97 -64.49 20.16
N PRO D 667 -2.27 -63.66 19.36
CA PRO D 667 -3.00 -62.59 18.65
C PRO D 667 -3.94 -63.10 17.55
N ASN D 668 -5.24 -62.75 17.69
CA ASN D 668 -6.30 -63.11 16.73
C ASN D 668 -7.58 -62.35 17.11
N TRP D 669 -8.45 -62.01 16.17
CA TRP D 669 -9.66 -61.26 16.53
C TRP D 669 -10.67 -62.10 17.32
N MET D 670 -11.03 -61.66 18.54
CA MET D 670 -12.00 -62.35 19.41
C MET D 670 -13.30 -61.55 19.50
N SER D 671 -14.46 -62.21 19.29
CA SER D 671 -15.78 -61.56 19.27
C SER D 671 -16.62 -61.73 20.56
N ALA D 672 -16.40 -62.81 21.32
CA ALA D 672 -17.12 -63.06 22.58
C ALA D 672 -16.37 -64.06 23.45
N VAL D 673 -16.68 -64.07 24.77
CA VAL D 673 -16.03 -64.96 25.73
C VAL D 673 -17.00 -65.38 26.85
N GLU D 674 -16.73 -66.53 27.50
CA GLU D 674 -17.58 -67.04 28.59
C GLU D 674 -16.84 -68.06 29.44
N ILE D 675 -17.22 -68.16 30.73
CA ILE D 675 -16.65 -69.12 31.67
C ILE D 675 -17.57 -70.35 31.66
N LEU D 676 -17.08 -71.50 31.18
CA LEU D 676 -17.88 -72.74 31.13
C LEU D 676 -18.03 -73.31 32.53
N ASP D 677 -16.90 -73.58 33.19
CA ASP D 677 -16.86 -74.11 34.56
C ASP D 677 -15.66 -73.45 35.26
N ASP D 678 -15.36 -73.82 36.51
CA ASP D 678 -14.26 -73.23 37.27
C ASP D 678 -12.91 -73.30 36.54
N ASP D 679 -12.66 -74.34 35.71
CA ASP D 679 -11.40 -74.52 34.98
C ASP D 679 -11.44 -74.26 33.48
N ASN D 680 -12.62 -74.31 32.82
CA ASN D 680 -12.73 -74.10 31.36
C ASN D 680 -13.34 -72.75 30.97
N PHE D 681 -12.83 -72.15 29.87
CA PHE D 681 -13.26 -70.84 29.35
C PHE D 681 -13.47 -70.92 27.85
N LEU D 682 -14.67 -70.62 27.37
CA LEU D 682 -15.05 -70.65 25.96
C LEU D 682 -14.90 -69.27 25.34
N GLY D 683 -14.50 -69.24 24.07
CA GLY D 683 -14.38 -68.00 23.31
C GLY D 683 -14.72 -68.19 21.84
N ALA D 684 -14.92 -67.07 21.12
CA ALA D 684 -15.23 -67.07 19.69
C ALA D 684 -14.20 -66.23 18.95
N GLU D 685 -13.23 -66.88 18.25
CA GLU D 685 -12.15 -66.18 17.55
C GLU D 685 -12.27 -66.22 16.01
N ASN D 686 -11.46 -65.37 15.33
CA ASN D 686 -11.48 -65.09 13.88
C ASN D 686 -11.75 -66.26 12.99
N ALA D 687 -12.49 -65.97 11.90
CA ALA D 687 -12.93 -66.88 10.86
C ALA D 687 -13.91 -67.87 11.45
N PHE D 688 -14.91 -67.33 12.19
CA PHE D 688 -16.06 -68.04 12.75
C PHE D 688 -15.71 -69.28 13.56
N ASN D 689 -14.59 -69.27 14.29
CA ASN D 689 -14.17 -70.42 15.10
C ASN D 689 -14.57 -70.26 16.56
N LEU D 690 -14.66 -71.40 17.26
CA LEU D 690 -14.92 -71.49 18.69
C LEU D 690 -13.66 -72.10 19.29
N PHE D 691 -13.31 -71.70 20.52
CA PHE D 691 -12.12 -72.24 21.17
C PHE D 691 -12.32 -72.37 22.67
N VAL D 692 -11.63 -73.33 23.29
CA VAL D 692 -11.70 -73.55 24.74
C VAL D 692 -10.29 -73.49 25.33
N CYS D 693 -10.15 -72.68 26.40
CA CYS D 693 -8.93 -72.49 27.16
C CYS D 693 -9.15 -73.17 28.48
N GLN D 694 -8.10 -73.79 29.04
CA GLN D 694 -8.25 -74.50 30.31
C GLN D 694 -7.14 -74.16 31.31
N LYS D 695 -7.49 -74.16 32.62
CA LYS D 695 -6.54 -73.95 33.71
C LYS D 695 -5.69 -75.22 33.78
N ASP D 696 -4.38 -75.10 33.52
CA ASP D 696 -3.47 -76.25 33.47
C ASP D 696 -3.45 -77.09 34.77
N SER D 697 -3.86 -78.38 34.66
CA SER D 697 -3.85 -79.34 35.76
C SER D 697 -2.55 -80.12 35.68
N ALA D 698 -2.19 -80.85 36.76
CA ALA D 698 -0.92 -81.60 36.87
C ALA D 698 0.27 -80.64 36.62
N ALA D 699 0.17 -79.43 37.18
CA ALA D 699 1.15 -78.37 37.03
C ALA D 699 2.01 -78.25 38.28
N THR D 700 3.31 -78.55 38.15
CA THR D 700 4.30 -78.49 39.22
C THR D 700 4.88 -77.07 39.28
N THR D 701 5.35 -76.56 38.14
CA THR D 701 5.96 -75.24 38.04
C THR D 701 4.91 -74.12 38.06
N ASP D 702 5.29 -72.94 38.58
CA ASP D 702 4.43 -71.76 38.60
C ASP D 702 4.21 -71.27 37.16
N GLU D 703 5.29 -71.33 36.35
CA GLU D 703 5.28 -70.96 34.93
C GLU D 703 4.15 -71.65 34.16
N GLU D 704 4.04 -72.99 34.30
CA GLU D 704 2.99 -73.75 33.60
C GLU D 704 1.60 -73.56 34.25
N ARG D 705 1.54 -73.39 35.61
CA ARG D 705 0.28 -73.09 36.32
C ARG D 705 -0.35 -71.78 35.78
N GLN D 706 0.53 -70.79 35.49
CA GLN D 706 0.15 -69.47 34.98
C GLN D 706 -0.18 -69.42 33.46
N HIS D 707 -0.32 -70.59 32.78
CA HIS D 707 -0.68 -70.62 31.36
C HIS D 707 -1.94 -71.43 31.14
N LEU D 708 -2.88 -70.85 30.35
CA LEU D 708 -4.13 -71.54 30.01
C LEU D 708 -3.88 -72.32 28.72
N GLN D 709 -4.07 -73.64 28.75
CA GLN D 709 -3.81 -74.46 27.55
C GLN D 709 -5.03 -74.48 26.64
N GLU D 710 -4.81 -74.30 25.30
CA GLU D 710 -5.89 -74.38 24.30
C GLU D 710 -6.23 -75.86 24.26
N VAL D 711 -7.43 -76.22 24.70
CA VAL D 711 -7.87 -77.62 24.78
C VAL D 711 -9.02 -77.97 23.82
N GLY D 712 -9.49 -77.00 23.02
CA GLY D 712 -10.56 -77.25 22.07
C GLY D 712 -10.65 -76.21 20.98
N LEU D 713 -10.86 -76.64 19.73
CA LEU D 713 -10.97 -75.76 18.56
C LEU D 713 -12.05 -76.31 17.64
N PHE D 714 -12.87 -75.42 17.03
CA PHE D 714 -13.96 -75.87 16.16
C PHE D 714 -14.49 -74.74 15.28
N HIS D 715 -14.54 -74.97 13.94
CA HIS D 715 -15.05 -73.98 13.01
C HIS D 715 -16.59 -74.00 12.98
N LEU D 716 -17.20 -73.14 13.80
CA LEU D 716 -18.65 -73.02 13.90
C LEU D 716 -19.29 -72.55 12.60
N GLY D 717 -18.65 -71.61 11.90
CA GLY D 717 -19.19 -71.06 10.66
C GLY D 717 -20.13 -69.89 10.86
N GLU D 718 -20.23 -69.38 12.12
CA GLU D 718 -21.06 -68.24 12.51
C GLU D 718 -20.24 -67.29 13.37
N PHE D 719 -20.59 -65.99 13.35
CA PHE D 719 -19.91 -64.97 14.16
C PHE D 719 -20.70 -64.77 15.46
N VAL D 720 -20.13 -65.24 16.59
CA VAL D 720 -20.77 -65.14 17.90
C VAL D 720 -20.58 -63.74 18.47
N ASN D 721 -21.68 -63.14 18.95
CA ASN D 721 -21.67 -61.81 19.56
C ASN D 721 -21.92 -61.89 21.07
N VAL D 722 -22.71 -62.87 21.53
CA VAL D 722 -23.06 -63.01 22.93
C VAL D 722 -23.13 -64.47 23.35
N PHE D 723 -22.59 -64.78 24.54
CA PHE D 723 -22.66 -66.09 25.18
C PHE D 723 -23.54 -65.87 26.39
N CYS D 724 -24.46 -66.80 26.66
CA CYS D 724 -25.40 -66.64 27.76
C CYS D 724 -25.70 -67.96 28.44
N HIS D 725 -25.49 -68.06 29.77
CA HIS D 725 -25.81 -69.28 30.52
C HIS D 725 -27.33 -69.42 30.65
N GLY D 726 -27.85 -70.58 30.29
CA GLY D 726 -29.29 -70.85 30.33
C GLY D 726 -29.71 -71.96 29.40
N SER D 727 -31.01 -72.29 29.42
CA SER D 727 -31.56 -73.35 28.57
C SER D 727 -33.01 -73.07 28.21
N LEU D 728 -33.39 -73.38 26.96
CA LEU D 728 -34.75 -73.18 26.46
C LEU D 728 -35.64 -74.43 26.63
N VAL D 729 -35.28 -75.39 27.50
CA VAL D 729 -36.07 -76.59 27.76
C VAL D 729 -36.43 -76.64 29.25
N MET D 730 -37.35 -77.53 29.62
CA MET D 730 -37.79 -77.65 31.01
C MET D 730 -36.64 -78.14 31.88
N GLN D 731 -36.45 -77.48 33.03
CA GLN D 731 -35.39 -77.79 33.99
C GLN D 731 -35.74 -79.05 34.77
N THR D 738 -28.28 -86.75 34.33
CA THR D 738 -28.14 -86.03 33.06
C THR D 738 -26.86 -86.44 32.32
N PRO D 739 -26.92 -86.72 30.99
CA PRO D 739 -25.70 -87.07 30.26
C PRO D 739 -24.80 -85.85 30.00
N THR D 740 -25.41 -84.67 29.76
CA THR D 740 -24.71 -83.41 29.50
C THR D 740 -24.73 -82.53 30.76
N GLN D 741 -23.61 -81.82 31.04
CA GLN D 741 -23.48 -80.93 32.19
C GLN D 741 -23.29 -79.50 31.71
N GLY D 742 -24.06 -78.57 32.27
CA GLY D 742 -24.01 -77.15 31.89
C GLY D 742 -24.78 -76.83 30.63
N SER D 743 -25.03 -75.53 30.38
CA SER D 743 -25.76 -75.10 29.18
C SER D 743 -25.49 -73.62 28.88
N VAL D 744 -24.76 -73.34 27.78
CA VAL D 744 -24.41 -71.99 27.35
C VAL D 744 -24.98 -71.75 25.96
N LEU D 745 -25.95 -70.84 25.85
CA LEU D 745 -26.56 -70.46 24.58
C LEU D 745 -25.70 -69.36 23.94
N PHE D 746 -25.88 -69.10 22.64
CA PHE D 746 -25.14 -68.02 21.99
C PHE D 746 -25.85 -67.43 20.78
N GLY D 747 -25.71 -66.12 20.61
CA GLY D 747 -26.32 -65.36 19.51
C GLY D 747 -25.30 -65.00 18.47
N THR D 748 -25.69 -65.07 17.18
CA THR D 748 -24.78 -64.77 16.07
C THR D 748 -25.29 -63.66 15.12
N VAL D 749 -24.39 -63.19 14.24
CA VAL D 749 -24.65 -62.16 13.23
C VAL D 749 -25.74 -62.59 12.22
N ASN D 750 -25.84 -63.91 11.91
CA ASN D 750 -26.84 -64.41 10.95
C ASN D 750 -28.18 -64.82 11.59
N GLY D 751 -28.35 -64.57 12.89
CA GLY D 751 -29.58 -64.95 13.58
C GLY D 751 -29.58 -66.39 14.07
N MET D 752 -28.50 -67.17 13.81
CA MET D 752 -28.38 -68.55 14.27
C MET D 752 -28.17 -68.52 15.78
N ILE D 753 -28.85 -69.41 16.52
CA ILE D 753 -28.70 -69.53 17.97
C ILE D 753 -28.20 -70.93 18.20
N GLY D 754 -27.08 -71.06 18.90
CA GLY D 754 -26.50 -72.37 19.21
C GLY D 754 -26.41 -72.58 20.70
N LEU D 755 -26.16 -73.82 21.09
CA LEU D 755 -26.03 -74.23 22.49
C LEU D 755 -24.76 -75.04 22.65
N VAL D 756 -24.01 -74.78 23.73
CA VAL D 756 -22.78 -75.50 24.05
C VAL D 756 -22.99 -76.16 25.41
N THR D 757 -22.44 -77.36 25.58
CA THR D 757 -22.53 -78.09 26.84
C THR D 757 -21.33 -79.01 27.00
N SER D 758 -21.03 -79.43 28.25
CA SER D 758 -19.89 -80.29 28.54
C SER D 758 -20.31 -81.76 28.70
N LEU D 759 -19.42 -82.68 28.31
CA LEU D 759 -19.65 -84.13 28.36
C LEU D 759 -18.58 -84.82 29.23
N SER D 760 -18.68 -86.15 29.36
CA SER D 760 -17.69 -86.97 30.07
C SER D 760 -16.75 -87.55 29.01
N GLU D 761 -15.54 -87.96 29.43
CA GLU D 761 -14.53 -88.55 28.52
C GLU D 761 -15.10 -89.74 27.73
N SER D 762 -15.85 -90.61 28.41
CA SER D 762 -16.47 -91.79 27.81
C SER D 762 -17.47 -91.40 26.73
N TRP D 763 -18.42 -90.51 27.07
CA TRP D 763 -19.44 -90.04 26.12
C TRP D 763 -18.80 -89.32 24.93
N TYR D 764 -17.71 -88.56 25.17
CA TYR D 764 -17.02 -87.84 24.09
C TYR D 764 -16.38 -88.83 23.11
N ASN D 765 -15.55 -89.75 23.62
CA ASN D 765 -14.87 -90.75 22.78
C ASN D 765 -15.87 -91.60 21.98
N LEU D 766 -17.05 -91.88 22.57
CA LEU D 766 -18.11 -92.63 21.87
C LEU D 766 -18.62 -91.78 20.72
N LEU D 767 -19.06 -90.55 21.02
CA LEU D 767 -19.61 -89.64 20.02
C LEU D 767 -18.61 -89.28 18.92
N LEU D 768 -17.32 -89.12 19.27
CA LEU D 768 -16.26 -88.82 18.30
C LEU D 768 -16.11 -89.98 17.32
N ASP D 769 -16.03 -91.22 17.83
CA ASP D 769 -15.95 -92.42 17.00
C ASP D 769 -17.22 -92.51 16.10
N MET D 770 -18.39 -92.16 16.68
CA MET D 770 -19.67 -92.16 15.98
C MET D 770 -19.71 -91.12 14.85
N GLN D 771 -19.08 -89.95 15.05
CA GLN D 771 -19.02 -88.90 14.01
C GLN D 771 -18.25 -89.42 12.80
N ASN D 772 -17.12 -90.11 13.02
CA ASN D 772 -16.29 -90.61 11.91
C ASN D 772 -16.98 -91.75 11.16
N ARG D 773 -17.85 -92.51 11.85
CA ARG D 773 -18.63 -93.57 11.22
C ARG D 773 -19.74 -92.92 10.40
N LEU D 774 -20.47 -91.95 11.01
CA LEU D 774 -21.54 -91.18 10.36
C LEU D 774 -21.07 -90.56 9.04
N ASN D 775 -19.87 -89.96 9.03
CA ASN D 775 -19.31 -89.29 7.84
C ASN D 775 -19.18 -90.22 6.63
N LYS D 776 -18.93 -91.52 6.84
CA LYS D 776 -18.79 -92.47 5.74
C LYS D 776 -20.14 -92.72 5.05
N VAL D 777 -21.22 -92.82 5.82
CA VAL D 777 -22.57 -93.09 5.29
C VAL D 777 -23.33 -91.82 4.87
N ILE D 778 -23.08 -90.65 5.50
CA ILE D 778 -23.80 -89.41 5.16
C ILE D 778 -23.36 -88.83 3.80
N LYS D 779 -24.31 -88.30 3.01
CA LYS D 779 -24.04 -87.70 1.70
C LYS D 779 -23.93 -86.19 1.85
N SER D 780 -22.72 -85.62 1.65
CA SER D 780 -22.50 -84.17 1.76
C SER D 780 -22.90 -83.47 0.48
N VAL D 781 -23.56 -82.29 0.60
CA VAL D 781 -23.94 -81.52 -0.59
C VAL D 781 -22.65 -80.87 -1.07
N GLY D 782 -22.33 -81.08 -2.35
CA GLY D 782 -21.09 -80.58 -2.93
C GLY D 782 -19.88 -81.44 -2.59
N LYS D 783 -20.10 -82.62 -1.97
CA LYS D 783 -19.05 -83.57 -1.55
C LYS D 783 -17.92 -82.90 -0.74
N ILE D 784 -18.31 -82.00 0.20
CA ILE D 784 -17.37 -81.32 1.10
C ILE D 784 -17.15 -82.24 2.30
N GLU D 785 -15.88 -82.46 2.69
CA GLU D 785 -15.57 -83.30 3.84
C GLU D 785 -15.96 -82.60 5.15
N HIS D 786 -16.67 -83.30 6.04
CA HIS D 786 -17.07 -82.75 7.34
C HIS D 786 -15.85 -82.36 8.14
N SER D 787 -14.83 -83.25 8.16
CA SER D 787 -13.56 -83.02 8.85
C SER D 787 -12.94 -81.70 8.39
N PHE D 788 -12.88 -81.47 7.07
CA PHE D 788 -12.37 -80.23 6.48
C PHE D 788 -13.20 -79.03 6.89
N TRP D 789 -14.54 -79.17 6.87
CA TRP D 789 -15.47 -78.09 7.21
C TRP D 789 -15.30 -77.59 8.64
N ARG D 790 -15.37 -78.50 9.62
CA ARG D 790 -15.22 -78.11 11.02
C ARG D 790 -13.78 -77.85 11.45
N SER D 791 -12.77 -78.20 10.62
CA SER D 791 -11.36 -77.90 10.96
C SER D 791 -11.19 -76.41 11.23
N PHE D 792 -10.51 -76.07 12.33
CA PHE D 792 -10.23 -74.68 12.73
C PHE D 792 -9.51 -73.98 11.59
N HIS D 793 -10.03 -72.84 11.13
CA HIS D 793 -9.43 -72.15 9.98
C HIS D 793 -9.28 -70.66 10.16
N THR D 794 -8.18 -70.09 9.67
CA THR D 794 -7.92 -68.64 9.68
C THR D 794 -7.24 -68.29 8.35
N GLU D 795 -6.98 -66.99 8.14
CA GLU D 795 -6.26 -66.53 6.96
C GLU D 795 -4.84 -67.16 6.98
N ARG D 796 -4.24 -67.30 8.18
CA ARG D 796 -2.92 -67.91 8.36
C ARG D 796 -3.02 -69.45 8.46
N LYS D 797 -3.13 -70.02 9.68
CA LYS D 797 -3.13 -71.47 9.89
C LYS D 797 -4.52 -72.12 9.84
N THR D 798 -4.53 -73.44 9.64
CA THR D 798 -5.74 -74.27 9.52
C THR D 798 -5.45 -75.66 10.16
N GLU D 799 -5.89 -75.87 11.43
CA GLU D 799 -5.67 -77.12 12.17
C GLU D 799 -6.96 -77.94 12.31
N PRO D 800 -6.89 -79.27 12.58
CA PRO D 800 -8.13 -80.05 12.72
C PRO D 800 -8.88 -79.73 14.01
N ALA D 801 -10.20 -79.97 14.01
CA ALA D 801 -11.06 -79.68 15.16
C ALA D 801 -10.77 -80.65 16.31
N THR D 802 -10.77 -80.15 17.55
CA THR D 802 -10.51 -80.95 18.75
C THR D 802 -11.39 -80.50 19.91
N GLY D 803 -11.69 -81.43 20.82
CA GLY D 803 -12.50 -81.17 22.00
C GLY D 803 -13.91 -80.66 21.76
N PHE D 804 -14.49 -80.94 20.57
CA PHE D 804 -15.84 -80.48 20.22
C PHE D 804 -16.58 -81.57 19.46
N ILE D 805 -17.90 -81.72 19.74
CA ILE D 805 -18.76 -82.68 19.07
C ILE D 805 -19.81 -81.89 18.28
N ASP D 806 -19.86 -82.10 16.96
CA ASP D 806 -20.85 -81.42 16.11
C ASP D 806 -22.20 -82.08 16.36
N GLY D 807 -23.02 -81.44 17.17
CA GLY D 807 -24.35 -81.93 17.52
C GLY D 807 -25.28 -82.04 16.33
N ASP D 808 -25.08 -81.19 15.30
CA ASP D 808 -25.89 -81.25 14.08
C ASP D 808 -25.64 -82.56 13.33
N LEU D 809 -24.38 -83.04 13.30
CA LEU D 809 -24.01 -84.30 12.66
C LEU D 809 -24.54 -85.47 13.48
N ILE D 810 -24.37 -85.43 14.81
CA ILE D 810 -24.86 -86.50 15.69
C ILE D 810 -26.38 -86.64 15.57
N GLU D 811 -27.11 -85.52 15.68
CA GLU D 811 -28.56 -85.52 15.60
C GLU D 811 -29.10 -85.92 14.23
N SER D 812 -28.30 -85.77 13.15
CA SER D 812 -28.73 -86.22 11.82
C SER D 812 -28.90 -87.76 11.75
N PHE D 813 -28.34 -88.51 12.73
CA PHE D 813 -28.48 -89.97 12.84
C PHE D 813 -29.95 -90.40 12.91
N LEU D 814 -30.82 -89.61 13.56
CA LEU D 814 -32.24 -89.96 13.69
C LEU D 814 -33.03 -89.79 12.38
N ASP D 815 -32.53 -89.00 11.41
CA ASP D 815 -33.22 -88.75 10.14
C ASP D 815 -32.70 -89.59 8.95
N ILE D 816 -31.96 -90.68 9.19
CA ILE D 816 -31.45 -91.55 8.11
C ILE D 816 -32.12 -92.93 8.13
N SER D 817 -31.92 -93.71 7.06
CA SER D 817 -32.53 -95.04 6.92
C SER D 817 -31.91 -96.09 7.86
N ARG D 818 -32.71 -97.10 8.25
CA ARG D 818 -32.27 -98.18 9.15
C ARG D 818 -31.08 -99.00 8.63
N PRO D 819 -30.97 -99.41 7.34
CA PRO D 819 -29.76 -100.13 6.91
C PRO D 819 -28.49 -99.30 7.14
N LYS D 820 -28.55 -97.97 6.92
CA LYS D 820 -27.41 -97.08 7.14
C LYS D 820 -27.12 -96.90 8.64
N MET D 821 -28.15 -96.94 9.51
CA MET D 821 -27.94 -96.90 10.96
C MET D 821 -27.19 -98.18 11.36
N GLN D 822 -27.58 -99.31 10.73
CA GLN D 822 -26.94 -100.61 10.96
C GLN D 822 -25.47 -100.60 10.49
N GLU D 823 -25.17 -99.87 9.39
CA GLU D 823 -23.78 -99.72 8.90
C GLU D 823 -22.94 -98.99 9.94
N VAL D 824 -23.46 -97.88 10.51
CA VAL D 824 -22.75 -97.07 11.51
C VAL D 824 -22.41 -97.88 12.77
N VAL D 825 -23.39 -98.63 13.31
CA VAL D 825 -23.18 -99.44 14.52
C VAL D 825 -22.52 -100.82 14.23
N ALA D 826 -22.17 -101.14 12.95
CA ALA D 826 -21.51 -102.40 12.60
C ALA D 826 -20.16 -102.52 13.32
N ASN D 827 -20.01 -103.56 14.17
CA ASN D 827 -18.82 -103.82 14.98
C ASN D 827 -18.50 -102.63 15.91
N LEU D 828 -19.53 -102.11 16.58
CA LEU D 828 -19.44 -100.99 17.54
C LEU D 828 -20.04 -101.46 18.87
N GLN D 829 -19.35 -101.21 20.00
CA GLN D 829 -19.79 -101.69 21.32
C GLN D 829 -20.50 -100.60 22.13
N TYR D 830 -21.67 -100.93 22.74
CA TYR D 830 -22.45 -100.00 23.57
C TYR D 830 -22.37 -100.38 25.05
N ASP D 831 -22.25 -99.35 25.92
CA ASP D 831 -22.22 -99.48 27.38
C ASP D 831 -23.46 -98.79 27.93
N ASP D 832 -24.05 -99.32 29.00
CA ASP D 832 -25.26 -98.74 29.59
C ASP D 832 -25.41 -99.04 31.07
N GLY D 833 -24.74 -98.25 31.90
CA GLY D 833 -24.80 -98.34 33.35
C GLY D 833 -23.45 -98.52 34.02
N SER D 834 -22.98 -99.77 34.10
CA SER D 834 -21.72 -100.10 34.79
C SER D 834 -20.73 -100.94 33.95
N GLY D 835 -21.07 -102.20 33.67
CA GLY D 835 -20.18 -103.08 32.93
C GLY D 835 -20.82 -104.24 32.20
N MET D 836 -21.18 -104.02 30.93
CA MET D 836 -21.74 -105.05 30.04
C MET D 836 -21.34 -104.72 28.60
N LYS D 837 -20.36 -105.47 28.07
CA LYS D 837 -19.81 -105.30 26.73
C LYS D 837 -20.49 -106.24 25.75
N ARG D 838 -21.09 -105.69 24.67
CA ARG D 838 -21.79 -106.46 23.65
C ARG D 838 -21.85 -105.65 22.33
N GLU D 839 -22.71 -106.05 21.36
CA GLU D 839 -22.86 -105.34 20.08
C GLU D 839 -23.93 -104.26 20.22
N ALA D 840 -23.63 -103.03 19.75
CA ALA D 840 -24.57 -101.91 19.78
C ALA D 840 -25.62 -102.10 18.69
N THR D 841 -26.91 -101.89 19.02
CA THR D 841 -27.99 -101.97 18.05
C THR D 841 -28.43 -100.55 17.71
N ALA D 842 -29.12 -100.37 16.59
CA ALA D 842 -29.61 -99.05 16.19
C ALA D 842 -30.64 -98.51 17.20
N ASP D 843 -31.44 -99.39 17.82
CA ASP D 843 -32.43 -98.99 18.81
C ASP D 843 -31.75 -98.42 20.07
N ASP D 844 -30.58 -98.98 20.47
CA ASP D 844 -29.83 -98.47 21.62
C ASP D 844 -29.34 -97.04 21.33
N LEU D 845 -28.71 -96.87 20.16
CA LEU D 845 -28.15 -95.59 19.74
C LEU D 845 -29.23 -94.55 19.48
N ILE D 846 -30.40 -94.95 18.93
CA ILE D 846 -31.53 -94.04 18.72
C ILE D 846 -31.96 -93.48 20.09
N LYS D 847 -31.96 -94.34 21.13
CA LYS D 847 -32.33 -93.91 22.50
C LYS D 847 -31.36 -92.84 23.01
N VAL D 848 -30.05 -92.99 22.74
CA VAL D 848 -29.03 -92.03 23.18
C VAL D 848 -29.14 -90.69 22.43
N VAL D 849 -29.27 -90.72 21.08
CA VAL D 849 -29.39 -89.49 20.30
C VAL D 849 -30.72 -88.78 20.63
N GLU D 850 -31.78 -89.55 20.93
CA GLU D 850 -33.06 -88.98 21.35
C GLU D 850 -32.90 -88.24 22.68
N GLU D 851 -32.01 -88.72 23.58
CA GLU D 851 -31.74 -88.04 24.85
C GLU D 851 -31.01 -86.71 24.58
N LEU D 852 -30.11 -86.66 23.57
CA LEU D 852 -29.38 -85.43 23.23
C LEU D 852 -30.29 -84.37 22.63
N THR D 853 -31.28 -84.75 21.80
CA THR D 853 -32.21 -83.78 21.20
C THR D 853 -33.07 -83.02 22.24
N ARG D 854 -33.19 -83.55 23.47
CA ARG D 854 -33.96 -82.92 24.53
C ARG D 854 -33.25 -81.74 25.22
N ILE D 855 -31.97 -81.43 24.90
CA ILE D 855 -31.30 -80.30 25.54
C ILE D 855 -31.70 -78.93 24.92
N HIS D 856 -32.37 -78.93 23.74
CA HIS D 856 -32.81 -77.71 23.06
C HIS D 856 -34.20 -77.88 22.43
N GLY E 53 20.11 -58.84 0.95
CA GLY E 53 20.53 -60.22 0.71
C GLY E 53 19.40 -61.15 0.32
N ARG E 54 19.56 -62.48 0.62
CA ARG E 54 18.57 -63.49 0.22
C ARG E 54 18.24 -64.60 1.25
N THR E 55 16.93 -64.94 1.29
CA THR E 55 16.26 -66.01 2.05
C THR E 55 16.44 -65.98 3.59
N LEU E 56 15.33 -66.34 4.26
CA LEU E 56 15.13 -66.38 5.72
C LEU E 56 14.88 -67.83 6.16
N HIS E 57 14.89 -68.08 7.48
CA HIS E 57 14.55 -69.39 8.06
C HIS E 57 13.03 -69.52 8.18
N ASP E 58 12.55 -70.77 8.37
CA ASP E 58 11.10 -71.04 8.50
C ASP E 58 10.56 -70.60 9.86
N ASP E 59 9.27 -70.26 9.88
CA ASP E 59 8.55 -69.85 11.09
C ASP E 59 8.51 -70.99 12.10
N ASP E 60 8.77 -70.69 13.39
CA ASP E 60 8.80 -71.67 14.49
C ASP E 60 9.90 -72.76 14.31
N SER E 61 10.90 -72.52 13.43
CA SER E 61 11.97 -73.49 13.18
C SER E 61 13.09 -73.32 14.21
N CYS E 62 13.76 -74.44 14.52
CA CYS E 62 14.87 -74.45 15.46
C CYS E 62 16.17 -74.27 14.67
N GLN E 63 16.97 -73.26 15.05
CA GLN E 63 18.23 -72.95 14.38
C GLN E 63 19.31 -72.71 15.42
N VAL E 64 20.58 -72.88 15.05
CA VAL E 64 21.72 -72.63 15.93
C VAL E 64 22.60 -71.60 15.25
N ILE E 65 22.80 -70.41 15.86
CA ILE E 65 23.62 -69.35 15.24
C ILE E 65 24.60 -68.74 16.23
N PRO E 66 25.76 -68.25 15.72
CA PRO E 66 26.76 -67.65 16.63
C PRO E 66 26.34 -66.31 17.22
N VAL E 67 26.93 -65.94 18.35
CA VAL E 67 26.69 -64.68 19.03
C VAL E 67 28.03 -63.94 19.12
N LEU E 68 28.08 -62.69 18.64
CA LEU E 68 29.31 -61.90 18.74
C LEU E 68 29.45 -61.40 20.18
N PRO E 69 30.53 -61.77 20.90
CA PRO E 69 30.62 -61.38 22.32
C PRO E 69 30.68 -59.88 22.59
N GLN E 70 31.24 -59.08 21.67
CA GLN E 70 31.33 -57.63 21.87
C GLN E 70 29.97 -56.94 21.91
N VAL E 71 28.96 -57.52 21.23
CA VAL E 71 27.63 -56.92 21.11
C VAL E 71 26.82 -57.03 22.40
N MET E 72 25.96 -56.02 22.64
CA MET E 72 25.07 -55.98 23.79
C MET E 72 23.74 -55.27 23.52
N MET E 73 23.75 -54.15 22.79
CA MET E 73 22.52 -53.41 22.53
C MET E 73 21.50 -54.22 21.72
N ILE E 74 20.19 -54.04 22.03
CA ILE E 74 19.07 -54.72 21.38
C ILE E 74 19.02 -54.34 19.91
N LEU E 75 18.81 -55.32 19.01
CA LEU E 75 18.70 -55.08 17.57
C LEU E 75 17.27 -55.36 17.13
N ILE E 76 16.54 -54.36 16.66
CA ILE E 76 15.16 -54.52 16.18
C ILE E 76 15.15 -54.94 14.69
N PRO E 77 14.30 -55.91 14.26
CA PRO E 77 14.21 -56.25 12.82
C PRO E 77 14.11 -55.02 11.93
N GLY E 78 14.98 -54.93 10.95
CA GLY E 78 15.02 -53.81 10.01
C GLY E 78 16.13 -52.83 10.26
N GLN E 79 16.36 -52.44 11.54
CA GLN E 79 17.42 -51.45 11.81
C GLN E 79 18.82 -52.07 11.60
N THR E 80 19.78 -51.21 11.20
CA THR E 80 21.16 -51.60 10.89
C THR E 80 22.02 -51.64 12.16
N LEU E 81 23.00 -52.55 12.17
CA LEU E 81 23.96 -52.71 13.25
C LEU E 81 25.37 -52.52 12.69
N PRO E 82 26.00 -51.35 12.91
CA PRO E 82 27.39 -51.18 12.47
C PRO E 82 28.33 -51.79 13.51
N LEU E 83 29.40 -52.46 13.07
CA LEU E 83 30.36 -53.12 13.97
C LEU E 83 31.79 -52.77 13.62
N GLN E 84 32.65 -52.66 14.65
CA GLN E 84 34.07 -52.38 14.54
C GLN E 84 34.79 -53.55 15.22
N LEU E 85 35.47 -54.41 14.44
CA LEU E 85 36.13 -55.59 15.01
C LEU E 85 37.65 -55.44 14.97
N PHE E 86 38.30 -55.82 16.08
CA PHE E 86 39.76 -55.79 16.24
C PHE E 86 40.34 -57.18 16.50
N HIS E 87 39.67 -58.00 17.32
CA HIS E 87 40.17 -59.31 17.71
C HIS E 87 40.12 -60.31 16.55
N PRO E 88 41.20 -61.10 16.28
CA PRO E 88 41.16 -62.03 15.15
C PRO E 88 40.04 -63.06 15.16
N GLN E 89 39.61 -63.54 16.34
CA GLN E 89 38.51 -64.51 16.42
C GLN E 89 37.19 -63.90 15.92
N GLU E 90 36.97 -62.60 16.16
CA GLU E 90 35.77 -61.89 15.71
C GLU E 90 35.82 -61.66 14.21
N VAL E 91 36.98 -61.27 13.69
CA VAL E 91 37.18 -61.01 12.27
C VAL E 91 37.05 -62.33 11.49
N SER E 92 37.79 -63.36 11.94
CA SER E 92 37.76 -64.68 11.30
C SER E 92 36.37 -65.30 11.31
N MET E 93 35.61 -65.15 12.42
CA MET E 93 34.25 -65.67 12.51
C MET E 93 33.35 -64.98 11.49
N VAL E 94 33.45 -63.65 11.40
CA VAL E 94 32.66 -62.89 10.43
C VAL E 94 33.04 -63.28 8.99
N ARG E 95 34.33 -63.44 8.68
CA ARG E 95 34.72 -63.88 7.35
C ARG E 95 34.10 -65.26 6.99
N ASN E 96 33.94 -66.18 7.98
CA ASN E 96 33.30 -67.48 7.69
C ASN E 96 31.83 -67.26 7.41
N LEU E 97 31.17 -66.40 8.21
CA LEU E 97 29.75 -66.10 8.02
C LEU E 97 29.47 -65.53 6.63
N ILE E 98 30.35 -64.65 6.10
CA ILE E 98 30.19 -64.07 4.76
C ILE E 98 30.11 -65.19 3.71
N GLN E 99 30.98 -66.19 3.85
CA GLN E 99 31.04 -67.32 2.93
C GLN E 99 29.82 -68.25 3.08
N LYS E 100 29.20 -68.31 4.29
CA LYS E 100 28.00 -69.12 4.57
C LYS E 100 26.68 -68.28 4.57
N ASP E 101 25.77 -68.44 5.57
CA ASP E 101 24.48 -67.73 5.60
C ASP E 101 24.55 -66.23 5.98
N ARG E 102 25.74 -65.69 6.35
CA ARG E 102 25.93 -64.27 6.74
C ARG E 102 25.12 -63.88 7.98
N THR E 103 24.49 -64.86 8.67
CA THR E 103 23.60 -64.57 9.78
C THR E 103 24.19 -64.95 11.12
N PHE E 104 23.99 -64.07 12.11
CA PHE E 104 24.43 -64.31 13.48
C PHE E 104 23.34 -63.80 14.41
N ALA E 105 23.37 -64.24 15.66
CA ALA E 105 22.38 -63.85 16.67
C ALA E 105 22.79 -62.61 17.48
N VAL E 106 21.83 -61.75 17.78
CA VAL E 106 22.02 -60.56 18.62
C VAL E 106 21.07 -60.76 19.79
N LEU E 107 21.62 -61.08 20.96
CA LEU E 107 20.80 -61.36 22.14
C LEU E 107 20.30 -60.10 22.80
N ALA E 108 19.03 -60.14 23.24
CA ALA E 108 18.36 -59.06 23.93
C ALA E 108 18.55 -59.30 25.42
N TYR E 109 19.63 -58.74 25.98
CA TYR E 109 19.97 -58.99 27.38
C TYR E 109 19.07 -58.28 28.37
N SER E 110 18.61 -59.02 29.40
CA SER E 110 17.85 -58.49 30.53
C SER E 110 18.88 -57.89 31.51
N ASN E 111 20.04 -58.58 31.65
CA ASN E 111 21.17 -58.15 32.48
C ASN E 111 22.47 -58.48 31.72
N VAL E 112 23.12 -57.44 31.15
CA VAL E 112 24.37 -57.61 30.38
C VAL E 112 25.57 -57.97 31.29
N GLN E 113 25.52 -57.64 32.59
CA GLN E 113 26.62 -57.98 33.52
C GLN E 113 26.74 -59.50 33.64
N GLU E 114 25.61 -60.19 33.88
CA GLU E 114 25.55 -61.64 34.00
C GLU E 114 25.28 -62.35 32.65
N ARG E 115 25.02 -61.57 31.57
CA ARG E 115 24.77 -62.08 30.20
C ARG E 115 23.51 -62.97 30.19
N GLU E 116 22.38 -62.40 30.68
CA GLU E 116 21.08 -63.08 30.77
C GLU E 116 20.17 -62.63 29.62
N ALA E 117 19.78 -63.55 28.72
CA ALA E 117 18.90 -63.21 27.59
C ALA E 117 17.90 -64.31 27.27
N GLN E 118 16.62 -63.93 27.07
CA GLN E 118 15.51 -64.85 26.76
C GLN E 118 15.09 -64.73 25.28
N PHE E 119 15.30 -63.57 24.64
CA PHE E 119 14.95 -63.33 23.23
C PHE E 119 16.09 -62.65 22.49
N GLY E 120 15.92 -62.43 21.19
CA GLY E 120 16.90 -61.71 20.39
C GLY E 120 16.51 -61.58 18.93
N THR E 121 17.47 -61.18 18.09
CA THR E 121 17.24 -60.97 16.66
C THR E 121 18.39 -61.49 15.82
N THR E 122 18.06 -62.14 14.69
CA THR E 122 19.08 -62.61 13.75
C THR E 122 19.54 -61.40 12.92
N ALA E 123 20.85 -61.25 12.79
CA ALA E 123 21.47 -60.15 12.06
C ALA E 123 22.15 -60.68 10.81
N GLU E 124 21.73 -60.23 9.63
CA GLU E 124 22.36 -60.64 8.36
C GLU E 124 23.41 -59.61 7.94
N ILE E 125 24.66 -60.06 7.72
CA ILE E 125 25.74 -59.16 7.28
C ILE E 125 25.47 -58.76 5.82
N TYR E 126 25.53 -57.44 5.52
CA TYR E 126 25.34 -56.91 4.16
C TYR E 126 26.51 -56.02 3.67
N ALA E 127 27.57 -55.81 4.49
CA ALA E 127 28.71 -54.98 4.10
C ALA E 127 29.95 -55.29 4.97
N TYR E 128 31.13 -55.50 4.35
CA TYR E 128 32.39 -55.80 5.05
C TYR E 128 33.50 -54.97 4.40
N ARG E 129 34.38 -54.36 5.19
CA ARG E 129 35.47 -53.54 4.65
C ARG E 129 36.58 -53.41 5.70
N GLU E 130 37.84 -53.69 5.29
CA GLU E 130 39.01 -53.67 6.16
C GLU E 130 39.63 -52.27 6.18
N GLU E 131 39.25 -51.44 7.15
CA GLU E 131 39.73 -50.06 7.24
C GLU E 131 40.90 -49.89 8.20
N GLN E 132 41.43 -48.66 8.23
CA GLN E 132 42.50 -48.22 9.11
C GLN E 132 42.01 -46.94 9.77
N ASP E 133 42.12 -46.84 11.11
CA ASP E 133 41.66 -45.65 11.84
C ASP E 133 42.54 -45.42 13.06
N PHE E 134 43.07 -44.20 13.19
CA PHE E 134 43.94 -43.79 14.31
C PHE E 134 45.20 -44.67 14.44
N GLY E 135 45.70 -45.17 13.31
CA GLY E 135 46.86 -46.05 13.27
C GLY E 135 46.56 -47.46 13.75
N ILE E 136 45.28 -47.86 13.70
CA ILE E 136 44.80 -49.18 14.13
C ILE E 136 44.16 -49.81 12.92
N GLU E 137 44.47 -51.07 12.62
CA GLU E 137 43.83 -51.77 11.50
C GLU E 137 42.57 -52.45 12.04
N ILE E 138 41.38 -51.97 11.64
CA ILE E 138 40.09 -52.48 12.15
C ILE E 138 39.13 -52.80 10.99
N VAL E 139 38.38 -53.92 11.08
CA VAL E 139 37.41 -54.25 10.04
C VAL E 139 36.04 -53.71 10.45
N LYS E 140 35.36 -53.05 9.50
CA LYS E 140 34.06 -52.45 9.73
C LYS E 140 33.02 -53.25 8.95
N VAL E 141 31.96 -53.68 9.66
CA VAL E 141 30.92 -54.53 9.09
C VAL E 141 29.54 -53.93 9.40
N LYS E 142 28.59 -54.08 8.47
CA LYS E 142 27.21 -53.62 8.64
C LYS E 142 26.28 -54.82 8.50
N ALA E 143 25.43 -55.05 9.50
CA ALA E 143 24.44 -56.13 9.46
C ALA E 143 23.06 -55.51 9.65
N ILE E 144 22.01 -56.22 9.24
CA ILE E 144 20.63 -55.73 9.34
C ILE E 144 19.79 -56.75 10.11
N GLY E 145 18.92 -56.28 10.99
CA GLY E 145 18.06 -57.16 11.77
C GLY E 145 17.06 -57.84 10.87
N ARG E 146 16.89 -59.17 11.01
CA ARG E 146 15.94 -59.93 10.19
C ARG E 146 14.90 -60.61 11.09
N GLN E 147 14.98 -61.91 11.37
CA GLN E 147 13.98 -62.58 12.20
C GLN E 147 14.20 -62.38 13.70
N ARG E 148 13.10 -62.48 14.48
CA ARG E 148 13.11 -62.42 15.94
C ARG E 148 13.15 -63.85 16.45
N PHE E 149 13.72 -64.08 17.66
CA PHE E 149 13.79 -65.44 18.21
C PHE E 149 13.65 -65.51 19.71
N LYS E 150 13.40 -66.74 20.19
CA LYS E 150 13.34 -67.12 21.59
C LYS E 150 14.59 -67.95 21.82
N VAL E 151 15.34 -67.65 22.88
CA VAL E 151 16.58 -68.35 23.19
C VAL E 151 16.26 -69.66 23.93
N LEU E 152 16.81 -70.78 23.45
CA LEU E 152 16.61 -72.11 24.03
C LEU E 152 17.85 -72.55 24.81
N GLU E 153 19.04 -72.53 24.17
CA GLU E 153 20.31 -72.93 24.79
C GLU E 153 21.41 -71.94 24.41
N LEU E 154 22.34 -71.67 25.34
CA LEU E 154 23.47 -70.75 25.12
C LEU E 154 24.80 -71.46 25.44
N ARG E 155 25.20 -72.41 24.58
CA ARG E 155 26.46 -73.12 24.77
C ARG E 155 27.64 -72.25 24.32
N THR E 156 28.65 -72.10 25.19
CA THR E 156 29.84 -71.29 24.91
C THR E 156 30.97 -72.19 24.39
N GLN E 157 31.61 -71.77 23.27
CA GLN E 157 32.69 -72.54 22.66
C GLN E 157 33.99 -72.22 23.38
N SER E 158 35.03 -73.02 23.12
CA SER E 158 36.35 -72.84 23.72
C SER E 158 37.21 -71.82 22.93
N ASP E 159 36.58 -70.77 22.35
CA ASP E 159 37.25 -69.76 21.54
C ASP E 159 36.58 -68.36 21.71
N GLY E 160 35.98 -68.11 22.88
CA GLY E 160 35.29 -66.86 23.19
C GLY E 160 33.87 -66.85 22.68
N ILE E 161 33.71 -66.84 21.34
CA ILE E 161 32.41 -66.85 20.65
C ILE E 161 31.51 -68.01 21.13
N GLN E 162 30.21 -67.72 21.34
CA GLN E 162 29.23 -68.69 21.82
C GLN E 162 28.11 -68.93 20.81
N GLN E 163 27.70 -70.20 20.64
CA GLN E 163 26.58 -70.56 19.76
C GLN E 163 25.28 -70.38 20.54
N ALA E 164 24.14 -70.42 19.84
CA ALA E 164 22.84 -70.23 20.49
C ALA E 164 21.73 -71.00 19.78
N LYS E 165 21.15 -72.03 20.46
CA LYS E 165 20.02 -72.78 19.93
C LYS E 165 18.84 -71.85 20.12
N VAL E 166 18.09 -71.60 19.04
CA VAL E 166 17.05 -70.60 19.03
C VAL E 166 15.83 -71.03 18.24
N GLN E 167 14.64 -70.59 18.67
CA GLN E 167 13.37 -70.88 17.98
C GLN E 167 12.89 -69.57 17.33
N ILE E 168 12.67 -69.59 16.00
CA ILE E 168 12.27 -68.39 15.23
C ILE E 168 10.82 -68.02 15.56
N LEU E 169 10.59 -66.80 16.07
CA LEU E 169 9.25 -66.32 16.38
C LEU E 169 8.64 -65.73 15.11
N PRO E 170 7.44 -66.18 14.73
CA PRO E 170 6.84 -65.69 13.48
C PRO E 170 6.21 -64.31 13.57
N GLU E 171 6.06 -63.63 12.42
CA GLU E 171 5.41 -62.32 12.37
C GLU E 171 3.92 -62.56 12.24
N CYS E 172 3.15 -62.25 13.29
CA CYS E 172 1.71 -62.44 13.25
C CYS E 172 1.02 -61.39 12.37
N VAL E 173 0.35 -61.82 11.28
CA VAL E 173 -0.37 -60.93 10.36
C VAL E 173 -1.84 -61.33 10.35
N LEU E 174 -2.74 -60.44 10.81
CA LEU E 174 -4.18 -60.70 10.86
C LEU E 174 -4.92 -59.93 9.78
N PRO E 175 -6.11 -60.41 9.36
CA PRO E 175 -6.89 -59.66 8.37
C PRO E 175 -7.59 -58.46 9.01
N SER E 176 -8.35 -57.68 8.21
CA SER E 176 -9.08 -56.56 8.78
C SER E 176 -10.03 -57.08 9.84
N THR E 177 -10.18 -56.35 10.94
CA THR E 177 -11.10 -56.73 12.01
C THR E 177 -12.56 -56.95 11.47
N MET E 178 -12.94 -56.23 10.39
CA MET E 178 -14.25 -56.33 9.74
C MET E 178 -14.34 -57.40 8.64
N SER E 179 -13.21 -57.94 8.16
CA SER E 179 -13.16 -58.93 7.08
C SER E 179 -14.19 -60.06 7.21
N ALA E 180 -14.36 -60.57 8.43
CA ALA E 180 -15.31 -61.65 8.72
C ALA E 180 -16.77 -61.17 8.59
N VAL E 181 -17.09 -60.11 9.33
CA VAL E 181 -18.45 -59.57 9.41
C VAL E 181 -18.91 -58.70 8.22
N GLN E 182 -18.03 -58.34 7.25
CA GLN E 182 -18.45 -57.46 6.15
C GLN E 182 -19.57 -58.09 5.30
N LEU E 183 -20.61 -57.30 4.98
CA LEU E 183 -21.74 -57.76 4.18
C LEU E 183 -21.30 -57.76 2.73
N GLU E 184 -21.72 -58.77 1.96
CA GLU E 184 -21.34 -58.94 0.54
C GLU E 184 -21.73 -57.72 -0.28
N SER E 185 -22.92 -57.17 -0.02
CA SER E 185 -23.40 -55.98 -0.71
C SER E 185 -22.45 -54.79 -0.49
N LEU E 186 -21.98 -54.61 0.78
CA LEU E 186 -21.06 -53.53 1.15
C LEU E 186 -19.59 -53.81 0.84
N ASN E 187 -19.20 -55.01 0.33
CA ASN E 187 -17.79 -55.29 -0.02
C ASN E 187 -17.28 -54.29 -1.06
N LYS E 188 -18.15 -53.92 -2.01
CA LYS E 188 -17.89 -52.96 -3.11
C LYS E 188 -17.50 -51.58 -2.60
N CYS E 189 -18.11 -51.17 -1.50
CA CYS E 189 -17.93 -49.84 -0.89
C CYS E 189 -16.71 -49.77 0.04
N GLN E 190 -16.08 -50.92 0.39
CA GLN E 190 -14.92 -50.91 1.29
C GLN E 190 -13.71 -50.18 0.70
N ILE E 191 -13.56 -50.15 -0.64
CA ILE E 191 -12.40 -49.53 -1.28
C ILE E 191 -12.60 -48.02 -1.30
N PHE E 192 -11.54 -47.26 -0.95
CA PHE E 192 -11.55 -45.80 -0.89
C PHE E 192 -11.03 -45.15 -2.17
N PRO E 193 -11.54 -43.97 -2.57
CA PRO E 193 -11.06 -43.33 -3.80
C PRO E 193 -9.80 -42.49 -3.56
N SER E 194 -8.65 -43.17 -3.40
CA SER E 194 -7.31 -42.57 -3.20
C SER E 194 -7.16 -41.79 -1.87
N LYS E 195 -5.91 -41.42 -1.56
CA LYS E 195 -5.55 -40.66 -0.35
C LYS E 195 -5.54 -39.16 -0.68
N PRO E 196 -5.83 -38.26 0.30
CA PRO E 196 -5.80 -36.82 0.00
C PRO E 196 -4.38 -36.25 -0.15
N VAL E 197 -3.36 -36.94 0.43
CA VAL E 197 -1.91 -36.64 0.48
C VAL E 197 -1.56 -35.11 0.43
N SER E 198 -2.35 -34.32 1.15
CA SER E 198 -2.17 -32.88 1.33
C SER E 198 -2.07 -32.79 2.84
N ARG E 199 -0.86 -32.51 3.35
CA ARG E 199 -0.57 -32.44 4.80
C ARG E 199 -1.75 -31.88 5.62
N GLU E 200 -2.32 -30.76 5.15
CA GLU E 200 -3.44 -30.07 5.82
C GLU E 200 -4.75 -30.89 5.78
N ASP E 201 -5.08 -31.49 4.61
CA ASP E 201 -6.33 -32.25 4.42
C ASP E 201 -6.39 -33.56 5.20
N GLN E 202 -5.26 -34.28 5.33
CA GLN E 202 -5.27 -35.51 6.11
C GLN E 202 -4.99 -35.21 7.64
N CYS E 203 -4.31 -34.07 7.97
CA CYS E 203 -4.15 -33.65 9.38
C CYS E 203 -5.53 -33.24 9.92
N SER E 204 -6.42 -32.71 9.02
CA SER E 204 -7.80 -32.34 9.35
C SER E 204 -8.58 -33.64 9.61
N TYR E 205 -9.13 -33.78 10.83
CA TYR E 205 -9.83 -34.98 11.28
C TYR E 205 -11.13 -35.32 10.51
N LYS E 206 -11.61 -34.45 9.61
CA LYS E 206 -12.82 -34.73 8.83
C LYS E 206 -12.63 -35.95 7.91
N TRP E 207 -11.41 -36.14 7.34
CA TRP E 207 -11.13 -37.31 6.49
C TRP E 207 -11.11 -38.60 7.32
N TRP E 208 -10.48 -38.57 8.50
CA TRP E 208 -10.41 -39.72 9.40
C TRP E 208 -11.79 -40.11 9.92
N GLN E 209 -12.69 -39.12 10.04
CA GLN E 209 -14.08 -39.35 10.44
C GLN E 209 -14.78 -40.18 9.32
N LYS E 210 -14.59 -39.75 8.00
CA LYS E 210 -15.14 -40.46 6.83
C LYS E 210 -14.55 -41.86 6.69
N TYR E 211 -13.25 -42.01 6.98
CA TYR E 211 -12.53 -43.28 6.94
C TYR E 211 -13.12 -44.28 7.95
N GLN E 212 -13.36 -43.82 9.18
CA GLN E 212 -13.93 -44.63 10.25
C GLN E 212 -15.34 -45.07 9.89
N LYS E 213 -16.19 -44.11 9.50
CA LYS E 213 -17.58 -44.36 9.11
C LYS E 213 -17.69 -45.40 8.00
N ARG E 214 -16.78 -45.36 7.01
CA ARG E 214 -16.80 -46.31 5.88
C ARG E 214 -16.18 -47.66 6.20
N LYS E 215 -14.95 -47.67 6.70
CA LYS E 215 -14.25 -48.93 6.97
C LYS E 215 -14.94 -49.79 8.01
N PHE E 216 -15.41 -49.19 9.11
CA PHE E 216 -16.06 -49.92 10.21
C PHE E 216 -17.56 -49.77 10.25
N HIS E 217 -18.23 -49.65 9.09
CA HIS E 217 -19.69 -49.53 9.07
C HIS E 217 -20.32 -50.78 9.70
N CYS E 218 -19.80 -51.96 9.35
CA CYS E 218 -20.33 -53.23 9.87
C CYS E 218 -20.07 -53.48 11.37
N ALA E 219 -19.52 -52.50 12.10
CA ALA E 219 -19.38 -52.60 13.54
C ALA E 219 -20.80 -52.70 14.16
N ASN E 220 -21.83 -52.14 13.47
CA ASN E 220 -23.24 -52.22 13.88
C ASN E 220 -23.74 -53.68 14.00
N LEU E 221 -23.18 -54.63 13.20
CA LEU E 221 -23.53 -56.04 13.29
C LEU E 221 -22.93 -56.68 14.54
N THR E 222 -21.81 -56.11 15.04
CA THR E 222 -21.11 -56.64 16.20
C THR E 222 -21.59 -56.01 17.51
N SER E 223 -20.92 -56.36 18.61
CA SER E 223 -21.22 -55.88 19.96
C SER E 223 -20.39 -54.62 20.35
N TRP E 224 -19.56 -54.07 19.42
CA TRP E 224 -18.70 -52.90 19.70
C TRP E 224 -18.88 -51.77 18.68
N PRO E 225 -18.50 -50.52 19.05
CA PRO E 225 -18.64 -49.41 18.09
C PRO E 225 -17.46 -49.25 17.14
N ARG E 226 -17.65 -48.39 16.13
CA ARG E 226 -16.65 -48.09 15.11
C ARG E 226 -15.37 -47.59 15.75
N TRP E 227 -15.50 -46.63 16.67
CA TRP E 227 -14.35 -46.06 17.37
C TRP E 227 -13.52 -47.07 18.14
N LEU E 228 -14.12 -48.20 18.57
CA LEU E 228 -13.32 -49.24 19.23
C LEU E 228 -12.47 -49.92 18.20
N TYR E 229 -13.06 -50.26 17.04
CA TYR E 229 -12.30 -50.92 15.98
C TYR E 229 -11.13 -50.07 15.48
N SER E 230 -11.26 -48.72 15.52
CA SER E 230 -10.16 -47.82 15.14
C SER E 230 -8.96 -47.96 16.09
N LEU E 231 -9.21 -48.32 17.37
CA LEU E 231 -8.13 -48.50 18.34
C LEU E 231 -7.27 -49.73 18.03
N TYR E 232 -7.77 -50.66 17.20
CA TYR E 232 -7.01 -51.83 16.76
C TYR E 232 -6.76 -51.77 15.24
N ASP E 233 -6.82 -50.55 14.63
CA ASP E 233 -6.60 -50.38 13.19
C ASP E 233 -5.16 -49.94 12.93
N ALA E 234 -4.45 -50.64 12.02
CA ALA E 234 -3.06 -50.32 11.70
C ALA E 234 -2.88 -48.87 11.20
N GLU E 235 -3.60 -48.48 10.15
CA GLU E 235 -3.50 -47.13 9.56
C GLU E 235 -3.76 -46.00 10.53
N THR E 236 -4.80 -46.13 11.37
CA THR E 236 -5.15 -45.13 12.37
C THR E 236 -4.05 -45.04 13.44
N LEU E 237 -3.58 -46.21 13.91
CA LEU E 237 -2.52 -46.25 14.92
C LEU E 237 -1.22 -45.63 14.40
N MET E 238 -0.88 -45.87 13.11
CA MET E 238 0.31 -45.27 12.50
C MET E 238 0.15 -43.77 12.45
N ASP E 239 -1.00 -43.29 11.97
CA ASP E 239 -1.25 -41.84 11.90
C ASP E 239 -1.11 -41.21 13.28
N ARG E 240 -1.67 -41.84 14.32
CA ARG E 240 -1.57 -41.31 15.69
C ARG E 240 -0.11 -41.18 16.13
N ILE E 241 0.74 -42.19 15.81
CA ILE E 241 2.17 -42.15 16.15
C ILE E 241 2.84 -41.02 15.39
N LYS E 242 2.71 -41.01 14.05
CA LYS E 242 3.28 -39.97 13.18
C LYS E 242 2.98 -38.57 13.74
N LYS E 243 1.70 -38.31 14.09
CA LYS E 243 1.27 -37.03 14.64
C LYS E 243 1.96 -36.71 15.97
N GLN E 244 2.10 -37.71 16.87
CA GLN E 244 2.77 -37.47 18.15
C GLN E 244 4.30 -37.35 18.01
N LEU E 245 4.90 -38.00 16.99
CA LEU E 245 6.33 -37.89 16.72
C LEU E 245 6.64 -36.50 16.19
N ARG E 246 5.79 -35.95 15.28
CA ARG E 246 5.92 -34.58 14.77
C ARG E 246 5.79 -33.59 15.94
N GLU E 247 4.85 -33.87 16.88
CA GLU E 247 4.61 -33.05 18.07
C GLU E 247 5.88 -32.98 18.93
N TRP E 248 6.62 -34.11 19.06
CA TRP E 248 7.87 -34.16 19.81
C TRP E 248 8.98 -33.39 19.09
N ASP E 249 9.14 -33.61 17.78
CA ASP E 249 10.19 -32.98 16.97
C ASP E 249 9.70 -32.75 15.55
N GLU E 250 9.91 -31.56 14.98
CA GLU E 250 9.51 -31.25 13.60
C GLU E 250 10.43 -32.00 12.61
N ASN E 251 9.84 -32.76 11.65
CA ASN E 251 10.58 -33.54 10.65
C ASN E 251 9.72 -33.93 9.43
N LEU E 252 10.38 -34.40 8.35
CA LEU E 252 9.69 -34.84 7.11
C LEU E 252 9.12 -36.24 7.34
N LYS E 253 7.78 -36.38 7.31
CA LYS E 253 7.13 -37.66 7.59
C LYS E 253 7.16 -38.67 6.43
N ASP E 254 6.90 -38.22 5.18
CA ASP E 254 6.84 -39.10 4.00
C ASP E 254 8.13 -39.88 3.77
N ASP E 255 9.28 -39.23 3.96
CA ASP E 255 10.57 -39.86 3.74
C ASP E 255 11.01 -40.74 4.90
N SER E 256 11.03 -40.17 6.12
CA SER E 256 11.54 -40.82 7.32
C SER E 256 10.85 -42.12 7.76
N LEU E 257 9.50 -42.20 7.68
CA LEU E 257 8.78 -43.37 8.17
C LEU E 257 8.14 -44.22 7.05
N PRO E 258 8.32 -45.57 7.07
CA PRO E 258 7.73 -46.41 6.00
C PRO E 258 6.21 -46.50 6.05
N SER E 259 5.59 -46.76 4.90
CA SER E 259 4.13 -46.89 4.81
C SER E 259 3.61 -48.23 5.35
N ASN E 260 4.45 -49.30 5.38
CA ASN E 260 4.04 -50.62 5.85
C ASN E 260 3.95 -50.63 7.38
N PRO E 261 2.86 -51.16 8.00
CA PRO E 261 2.79 -51.18 9.47
C PRO E 261 3.81 -52.09 10.17
N ILE E 262 4.24 -53.19 9.54
CA ILE E 262 5.26 -54.09 10.12
C ILE E 262 6.56 -53.29 10.21
N ASP E 263 6.97 -52.71 9.07
CA ASP E 263 8.20 -51.91 8.97
C ASP E 263 8.12 -50.69 9.86
N PHE E 264 7.00 -49.98 9.82
CA PHE E 264 6.79 -48.78 10.63
C PHE E 264 6.91 -49.10 12.13
N SER E 265 6.17 -50.11 12.62
CA SER E 265 6.20 -50.48 14.04
C SER E 265 7.64 -50.76 14.49
N TYR E 266 8.42 -51.51 13.69
CA TYR E 266 9.82 -51.77 14.06
C TYR E 266 10.64 -50.47 14.07
N ARG E 267 10.58 -49.66 12.99
CA ARG E 267 11.28 -48.36 12.90
C ARG E 267 11.06 -47.50 14.17
N VAL E 268 9.78 -47.45 14.64
CA VAL E 268 9.42 -46.70 15.84
C VAL E 268 9.99 -47.38 17.07
N ALA E 269 9.82 -48.71 17.18
CA ALA E 269 10.35 -49.46 18.32
C ALA E 269 11.81 -49.11 18.56
N ALA E 270 12.59 -49.00 17.47
CA ALA E 270 14.02 -48.70 17.55
C ALA E 270 14.29 -47.26 17.97
N CYS E 271 13.55 -46.29 17.41
CA CYS E 271 13.78 -44.86 17.70
C CYS E 271 13.19 -44.34 19.01
N LEU E 272 12.35 -45.06 19.76
CA LEU E 272 11.74 -44.48 20.98
C LEU E 272 12.75 -44.15 22.07
N PRO E 273 12.61 -43.00 22.77
CA PRO E 273 13.57 -42.65 23.86
C PRO E 273 13.29 -43.45 25.13
N ILE E 274 13.69 -44.73 25.12
CA ILE E 274 13.42 -45.67 26.21
C ILE E 274 14.61 -46.55 26.55
N ASP E 275 14.52 -47.15 27.75
CA ASP E 275 15.49 -48.09 28.27
C ASP E 275 15.44 -49.36 27.43
N ASP E 276 16.59 -50.01 27.16
CA ASP E 276 16.61 -51.24 26.37
C ASP E 276 15.87 -52.39 27.06
N VAL E 277 15.78 -52.39 28.41
CA VAL E 277 15.01 -53.40 29.14
C VAL E 277 13.51 -53.22 28.81
N LEU E 278 13.05 -51.96 28.69
CA LEU E 278 11.66 -51.69 28.30
C LEU E 278 11.47 -52.09 26.83
N ARG E 279 12.48 -51.80 25.98
CA ARG E 279 12.46 -52.14 24.54
C ARG E 279 12.26 -53.64 24.30
N ILE E 280 12.73 -54.51 25.22
CA ILE E 280 12.51 -55.96 25.08
C ILE E 280 11.01 -56.28 24.94
N GLN E 281 10.15 -55.51 25.63
CA GLN E 281 8.70 -55.70 25.55
C GLN E 281 8.23 -55.57 24.11
N LEU E 282 8.75 -54.55 23.37
CA LEU E 282 8.41 -54.37 21.96
C LEU E 282 8.94 -55.51 21.11
N LEU E 283 10.14 -56.07 21.44
CA LEU E 283 10.69 -57.20 20.70
C LEU E 283 9.84 -58.48 20.90
N LYS E 284 9.36 -58.71 22.14
CA LYS E 284 8.51 -59.86 22.46
C LYS E 284 7.18 -59.87 21.67
N ILE E 285 6.61 -58.67 21.36
CA ILE E 285 5.34 -58.58 20.63
C ILE E 285 5.49 -59.06 19.18
N GLY E 286 4.58 -59.95 18.76
CA GLY E 286 4.57 -60.54 17.43
C GLY E 286 3.62 -59.92 16.43
N SER E 287 2.53 -59.28 16.89
CA SER E 287 1.55 -58.62 16.00
C SER E 287 1.89 -57.17 15.84
N ALA E 288 2.01 -56.67 14.61
CA ALA E 288 2.29 -55.25 14.39
C ALA E 288 1.18 -54.35 14.98
N ILE E 289 -0.09 -54.83 15.06
CA ILE E 289 -1.20 -54.06 15.65
C ILE E 289 -0.88 -53.82 17.13
N GLN E 290 -0.59 -54.90 17.86
CA GLN E 290 -0.24 -54.85 19.28
C GLN E 290 1.03 -54.03 19.48
N ARG E 291 2.00 -54.18 18.56
CA ARG E 291 3.27 -53.46 18.62
C ARG E 291 3.04 -51.94 18.56
N LEU E 292 2.16 -51.50 17.64
CA LEU E 292 1.83 -50.07 17.48
C LEU E 292 1.04 -49.56 18.69
N ARG E 293 0.09 -50.36 19.20
CA ARG E 293 -0.70 -49.97 20.37
C ARG E 293 0.19 -49.81 21.59
N CYS E 294 1.22 -50.67 21.70
CA CYS E 294 2.18 -50.62 22.79
C CYS E 294 3.06 -49.38 22.68
N GLU E 295 3.47 -49.05 21.45
CA GLU E 295 4.27 -47.86 21.20
C GLU E 295 3.52 -46.59 21.58
N LEU E 296 2.21 -46.51 21.27
CA LEU E 296 1.43 -45.34 21.67
C LEU E 296 1.31 -45.26 23.18
N ASP E 297 1.23 -46.42 23.87
CA ASP E 297 1.17 -46.41 25.34
C ASP E 297 2.47 -45.86 25.91
N ILE E 298 3.61 -46.39 25.42
CA ILE E 298 4.93 -45.94 25.82
C ILE E 298 5.03 -44.42 25.61
N MET E 299 4.62 -43.94 24.42
CA MET E 299 4.64 -42.51 24.07
C MET E 299 3.85 -41.67 25.05
N ASN E 300 2.63 -42.12 25.38
CA ASN E 300 1.77 -41.41 26.33
C ASN E 300 2.35 -41.44 27.74
N LYS E 301 3.17 -42.44 28.07
CA LYS E 301 3.80 -42.54 29.39
C LYS E 301 5.06 -41.68 29.50
N CYS E 302 5.54 -41.00 28.42
CA CYS E 302 6.71 -40.12 28.47
C CYS E 302 6.31 -38.73 28.95
N THR E 303 5.91 -38.65 30.22
CA THR E 303 5.42 -37.42 30.85
C THR E 303 6.54 -36.59 31.50
N SER E 304 7.84 -36.94 31.31
CA SER E 304 8.95 -36.16 31.88
C SER E 304 9.98 -35.80 30.82
N LEU E 305 10.61 -34.64 30.95
CA LEU E 305 11.65 -34.17 30.03
C LEU E 305 13.00 -34.35 30.69
N CYS E 306 13.95 -34.99 29.97
CA CYS E 306 15.30 -35.28 30.44
C CYS E 306 16.33 -34.59 29.56
N CYS E 307 17.60 -34.60 30.01
CA CYS E 307 18.72 -33.99 29.28
C CYS E 307 18.90 -34.73 27.95
N LYS E 308 18.73 -34.05 26.82
CA LYS E 308 18.87 -34.72 25.52
C LYS E 308 20.27 -35.27 25.32
N GLN E 309 21.31 -34.57 25.83
CA GLN E 309 22.69 -35.00 25.63
C GLN E 309 23.04 -36.25 26.41
N CYS E 310 22.92 -36.24 27.74
CA CYS E 310 23.29 -37.42 28.51
C CYS E 310 22.14 -38.39 28.69
N GLN E 311 20.90 -37.90 28.79
CA GLN E 311 19.70 -38.73 28.99
C GLN E 311 19.79 -39.53 30.28
N GLU E 312 20.46 -38.96 31.30
CA GLU E 312 20.61 -39.58 32.61
C GLU E 312 19.99 -38.72 33.70
N THR E 313 19.43 -37.54 33.35
CA THR E 313 18.86 -36.64 34.35
C THR E 313 17.45 -36.25 33.97
N GLU E 314 16.48 -36.47 34.87
CA GLU E 314 15.10 -36.05 34.67
C GLU E 314 15.06 -34.57 35.09
N ILE E 315 14.91 -33.65 34.13
CA ILE E 315 14.94 -32.20 34.42
C ILE E 315 13.61 -31.71 34.94
N THR E 316 12.51 -32.06 34.28
CA THR E 316 11.18 -31.59 34.70
C THR E 316 10.09 -32.53 34.19
N THR E 317 8.87 -32.41 34.71
CA THR E 317 7.71 -33.19 34.28
C THR E 317 6.75 -32.28 33.53
N LYS E 318 5.91 -32.85 32.66
CA LYS E 318 4.93 -32.06 31.91
C LYS E 318 3.93 -31.38 32.83
N ASN E 319 3.70 -31.93 34.04
CA ASN E 319 2.81 -31.34 35.05
C ASN E 319 3.31 -29.96 35.48
N GLU E 320 4.64 -29.76 35.51
CA GLU E 320 5.25 -28.48 35.90
C GLU E 320 5.16 -27.40 34.81
N ILE E 321 4.72 -27.74 33.57
CA ILE E 321 4.60 -26.75 32.50
C ILE E 321 3.51 -25.76 32.87
N PHE E 322 3.73 -24.47 32.55
CA PHE E 322 2.76 -23.42 32.84
C PHE E 322 2.90 -22.29 31.84
N SER E 323 1.80 -21.56 31.64
CA SER E 323 1.74 -20.43 30.70
C SER E 323 1.88 -19.14 31.47
N LEU E 324 2.99 -18.42 31.22
CA LEU E 324 3.26 -17.15 31.89
C LEU E 324 2.41 -16.08 31.22
N SER E 325 2.55 -16.00 29.90
CA SER E 325 1.84 -15.07 29.04
C SER E 325 0.84 -15.82 28.16
N LEU E 326 -0.14 -15.09 27.60
CA LEU E 326 -1.15 -15.68 26.70
C LEU E 326 -0.56 -16.32 25.41
N CYS E 327 0.70 -16.01 25.05
CA CYS E 327 1.38 -16.62 23.89
C CYS E 327 1.38 -18.16 23.98
N GLY E 328 1.61 -18.69 25.18
CA GLY E 328 1.64 -20.13 25.44
C GLY E 328 2.78 -20.52 26.37
N PRO E 329 2.88 -21.80 26.75
CA PRO E 329 4.00 -22.22 27.63
C PRO E 329 5.35 -22.18 26.93
N MET E 330 5.39 -22.61 25.66
CA MET E 330 6.60 -22.58 24.85
C MET E 330 6.51 -21.44 23.83
N ALA E 331 7.60 -20.67 23.71
CA ALA E 331 7.67 -19.55 22.77
C ALA E 331 9.12 -19.25 22.41
N ALA E 332 9.36 -18.73 21.21
CA ALA E 332 10.71 -18.42 20.74
C ALA E 332 11.12 -17.01 21.13
N TYR E 333 12.28 -16.86 21.77
CA TYR E 333 12.80 -15.56 22.19
C TYR E 333 14.21 -15.41 21.65
N VAL E 334 14.59 -14.20 21.21
CA VAL E 334 15.95 -13.94 20.72
C VAL E 334 16.76 -13.28 21.83
N ASN E 335 18.07 -13.53 21.86
CA ASN E 335 18.96 -12.96 22.87
C ASN E 335 19.65 -11.71 22.27
N PRO E 336 20.47 -10.94 23.02
CA PRO E 336 21.06 -9.72 22.43
C PRO E 336 22.08 -9.94 21.31
N HIS E 337 22.52 -11.18 21.04
CA HIS E 337 23.47 -11.50 19.98
C HIS E 337 22.84 -12.23 18.77
N GLY E 338 21.51 -12.32 18.72
CA GLY E 338 20.80 -12.96 17.62
C GLY E 338 20.55 -14.46 17.74
N TYR E 339 20.83 -15.07 18.90
CA TYR E 339 20.55 -16.49 19.07
C TYR E 339 19.08 -16.66 19.45
N VAL E 340 18.31 -17.44 18.68
CA VAL E 340 16.88 -17.66 18.96
C VAL E 340 16.70 -18.93 19.78
N HIS E 341 15.93 -18.86 20.88
CA HIS E 341 15.69 -19.98 21.78
C HIS E 341 14.21 -20.30 21.94
N GLU E 342 13.77 -21.50 21.48
CA GLU E 342 12.40 -21.98 21.70
C GLU E 342 12.40 -22.38 23.15
N THR E 343 11.83 -21.55 24.03
CA THR E 343 11.89 -21.76 25.47
C THR E 343 10.58 -22.21 26.09
N LEU E 344 10.62 -23.31 26.88
CA LEU E 344 9.49 -23.87 27.62
C LEU E 344 9.58 -23.36 29.05
N THR E 345 8.44 -22.88 29.61
CA THR E 345 8.39 -22.36 30.99
C THR E 345 7.83 -23.44 31.91
N VAL E 346 8.57 -23.80 32.98
CA VAL E 346 8.14 -24.78 33.96
C VAL E 346 8.28 -24.20 35.37
N TYR E 347 7.36 -24.53 36.29
CA TYR E 347 7.40 -24.01 37.66
C TYR E 347 8.63 -24.50 38.41
N LYS E 348 8.97 -25.77 38.27
CA LYS E 348 10.11 -26.40 38.94
C LYS E 348 10.92 -27.26 37.96
N ALA E 349 12.22 -27.39 38.21
CA ALA E 349 13.12 -28.24 37.42
C ALA E 349 14.32 -28.60 38.30
N CYS E 350 14.91 -29.78 38.10
CA CYS E 350 15.99 -30.26 38.97
C CYS E 350 17.08 -30.99 38.19
N ASN E 351 18.18 -31.32 38.88
CA ASN E 351 19.40 -31.92 38.32
C ASN E 351 20.09 -30.88 37.45
N LEU E 352 20.09 -29.61 37.90
CA LEU E 352 20.68 -28.50 37.18
C LEU E 352 21.58 -27.67 38.11
N ASN E 353 22.77 -27.22 37.62
CA ASN E 353 23.71 -26.35 38.37
C ASN E 353 23.55 -24.98 37.80
N LEU E 354 23.67 -23.96 38.64
CA LEU E 354 23.58 -22.58 38.18
C LEU E 354 24.98 -22.03 37.96
N ILE E 355 25.17 -21.23 36.90
CA ILE E 355 26.46 -20.62 36.55
C ILE E 355 26.33 -19.11 36.72
N GLY E 356 27.28 -18.52 37.44
CA GLY E 356 27.31 -17.08 37.68
C GLY E 356 26.22 -16.59 38.62
N ARG E 357 26.09 -15.25 38.70
CA ARG E 357 25.08 -14.60 39.54
C ARG E 357 23.87 -14.23 38.66
N PRO E 358 22.67 -13.98 39.25
CA PRO E 358 21.52 -13.62 38.41
C PRO E 358 21.70 -12.26 37.74
N SER E 359 21.02 -12.08 36.59
CA SER E 359 21.09 -10.81 35.85
C SER E 359 19.75 -10.48 35.23
N THR E 360 19.41 -9.19 35.20
CA THR E 360 18.17 -8.69 34.59
C THR E 360 18.45 -8.14 33.20
N GLU E 361 19.73 -8.11 32.76
CA GLU E 361 20.11 -7.58 31.46
C GLU E 361 19.43 -8.35 30.31
N HIS E 362 18.53 -7.68 29.57
N HIS E 362 18.52 -7.66 29.60
CA HIS E 362 17.79 -8.25 28.43
CA HIS E 362 17.76 -8.21 28.47
C HIS E 362 16.95 -9.48 28.83
C HIS E 362 16.96 -9.46 28.85
N SER E 363 16.27 -9.41 30.00
CA SER E 363 15.43 -10.52 30.48
C SER E 363 14.19 -10.63 29.59
N TRP E 364 13.82 -11.86 29.19
CA TRP E 364 12.64 -12.09 28.36
C TRP E 364 11.34 -11.96 29.14
N PHE E 365 11.38 -12.01 30.49
CA PHE E 365 10.20 -11.90 31.34
C PHE E 365 10.46 -10.75 32.31
N PRO E 366 10.09 -9.50 31.95
CA PRO E 366 10.39 -8.35 32.82
C PRO E 366 9.95 -8.57 34.26
N GLY E 367 10.85 -8.28 35.19
CA GLY E 367 10.61 -8.49 36.61
C GLY E 367 11.33 -9.70 37.17
N TYR E 368 11.99 -10.50 36.29
CA TYR E 368 12.75 -11.67 36.69
C TYR E 368 14.19 -11.56 36.22
N ALA E 369 15.10 -12.14 36.97
CA ALA E 369 16.53 -12.19 36.67
C ALA E 369 16.91 -13.64 36.31
N TRP E 370 17.57 -13.80 35.16
CA TRP E 370 18.00 -15.11 34.66
C TRP E 370 19.33 -15.54 35.24
N THR E 371 19.46 -16.85 35.48
CA THR E 371 20.69 -17.49 35.96
C THR E 371 20.90 -18.70 35.05
N VAL E 372 22.06 -18.81 34.39
CA VAL E 372 22.29 -19.92 33.46
C VAL E 372 22.28 -21.28 34.18
N ALA E 373 21.49 -22.23 33.65
CA ALA E 373 21.32 -23.57 34.22
C ALA E 373 21.86 -24.65 33.28
N GLN E 374 22.67 -25.58 33.80
CA GLN E 374 23.26 -26.66 33.01
C GLN E 374 23.07 -28.01 33.70
N CYS E 375 23.15 -29.10 32.92
CA CYS E 375 22.96 -30.47 33.40
C CYS E 375 23.96 -30.83 34.50
N LYS E 376 23.46 -31.43 35.61
CA LYS E 376 24.31 -31.86 36.73
C LYS E 376 25.37 -32.88 36.29
N ILE E 377 25.05 -33.74 35.30
CA ILE E 377 25.93 -34.82 34.83
C ILE E 377 26.88 -34.38 33.72
N CYS E 378 26.36 -33.93 32.57
CA CYS E 378 27.19 -33.59 31.41
C CYS E 378 27.52 -32.12 31.25
N ALA E 379 26.96 -31.23 32.10
CA ALA E 379 27.21 -29.77 32.03
C ALA E 379 26.70 -29.10 30.75
N SER E 380 25.81 -29.76 29.98
CA SER E 380 25.24 -29.18 28.78
C SER E 380 24.26 -28.10 29.19
N HIS E 381 24.18 -27.00 28.43
CA HIS E 381 23.28 -25.91 28.77
C HIS E 381 21.82 -26.33 28.58
N ILE E 382 21.02 -26.24 29.66
CA ILE E 382 19.61 -26.62 29.62
C ILE E 382 18.67 -25.40 29.52
N GLY E 383 19.09 -24.28 30.06
CA GLY E 383 18.29 -23.07 30.02
C GLY E 383 18.64 -22.12 31.13
N TRP E 384 17.63 -21.48 31.76
CA TRP E 384 17.87 -20.51 32.83
C TRP E 384 16.86 -20.63 33.95
N LYS E 385 17.25 -20.16 35.16
CA LYS E 385 16.39 -20.08 36.33
C LYS E 385 15.98 -18.62 36.46
N PHE E 386 14.67 -18.35 36.33
CA PHE E 386 14.13 -17.01 36.43
C PHE E 386 13.70 -16.78 37.85
N THR E 387 14.30 -15.77 38.51
CA THR E 387 14.04 -15.41 39.90
C THR E 387 13.50 -13.98 39.95
N ALA E 388 12.36 -13.77 40.62
CA ALA E 388 11.72 -12.46 40.73
C ALA E 388 12.58 -11.41 41.39
N THR E 389 12.44 -10.15 40.96
CA THR E 389 13.18 -9.01 41.52
C THR E 389 12.41 -8.31 42.66
N LYS E 390 11.06 -8.42 42.67
CA LYS E 390 10.18 -7.87 43.71
C LYS E 390 9.53 -9.01 44.53
N LYS E 391 8.90 -8.65 45.66
CA LYS E 391 8.23 -9.61 46.55
C LYS E 391 6.77 -9.86 46.13
N ASP E 392 6.17 -8.90 45.40
CA ASP E 392 4.78 -9.00 44.93
C ASP E 392 4.61 -9.76 43.59
N MET E 393 5.66 -10.46 43.11
CA MET E 393 5.60 -11.18 41.83
C MET E 393 4.90 -12.53 42.02
N SER E 394 4.10 -12.94 41.02
CA SER E 394 3.25 -14.13 41.11
C SER E 394 4.02 -15.46 41.25
N PRO E 395 4.60 -16.12 40.21
CA PRO E 395 5.31 -17.38 40.48
C PRO E 395 6.55 -17.24 41.37
N GLN E 396 7.20 -16.05 41.41
CA GLN E 396 8.37 -15.77 42.24
C GLN E 396 9.64 -16.43 41.69
N LYS E 397 9.63 -17.75 41.48
CA LYS E 397 10.74 -18.44 40.84
C LYS E 397 10.18 -19.45 39.84
N PHE E 398 10.77 -19.50 38.64
CA PHE E 398 10.41 -20.47 37.60
C PHE E 398 11.63 -20.78 36.74
N TRP E 399 11.51 -21.71 35.79
CA TRP E 399 12.63 -22.09 34.91
C TRP E 399 12.22 -21.99 33.45
N GLY E 400 13.10 -21.40 32.64
CA GLY E 400 12.93 -21.29 31.20
C GLY E 400 13.90 -22.27 30.56
N LEU E 401 13.41 -23.45 30.15
CA LEU E 401 14.26 -24.49 29.58
C LEU E 401 14.21 -24.46 28.06
N THR E 402 15.39 -24.45 27.38
CA THR E 402 15.45 -24.44 25.92
C THR E 402 15.00 -25.81 25.36
N ARG E 403 13.96 -25.81 24.50
CA ARG E 403 13.34 -27.01 23.94
C ARG E 403 14.36 -27.96 23.30
N SER E 404 15.25 -27.40 22.49
CA SER E 404 16.30 -28.14 21.79
C SER E 404 17.20 -28.97 22.74
N ALA E 405 17.39 -28.52 24.00
CA ALA E 405 18.20 -29.23 25.00
C ALA E 405 17.50 -30.39 25.70
N LEU E 406 16.16 -30.46 25.63
CA LEU E 406 15.38 -31.50 26.33
C LEU E 406 14.96 -32.65 25.41
N LEU E 407 14.50 -33.75 26.05
CA LEU E 407 14.03 -34.95 25.35
C LEU E 407 12.97 -35.67 26.21
N PRO E 408 11.85 -36.17 25.62
CA PRO E 408 10.84 -36.85 26.45
C PRO E 408 11.29 -38.20 26.99
N THR E 409 10.84 -38.56 28.20
CA THR E 409 11.17 -39.85 28.80
C THR E 409 10.13 -40.27 29.85
N ILE E 410 10.08 -41.58 30.14
CA ILE E 410 9.19 -42.14 31.15
C ILE E 410 9.76 -41.77 32.54
N PRO E 411 8.94 -41.23 33.47
CA PRO E 411 9.50 -40.85 34.79
C PRO E 411 10.17 -42.03 35.48
N ASP E 412 11.45 -41.89 35.84
CA ASP E 412 12.15 -43.01 36.50
C ASP E 412 11.82 -43.04 37.98
N THR E 413 11.83 -44.24 38.58
CA THR E 413 11.58 -44.45 40.01
C THR E 413 12.81 -45.11 40.61
N GLU E 414 13.89 -44.31 40.75
CA GLU E 414 15.16 -44.77 41.31
C GLU E 414 15.03 -45.11 42.81
N ASP E 415 14.05 -44.51 43.52
CA ASP E 415 13.82 -44.79 44.94
C ASP E 415 13.28 -46.21 45.12
N GLU E 416 13.83 -46.95 46.11
CA GLU E 416 13.43 -48.34 46.40
C GLU E 416 12.25 -48.44 47.41
N ILE E 417 11.64 -47.30 47.80
CA ILE E 417 10.49 -47.28 48.72
C ILE E 417 9.21 -47.78 48.03
N SER E 418 8.96 -47.32 46.79
CA SER E 418 7.78 -47.73 46.00
C SER E 418 8.14 -47.84 44.50
N PRO E 419 8.96 -48.86 44.12
CA PRO E 419 9.32 -49.01 42.70
C PRO E 419 8.27 -49.83 41.94
N ASP E 420 7.16 -49.16 41.55
CA ASP E 420 6.08 -49.81 40.79
C ASP E 420 6.55 -49.94 39.35
N LYS E 421 6.70 -51.19 38.85
CA LYS E 421 7.20 -51.45 37.48
C LYS E 421 6.28 -50.90 36.39
N VAL E 422 6.87 -50.51 35.24
CA VAL E 422 6.11 -49.96 34.11
C VAL E 422 5.35 -51.12 33.47
N ILE E 423 4.02 -51.02 33.46
CA ILE E 423 3.13 -52.06 32.92
C ILE E 423 2.59 -51.57 31.59
N LEU E 424 3.23 -51.97 30.48
CA LEU E 424 2.82 -51.54 29.14
C LEU E 424 1.57 -52.30 28.68
N CYS E 425 0.69 -51.62 27.94
CA CYS E 425 -0.57 -52.18 27.46
C CYS E 425 -0.52 -52.50 25.97
N LEU E 426 -1.31 -53.52 25.57
CA LEU E 426 -1.50 -53.99 24.19
C LEU E 426 -2.97 -53.81 23.72
N GLY F 2 42.10 -17.65 41.57
CA GLY F 2 41.07 -17.12 40.68
C GLY F 2 41.61 -16.40 39.46
N GLY F 3 40.77 -15.52 38.88
CA GLY F 3 41.09 -14.71 37.71
C GLY F 3 40.56 -13.29 37.85
N ARG F 4 39.34 -13.00 37.33
CA ARG F 4 38.64 -11.72 37.48
C ARG F 4 37.25 -11.93 38.13
N GLY F 5 37.12 -11.58 39.41
CA GLY F 5 35.90 -11.74 40.22
C GLY F 5 34.59 -11.26 39.60
N GLU F 6 34.64 -10.19 38.80
CA GLU F 6 33.45 -9.66 38.13
C GLU F 6 32.90 -10.57 37.02
N ARG F 7 33.73 -11.51 36.48
CA ARG F 7 33.34 -12.46 35.43
C ARG F 7 33.10 -11.73 34.10
N PRO F 8 34.16 -11.16 33.51
CA PRO F 8 33.98 -10.40 32.25
C PRO F 8 33.85 -11.22 30.97
N PHE F 9 34.20 -12.53 30.98
CA PHE F 9 34.13 -13.36 29.78
C PHE F 9 32.74 -13.99 29.66
N GLN F 10 31.86 -13.43 28.81
CA GLN F 10 30.49 -13.90 28.66
C GLN F 10 30.26 -14.69 27.38
N CYS F 11 29.34 -15.67 27.45
CA CYS F 11 28.97 -16.49 26.30
C CYS F 11 27.84 -15.81 25.53
N ASN F 12 28.02 -15.65 24.22
CA ASN F 12 27.03 -14.98 23.37
C ASN F 12 25.79 -15.82 23.12
N GLN F 13 25.87 -17.15 23.32
CA GLN F 13 24.76 -18.06 23.09
C GLN F 13 23.81 -18.14 24.26
N CYS F 14 24.31 -18.20 25.51
CA CYS F 14 23.44 -18.31 26.70
C CYS F 14 23.67 -17.25 27.80
N GLY F 15 24.68 -16.39 27.68
CA GLY F 15 24.95 -15.37 28.70
C GLY F 15 25.77 -15.85 29.88
N ALA F 16 26.31 -17.09 29.82
CA ALA F 16 27.16 -17.62 30.90
C ALA F 16 28.42 -16.79 31.06
N SER F 17 28.61 -16.18 32.24
CA SER F 17 29.79 -15.36 32.54
C SER F 17 30.88 -16.19 33.20
N PHE F 18 32.16 -15.83 32.96
CA PHE F 18 33.32 -16.53 33.50
C PHE F 18 34.43 -15.61 33.96
N THR F 19 35.13 -16.08 35.00
CA THR F 19 36.26 -15.47 35.70
C THR F 19 37.49 -15.41 34.79
N GLN F 20 37.71 -16.46 33.98
CA GLN F 20 38.84 -16.59 33.06
C GLN F 20 38.40 -16.97 31.64
N LYS F 21 39.12 -16.44 30.62
CA LYS F 21 38.85 -16.69 29.20
C LYS F 21 38.82 -18.18 28.87
N GLY F 22 39.76 -18.94 29.44
CA GLY F 22 39.85 -20.38 29.23
C GLY F 22 38.57 -21.11 29.56
N ASN F 23 37.92 -20.72 30.68
CA ASN F 23 36.66 -21.34 31.12
C ASN F 23 35.56 -21.01 30.13
N LEU F 24 35.55 -19.78 29.60
CA LEU F 24 34.55 -19.43 28.58
C LEU F 24 34.80 -20.26 27.30
N LEU F 25 36.08 -20.40 26.88
CA LEU F 25 36.40 -21.18 25.67
C LEU F 25 35.86 -22.59 25.82
N ARG F 26 36.10 -23.22 26.99
CA ARG F 26 35.59 -24.57 27.29
C ARG F 26 34.06 -24.60 27.20
N HIS F 27 33.40 -23.59 27.79
CA HIS F 27 31.94 -23.49 27.80
C HIS F 27 31.38 -23.41 26.40
N ILE F 28 31.97 -22.56 25.53
CA ILE F 28 31.53 -22.40 24.14
C ILE F 28 31.69 -23.72 23.39
N LYS F 29 32.76 -24.50 23.67
CA LYS F 29 32.96 -25.78 22.99
C LYS F 29 31.85 -26.77 23.33
N LEU F 30 31.26 -26.69 24.55
CA LEU F 30 30.14 -27.57 24.93
C LEU F 30 28.85 -27.31 24.11
N HIS F 31 28.62 -26.06 23.65
CA HIS F 31 27.43 -25.73 22.84
C HIS F 31 27.46 -26.44 21.48
N SER F 32 28.67 -26.69 20.94
CA SER F 32 28.88 -27.36 19.66
C SER F 32 28.46 -28.85 19.71
N GLY F 33 29.01 -29.59 20.67
CA GLY F 33 28.75 -31.03 20.85
C GLY F 33 28.26 -31.38 22.23
N MET G 21 17.92 9.44 -38.42
CA MET G 21 19.18 9.22 -39.15
C MET G 21 18.95 8.27 -40.33
N SER G 22 18.16 7.18 -40.13
CA SER G 22 17.80 6.26 -41.21
C SER G 22 16.43 6.71 -41.67
N TYR G 23 16.35 7.21 -42.90
CA TYR G 23 15.09 7.70 -43.43
C TYR G 23 14.57 6.67 -44.41
N ASN G 24 13.52 5.92 -44.01
CA ASN G 24 12.95 4.85 -44.84
C ASN G 24 11.44 4.96 -45.06
N TYR G 25 10.97 4.41 -46.19
CA TYR G 25 9.56 4.40 -46.61
C TYR G 25 9.16 2.96 -46.83
N VAL G 26 8.03 2.53 -46.21
CA VAL G 26 7.52 1.17 -46.33
C VAL G 26 6.10 1.21 -46.89
N VAL G 27 5.76 0.29 -47.80
CA VAL G 27 4.45 0.26 -48.43
C VAL G 27 4.01 -1.15 -48.80
N THR G 28 2.69 -1.40 -48.85
CA THR G 28 2.13 -2.71 -49.18
C THR G 28 1.99 -2.86 -50.69
N ALA G 29 2.63 -3.88 -51.27
CA ALA G 29 2.55 -4.20 -52.71
C ALA G 29 1.38 -5.16 -52.92
N GLN G 30 1.21 -6.15 -52.03
CA GLN G 30 0.10 -7.10 -52.03
C GLN G 30 -0.47 -7.14 -50.63
N LYS G 31 -1.78 -6.95 -50.46
CA LYS G 31 -2.44 -6.98 -49.15
C LYS G 31 -2.44 -8.40 -48.57
N PRO G 32 -2.56 -8.60 -47.24
CA PRO G 32 -2.60 -9.97 -46.70
C PRO G 32 -3.76 -10.78 -47.30
N THR G 33 -3.43 -11.94 -47.89
CA THR G 33 -4.40 -12.81 -48.56
C THR G 33 -4.93 -13.94 -47.66
N ALA G 34 -4.24 -14.26 -46.55
CA ALA G 34 -4.63 -15.35 -45.66
C ALA G 34 -5.80 -15.00 -44.75
N VAL G 35 -6.85 -15.84 -44.77
CA VAL G 35 -8.07 -15.60 -43.99
C VAL G 35 -7.92 -16.17 -42.60
N ASN G 36 -8.00 -15.32 -41.56
CA ASN G 36 -7.90 -15.76 -40.16
C ASN G 36 -9.24 -15.82 -39.43
N GLY G 37 -10.31 -15.35 -40.06
CA GLY G 37 -11.63 -15.39 -39.46
C GLY G 37 -12.74 -15.12 -40.46
N CYS G 38 -13.93 -15.68 -40.21
CA CYS G 38 -15.09 -15.46 -41.07
C CYS G 38 -16.39 -15.67 -40.28
N VAL G 39 -17.36 -14.75 -40.45
CA VAL G 39 -18.66 -14.81 -39.76
C VAL G 39 -19.77 -14.39 -40.72
N THR G 40 -20.96 -14.99 -40.56
CA THR G 40 -22.14 -14.67 -41.38
C THR G 40 -23.19 -14.01 -40.49
N GLY G 41 -24.07 -13.25 -41.11
CA GLY G 41 -25.14 -12.56 -40.41
C GLY G 41 -25.79 -11.51 -41.28
N HIS G 42 -26.52 -10.58 -40.67
CA HIS G 42 -27.20 -9.50 -41.40
C HIS G 42 -26.62 -8.16 -40.92
N PHE G 43 -25.44 -7.82 -41.45
CA PHE G 43 -24.70 -6.61 -41.07
C PHE G 43 -25.13 -5.40 -41.87
N THR G 44 -25.30 -5.55 -43.19
CA THR G 44 -25.69 -4.46 -44.08
C THR G 44 -27.15 -4.06 -43.85
N SER G 45 -28.08 -5.00 -44.09
CA SER G 45 -29.52 -4.80 -43.88
C SER G 45 -30.10 -6.09 -43.30
N ALA G 46 -31.14 -5.98 -42.46
CA ALA G 46 -31.79 -7.14 -41.85
C ALA G 46 -32.29 -8.19 -42.87
N GLU G 47 -32.62 -7.76 -44.10
CA GLU G 47 -33.11 -8.66 -45.14
C GLU G 47 -32.02 -9.56 -45.72
N ASP G 48 -31.04 -8.99 -46.45
CA ASP G 48 -30.01 -9.81 -47.11
C ASP G 48 -28.98 -10.41 -46.13
N LEU G 49 -28.43 -11.59 -46.50
CA LEU G 49 -27.44 -12.33 -45.72
C LEU G 49 -26.03 -11.91 -46.14
N ASN G 50 -25.15 -11.65 -45.16
CA ASN G 50 -23.78 -11.22 -45.39
C ASN G 50 -22.76 -12.24 -44.91
N LEU G 51 -21.55 -12.11 -45.45
CA LEU G 51 -20.37 -12.89 -45.08
C LEU G 51 -19.24 -11.89 -44.85
N LEU G 52 -18.76 -11.81 -43.60
CA LEU G 52 -17.67 -10.91 -43.22
C LEU G 52 -16.41 -11.76 -43.11
N ILE G 53 -15.31 -11.39 -43.81
CA ILE G 53 -14.04 -12.14 -43.80
C ILE G 53 -12.89 -11.25 -43.29
N ALA G 54 -12.12 -11.75 -42.30
CA ALA G 54 -11.00 -11.02 -41.71
C ALA G 54 -9.69 -11.53 -42.28
N LYS G 55 -8.97 -10.65 -43.00
CA LYS G 55 -7.66 -10.94 -43.57
C LYS G 55 -6.62 -10.05 -42.88
N ASN G 56 -6.34 -10.38 -41.61
CA ASN G 56 -5.40 -9.72 -40.71
C ASN G 56 -5.79 -8.26 -40.39
N THR G 57 -5.30 -7.28 -41.17
CA THR G 57 -5.61 -5.86 -40.97
C THR G 57 -6.79 -5.44 -41.87
N ARG G 58 -7.20 -6.31 -42.84
CA ARG G 58 -8.29 -6.03 -43.76
C ARG G 58 -9.57 -6.76 -43.36
N LEU G 59 -10.73 -6.15 -43.69
CA LEU G 59 -12.07 -6.70 -43.43
C LEU G 59 -12.89 -6.60 -44.73
N GLU G 60 -13.28 -7.74 -45.32
CA GLU G 60 -14.08 -7.79 -46.55
C GLU G 60 -15.53 -8.12 -46.20
N ILE G 61 -16.50 -7.38 -46.77
CA ILE G 61 -17.94 -7.60 -46.54
C ILE G 61 -18.57 -8.00 -47.87
N TYR G 62 -19.27 -9.13 -47.89
CA TYR G 62 -19.95 -9.65 -49.08
C TYR G 62 -21.42 -9.87 -48.77
N VAL G 63 -22.22 -10.06 -49.84
CA VAL G 63 -23.64 -10.40 -49.76
C VAL G 63 -23.77 -11.78 -50.40
N VAL G 64 -24.48 -12.70 -49.72
CA VAL G 64 -24.66 -14.06 -50.18
C VAL G 64 -25.80 -14.12 -51.20
N THR G 65 -25.47 -14.39 -52.46
CA THR G 65 -26.44 -14.53 -53.55
C THR G 65 -26.61 -16.00 -53.88
N ALA G 66 -27.57 -16.32 -54.75
CA ALA G 66 -27.81 -17.70 -55.20
C ALA G 66 -26.68 -18.18 -56.12
N GLU G 67 -26.01 -17.24 -56.83
CA GLU G 67 -24.91 -17.56 -57.75
C GLU G 67 -23.63 -17.82 -56.96
N GLY G 68 -23.23 -16.85 -56.16
CA GLY G 68 -22.03 -16.94 -55.32
C GLY G 68 -21.97 -15.83 -54.30
N LEU G 69 -20.86 -15.07 -54.26
CA LEU G 69 -20.68 -13.96 -53.33
C LEU G 69 -20.57 -12.65 -54.10
N ARG G 70 -21.32 -11.62 -53.66
CA ARG G 70 -21.29 -10.30 -54.29
C ARG G 70 -20.48 -9.34 -53.40
N PRO G 71 -19.31 -8.84 -53.85
CA PRO G 71 -18.54 -7.93 -52.99
C PRO G 71 -19.25 -6.60 -52.77
N VAL G 72 -19.37 -6.17 -51.51
CA VAL G 72 -20.09 -4.96 -51.14
C VAL G 72 -19.17 -3.85 -50.64
N LYS G 73 -18.29 -4.15 -49.69
CA LYS G 73 -17.38 -3.14 -49.14
C LYS G 73 -16.14 -3.81 -48.53
N GLU G 74 -14.96 -3.18 -48.71
CA GLU G 74 -13.70 -3.67 -48.16
C GLU G 74 -13.05 -2.53 -47.39
N VAL G 75 -12.64 -2.77 -46.14
CA VAL G 75 -12.02 -1.74 -45.30
C VAL G 75 -10.74 -2.23 -44.66
N GLY G 76 -9.88 -1.27 -44.32
CA GLY G 76 -8.61 -1.51 -43.65
C GLY G 76 -8.64 -0.94 -42.26
N MET G 77 -8.15 -1.69 -41.27
CA MET G 77 -8.09 -1.26 -39.88
C MET G 77 -6.64 -1.02 -39.50
N TYR G 78 -6.44 -0.16 -38.48
CA TYR G 78 -5.11 0.12 -37.93
C TYR G 78 -4.94 -0.81 -36.73
N GLY G 79 -4.88 -2.11 -37.03
CA GLY G 79 -4.79 -3.17 -36.02
C GLY G 79 -5.00 -4.55 -36.60
N LYS G 80 -4.34 -5.57 -36.01
CA LYS G 80 -4.51 -6.96 -36.44
C LYS G 80 -5.80 -7.47 -35.80
N ILE G 81 -6.81 -7.85 -36.61
CA ILE G 81 -8.11 -8.29 -36.12
C ILE G 81 -7.99 -9.62 -35.34
N ALA G 82 -8.16 -9.56 -33.99
CA ALA G 82 -8.09 -10.73 -33.10
C ALA G 82 -9.48 -11.39 -32.97
N VAL G 83 -10.49 -10.61 -32.56
CA VAL G 83 -11.88 -11.08 -32.42
C VAL G 83 -12.73 -10.34 -33.44
N MET G 84 -13.73 -11.03 -34.02
CA MET G 84 -14.67 -10.47 -34.99
C MET G 84 -15.98 -11.25 -34.85
N GLU G 85 -17.02 -10.65 -34.22
CA GLU G 85 -18.31 -11.31 -34.02
C GLU G 85 -19.46 -10.33 -34.24
N LEU G 86 -20.52 -10.78 -34.96
CA LEU G 86 -21.72 -9.97 -35.18
C LEU G 86 -22.71 -10.21 -34.05
N PHE G 87 -23.59 -9.24 -33.78
CA PHE G 87 -24.59 -9.35 -32.71
C PHE G 87 -25.67 -8.30 -32.89
N ARG G 88 -26.94 -8.63 -32.55
CA ARG G 88 -28.07 -7.71 -32.67
C ARG G 88 -28.63 -7.39 -31.28
N PRO G 89 -28.31 -6.21 -30.69
CA PRO G 89 -28.87 -5.89 -29.37
C PRO G 89 -30.38 -5.64 -29.39
N LYS G 90 -30.99 -5.55 -28.20
CA LYS G 90 -32.43 -5.30 -28.10
C LYS G 90 -32.76 -3.91 -28.66
N GLY G 91 -33.70 -3.87 -29.59
CA GLY G 91 -34.13 -2.63 -30.21
C GLY G 91 -33.16 -2.10 -31.25
N GLU G 92 -32.75 -2.97 -32.19
CA GLU G 92 -31.85 -2.61 -33.29
C GLU G 92 -32.35 -3.23 -34.59
N SER G 93 -32.28 -2.47 -35.69
CA SER G 93 -32.74 -2.89 -37.01
C SER G 93 -31.94 -4.06 -37.56
N LYS G 94 -30.61 -3.88 -37.67
CA LYS G 94 -29.69 -4.89 -38.20
C LYS G 94 -28.57 -5.21 -37.20
N ASP G 95 -27.69 -6.17 -37.53
CA ASP G 95 -26.60 -6.60 -36.64
C ASP G 95 -25.45 -5.58 -36.60
N LEU G 96 -24.77 -5.50 -35.44
CA LEU G 96 -23.60 -4.66 -35.20
C LEU G 96 -22.39 -5.60 -35.18
N LEU G 97 -21.19 -5.07 -35.49
CA LEU G 97 -19.96 -5.88 -35.54
C LEU G 97 -18.98 -5.52 -34.45
N PHE G 98 -18.70 -6.47 -33.54
CA PHE G 98 -17.71 -6.26 -32.49
C PHE G 98 -16.37 -6.76 -33.00
N ILE G 99 -15.34 -5.91 -32.94
CA ILE G 99 -13.97 -6.28 -33.33
C ILE G 99 -13.01 -5.91 -32.19
N LEU G 100 -12.01 -6.77 -31.94
CA LEU G 100 -10.95 -6.54 -30.97
C LEU G 100 -9.64 -6.74 -31.70
N THR G 101 -8.68 -5.82 -31.56
CA THR G 101 -7.38 -5.96 -32.24
C THR G 101 -6.38 -6.64 -31.33
N ALA G 102 -5.21 -7.00 -31.90
CA ALA G 102 -4.11 -7.63 -31.15
C ALA G 102 -3.55 -6.69 -30.07
N LYS G 103 -3.59 -5.36 -30.32
CA LYS G 103 -3.17 -4.35 -29.34
C LYS G 103 -4.30 -4.00 -28.34
N TYR G 104 -5.38 -4.82 -28.30
CA TYR G 104 -6.51 -4.71 -27.39
C TYR G 104 -7.42 -3.49 -27.68
N ASN G 105 -7.57 -3.10 -28.96
CA ASN G 105 -8.48 -2.02 -29.34
C ASN G 105 -9.84 -2.64 -29.57
N ALA G 106 -10.78 -2.43 -28.64
CA ALA G 106 -12.15 -2.97 -28.75
C ALA G 106 -13.03 -1.92 -29.45
N CYS G 107 -13.99 -2.39 -30.27
CA CYS G 107 -14.89 -1.47 -30.99
C CYS G 107 -16.17 -2.15 -31.48
N ILE G 108 -17.28 -1.39 -31.55
CA ILE G 108 -18.57 -1.83 -32.08
C ILE G 108 -18.77 -0.97 -33.32
N LEU G 109 -18.82 -1.61 -34.50
CA LEU G 109 -19.00 -0.92 -35.78
C LEU G 109 -20.39 -1.19 -36.33
N GLU G 110 -20.92 -0.22 -37.11
CA GLU G 110 -22.23 -0.30 -37.75
C GLU G 110 -22.09 0.03 -39.24
N TYR G 111 -22.86 -0.67 -40.08
CA TYR G 111 -22.83 -0.46 -41.52
C TYR G 111 -23.84 0.64 -41.84
N LYS G 112 -23.39 1.76 -42.46
CA LYS G 112 -24.28 2.87 -42.81
C LYS G 112 -24.06 3.27 -44.26
N GLN G 113 -25.11 3.17 -45.08
CA GLN G 113 -25.08 3.52 -46.50
C GLN G 113 -26.05 4.66 -46.77
N SER G 114 -25.62 5.66 -47.56
CA SER G 114 -26.44 6.80 -47.93
C SER G 114 -26.34 6.98 -49.44
N GLY G 115 -27.38 6.50 -50.15
CA GLY G 115 -27.42 6.56 -51.61
C GLY G 115 -26.41 5.63 -52.23
N GLU G 116 -25.20 6.16 -52.50
CA GLU G 116 -24.09 5.40 -53.06
C GLU G 116 -22.77 5.67 -52.30
N SER G 117 -22.85 6.13 -51.03
CA SER G 117 -21.67 6.38 -50.20
C SER G 117 -21.73 5.42 -49.00
N ILE G 118 -20.87 4.40 -49.00
CA ILE G 118 -20.82 3.37 -47.96
C ILE G 118 -19.78 3.77 -46.91
N ASP G 119 -20.15 3.67 -45.62
CA ASP G 119 -19.25 4.01 -44.52
C ASP G 119 -19.51 3.13 -43.28
N ILE G 120 -18.43 2.56 -42.72
CA ILE G 120 -18.48 1.71 -41.53
C ILE G 120 -18.27 2.63 -40.34
N ILE G 121 -19.37 3.17 -39.78
CA ILE G 121 -19.28 4.12 -38.67
C ILE G 121 -18.99 3.41 -37.35
N THR G 122 -18.17 4.05 -36.50
CA THR G 122 -17.78 3.51 -35.20
C THR G 122 -18.80 3.90 -34.13
N ARG G 123 -19.72 2.99 -33.78
CA ARG G 123 -20.73 3.25 -32.74
C ARG G 123 -20.09 3.41 -31.36
N ALA G 124 -19.05 2.62 -31.07
CA ALA G 124 -18.37 2.70 -29.76
C ALA G 124 -16.96 2.14 -29.86
N HIS G 125 -16.04 2.62 -29.00
CA HIS G 125 -14.64 2.15 -29.04
C HIS G 125 -13.88 2.43 -27.75
N GLY G 126 -12.72 1.77 -27.63
CA GLY G 126 -11.85 1.94 -26.47
C GLY G 126 -10.84 0.82 -26.34
N ASN G 127 -9.66 1.13 -25.77
CA ASN G 127 -8.62 0.13 -25.55
C ASN G 127 -8.93 -0.64 -24.26
N VAL G 128 -8.95 -1.98 -24.32
CA VAL G 128 -9.28 -2.84 -23.18
C VAL G 128 -8.05 -3.51 -22.55
N GLN G 129 -6.82 -2.98 -22.78
CA GLN G 129 -5.61 -3.55 -22.22
C GLN G 129 -5.58 -3.31 -20.71
N ASP G 130 -4.94 -4.21 -19.96
CA ASP G 130 -4.77 -4.07 -18.51
C ASP G 130 -3.29 -3.96 -18.25
N ARG G 131 -2.82 -2.83 -17.70
CA ARG G 131 -1.40 -2.71 -17.36
C ARG G 131 -1.22 -3.68 -16.21
N ILE G 132 -0.36 -4.70 -16.40
CA ILE G 132 -0.13 -5.84 -15.51
C ILE G 132 -1.21 -6.90 -15.85
N GLY G 133 -0.74 -8.12 -16.11
CA GLY G 133 -1.60 -9.24 -16.49
C GLY G 133 -0.87 -10.14 -17.46
N ARG G 134 -0.74 -11.44 -17.12
CA ARG G 134 -0.04 -12.42 -17.96
C ARG G 134 -0.95 -12.87 -19.09
N PRO G 135 -0.67 -12.55 -20.38
CA PRO G 135 -1.57 -13.02 -21.46
C PRO G 135 -1.72 -14.54 -21.49
N SER G 136 -2.93 -15.03 -21.81
CA SER G 136 -3.23 -16.46 -21.77
C SER G 136 -2.54 -17.32 -22.82
N GLU G 137 -2.32 -18.61 -22.47
CA GLU G 137 -1.69 -19.61 -23.32
C GLU G 137 -2.52 -19.87 -24.58
N THR G 138 -3.85 -19.82 -24.45
CA THR G 138 -4.79 -20.00 -25.57
C THR G 138 -5.13 -18.69 -26.29
N GLY G 139 -4.36 -17.62 -26.05
CA GLY G 139 -4.57 -16.33 -26.71
C GLY G 139 -5.84 -15.61 -26.33
N ILE G 140 -6.22 -14.61 -27.14
CA ILE G 140 -7.41 -13.82 -26.89
C ILE G 140 -8.65 -14.62 -27.25
N ILE G 141 -9.63 -14.66 -26.34
CA ILE G 141 -10.92 -15.32 -26.55
C ILE G 141 -11.96 -14.23 -26.30
N GLY G 142 -12.74 -13.88 -27.32
CA GLY G 142 -13.79 -12.87 -27.20
C GLY G 142 -15.14 -13.46 -27.57
N ILE G 143 -16.10 -13.44 -26.62
CA ILE G 143 -17.44 -14.01 -26.80
C ILE G 143 -18.53 -13.04 -26.39
N ILE G 144 -19.71 -13.14 -27.02
CA ILE G 144 -20.85 -12.27 -26.72
C ILE G 144 -22.00 -13.14 -26.21
N ASP G 145 -22.76 -12.61 -25.25
CA ASP G 145 -23.92 -13.28 -24.68
C ASP G 145 -25.02 -13.39 -25.75
N PRO G 146 -25.77 -14.51 -25.87
CA PRO G 146 -26.80 -14.61 -26.92
C PRO G 146 -27.92 -13.54 -26.88
N GLU G 147 -28.26 -13.04 -25.67
CA GLU G 147 -29.26 -11.97 -25.47
C GLU G 147 -28.60 -10.56 -25.54
N CYS G 148 -27.29 -10.49 -25.87
CA CYS G 148 -26.51 -9.26 -26.01
C CYS G 148 -26.49 -8.39 -24.75
N ARG G 149 -26.43 -9.03 -23.57
CA ARG G 149 -26.37 -8.33 -22.29
C ARG G 149 -24.92 -7.89 -21.99
N MET G 150 -23.90 -8.52 -22.62
CA MET G 150 -22.49 -8.19 -22.39
C MET G 150 -21.53 -8.89 -23.38
N ILE G 151 -20.27 -8.40 -23.41
CA ILE G 151 -19.17 -9.01 -24.18
C ILE G 151 -18.19 -9.51 -23.14
N GLY G 152 -17.87 -10.79 -23.21
CA GLY G 152 -16.93 -11.44 -22.31
C GLY G 152 -15.63 -11.67 -23.01
N LEU G 153 -14.52 -11.13 -22.47
CA LEU G 153 -13.20 -11.27 -23.05
C LEU G 153 -12.26 -11.97 -22.07
N ARG G 154 -11.52 -12.98 -22.57
CA ARG G 154 -10.49 -13.67 -21.81
C ARG G 154 -9.18 -13.29 -22.48
N LEU G 155 -8.46 -12.34 -21.87
CA LEU G 155 -7.18 -11.82 -22.36
C LEU G 155 -6.01 -12.33 -21.52
N TYR G 156 -6.14 -12.26 -20.18
CA TYR G 156 -5.07 -12.66 -19.25
C TYR G 156 -5.50 -13.79 -18.31
N ASP G 157 -4.57 -14.72 -17.97
CA ASP G 157 -4.83 -15.85 -17.08
C ASP G 157 -5.23 -15.35 -15.69
N GLY G 158 -6.32 -15.90 -15.15
CA GLY G 158 -6.82 -15.53 -13.84
C GLY G 158 -7.91 -14.47 -13.81
N LEU G 159 -8.15 -13.73 -14.93
CA LEU G 159 -9.18 -12.69 -14.97
C LEU G 159 -10.09 -12.79 -16.19
N PHE G 160 -11.37 -12.45 -16.02
CA PHE G 160 -12.37 -12.46 -17.08
C PHE G 160 -12.96 -11.05 -17.22
N LYS G 161 -12.58 -10.34 -18.29
CA LYS G 161 -13.06 -8.96 -18.51
C LYS G 161 -14.47 -8.99 -19.06
N VAL G 162 -15.32 -8.06 -18.57
CA VAL G 162 -16.72 -7.96 -18.97
C VAL G 162 -17.05 -6.53 -19.38
N ILE G 163 -17.53 -6.34 -20.63
CA ILE G 163 -17.95 -5.04 -21.15
C ILE G 163 -19.47 -5.13 -21.18
N PRO G 164 -20.21 -4.45 -20.25
CA PRO G 164 -21.67 -4.54 -20.30
C PRO G 164 -22.25 -3.81 -21.51
N LEU G 165 -23.28 -4.40 -22.12
CA LEU G 165 -23.95 -3.81 -23.30
C LEU G 165 -25.13 -2.96 -22.87
N ASP G 166 -24.82 -1.68 -22.56
CA ASP G 166 -25.78 -0.66 -22.19
C ASP G 166 -25.62 0.48 -23.18
N ARG G 167 -26.72 1.16 -23.52
CA ARG G 167 -26.69 2.28 -24.46
C ARG G 167 -25.73 3.40 -23.98
N ASP G 168 -25.55 3.55 -22.65
CA ASP G 168 -24.66 4.55 -22.06
C ASP G 168 -23.18 4.20 -22.28
N ASN G 169 -22.81 2.90 -22.30
CA ASN G 169 -21.42 2.49 -22.46
C ASN G 169 -20.90 2.72 -23.90
N LYS G 170 -20.33 3.91 -24.14
CA LYS G 170 -19.77 4.32 -25.43
C LYS G 170 -18.23 4.18 -25.47
N GLU G 171 -17.56 4.38 -24.32
CA GLU G 171 -16.10 4.26 -24.24
C GLU G 171 -15.66 2.80 -24.02
N LEU G 172 -16.62 1.86 -23.82
CA LEU G 172 -16.37 0.45 -23.55
C LEU G 172 -15.67 0.26 -22.22
N LYS G 173 -16.25 0.87 -21.17
CA LYS G 173 -15.75 0.74 -19.81
C LYS G 173 -16.13 -0.66 -19.37
N ALA G 174 -15.14 -1.41 -18.89
CA ALA G 174 -15.33 -2.81 -18.49
C ALA G 174 -14.67 -3.09 -17.16
N PHE G 175 -15.07 -4.21 -16.55
CA PHE G 175 -14.53 -4.64 -15.25
C PHE G 175 -14.08 -6.08 -15.30
N ASN G 176 -13.00 -6.39 -14.57
CA ASN G 176 -12.47 -7.76 -14.52
C ASN G 176 -13.15 -8.53 -13.40
N ILE G 177 -13.23 -9.86 -13.57
CA ILE G 177 -13.80 -10.78 -12.58
C ILE G 177 -12.75 -11.85 -12.27
N ARG G 178 -12.52 -12.10 -10.98
CA ARG G 178 -11.55 -13.07 -10.49
C ARG G 178 -11.93 -14.50 -10.94
N LEU G 179 -11.02 -15.20 -11.69
CA LEU G 179 -11.14 -16.61 -12.13
C LEU G 179 -10.16 -17.40 -11.28
N GLU G 180 -10.62 -18.38 -10.51
CA GLU G 180 -9.67 -19.22 -9.74
C GLU G 180 -9.06 -20.25 -10.69
N GLU G 181 -9.76 -20.57 -11.81
CA GLU G 181 -9.26 -21.48 -12.83
C GLU G 181 -8.31 -20.67 -13.71
N LEU G 182 -7.00 -20.88 -13.56
CA LEU G 182 -5.99 -20.12 -14.30
C LEU G 182 -5.88 -20.54 -15.75
N HIS G 183 -5.78 -21.86 -15.99
CA HIS G 183 -5.58 -22.40 -17.34
C HIS G 183 -6.89 -22.76 -18.05
N VAL G 184 -7.61 -21.75 -18.55
CA VAL G 184 -8.84 -21.95 -19.32
C VAL G 184 -8.44 -22.17 -20.79
N ILE G 185 -8.95 -23.26 -21.39
CA ILE G 185 -8.66 -23.64 -22.78
C ILE G 185 -9.63 -22.92 -23.72
N ASP G 186 -10.93 -23.22 -23.60
CA ASP G 186 -11.97 -22.58 -24.44
C ASP G 186 -13.17 -22.21 -23.56
N VAL G 187 -13.86 -21.12 -23.94
CA VAL G 187 -15.03 -20.61 -23.22
C VAL G 187 -16.10 -20.08 -24.20
N LYS G 188 -17.38 -20.31 -23.88
CA LYS G 188 -18.53 -19.87 -24.70
C LYS G 188 -19.65 -19.42 -23.77
N PHE G 189 -20.60 -18.62 -24.30
CA PHE G 189 -21.79 -18.19 -23.55
C PHE G 189 -22.92 -19.14 -23.89
N LEU G 190 -23.56 -19.75 -22.87
CA LEU G 190 -24.63 -20.72 -23.11
C LEU G 190 -25.96 -20.07 -23.51
N TYR G 191 -26.78 -20.83 -24.23
CA TYR G 191 -28.11 -20.41 -24.68
C TYR G 191 -29.17 -20.91 -23.71
N GLY G 192 -30.30 -20.22 -23.68
CA GLY G 192 -31.45 -20.58 -22.84
C GLY G 192 -31.19 -20.58 -21.36
N CYS G 193 -30.53 -19.53 -20.85
CA CYS G 193 -30.21 -19.36 -19.43
C CYS G 193 -30.92 -18.12 -18.92
N GLN G 194 -31.35 -18.14 -17.64
CA GLN G 194 -32.03 -17.01 -17.03
C GLN G 194 -31.07 -15.84 -16.92
N ALA G 195 -29.87 -16.10 -16.40
CA ALA G 195 -28.81 -15.11 -16.28
C ALA G 195 -27.67 -15.45 -17.26
N PRO G 196 -26.82 -14.48 -17.66
CA PRO G 196 -25.72 -14.81 -18.58
C PRO G 196 -24.81 -15.87 -17.96
N THR G 197 -24.65 -17.01 -18.65
CA THR G 197 -23.86 -18.12 -18.14
C THR G 197 -22.73 -18.48 -19.09
N ILE G 198 -21.49 -18.57 -18.57
CA ILE G 198 -20.32 -18.96 -19.35
C ILE G 198 -20.02 -20.42 -19.07
N CYS G 199 -19.61 -21.16 -20.09
CA CYS G 199 -19.23 -22.56 -19.99
C CYS G 199 -17.84 -22.67 -20.53
N PHE G 200 -16.92 -23.32 -19.81
CA PHE G 200 -15.53 -23.39 -20.26
C PHE G 200 -14.81 -24.66 -19.83
N VAL G 201 -13.85 -25.09 -20.66
CA VAL G 201 -13.00 -26.23 -20.38
C VAL G 201 -11.69 -25.65 -19.87
N TYR G 202 -11.19 -26.18 -18.74
CA TYR G 202 -9.94 -25.69 -18.16
C TYR G 202 -9.12 -26.88 -17.66
N GLN G 203 -7.83 -26.65 -17.36
CA GLN G 203 -6.97 -27.71 -16.86
C GLN G 203 -6.37 -27.38 -15.50
N ASP G 204 -6.19 -28.44 -14.69
CA ASP G 204 -5.56 -28.40 -13.37
C ASP G 204 -4.74 -29.71 -13.23
N PRO G 205 -3.98 -29.92 -12.14
CA PRO G 205 -3.19 -31.16 -12.03
C PRO G 205 -3.97 -32.49 -12.10
N GLN G 206 -5.31 -32.46 -11.89
CA GLN G 206 -6.17 -33.65 -11.97
C GLN G 206 -6.74 -33.88 -13.38
N GLY G 207 -6.35 -33.07 -14.36
CA GLY G 207 -6.79 -33.19 -15.74
C GLY G 207 -7.67 -32.05 -16.18
N ARG G 208 -8.41 -32.26 -17.29
CA ARG G 208 -9.31 -31.24 -17.85
C ARG G 208 -10.73 -31.45 -17.38
N HIS G 209 -11.41 -30.34 -17.03
CA HIS G 209 -12.78 -30.34 -16.54
C HIS G 209 -13.57 -29.22 -17.19
N VAL G 210 -14.88 -29.41 -17.32
CA VAL G 210 -15.78 -28.41 -17.90
C VAL G 210 -16.64 -27.85 -16.76
N LYS G 211 -16.48 -26.54 -16.45
CA LYS G 211 -17.18 -25.85 -15.37
C LYS G 211 -18.00 -24.69 -15.93
N THR G 212 -19.05 -24.30 -15.18
CA THR G 212 -19.96 -23.21 -15.55
C THR G 212 -20.07 -22.16 -14.43
N TYR G 213 -20.28 -20.89 -14.82
CA TYR G 213 -20.46 -19.77 -13.89
C TYR G 213 -21.54 -18.83 -14.42
N GLU G 214 -22.34 -18.25 -13.52
CA GLU G 214 -23.36 -17.25 -13.87
C GLU G 214 -22.70 -15.89 -13.66
N VAL G 215 -22.74 -15.02 -14.67
CA VAL G 215 -22.10 -13.70 -14.61
C VAL G 215 -23.11 -12.63 -14.15
N SER G 216 -22.91 -12.07 -12.94
CA SER G 216 -23.80 -11.04 -12.38
C SER G 216 -23.24 -9.64 -12.60
N LEU G 217 -23.94 -8.83 -13.42
CA LEU G 217 -23.56 -7.44 -13.70
C LEU G 217 -23.85 -6.54 -12.49
N ARG G 218 -24.88 -6.87 -11.69
CA ARG G 218 -25.25 -6.08 -10.52
C ARG G 218 -24.17 -6.25 -9.45
N GLU G 219 -23.86 -7.50 -9.08
CA GLU G 219 -22.84 -7.81 -8.09
C GLU G 219 -21.42 -7.62 -8.65
N LYS G 220 -21.26 -7.64 -9.99
CA LYS G 220 -19.97 -7.52 -10.69
C LYS G 220 -19.08 -8.69 -10.29
N GLU G 221 -19.64 -9.91 -10.28
CA GLU G 221 -18.94 -11.12 -9.87
C GLU G 221 -19.60 -12.40 -10.43
N PHE G 222 -18.91 -13.55 -10.25
CA PHE G 222 -19.42 -14.86 -10.69
C PHE G 222 -20.31 -15.47 -9.61
N ASN G 223 -21.26 -16.32 -10.06
CA ASN G 223 -22.17 -17.07 -9.19
C ASN G 223 -22.15 -18.53 -9.62
N LYS G 224 -22.68 -19.45 -8.76
CA LYS G 224 -22.72 -20.89 -9.04
C LYS G 224 -23.43 -21.16 -10.36
N GLY G 225 -22.81 -21.95 -11.24
CA GLY G 225 -23.36 -22.27 -12.54
C GLY G 225 -24.50 -23.27 -12.49
N PRO G 226 -25.35 -23.31 -13.54
CA PRO G 226 -26.50 -24.22 -13.56
C PRO G 226 -26.23 -25.69 -13.25
N TRP G 227 -25.17 -26.28 -13.84
CA TRP G 227 -24.81 -27.69 -13.61
C TRP G 227 -23.60 -27.89 -12.72
N LYS G 228 -22.83 -26.83 -12.44
CA LYS G 228 -21.56 -26.91 -11.72
C LYS G 228 -20.58 -27.57 -12.72
N GLN G 229 -19.56 -28.35 -12.29
CA GLN G 229 -18.61 -28.95 -13.24
C GLN G 229 -18.71 -30.46 -13.39
N GLU G 230 -17.97 -30.97 -14.40
CA GLU G 230 -17.81 -32.38 -14.65
C GLU G 230 -16.47 -32.64 -15.38
N ASN G 231 -15.93 -33.86 -15.25
CA ASN G 231 -14.64 -34.25 -15.83
C ASN G 231 -14.74 -34.58 -17.34
N VAL G 232 -13.82 -34.03 -18.17
CA VAL G 232 -13.80 -34.24 -19.63
C VAL G 232 -12.56 -35.03 -20.06
N GLU G 233 -12.33 -35.24 -21.38
CA GLU G 233 -11.18 -35.99 -21.85
C GLU G 233 -9.88 -35.18 -21.75
N ALA G 234 -8.75 -35.91 -21.68
CA ALA G 234 -7.40 -35.35 -21.53
C ALA G 234 -7.08 -34.24 -22.51
N GLU G 235 -7.52 -34.37 -23.77
CA GLU G 235 -7.26 -33.40 -24.83
C GLU G 235 -8.51 -32.58 -25.22
N ALA G 236 -9.46 -32.36 -24.28
CA ALA G 236 -10.66 -31.57 -24.58
C ALA G 236 -10.23 -30.15 -24.96
N SER G 237 -10.38 -29.79 -26.24
CA SER G 237 -9.91 -28.50 -26.76
C SER G 237 -11.00 -27.54 -27.27
N MET G 238 -12.22 -28.03 -27.60
CA MET G 238 -13.26 -27.15 -28.16
C MET G 238 -14.55 -27.16 -27.36
N VAL G 239 -15.19 -25.98 -27.25
CA VAL G 239 -16.47 -25.80 -26.58
C VAL G 239 -17.44 -25.18 -27.59
N ILE G 240 -18.67 -25.72 -27.68
CA ILE G 240 -19.68 -25.21 -28.61
C ILE G 240 -21.00 -25.10 -27.85
N ALA G 241 -21.57 -23.88 -27.74
CA ALA G 241 -22.87 -23.69 -27.07
C ALA G 241 -23.96 -24.06 -28.08
N VAL G 242 -24.95 -24.89 -27.67
CA VAL G 242 -26.01 -25.33 -28.58
C VAL G 242 -27.29 -24.47 -28.40
N PRO G 243 -27.89 -23.96 -29.51
CA PRO G 243 -29.11 -23.14 -29.40
C PRO G 243 -30.27 -23.68 -28.57
N GLU G 244 -31.20 -22.75 -28.22
CA GLU G 244 -32.38 -22.92 -27.36
C GLU G 244 -33.07 -24.31 -27.39
N PRO G 245 -33.47 -24.88 -28.55
CA PRO G 245 -34.16 -26.20 -28.51
C PRO G 245 -33.40 -27.27 -27.72
N PHE G 246 -32.09 -27.44 -28.00
CA PHE G 246 -31.24 -28.40 -27.29
C PHE G 246 -30.74 -27.83 -25.97
N GLY G 247 -30.02 -26.72 -26.06
CA GLY G 247 -29.41 -26.09 -24.89
C GLY G 247 -28.12 -26.80 -24.53
N GLY G 248 -27.45 -26.34 -23.49
CA GLY G 248 -26.20 -26.95 -23.04
C GLY G 248 -25.04 -26.72 -23.99
N ALA G 249 -24.04 -27.65 -23.99
CA ALA G 249 -22.86 -27.50 -24.85
C ALA G 249 -22.20 -28.81 -25.29
N ILE G 250 -21.46 -28.74 -26.42
CA ILE G 250 -20.70 -29.85 -26.99
C ILE G 250 -19.23 -29.58 -26.75
N ILE G 251 -18.51 -30.55 -26.18
CA ILE G 251 -17.07 -30.45 -25.93
C ILE G 251 -16.38 -31.44 -26.86
N ILE G 252 -15.47 -30.95 -27.72
CA ILE G 252 -14.71 -31.82 -28.64
C ILE G 252 -13.28 -31.95 -28.13
N GLY G 253 -12.78 -33.19 -28.18
CA GLY G 253 -11.42 -33.55 -27.81
C GLY G 253 -10.74 -34.27 -28.96
N GLN G 254 -9.64 -35.01 -28.69
CA GLN G 254 -8.93 -35.70 -29.77
C GLN G 254 -9.72 -36.93 -30.23
N GLU G 255 -9.99 -37.86 -29.30
CA GLU G 255 -10.71 -39.09 -29.60
C GLU G 255 -12.23 -39.00 -29.52
N SER G 256 -12.78 -38.08 -28.68
CA SER G 256 -14.23 -38.00 -28.45
C SER G 256 -14.91 -36.66 -28.67
N ILE G 257 -16.25 -36.73 -28.75
CA ILE G 257 -17.18 -35.59 -28.84
C ILE G 257 -18.24 -35.87 -27.79
N THR G 258 -18.40 -34.99 -26.79
CA THR G 258 -19.38 -35.19 -25.73
C THR G 258 -20.32 -34.01 -25.64
N TYR G 259 -21.58 -34.28 -25.27
CA TYR G 259 -22.61 -33.26 -25.08
C TYR G 259 -23.01 -33.26 -23.62
N HIS G 260 -23.03 -32.07 -22.99
CA HIS G 260 -23.41 -31.93 -21.59
C HIS G 260 -24.57 -30.97 -21.44
N ASN G 261 -25.54 -31.34 -20.59
CA ASN G 261 -26.72 -30.52 -20.33
C ASN G 261 -27.36 -30.94 -19.00
N GLY G 262 -27.06 -30.17 -17.96
CA GLY G 262 -27.60 -30.37 -16.62
C GLY G 262 -27.27 -31.72 -16.03
N ASP G 263 -28.23 -32.65 -16.12
CA ASP G 263 -28.09 -34.02 -15.60
C ASP G 263 -27.57 -34.98 -16.67
N LYS G 264 -27.99 -34.80 -17.95
CA LYS G 264 -27.56 -35.70 -19.03
C LYS G 264 -26.14 -35.38 -19.52
N TYR G 265 -25.40 -36.43 -19.88
CA TYR G 265 -24.02 -36.33 -20.36
C TYR G 265 -23.75 -37.48 -21.36
N LEU G 266 -23.96 -37.22 -22.66
CA LEU G 266 -23.77 -38.23 -23.71
C LEU G 266 -22.42 -38.03 -24.35
N ALA G 267 -21.67 -39.13 -24.55
CA ALA G 267 -20.33 -39.07 -25.13
C ALA G 267 -20.11 -40.14 -26.18
N ILE G 268 -19.53 -39.77 -27.33
CA ILE G 268 -19.24 -40.69 -28.43
C ILE G 268 -17.78 -40.58 -28.82
N ALA G 269 -17.15 -41.73 -29.17
CA ALA G 269 -15.76 -41.79 -29.59
C ALA G 269 -15.69 -42.38 -31.00
N PRO G 270 -16.11 -41.61 -32.03
CA PRO G 270 -16.11 -42.15 -33.39
C PRO G 270 -14.72 -42.35 -33.97
N PRO G 271 -14.38 -43.56 -34.47
CA PRO G 271 -13.03 -43.76 -35.02
C PRO G 271 -12.67 -42.86 -36.20
N ILE G 272 -13.67 -42.37 -36.97
CA ILE G 272 -13.42 -41.52 -38.12
C ILE G 272 -12.72 -40.17 -37.77
N ILE G 273 -12.76 -39.70 -36.49
CA ILE G 273 -12.09 -38.45 -36.09
C ILE G 273 -10.73 -38.66 -35.40
N LYS G 274 -10.30 -39.92 -35.15
CA LYS G 274 -9.08 -40.18 -34.41
C LYS G 274 -7.78 -39.84 -35.15
N GLN G 275 -7.71 -40.07 -36.48
CA GLN G 275 -6.50 -39.80 -37.26
C GLN G 275 -5.99 -38.31 -37.24
N SER G 276 -6.85 -37.32 -36.90
CA SER G 276 -6.44 -35.91 -36.80
C SER G 276 -7.35 -35.06 -35.91
N THR G 277 -6.80 -33.98 -35.35
CA THR G 277 -7.54 -33.10 -34.43
C THR G 277 -8.50 -32.15 -35.11
N ILE G 278 -9.74 -32.06 -34.57
CA ILE G 278 -10.78 -31.11 -35.05
C ILE G 278 -10.35 -29.75 -34.49
N VAL G 279 -10.09 -28.78 -35.38
CA VAL G 279 -9.58 -27.45 -34.98
C VAL G 279 -10.52 -26.29 -35.30
N CYS G 280 -11.65 -26.54 -35.99
CA CYS G 280 -12.62 -25.48 -36.25
C CYS G 280 -14.00 -26.07 -36.46
N HIS G 281 -15.04 -25.28 -36.15
CA HIS G 281 -16.43 -25.71 -36.28
C HIS G 281 -17.31 -24.57 -36.80
N ASN G 282 -18.56 -24.92 -37.13
CA ASN G 282 -19.55 -23.93 -37.55
C ASN G 282 -20.95 -24.53 -37.53
N ARG G 283 -21.93 -23.76 -37.04
CA ARG G 283 -23.32 -24.20 -36.99
C ARG G 283 -23.95 -24.15 -38.38
N VAL G 284 -24.63 -25.24 -38.78
CA VAL G 284 -25.31 -25.31 -40.08
C VAL G 284 -26.76 -24.86 -39.87
N ASP G 285 -27.56 -25.66 -39.13
CA ASP G 285 -28.97 -25.37 -38.88
C ASP G 285 -29.08 -24.41 -37.68
N PRO G 286 -29.87 -23.31 -37.75
CA PRO G 286 -29.95 -22.39 -36.59
C PRO G 286 -30.42 -23.00 -35.27
N ASN G 287 -31.18 -24.11 -35.32
CA ASN G 287 -31.65 -24.82 -34.13
C ASN G 287 -30.51 -25.63 -33.47
N GLY G 288 -29.42 -25.89 -34.19
CA GLY G 288 -28.27 -26.65 -33.72
C GLY G 288 -28.31 -28.12 -34.07
N SER G 289 -29.21 -28.53 -35.00
CA SER G 289 -29.33 -29.92 -35.40
C SER G 289 -28.11 -30.44 -36.18
N ARG G 290 -27.39 -29.55 -36.89
CA ARG G 290 -26.19 -29.93 -37.65
C ARG G 290 -25.06 -28.93 -37.46
N TYR G 291 -23.82 -29.45 -37.48
CA TYR G 291 -22.59 -28.68 -37.28
C TYR G 291 -21.49 -29.19 -38.22
N LEU G 292 -20.69 -28.30 -38.79
CA LEU G 292 -19.56 -28.71 -39.61
C LEU G 292 -18.33 -28.72 -38.72
N LEU G 293 -17.44 -29.73 -38.86
CA LEU G 293 -16.18 -29.83 -38.10
C LEU G 293 -15.04 -30.02 -39.08
N GLY G 294 -13.95 -29.28 -38.90
CA GLY G 294 -12.79 -29.33 -39.78
C GLY G 294 -11.52 -29.71 -39.05
N ASP G 295 -10.77 -30.70 -39.58
CA ASP G 295 -9.51 -31.12 -38.95
C ASP G 295 -8.29 -30.42 -39.54
N MET G 296 -7.15 -30.64 -38.89
CA MET G 296 -5.88 -30.05 -39.31
C MET G 296 -5.42 -30.46 -40.71
N GLU G 297 -5.83 -31.64 -41.20
CA GLU G 297 -5.43 -32.17 -42.50
C GLU G 297 -6.44 -31.90 -43.64
N GLY G 298 -7.36 -30.95 -43.45
CA GLY G 298 -8.33 -30.57 -44.48
C GLY G 298 -9.63 -31.34 -44.56
N ARG G 299 -9.82 -32.43 -43.76
CA ARG G 299 -11.09 -33.17 -43.79
C ARG G 299 -12.23 -32.31 -43.25
N LEU G 300 -13.44 -32.51 -43.78
CA LEU G 300 -14.65 -31.83 -43.34
C LEU G 300 -15.68 -32.89 -42.94
N PHE G 301 -16.17 -32.81 -41.70
CA PHE G 301 -17.19 -33.72 -41.18
C PHE G 301 -18.48 -32.98 -40.91
N MET G 302 -19.53 -33.76 -40.67
CA MET G 302 -20.83 -33.25 -40.31
C MET G 302 -21.23 -33.91 -39.00
N LEU G 303 -21.40 -33.09 -37.95
CA LEU G 303 -21.83 -33.54 -36.64
C LEU G 303 -23.33 -33.32 -36.58
N LEU G 304 -24.11 -34.40 -36.41
CA LEU G 304 -25.56 -34.33 -36.36
C LEU G 304 -26.06 -34.62 -34.95
N LEU G 305 -27.03 -33.80 -34.47
CA LEU G 305 -27.67 -33.93 -33.14
C LEU G 305 -29.13 -34.37 -33.34
N GLU G 306 -29.45 -35.67 -33.08
CA GLU G 306 -30.81 -36.19 -33.25
C GLU G 306 -31.74 -35.71 -32.12
N LYS G 307 -32.93 -35.23 -32.46
CA LYS G 307 -33.91 -34.72 -31.49
C LYS G 307 -34.87 -35.80 -30.99
N GLU G 308 -35.46 -35.60 -29.80
CA GLU G 308 -36.50 -36.47 -29.21
C GLU G 308 -37.54 -35.55 -28.55
N GLU G 309 -38.85 -35.72 -28.84
CA GLU G 309 -39.90 -34.80 -28.36
C GLU G 309 -40.20 -34.85 -26.85
N GLN G 310 -40.23 -36.06 -26.27
CA GLN G 310 -40.44 -36.30 -24.84
C GLN G 310 -41.77 -35.74 -24.29
N MET G 311 -42.90 -36.09 -24.91
CA MET G 311 -44.26 -35.73 -24.46
C MET G 311 -44.51 -34.22 -24.26
N ASP G 312 -43.90 -33.63 -23.20
CA ASP G 312 -43.98 -32.22 -22.81
C ASP G 312 -43.75 -31.24 -23.98
N GLY G 313 -42.85 -31.61 -24.88
CA GLY G 313 -42.46 -30.77 -26.01
C GLY G 313 -41.23 -29.91 -25.81
N THR G 314 -40.48 -30.12 -24.71
CA THR G 314 -39.27 -29.32 -24.43
C THR G 314 -38.09 -29.75 -25.33
N VAL G 315 -38.11 -31.02 -25.79
CA VAL G 315 -37.15 -31.69 -26.70
C VAL G 315 -35.78 -31.92 -26.05
N THR G 316 -35.23 -33.14 -26.25
CA THR G 316 -33.91 -33.49 -25.72
C THR G 316 -33.03 -34.10 -26.79
N LEU G 317 -31.70 -34.14 -26.53
CA LEU G 317 -30.74 -34.72 -27.45
C LEU G 317 -30.81 -36.24 -27.30
N LYS G 318 -31.18 -36.90 -28.39
CA LYS G 318 -31.35 -38.35 -28.45
C LYS G 318 -30.02 -39.05 -28.68
N ASP G 319 -29.27 -38.60 -29.71
CA ASP G 319 -28.01 -39.23 -30.11
C ASP G 319 -27.09 -38.23 -30.88
N LEU G 320 -25.79 -38.57 -30.97
CA LEU G 320 -24.77 -37.80 -31.70
C LEU G 320 -24.20 -38.68 -32.81
N ARG G 321 -23.95 -38.11 -33.99
CA ARG G 321 -23.40 -38.85 -35.12
C ARG G 321 -22.37 -37.99 -35.85
N VAL G 322 -21.30 -38.59 -36.36
CA VAL G 322 -20.27 -37.90 -37.13
C VAL G 322 -20.18 -38.55 -38.50
N GLU G 323 -20.26 -37.76 -39.59
CA GLU G 323 -20.17 -38.26 -40.95
C GLU G 323 -19.09 -37.50 -41.69
N LEU G 324 -18.17 -38.21 -42.36
CA LEU G 324 -17.11 -37.59 -43.13
C LEU G 324 -17.68 -37.17 -44.49
N LEU G 325 -17.76 -35.86 -44.74
CA LEU G 325 -18.27 -35.37 -46.01
C LEU G 325 -17.18 -35.56 -47.06
N GLY G 326 -16.02 -34.94 -46.84
CA GLY G 326 -14.91 -35.07 -47.78
C GLY G 326 -13.71 -34.24 -47.40
N GLU G 327 -12.93 -33.81 -48.41
CA GLU G 327 -11.72 -33.04 -48.22
C GLU G 327 -11.86 -31.64 -48.80
N THR G 328 -11.34 -30.66 -48.07
CA THR G 328 -11.35 -29.24 -48.41
C THR G 328 -9.92 -28.70 -48.28
N SER G 329 -9.71 -27.38 -48.40
CA SER G 329 -8.38 -26.80 -48.16
C SER G 329 -8.15 -26.88 -46.64
N ILE G 330 -6.89 -26.77 -46.13
CA ILE G 330 -6.69 -26.86 -44.67
C ILE G 330 -7.42 -25.65 -44.05
N ALA G 331 -8.63 -25.93 -43.50
CA ALA G 331 -9.54 -24.91 -42.99
C ALA G 331 -9.12 -24.28 -41.67
N GLU G 332 -8.97 -22.95 -41.64
CA GLU G 332 -8.70 -22.17 -40.42
C GLU G 332 -10.06 -21.90 -39.79
N CYS G 333 -11.00 -21.44 -40.62
CA CYS G 333 -12.36 -21.13 -40.20
C CYS G 333 -13.33 -21.53 -41.30
N LEU G 334 -14.48 -22.09 -40.91
CA LEU G 334 -15.56 -22.51 -41.84
C LEU G 334 -16.77 -21.64 -41.55
N THR G 335 -17.67 -21.51 -42.54
CA THR G 335 -18.93 -20.80 -42.34
C THR G 335 -19.97 -21.25 -43.38
N TYR G 336 -21.09 -21.85 -42.91
CA TYR G 336 -22.15 -22.30 -43.79
C TYR G 336 -22.91 -21.08 -44.26
N LEU G 337 -23.03 -20.90 -45.57
CA LEU G 337 -23.73 -19.76 -46.13
C LEU G 337 -25.21 -20.14 -46.30
N ASP G 338 -25.57 -20.90 -47.35
CA ASP G 338 -26.94 -21.36 -47.55
C ASP G 338 -27.04 -22.30 -48.73
N ASN G 339 -28.10 -23.10 -48.77
CA ASN G 339 -28.37 -24.03 -49.87
C ASN G 339 -27.17 -24.93 -50.21
N GLY G 340 -26.57 -25.51 -49.17
CA GLY G 340 -25.43 -26.40 -49.32
C GLY G 340 -24.08 -25.74 -49.57
N VAL G 341 -24.01 -24.40 -49.62
CA VAL G 341 -22.77 -23.66 -49.87
C VAL G 341 -22.02 -23.35 -48.58
N VAL G 342 -20.74 -23.76 -48.50
CA VAL G 342 -19.87 -23.53 -47.34
C VAL G 342 -18.69 -22.69 -47.81
N PHE G 343 -18.23 -21.71 -47.00
CA PHE G 343 -17.03 -20.94 -47.30
C PHE G 343 -15.92 -21.42 -46.37
N VAL G 344 -14.78 -21.87 -46.96
CA VAL G 344 -13.62 -22.39 -46.24
C VAL G 344 -12.49 -21.36 -46.21
N GLY G 345 -12.42 -20.60 -45.12
CA GLY G 345 -11.34 -19.63 -44.91
C GLY G 345 -10.09 -20.37 -44.49
N SER G 346 -9.04 -20.35 -45.35
CA SER G 346 -7.80 -21.08 -45.12
C SER G 346 -6.61 -20.14 -44.94
N ARG G 347 -5.60 -20.62 -44.17
CA ARG G 347 -4.36 -19.90 -43.88
C ARG G 347 -3.18 -20.51 -44.63
N LEU G 348 -3.12 -21.87 -44.65
CA LEU G 348 -2.05 -22.60 -45.34
C LEU G 348 -2.28 -22.76 -46.85
N GLY G 349 -3.51 -22.58 -47.32
CA GLY G 349 -3.85 -22.74 -48.72
C GLY G 349 -4.91 -21.79 -49.22
N ASP G 350 -5.35 -22.00 -50.47
CA ASP G 350 -6.39 -21.15 -51.07
C ASP G 350 -7.69 -21.35 -50.32
N SER G 351 -8.41 -20.25 -50.08
CA SER G 351 -9.71 -20.33 -49.41
C SER G 351 -10.71 -20.73 -50.50
N GLN G 352 -11.82 -21.40 -50.14
CA GLN G 352 -12.77 -21.87 -51.16
C GLN G 352 -14.23 -21.61 -50.82
N LEU G 353 -15.09 -21.81 -51.84
CA LEU G 353 -16.53 -21.90 -51.73
C LEU G 353 -16.77 -23.34 -52.18
N VAL G 354 -17.44 -24.16 -51.36
CA VAL G 354 -17.67 -25.58 -51.70
C VAL G 354 -19.14 -25.95 -51.52
N LYS G 355 -19.67 -26.79 -52.43
CA LYS G 355 -21.05 -27.26 -52.41
C LYS G 355 -21.11 -28.61 -51.69
N LEU G 356 -22.12 -28.80 -50.82
CA LEU G 356 -22.35 -30.07 -50.12
C LEU G 356 -23.55 -30.79 -50.76
N ASN G 357 -23.27 -31.82 -51.58
CA ASN G 357 -24.33 -32.61 -52.23
C ASN G 357 -24.84 -33.66 -51.25
N VAL G 358 -26.09 -34.08 -51.42
CA VAL G 358 -26.71 -35.10 -50.56
C VAL G 358 -26.29 -36.50 -51.01
N ASP G 359 -26.27 -36.75 -52.34
CA ASP G 359 -25.89 -38.06 -52.90
C ASP G 359 -24.35 -38.14 -52.99
N SER G 360 -23.72 -39.25 -52.57
CA SER G 360 -22.25 -39.37 -52.59
C SER G 360 -21.73 -39.45 -54.02
N ASN G 361 -20.61 -38.77 -54.34
CA ASN G 361 -20.04 -38.83 -55.69
C ASN G 361 -19.28 -40.18 -55.87
N GLU G 362 -18.84 -40.52 -57.11
CA GLU G 362 -18.16 -41.80 -57.39
C GLU G 362 -16.90 -42.04 -56.54
N GLN G 363 -16.17 -40.98 -56.21
CA GLN G 363 -14.97 -41.06 -55.36
C GLN G 363 -15.34 -41.30 -53.88
N GLY G 364 -16.54 -40.89 -53.50
CA GLY G 364 -17.07 -41.05 -52.14
C GLY G 364 -17.32 -39.74 -51.43
N SER G 365 -16.78 -38.63 -51.96
CA SER G 365 -16.93 -37.32 -51.35
C SER G 365 -18.31 -36.70 -51.57
N TYR G 366 -18.78 -35.94 -50.58
CA TYR G 366 -20.04 -35.19 -50.60
C TYR G 366 -19.74 -33.70 -50.84
N VAL G 367 -18.45 -33.30 -50.90
CA VAL G 367 -18.04 -31.92 -51.10
C VAL G 367 -17.55 -31.71 -52.56
N VAL G 368 -17.96 -30.61 -53.20
CA VAL G 368 -17.56 -30.27 -54.57
C VAL G 368 -17.16 -28.81 -54.61
N ALA G 369 -15.93 -28.52 -55.05
CA ALA G 369 -15.41 -27.15 -55.08
C ALA G 369 -16.09 -26.29 -56.15
N MET G 370 -16.44 -25.03 -55.79
CA MET G 370 -17.07 -24.06 -56.68
C MET G 370 -16.05 -22.99 -57.09
N GLU G 371 -15.56 -22.20 -56.13
CA GLU G 371 -14.57 -21.14 -56.36
C GLU G 371 -13.34 -21.38 -55.52
N THR G 372 -12.21 -20.83 -55.96
CA THR G 372 -10.92 -20.94 -55.29
C THR G 372 -10.28 -19.55 -55.21
N PHE G 373 -10.34 -18.93 -54.03
CA PHE G 373 -9.76 -17.59 -53.82
C PHE G 373 -8.29 -17.74 -53.51
N THR G 374 -7.45 -17.07 -54.32
CA THR G 374 -6.00 -17.15 -54.19
C THR G 374 -5.52 -16.64 -52.83
N ASN G 375 -4.63 -17.42 -52.22
CA ASN G 375 -3.98 -17.10 -50.97
C ASN G 375 -2.49 -17.34 -51.19
N LEU G 376 -1.67 -16.27 -51.18
CA LEU G 376 -0.21 -16.40 -51.30
C LEU G 376 0.36 -17.12 -50.06
N GLY G 377 -0.48 -17.28 -49.02
CA GLY G 377 -0.25 -18.09 -47.83
C GLY G 377 1.05 -17.82 -47.15
N PRO G 378 1.56 -18.72 -46.30
CA PRO G 378 2.87 -18.46 -45.68
C PRO G 378 3.94 -18.38 -46.75
N ILE G 379 4.43 -17.15 -47.04
CA ILE G 379 5.51 -16.95 -47.98
C ILE G 379 6.77 -17.30 -47.15
N VAL G 380 7.36 -18.48 -47.38
CA VAL G 380 8.51 -18.94 -46.60
C VAL G 380 9.87 -18.54 -47.23
N ASP G 381 9.87 -18.32 -48.55
CA ASP G 381 11.03 -17.85 -49.31
C ASP G 381 10.53 -17.34 -50.66
N MET G 382 11.30 -16.49 -51.34
CA MET G 382 10.93 -15.96 -52.64
C MET G 382 12.16 -15.42 -53.37
N CYS G 383 12.02 -15.15 -54.66
CA CYS G 383 13.08 -14.60 -55.48
C CYS G 383 12.49 -13.78 -56.61
N VAL G 384 13.28 -12.85 -57.15
CA VAL G 384 12.86 -11.98 -58.26
C VAL G 384 13.59 -12.41 -59.54
N VAL G 385 12.84 -12.62 -60.64
CA VAL G 385 13.39 -13.07 -61.93
C VAL G 385 12.75 -12.28 -63.07
N ASP G 386 13.51 -12.04 -64.15
CA ASP G 386 13.03 -11.28 -65.31
C ASP G 386 12.05 -12.12 -66.17
N LEU G 387 12.37 -13.41 -66.39
CA LEU G 387 11.54 -14.46 -67.04
C LEU G 387 11.10 -14.29 -68.52
N GLU G 388 10.66 -13.10 -68.96
CA GLU G 388 10.17 -12.98 -70.33
C GLU G 388 10.26 -11.58 -70.94
N ARG G 389 9.94 -10.52 -70.17
CA ARG G 389 10.03 -9.14 -70.64
C ARG G 389 11.50 -8.68 -70.85
N GLN G 390 12.46 -9.28 -70.11
CA GLN G 390 13.89 -8.94 -70.16
C GLN G 390 14.15 -7.46 -69.78
N GLY G 391 13.37 -6.97 -68.82
CA GLY G 391 13.43 -5.61 -68.30
C GLY G 391 12.65 -5.46 -67.00
N GLN G 392 11.37 -5.88 -67.00
CA GLN G 392 10.48 -5.83 -65.85
C GLN G 392 10.61 -7.14 -65.04
N GLY G 393 10.83 -7.03 -63.72
CA GLY G 393 10.98 -8.19 -62.85
C GLY G 393 9.68 -8.80 -62.36
N GLN G 394 9.70 -10.10 -62.07
CA GLN G 394 8.57 -10.88 -61.57
C GLN G 394 8.98 -11.62 -60.29
N LEU G 395 8.05 -11.81 -59.36
CA LEU G 395 8.33 -12.45 -58.06
C LEU G 395 7.80 -13.90 -57.91
N VAL G 396 8.72 -14.91 -57.86
CA VAL G 396 8.37 -16.32 -57.66
C VAL G 396 8.53 -16.63 -56.16
N THR G 397 7.48 -17.15 -55.49
CA THR G 397 7.49 -17.39 -54.05
C THR G 397 7.15 -18.81 -53.66
N CYS G 398 7.71 -19.30 -52.52
CA CYS G 398 7.42 -20.60 -51.91
C CYS G 398 6.23 -20.30 -51.03
N SER G 399 5.05 -20.75 -51.44
CA SER G 399 3.82 -20.47 -50.72
C SER G 399 3.19 -21.72 -50.14
N GLY G 400 2.41 -21.54 -49.09
CA GLY G 400 1.67 -22.62 -48.48
C GLY G 400 2.46 -23.73 -47.81
N ALA G 401 1.73 -24.75 -47.36
CA ALA G 401 2.31 -25.88 -46.66
C ALA G 401 1.55 -27.17 -46.97
N PHE G 402 2.24 -28.32 -46.85
CA PHE G 402 1.67 -29.64 -47.03
C PHE G 402 0.95 -29.78 -48.40
N LYS G 403 -0.22 -30.46 -48.50
CA LYS G 403 -0.94 -30.57 -49.76
C LYS G 403 -1.23 -29.19 -50.40
N GLU G 404 -1.36 -28.13 -49.57
CA GLU G 404 -1.61 -26.79 -50.06
C GLU G 404 -0.35 -26.09 -50.65
N GLY G 405 0.82 -26.67 -50.40
CA GLY G 405 2.08 -26.14 -50.90
C GLY G 405 2.09 -25.92 -52.40
N SER G 406 2.68 -24.78 -52.82
CA SER G 406 2.75 -24.39 -54.22
C SER G 406 3.76 -23.25 -54.42
N LEU G 407 4.01 -22.91 -55.68
CA LEU G 407 4.82 -21.74 -56.04
C LEU G 407 3.88 -20.74 -56.65
N ARG G 408 4.13 -19.44 -56.47
CA ARG G 408 3.26 -18.40 -57.03
C ARG G 408 4.14 -17.42 -57.79
N ILE G 409 3.80 -17.15 -59.08
CA ILE G 409 4.54 -16.20 -59.93
C ILE G 409 3.71 -14.92 -59.96
N ILE G 410 4.12 -13.91 -59.19
CA ILE G 410 3.43 -12.63 -59.09
C ILE G 410 4.10 -11.62 -60.02
N ARG G 411 3.30 -10.81 -60.74
CA ARG G 411 3.79 -9.78 -61.67
C ARG G 411 2.77 -8.67 -61.83
N ASN G 412 3.19 -7.47 -62.25
CA ASN G 412 2.25 -6.36 -62.47
C ASN G 412 1.56 -6.50 -63.84
N GLY G 413 0.38 -5.90 -63.96
CA GLY G 413 -0.44 -5.96 -65.17
C GLY G 413 0.22 -5.42 -66.42
N ILE G 414 0.82 -4.21 -66.33
CA ILE G 414 1.51 -3.52 -67.43
C ILE G 414 0.66 -3.38 -68.69
N LYS G 425 -2.82 -3.57 -61.45
CA LYS G 425 -3.19 -4.72 -60.61
C LYS G 425 -2.19 -5.88 -60.76
N LEU G 426 -2.01 -6.69 -59.69
CA LEU G 426 -1.09 -7.83 -59.70
C LEU G 426 -1.73 -9.09 -60.29
N HIS G 427 -1.02 -9.76 -61.21
CA HIS G 427 -1.44 -11.00 -61.85
C HIS G 427 -0.62 -12.13 -61.22
N ILE G 428 -1.31 -13.19 -60.73
CA ILE G 428 -0.67 -14.31 -60.04
C ILE G 428 -0.89 -15.62 -60.80
N ARG G 429 0.17 -16.41 -61.01
CA ARG G 429 0.08 -17.73 -61.62
C ARG G 429 0.51 -18.75 -60.57
N THR G 430 -0.35 -19.74 -60.24
CA THR G 430 -0.09 -20.76 -59.22
C THR G 430 0.43 -22.07 -59.83
N VAL G 431 1.38 -22.73 -59.16
CA VAL G 431 1.95 -24.01 -59.57
C VAL G 431 1.82 -24.96 -58.36
N PRO G 432 0.75 -25.78 -58.29
CA PRO G 432 0.58 -26.66 -57.12
C PRO G 432 1.63 -27.77 -57.05
N LEU G 433 2.22 -27.97 -55.86
CA LEU G 433 3.23 -29.00 -55.62
C LEU G 433 2.71 -30.20 -54.80
N TYR G 434 1.65 -29.99 -53.98
CA TYR G 434 1.06 -31.03 -53.10
C TYR G 434 2.03 -31.47 -51.97
N GLU G 435 3.04 -30.63 -51.68
CA GLU G 435 4.02 -30.84 -50.63
C GLU G 435 4.61 -29.47 -50.24
N SER G 436 5.27 -29.39 -49.08
CA SER G 436 5.76 -28.12 -48.54
C SER G 436 7.03 -27.58 -49.26
N PRO G 437 6.93 -26.44 -50.02
CA PRO G 437 8.17 -25.85 -50.59
C PRO G 437 8.84 -25.02 -49.49
N ARG G 438 10.18 -24.99 -49.47
CA ARG G 438 10.92 -24.32 -48.40
C ARG G 438 11.87 -23.19 -48.87
N LYS G 439 12.74 -23.47 -49.85
CA LYS G 439 13.70 -22.48 -50.36
C LYS G 439 13.64 -22.45 -51.88
N ILE G 440 13.93 -21.30 -52.48
CA ILE G 440 13.91 -21.13 -53.93
C ILE G 440 15.08 -20.27 -54.42
N CYS G 441 15.64 -20.65 -55.56
CA CYS G 441 16.71 -19.92 -56.23
C CYS G 441 16.53 -20.18 -57.73
N TYR G 442 16.96 -19.21 -58.55
CA TYR G 442 16.84 -19.29 -60.00
C TYR G 442 18.21 -19.53 -60.64
N GLN G 443 18.24 -20.27 -61.77
CA GLN G 443 19.46 -20.56 -62.54
C GLN G 443 19.21 -20.22 -64.03
N GLU G 444 19.69 -19.02 -64.45
CA GLU G 444 19.51 -18.50 -65.80
C GLU G 444 20.21 -19.37 -66.84
N VAL G 445 21.42 -19.84 -66.54
CA VAL G 445 22.22 -20.67 -67.44
C VAL G 445 21.45 -21.91 -67.91
N SER G 446 20.63 -22.54 -67.03
CA SER G 446 19.85 -23.73 -67.38
C SER G 446 18.35 -23.44 -67.53
N GLN G 447 17.94 -22.15 -67.58
CA GLN G 447 16.55 -21.70 -67.75
C GLN G 447 15.58 -22.45 -66.82
N CYS G 448 15.96 -22.57 -65.54
CA CYS G 448 15.16 -23.32 -64.58
C CYS G 448 15.39 -22.87 -63.13
N PHE G 449 14.55 -23.37 -62.22
CA PHE G 449 14.60 -23.06 -60.80
C PHE G 449 15.04 -24.23 -59.97
N GLY G 450 15.62 -23.93 -58.83
CA GLY G 450 16.03 -24.89 -57.81
C GLY G 450 15.14 -24.64 -56.61
N VAL G 451 14.44 -25.66 -56.10
CA VAL G 451 13.53 -25.49 -54.98
C VAL G 451 13.74 -26.61 -53.97
N LEU G 452 14.03 -26.28 -52.69
CA LEU G 452 14.12 -27.30 -51.65
C LEU G 452 12.69 -27.53 -51.19
N SER G 453 12.32 -28.80 -51.00
CA SER G 453 10.95 -29.16 -50.61
C SER G 453 10.94 -30.33 -49.67
N SER G 454 9.86 -30.48 -48.91
CA SER G 454 9.73 -31.65 -48.04
C SER G 454 8.31 -32.22 -48.14
N ARG G 455 8.21 -33.57 -48.15
CA ARG G 455 6.94 -34.29 -48.17
C ARG G 455 6.89 -35.21 -46.93
N ILE G 456 5.70 -35.35 -46.32
CA ILE G 456 5.53 -36.20 -45.14
C ILE G 456 5.18 -37.61 -45.61
N GLU G 457 5.89 -38.62 -45.08
CA GLU G 457 5.61 -40.02 -45.34
C GLU G 457 5.36 -40.67 -43.98
N VAL G 458 4.67 -41.82 -43.96
CA VAL G 458 4.35 -42.53 -42.71
C VAL G 458 5.11 -43.85 -42.65
N GLN G 459 5.57 -44.24 -41.44
CA GLN G 459 6.32 -45.48 -41.24
C GLN G 459 5.44 -46.68 -41.54
N ASP G 460 5.87 -47.54 -42.47
CA ASP G 460 5.15 -48.75 -42.88
C ASP G 460 5.55 -49.95 -42.02
N THR G 461 4.63 -50.91 -41.90
CA THR G 461 4.82 -52.19 -41.19
C THR G 461 6.09 -52.91 -41.68
N SER G 462 6.30 -52.89 -43.02
CA SER G 462 7.45 -53.49 -43.69
C SER G 462 8.83 -53.01 -43.19
N GLY G 463 8.91 -51.76 -42.76
CA GLY G 463 10.14 -51.15 -42.26
C GLY G 463 10.39 -49.81 -42.90
N GLY G 464 10.11 -49.70 -44.20
CA GLY G 464 10.25 -48.47 -44.97
C GLY G 464 9.10 -47.51 -44.74
N THR G 465 9.04 -46.44 -45.54
CA THR G 465 8.01 -45.40 -45.44
C THR G 465 7.10 -45.37 -46.67
N THR G 466 5.85 -44.89 -46.48
CA THR G 466 4.84 -44.79 -47.54
C THR G 466 4.33 -43.35 -47.62
N ALA G 467 4.15 -42.83 -48.85
CA ALA G 467 3.65 -41.47 -49.05
C ALA G 467 2.16 -41.38 -48.80
N LEU G 468 1.67 -40.16 -48.51
CA LEU G 468 0.26 -39.89 -48.25
C LEU G 468 -0.50 -39.69 -49.56
N ARG G 469 0.07 -38.88 -50.47
CA ARG G 469 -0.53 -38.55 -51.75
C ARG G 469 0.57 -38.34 -52.79
N PRO G 470 0.27 -38.38 -54.10
CA PRO G 470 1.32 -38.15 -55.09
C PRO G 470 1.60 -36.66 -55.22
N SER G 471 2.83 -36.26 -54.83
CA SER G 471 3.26 -34.87 -54.86
C SER G 471 4.43 -34.65 -55.83
N ALA G 472 4.79 -33.38 -56.05
CA ALA G 472 5.85 -32.94 -56.94
C ALA G 472 7.17 -33.75 -56.91
N SER G 473 7.65 -34.17 -55.74
CA SER G 473 8.87 -34.97 -55.66
C SER G 473 8.65 -36.41 -56.13
N THR G 474 7.43 -36.95 -55.95
CA THR G 474 7.09 -38.31 -56.38
C THR G 474 6.70 -38.39 -57.88
N GLN G 475 6.21 -37.27 -58.47
CA GLN G 475 5.80 -37.20 -59.87
C GLN G 475 6.79 -36.34 -60.67
N ALA G 476 8.07 -36.70 -60.60
CA ALA G 476 9.15 -36.01 -61.30
C ALA G 476 9.50 -36.81 -62.55
N LEU G 477 10.03 -36.15 -63.59
CA LEU G 477 10.43 -36.84 -64.82
C LEU G 477 11.70 -37.64 -64.53
N SER G 478 12.78 -36.93 -64.16
CA SER G 478 14.05 -37.56 -63.78
C SER G 478 14.06 -37.65 -62.24
N SER G 479 14.68 -38.69 -61.68
CA SER G 479 14.72 -38.88 -60.22
C SER G 479 16.05 -39.43 -59.75
N SER G 480 16.40 -39.16 -58.48
CA SER G 480 17.64 -39.66 -57.90
C SER G 480 17.64 -39.63 -56.37
N VAL G 481 18.55 -40.39 -55.76
CA VAL G 481 18.72 -40.49 -54.30
C VAL G 481 20.19 -40.21 -53.97
N SER G 482 20.47 -39.49 -52.87
CA SER G 482 21.86 -39.18 -52.51
C SER G 482 22.54 -40.47 -52.06
N SER G 483 23.58 -40.88 -52.79
CA SER G 483 24.35 -42.09 -52.53
C SER G 483 25.66 -41.66 -51.91
N SER G 484 25.64 -41.47 -50.59
CA SER G 484 26.80 -41.02 -49.83
C SER G 484 27.29 -42.08 -48.88
N LYS G 485 28.55 -41.95 -48.51
CA LYS G 485 29.22 -42.82 -47.55
C LYS G 485 29.73 -42.03 -46.33
N LEU G 486 29.43 -40.69 -46.21
CA LEU G 486 29.89 -39.96 -45.03
C LEU G 486 29.19 -40.43 -43.76
N PHE G 487 27.84 -40.51 -43.79
CA PHE G 487 27.04 -40.92 -42.63
C PHE G 487 26.47 -42.33 -42.72
N SER G 488 26.66 -43.05 -43.85
CA SER G 488 26.22 -44.46 -43.96
C SER G 488 27.04 -45.28 -42.94
N SER G 489 28.36 -44.97 -42.82
CA SER G 489 29.26 -45.60 -41.86
C SER G 489 29.15 -44.90 -40.49
N SER G 490 29.10 -43.55 -40.49
CA SER G 490 28.99 -42.73 -39.27
C SER G 490 27.51 -42.38 -38.97
N THR G 491 26.76 -43.37 -38.46
CA THR G 491 25.34 -43.29 -38.09
C THR G 491 25.11 -43.77 -36.65
N ALA G 492 24.15 -43.14 -35.94
CA ALA G 492 23.81 -43.51 -34.56
C ALA G 492 22.81 -44.67 -34.53
N PRO G 493 22.77 -45.52 -33.47
CA PRO G 493 21.79 -46.62 -33.45
C PRO G 493 20.41 -46.20 -32.94
N HIS G 494 19.35 -46.43 -33.74
CA HIS G 494 17.96 -46.08 -33.38
C HIS G 494 16.96 -46.69 -34.36
N GLU G 495 15.67 -46.75 -33.99
CA GLU G 495 14.63 -47.31 -34.86
C GLU G 495 13.33 -46.51 -34.80
N THR G 496 12.62 -46.37 -35.94
CA THR G 496 11.35 -45.63 -36.04
C THR G 496 10.16 -46.60 -35.93
N SER G 497 9.18 -46.27 -35.07
CA SER G 497 8.00 -47.11 -34.83
C SER G 497 6.90 -46.89 -35.88
N PHE G 498 6.07 -47.94 -36.11
CA PHE G 498 4.98 -47.91 -37.09
C PHE G 498 4.02 -46.74 -36.84
N GLY G 499 3.57 -46.11 -37.93
CA GLY G 499 2.65 -44.99 -37.88
C GLY G 499 3.30 -43.62 -37.74
N GLU G 500 4.56 -43.54 -37.23
CA GLU G 500 5.24 -42.25 -37.06
C GLU G 500 5.48 -41.57 -38.40
N GLU G 501 5.26 -40.24 -38.44
CA GLU G 501 5.48 -39.44 -39.64
C GLU G 501 6.96 -39.07 -39.75
N VAL G 502 7.47 -38.99 -40.98
CA VAL G 502 8.86 -38.59 -41.27
C VAL G 502 8.88 -37.78 -42.54
N GLU G 503 9.50 -36.59 -42.51
CA GLU G 503 9.54 -35.76 -43.70
C GLU G 503 10.76 -36.09 -44.56
N VAL G 504 10.52 -36.26 -45.88
CA VAL G 504 11.50 -36.60 -46.89
C VAL G 504 11.86 -35.29 -47.60
N HIS G 505 13.17 -34.92 -47.59
CA HIS G 505 13.66 -33.69 -48.24
C HIS G 505 14.17 -33.93 -49.66
N ASN G 506 13.80 -33.05 -50.62
CA ASN G 506 14.24 -33.15 -52.01
C ASN G 506 14.54 -31.80 -52.63
N LEU G 507 15.58 -31.74 -53.48
CA LEU G 507 15.89 -30.56 -54.27
C LEU G 507 15.16 -30.81 -55.60
N LEU G 508 14.16 -29.96 -55.89
CA LEU G 508 13.39 -30.06 -57.11
C LEU G 508 14.00 -29.13 -58.14
N ILE G 509 14.19 -29.62 -59.38
CA ILE G 509 14.67 -28.82 -60.52
C ILE G 509 13.42 -28.64 -61.39
N ILE G 510 12.89 -27.38 -61.43
CA ILE G 510 11.65 -27.04 -62.11
C ILE G 510 11.89 -26.09 -63.31
N ASP G 511 11.21 -26.32 -64.45
CA ASP G 511 11.36 -25.51 -65.68
C ASP G 511 10.82 -24.08 -65.50
N GLN G 512 11.55 -23.04 -65.98
CA GLN G 512 11.10 -21.65 -65.83
C GLN G 512 9.85 -21.30 -66.63
N HIS G 513 9.57 -22.04 -67.72
CA HIS G 513 8.44 -21.77 -68.60
C HIS G 513 7.22 -22.59 -68.22
N THR G 514 7.32 -23.92 -68.28
CA THR G 514 6.21 -24.84 -67.98
C THR G 514 5.99 -25.09 -66.48
N PHE G 515 7.05 -24.92 -65.65
CA PHE G 515 7.02 -25.19 -64.21
C PHE G 515 6.74 -26.66 -63.89
N GLU G 516 7.20 -27.57 -64.77
CA GLU G 516 7.06 -29.00 -64.54
C GLU G 516 8.30 -29.45 -63.79
N VAL G 517 8.18 -30.51 -62.98
CA VAL G 517 9.31 -31.04 -62.20
C VAL G 517 10.20 -31.86 -63.12
N LEU G 518 11.25 -31.24 -63.66
CA LEU G 518 12.19 -31.90 -64.56
C LEU G 518 13.02 -32.95 -63.82
N HIS G 519 13.43 -32.66 -62.56
CA HIS G 519 14.20 -33.62 -61.77
C HIS G 519 13.91 -33.46 -60.29
N ALA G 520 13.96 -34.56 -59.52
CA ALA G 520 13.77 -34.54 -58.06
C ALA G 520 14.85 -35.36 -57.36
N HIS G 521 15.74 -34.68 -56.59
CA HIS G 521 16.83 -35.34 -55.89
C HIS G 521 16.51 -35.49 -54.42
N GLN G 522 16.31 -36.74 -53.97
CA GLN G 522 16.03 -37.03 -52.57
C GLN G 522 17.34 -37.05 -51.79
N PHE G 523 17.35 -36.44 -50.61
CA PHE G 523 18.55 -36.41 -49.75
C PHE G 523 18.65 -37.66 -48.87
N LEU G 524 19.69 -37.76 -48.02
CA LEU G 524 19.89 -38.95 -47.18
C LEU G 524 18.82 -39.08 -46.10
N GLN G 525 18.73 -40.28 -45.50
CA GLN G 525 17.77 -40.53 -44.42
C GLN G 525 18.23 -39.70 -43.23
N ASN G 526 17.29 -39.01 -42.56
CA ASN G 526 17.56 -38.10 -41.43
C ASN G 526 18.29 -36.81 -41.84
N GLU G 527 18.41 -36.51 -43.17
CA GLU G 527 19.08 -35.30 -43.63
C GLU G 527 18.07 -34.17 -43.88
N TYR G 528 18.25 -33.05 -43.17
CA TYR G 528 17.37 -31.88 -43.28
C TYR G 528 18.08 -30.85 -44.19
N ALA G 529 17.46 -30.46 -45.32
CA ALA G 529 18.05 -29.49 -46.25
C ALA G 529 17.68 -28.07 -45.85
N LEU G 530 18.67 -27.32 -45.31
CA LEU G 530 18.46 -25.96 -44.80
C LEU G 530 18.59 -24.82 -45.81
N SER G 531 19.80 -24.67 -46.42
CA SER G 531 20.12 -23.57 -47.34
C SER G 531 20.29 -24.02 -48.79
N LEU G 532 20.09 -23.08 -49.74
CA LEU G 532 20.19 -23.33 -51.19
C LEU G 532 20.69 -22.09 -51.94
N VAL G 533 21.71 -22.25 -52.81
CA VAL G 533 22.20 -21.15 -53.66
C VAL G 533 22.49 -21.66 -55.08
N SER G 534 22.45 -20.76 -56.07
CA SER G 534 22.78 -21.05 -57.49
C SER G 534 23.87 -20.06 -57.91
N CYS G 535 25.13 -20.53 -58.20
CA CYS G 535 26.20 -19.59 -58.55
C CYS G 535 27.39 -20.25 -59.28
N LYS G 536 28.31 -19.39 -59.74
CA LYS G 536 29.58 -19.77 -60.36
C LYS G 536 30.65 -19.46 -59.29
N LEU G 537 31.58 -20.39 -59.06
CA LEU G 537 32.62 -20.22 -58.03
C LEU G 537 34.00 -20.36 -58.62
N GLY G 538 34.90 -19.45 -58.25
CA GLY G 538 36.27 -19.44 -58.73
C GLY G 538 36.40 -19.25 -60.23
N LYS G 539 37.40 -19.92 -60.83
CA LYS G 539 37.65 -19.86 -62.27
C LYS G 539 36.63 -20.71 -63.06
N ASP G 540 35.95 -21.67 -62.39
CA ASP G 540 34.99 -22.57 -63.04
C ASP G 540 33.86 -21.83 -63.75
N PRO G 541 33.69 -22.04 -65.08
CA PRO G 541 32.60 -21.37 -65.80
C PRO G 541 31.22 -21.99 -65.62
N ASN G 542 31.11 -23.23 -65.07
CA ASN G 542 29.82 -23.89 -64.85
C ASN G 542 29.08 -23.24 -63.69
N THR G 543 27.73 -23.17 -63.78
CA THR G 543 26.88 -22.63 -62.72
C THR G 543 26.33 -23.84 -61.96
N TYR G 544 26.62 -23.94 -60.65
CA TYR G 544 26.21 -25.06 -59.80
C TYR G 544 25.08 -24.68 -58.83
N PHE G 545 24.28 -25.70 -58.43
CA PHE G 545 23.20 -25.57 -57.44
C PHE G 545 23.78 -26.13 -56.13
N ILE G 546 24.20 -25.28 -55.17
CA ILE G 546 24.80 -25.73 -53.90
C ILE G 546 23.72 -25.79 -52.80
N VAL G 547 23.65 -26.93 -52.06
CA VAL G 547 22.68 -27.16 -50.98
C VAL G 547 23.43 -27.43 -49.65
N GLY G 548 22.96 -26.77 -48.58
CA GLY G 548 23.47 -26.90 -47.22
C GLY G 548 22.49 -27.74 -46.41
N THR G 549 23.01 -28.71 -45.66
CA THR G 549 22.17 -29.67 -44.94
C THR G 549 22.56 -29.80 -43.47
N ALA G 550 21.81 -30.65 -42.76
CA ALA G 550 22.08 -30.98 -41.37
C ALA G 550 21.49 -32.34 -41.06
N MET G 551 22.25 -33.24 -40.41
CA MET G 551 21.75 -34.57 -40.05
C MET G 551 21.01 -34.45 -38.72
N VAL G 552 19.68 -34.60 -38.77
CA VAL G 552 18.78 -34.44 -37.65
C VAL G 552 18.32 -35.78 -37.11
N TYR G 553 18.84 -36.18 -35.93
CA TYR G 553 18.44 -37.39 -35.24
C TYR G 553 17.60 -36.94 -34.04
N PRO G 554 16.59 -37.71 -33.56
CA PRO G 554 15.79 -37.23 -32.43
C PRO G 554 16.53 -37.18 -31.09
N GLU G 555 17.38 -38.18 -30.82
CA GLU G 555 18.16 -38.21 -29.58
C GLU G 555 19.21 -37.08 -29.52
N GLU G 556 19.71 -36.64 -30.69
CA GLU G 556 20.72 -35.58 -30.81
C GLU G 556 20.03 -34.21 -30.82
N ALA G 557 20.28 -33.36 -29.80
CA ALA G 557 19.65 -32.03 -29.69
C ALA G 557 20.17 -31.03 -30.72
N GLU G 558 21.44 -30.62 -30.61
CA GLU G 558 22.05 -29.66 -31.55
C GLU G 558 22.74 -30.49 -32.66
N PRO G 559 22.54 -30.19 -33.96
CA PRO G 559 23.19 -31.02 -34.99
C PRO G 559 24.71 -30.97 -34.99
N LYS G 560 25.36 -32.13 -35.06
CA LYS G 560 26.82 -32.25 -35.09
C LYS G 560 27.34 -32.78 -36.44
N GLN G 561 26.46 -32.91 -37.45
CA GLN G 561 26.83 -33.41 -38.77
C GLN G 561 26.01 -32.73 -39.86
N GLY G 562 26.64 -32.43 -40.99
CA GLY G 562 25.97 -31.83 -42.14
C GLY G 562 26.84 -31.84 -43.38
N ARG G 563 26.28 -31.45 -44.53
CA ARG G 563 27.05 -31.40 -45.79
C ARG G 563 26.73 -30.16 -46.61
N ILE G 564 27.67 -29.82 -47.50
CA ILE G 564 27.53 -28.78 -48.50
C ILE G 564 27.68 -29.57 -49.81
N VAL G 565 26.56 -29.77 -50.54
CA VAL G 565 26.55 -30.58 -51.75
C VAL G 565 26.48 -29.68 -52.97
N VAL G 566 27.46 -29.80 -53.90
CA VAL G 566 27.51 -29.01 -55.13
C VAL G 566 26.91 -29.86 -56.24
N PHE G 567 25.77 -29.44 -56.82
CA PHE G 567 25.13 -30.16 -57.91
C PHE G 567 25.26 -29.41 -59.22
N GLN G 568 25.25 -30.14 -60.35
CA GLN G 568 25.24 -29.54 -61.69
C GLN G 568 24.09 -30.14 -62.47
N TYR G 569 23.21 -29.29 -63.03
CA TYR G 569 22.09 -29.75 -63.84
C TYR G 569 22.46 -29.61 -65.29
N SER G 570 22.50 -30.73 -66.02
CA SER G 570 22.84 -30.75 -67.43
C SER G 570 22.25 -31.96 -68.14
N ASP G 571 21.83 -31.79 -69.39
CA ASP G 571 21.24 -32.86 -70.22
C ASP G 571 20.02 -33.54 -69.54
N GLY G 572 19.21 -32.74 -68.83
CA GLY G 572 18.03 -33.23 -68.16
C GLY G 572 18.27 -34.05 -66.89
N LYS G 573 19.51 -34.04 -66.35
CA LYS G 573 19.86 -34.81 -65.15
C LYS G 573 20.72 -33.98 -64.19
N LEU G 574 20.55 -34.23 -62.88
CA LEU G 574 21.29 -33.55 -61.82
C LEU G 574 22.38 -34.49 -61.31
N GLN G 575 23.66 -34.05 -61.36
CA GLN G 575 24.80 -34.87 -60.93
C GLN G 575 25.56 -34.20 -59.78
N THR G 576 25.99 -35.02 -58.80
CA THR G 576 26.74 -34.51 -57.64
C THR G 576 28.18 -34.25 -58.08
N VAL G 577 28.60 -32.98 -58.04
CA VAL G 577 29.95 -32.57 -58.44
C VAL G 577 30.90 -32.81 -57.27
N ALA G 578 30.57 -32.23 -56.11
CA ALA G 578 31.37 -32.33 -54.89
C ALA G 578 30.47 -32.44 -53.66
N GLU G 579 31.04 -32.97 -52.59
CA GLU G 579 30.36 -33.20 -51.31
C GLU G 579 31.36 -32.86 -50.21
N LYS G 580 31.00 -31.93 -49.28
CA LYS G 580 31.90 -31.55 -48.20
C LYS G 580 31.22 -31.74 -46.85
N GLU G 581 31.77 -32.62 -45.99
CA GLU G 581 31.22 -32.89 -44.67
C GLU G 581 31.56 -31.72 -43.74
N VAL G 582 30.67 -31.43 -42.78
CA VAL G 582 30.87 -30.38 -41.78
C VAL G 582 30.42 -30.85 -40.40
N LYS G 583 30.99 -30.22 -39.36
CA LYS G 583 30.75 -30.51 -37.95
C LYS G 583 29.39 -30.01 -37.40
N GLY G 584 28.52 -29.44 -38.23
CA GLY G 584 27.25 -28.90 -37.77
C GLY G 584 26.21 -28.70 -38.84
N ALA G 585 25.22 -27.82 -38.56
CA ALA G 585 24.13 -27.51 -39.49
C ALA G 585 24.46 -26.31 -40.36
N VAL G 586 24.43 -26.47 -41.70
CA VAL G 586 24.71 -25.35 -42.61
C VAL G 586 23.42 -24.50 -42.76
N TYR G 587 23.14 -23.64 -41.77
CA TYR G 587 21.93 -22.82 -41.73
C TYR G 587 21.79 -21.88 -42.92
N SER G 588 22.90 -21.26 -43.35
CA SER G 588 22.86 -20.32 -44.46
C SER G 588 24.14 -20.31 -45.27
N MET G 589 24.01 -19.89 -46.53
CA MET G 589 25.12 -19.79 -47.48
C MET G 589 24.87 -18.63 -48.43
N VAL G 590 25.95 -17.95 -48.85
CA VAL G 590 25.89 -16.85 -49.82
C VAL G 590 27.08 -16.88 -50.75
N GLU G 591 26.90 -16.36 -51.98
CA GLU G 591 27.94 -16.24 -52.98
C GLU G 591 28.75 -15.03 -52.53
N PHE G 592 30.04 -15.23 -52.22
CA PHE G 592 30.89 -14.17 -51.70
C PHE G 592 32.13 -13.94 -52.56
N ASN G 593 32.03 -13.01 -53.54
CA ASN G 593 33.16 -12.63 -54.40
C ASN G 593 33.87 -13.84 -55.05
N GLY G 594 33.10 -14.69 -55.71
CA GLY G 594 33.60 -15.89 -56.35
C GLY G 594 33.93 -17.04 -55.41
N LYS G 595 33.61 -16.93 -54.11
CA LYS G 595 33.86 -17.94 -53.10
C LYS G 595 32.52 -18.27 -52.42
N LEU G 596 32.43 -19.41 -51.69
CA LEU G 596 31.19 -19.81 -51.01
C LEU G 596 31.31 -19.54 -49.51
N LEU G 597 30.50 -18.61 -49.00
CA LEU G 597 30.49 -18.26 -47.58
C LEU G 597 29.34 -19.06 -46.95
N ALA G 598 29.67 -19.97 -46.03
CA ALA G 598 28.68 -20.82 -45.35
C ALA G 598 28.73 -20.58 -43.85
N SER G 599 27.67 -20.97 -43.14
CA SER G 599 27.57 -20.82 -41.68
C SER G 599 27.25 -22.16 -41.04
N ILE G 600 28.22 -22.74 -40.30
CA ILE G 600 28.05 -24.03 -39.62
C ILE G 600 27.92 -23.75 -38.11
N ASN G 601 26.68 -23.81 -37.58
CA ASN G 601 26.36 -23.52 -36.18
C ASN G 601 26.87 -22.12 -35.76
N SER G 602 27.96 -22.03 -34.96
CA SER G 602 28.51 -20.75 -34.50
C SER G 602 29.61 -20.21 -35.43
N THR G 603 30.18 -21.07 -36.29
CA THR G 603 31.25 -20.70 -37.21
C THR G 603 30.69 -20.11 -38.51
N VAL G 604 31.39 -19.12 -39.07
CA VAL G 604 31.11 -18.52 -40.38
C VAL G 604 32.35 -18.87 -41.20
N ARG G 605 32.24 -19.88 -42.06
CA ARG G 605 33.34 -20.42 -42.85
C ARG G 605 33.36 -19.92 -44.28
N LEU G 606 34.57 -19.75 -44.86
CA LEU G 606 34.74 -19.33 -46.25
C LEU G 606 35.45 -20.44 -47.01
N TYR G 607 34.80 -20.96 -48.06
CA TYR G 607 35.34 -22.04 -48.89
C TYR G 607 35.73 -21.48 -50.23
N GLU G 608 36.81 -22.01 -50.81
CA GLU G 608 37.30 -21.67 -52.15
C GLU G 608 37.10 -22.88 -53.05
N TRP G 609 36.66 -22.66 -54.29
CA TRP G 609 36.42 -23.72 -55.27
C TRP G 609 37.72 -24.04 -56.02
N THR G 610 38.40 -25.14 -55.65
CA THR G 610 39.68 -25.53 -56.25
C THR G 610 39.56 -26.02 -57.68
N THR G 611 40.71 -26.07 -58.38
CA THR G 611 40.80 -26.53 -59.76
C THR G 611 40.47 -28.02 -59.89
N GLU G 612 40.57 -28.79 -58.78
CA GLU G 612 40.22 -30.21 -58.74
C GLU G 612 38.68 -30.39 -58.53
N LYS G 613 37.89 -29.28 -58.52
CA LYS G 613 36.44 -29.29 -58.33
C LYS G 613 36.07 -29.83 -56.95
N GLU G 614 36.59 -29.19 -55.91
CA GLU G 614 36.35 -29.52 -54.50
C GLU G 614 36.38 -28.24 -53.68
N LEU G 615 35.62 -28.20 -52.56
CA LEU G 615 35.58 -27.03 -51.68
C LEU G 615 36.74 -27.12 -50.70
N ARG G 616 37.53 -26.04 -50.58
CA ARG G 616 38.71 -25.99 -49.70
C ARG G 616 38.55 -24.82 -48.74
N THR G 617 38.67 -25.08 -47.43
CA THR G 617 38.50 -24.06 -46.40
C THR G 617 39.62 -23.02 -46.40
N GLU G 618 39.29 -21.71 -46.45
CA GLU G 618 40.30 -20.64 -46.39
C GLU G 618 40.20 -19.84 -45.08
N CYS G 619 38.96 -19.55 -44.58
CA CYS G 619 38.74 -18.79 -43.34
C CYS G 619 37.68 -19.42 -42.48
N ASN G 620 37.71 -19.05 -41.19
CA ASN G 620 36.72 -19.44 -40.19
C ASN G 620 36.55 -18.24 -39.27
N HIS G 621 35.35 -18.04 -38.74
CA HIS G 621 35.13 -16.99 -37.77
C HIS G 621 34.17 -17.51 -36.73
N TYR G 622 34.68 -17.70 -35.51
CA TYR G 622 33.94 -18.27 -34.40
C TYR G 622 33.21 -17.14 -33.70
N ASN G 623 31.86 -17.20 -33.68
CA ASN G 623 31.01 -16.15 -33.13
C ASN G 623 30.41 -16.48 -31.79
N ASN G 624 29.92 -15.44 -31.10
CA ASN G 624 29.22 -15.55 -29.82
C ASN G 624 27.74 -15.88 -30.04
N ILE G 625 27.29 -16.03 -31.31
CA ILE G 625 25.91 -16.33 -31.63
C ILE G 625 25.86 -17.45 -32.66
N MET G 626 24.65 -17.97 -32.90
CA MET G 626 24.45 -18.98 -33.93
C MET G 626 24.25 -18.25 -35.26
N ALA G 627 25.13 -18.48 -36.23
CA ALA G 627 25.05 -17.80 -37.53
C ALA G 627 23.88 -18.33 -38.39
N LEU G 628 22.65 -17.90 -38.05
CA LEU G 628 21.44 -18.33 -38.76
C LEU G 628 21.25 -17.48 -39.98
N TYR G 629 21.18 -16.17 -39.77
CA TYR G 629 20.95 -15.20 -40.83
C TYR G 629 22.29 -14.76 -41.39
N LEU G 630 22.50 -15.00 -42.68
CA LEU G 630 23.74 -14.65 -43.38
C LEU G 630 23.37 -13.81 -44.61
N LYS G 631 23.84 -12.56 -44.63
CA LYS G 631 23.64 -11.65 -45.76
C LYS G 631 24.97 -10.95 -46.03
N THR G 632 25.22 -10.53 -47.29
CA THR G 632 26.49 -9.90 -47.65
C THR G 632 26.38 -8.78 -48.67
N LYS G 633 27.31 -7.81 -48.60
CA LYS G 633 27.43 -6.69 -49.52
C LYS G 633 28.92 -6.40 -49.74
N GLY G 634 29.43 -6.84 -50.90
CA GLY G 634 30.82 -6.68 -51.25
C GLY G 634 31.74 -7.49 -50.36
N ASP G 635 32.43 -6.82 -49.44
CA ASP G 635 33.30 -7.49 -48.45
C ASP G 635 32.69 -7.51 -47.05
N PHE G 636 31.50 -6.86 -46.85
CA PHE G 636 30.80 -6.85 -45.56
C PHE G 636 29.90 -8.07 -45.43
N ILE G 637 29.80 -8.64 -44.21
CA ILE G 637 28.96 -9.80 -43.92
C ILE G 637 28.10 -9.47 -42.71
N LEU G 638 26.78 -9.58 -42.86
CA LEU G 638 25.82 -9.36 -41.77
C LEU G 638 25.41 -10.75 -41.24
N VAL G 639 25.63 -10.99 -39.94
CA VAL G 639 25.31 -12.24 -39.26
C VAL G 639 24.25 -11.96 -38.20
N GLY G 640 23.35 -12.91 -37.97
CA GLY G 640 22.31 -12.77 -36.97
C GLY G 640 21.72 -14.07 -36.48
N ASP G 641 21.28 -14.10 -35.20
CA ASP G 641 20.66 -15.29 -34.61
C ASP G 641 19.18 -15.07 -34.36
N LEU G 642 18.49 -16.09 -33.84
CA LEU G 642 17.05 -16.04 -33.61
C LEU G 642 16.63 -15.02 -32.55
N MET G 643 17.56 -14.62 -31.65
CA MET G 643 17.28 -13.65 -30.58
C MET G 643 17.74 -12.21 -30.87
N ARG G 644 17.64 -11.77 -32.14
CA ARG G 644 17.98 -10.41 -32.59
C ARG G 644 19.40 -9.98 -32.23
N SER G 645 20.34 -10.93 -32.20
CA SER G 645 21.74 -10.60 -31.94
C SER G 645 22.31 -10.28 -33.31
N VAL G 646 22.52 -8.97 -33.61
CA VAL G 646 23.02 -8.53 -34.92
C VAL G 646 24.54 -8.34 -34.84
N LEU G 647 25.27 -8.83 -35.85
CA LEU G 647 26.75 -8.79 -35.90
C LEU G 647 27.23 -8.45 -37.32
N LEU G 648 28.20 -7.52 -37.44
CA LEU G 648 28.75 -7.10 -38.73
C LEU G 648 30.22 -7.49 -38.85
N LEU G 649 30.55 -8.46 -39.73
CA LEU G 649 31.92 -8.90 -39.99
C LEU G 649 32.41 -8.30 -41.30
N ALA G 650 33.71 -8.45 -41.58
CA ALA G 650 34.32 -7.93 -42.80
C ALA G 650 35.50 -8.80 -43.22
N TYR G 651 35.53 -9.23 -44.49
CA TYR G 651 36.64 -10.04 -45.00
C TYR G 651 37.79 -9.11 -45.31
N LYS G 652 38.95 -9.32 -44.69
CA LYS G 652 40.16 -8.52 -44.93
C LYS G 652 40.91 -9.25 -46.06
N PRO G 653 40.95 -8.74 -47.32
CA PRO G 653 41.61 -9.50 -48.40
C PRO G 653 43.12 -9.63 -48.28
N MET G 654 43.81 -8.54 -47.92
CA MET G 654 45.27 -8.55 -47.78
C MET G 654 45.72 -9.48 -46.63
N GLU G 655 44.95 -9.53 -45.52
CA GLU G 655 45.26 -10.39 -44.38
C GLU G 655 44.83 -11.84 -44.63
N GLY G 656 43.67 -12.03 -45.26
CA GLY G 656 43.13 -13.35 -45.54
C GLY G 656 42.43 -13.96 -44.34
N ASN G 657 41.57 -13.17 -43.68
CA ASN G 657 40.82 -13.59 -42.49
C ASN G 657 39.63 -12.64 -42.23
N PHE G 658 38.76 -13.00 -41.29
CA PHE G 658 37.58 -12.20 -40.93
C PHE G 658 37.89 -11.27 -39.78
N GLU G 659 37.20 -10.11 -39.74
CA GLU G 659 37.36 -9.11 -38.69
C GLU G 659 35.98 -8.57 -38.31
N GLU G 660 35.68 -8.49 -37.01
CA GLU G 660 34.40 -7.94 -36.55
C GLU G 660 34.47 -6.42 -36.57
N ILE G 661 33.47 -5.79 -37.20
CA ILE G 661 33.38 -4.33 -37.31
C ILE G 661 32.54 -3.76 -36.18
N ALA G 662 31.32 -4.28 -36.00
CA ALA G 662 30.41 -3.80 -34.96
C ALA G 662 29.31 -4.83 -34.67
N ARG G 663 28.47 -4.55 -33.65
CA ARG G 663 27.36 -5.44 -33.28
C ARG G 663 26.30 -4.72 -32.41
N ASP G 664 25.15 -5.38 -32.21
CA ASP G 664 24.09 -4.87 -31.35
C ASP G 664 23.20 -6.04 -30.90
N PHE G 665 23.43 -6.47 -29.66
CA PHE G 665 22.71 -7.59 -29.06
C PHE G 665 21.67 -7.12 -28.05
N ASN G 666 20.41 -7.08 -28.48
CA ASN G 666 19.25 -6.76 -27.63
C ASN G 666 18.39 -8.04 -27.72
N PRO G 667 18.15 -8.80 -26.63
CA PRO G 667 17.39 -10.05 -26.79
C PRO G 667 15.92 -9.86 -27.17
N ASN G 668 15.52 -10.43 -28.32
CA ASN G 668 14.14 -10.40 -28.84
C ASN G 668 14.05 -11.34 -30.04
N TRP G 669 12.89 -11.95 -30.32
CA TRP G 669 12.80 -12.89 -31.43
C TRP G 669 12.90 -12.20 -32.80
N MET G 670 13.89 -12.58 -33.63
CA MET G 670 14.09 -12.02 -34.97
C MET G 670 13.73 -13.07 -36.06
N SER G 671 12.92 -12.69 -37.06
CA SER G 671 12.42 -13.57 -38.11
C SER G 671 13.16 -13.46 -39.47
N ALA G 672 13.74 -12.28 -39.78
CA ALA G 672 14.45 -12.05 -41.04
C ALA G 672 15.39 -10.84 -40.92
N VAL G 673 16.39 -10.77 -41.82
CA VAL G 673 17.36 -9.67 -41.81
C VAL G 673 17.83 -9.35 -43.23
N GLU G 674 18.32 -8.11 -43.46
CA GLU G 674 18.80 -7.67 -44.78
C GLU G 674 19.70 -6.44 -44.68
N ILE G 675 20.64 -6.29 -45.62
CA ILE G 675 21.55 -5.15 -45.69
C ILE G 675 20.91 -4.15 -46.66
N LEU G 676 20.49 -2.97 -46.15
CA LEU G 676 19.87 -1.94 -46.99
C LEU G 676 20.92 -1.26 -47.86
N ASP G 677 21.96 -0.70 -47.22
CA ASP G 677 23.08 -0.05 -47.89
C ASP G 677 24.35 -0.38 -47.09
N ASP G 678 25.51 0.18 -47.46
CA ASP G 678 26.78 -0.10 -46.78
C ASP G 678 26.73 0.15 -45.26
N ASP G 679 25.91 1.14 -44.80
CA ASP G 679 25.82 1.50 -43.38
C ASP G 679 24.52 1.08 -42.68
N ASN G 680 23.40 0.84 -43.40
CA ASN G 680 22.12 0.46 -42.78
C ASN G 680 21.75 -1.02 -42.95
N PHE G 681 21.13 -1.61 -41.91
CA PHE G 681 20.71 -3.02 -41.88
C PHE G 681 19.29 -3.13 -41.36
N LEU G 682 18.38 -3.72 -42.15
CA LEU G 682 16.97 -3.90 -41.81
C LEU G 682 16.75 -5.28 -41.21
N GLY G 683 15.82 -5.37 -40.27
CA GLY G 683 15.43 -6.62 -39.64
C GLY G 683 13.96 -6.65 -39.26
N ALA G 684 13.44 -7.85 -38.96
CA ALA G 684 12.05 -8.04 -38.56
C ALA G 684 12.01 -8.74 -37.20
N GLU G 685 11.70 -7.98 -36.11
CA GLU G 685 11.71 -8.50 -34.74
C GLU G 685 10.29 -8.64 -34.14
N ASN G 686 10.21 -9.37 -32.99
CA ASN G 686 8.99 -9.78 -32.29
C ASN G 686 7.87 -8.78 -32.25
N ALA G 687 6.63 -9.33 -32.34
CA ALA G 687 5.37 -8.63 -32.36
C ALA G 687 5.26 -7.80 -33.63
N PHE G 688 5.56 -8.47 -34.78
CA PHE G 688 5.42 -7.96 -36.13
C PHE G 688 6.06 -6.58 -36.38
N ASN G 689 7.21 -6.30 -35.75
CA ASN G 689 7.90 -5.01 -35.91
C ASN G 689 9.02 -5.11 -36.92
N LEU G 690 9.39 -3.95 -37.49
CA LEU G 690 10.52 -3.78 -38.40
C LEU G 690 11.49 -2.88 -37.67
N PHE G 691 12.80 -3.08 -37.88
CA PHE G 691 13.80 -2.23 -37.22
C PHE G 691 14.99 -2.00 -38.11
N VAL G 692 15.67 -0.86 -37.93
CA VAL G 692 16.87 -0.52 -38.69
C VAL G 692 18.04 -0.25 -37.74
N CYS G 693 19.17 -0.90 -38.02
CA CYS G 693 20.42 -0.76 -37.28
C CYS G 693 21.36 0.00 -38.18
N GLN G 694 22.21 0.86 -37.62
CA GLN G 694 23.12 1.65 -38.43
C GLN G 694 24.55 1.64 -37.89
N LYS G 695 25.54 1.71 -38.82
CA LYS G 695 26.96 1.81 -38.48
C LYS G 695 27.17 3.22 -37.94
N ASP G 696 27.55 3.34 -36.65
CA ASP G 696 27.69 4.63 -35.98
C ASP G 696 28.69 5.59 -36.68
N SER G 697 28.18 6.74 -37.15
CA SER G 697 28.97 7.80 -37.79
C SER G 697 29.33 8.82 -36.71
N ALA G 698 30.30 9.71 -37.00
CA ALA G 698 30.81 10.70 -36.03
C ALA G 698 31.29 9.98 -34.75
N ALA G 699 31.98 8.83 -34.94
CA ALA G 699 32.48 7.98 -33.88
C ALA G 699 33.98 8.17 -33.69
N THR G 700 34.37 8.71 -32.54
CA THR G 700 35.77 8.96 -32.17
C THR G 700 36.34 7.70 -31.51
N THR G 701 35.64 7.19 -30.49
CA THR G 701 36.07 5.99 -29.74
C THR G 701 35.83 4.70 -30.52
N ASP G 702 36.66 3.69 -30.28
CA ASP G 702 36.52 2.36 -30.88
C ASP G 702 35.25 1.70 -30.33
N GLU G 703 35.00 1.88 -29.03
CA GLU G 703 33.82 1.37 -28.31
C GLU G 703 32.52 1.75 -29.03
N GLU G 704 32.34 3.04 -29.37
CA GLU G 704 31.13 3.50 -30.06
C GLU G 704 31.12 3.11 -31.55
N ARG G 705 32.32 3.06 -32.21
CA ARG G 705 32.44 2.60 -33.61
C ARG G 705 31.93 1.14 -33.74
N GLN G 706 32.24 0.31 -32.70
CA GLN G 706 31.86 -1.10 -32.63
C GLN G 706 30.40 -1.36 -32.20
N HIS G 707 29.53 -0.32 -32.15
CA HIS G 707 28.11 -0.50 -31.81
C HIS G 707 27.21 0.00 -32.91
N LEU G 708 26.21 -0.82 -33.28
CA LEU G 708 25.24 -0.44 -34.31
C LEU G 708 24.08 0.24 -33.58
N GLN G 709 23.76 1.50 -33.94
CA GLN G 709 22.69 2.22 -33.26
C GLN G 709 21.34 1.91 -33.88
N GLU G 710 20.30 1.65 -33.04
CA GLU G 710 18.94 1.40 -33.53
C GLU G 710 18.48 2.79 -34.00
N VAL G 711 18.26 2.93 -35.30
CA VAL G 711 17.89 4.22 -35.91
C VAL G 711 16.48 4.23 -36.50
N GLY G 712 15.75 3.14 -36.38
CA GLY G 712 14.40 3.07 -36.91
C GLY G 712 13.62 1.92 -36.32
N LEU G 713 12.33 2.16 -36.00
CA LEU G 713 11.41 1.17 -35.44
C LEU G 713 10.02 1.39 -36.04
N PHE G 714 9.28 0.31 -36.34
CA PHE G 714 7.94 0.43 -36.93
C PHE G 714 7.14 -0.85 -36.83
N HIS G 715 5.94 -0.79 -36.27
CA HIS G 715 5.07 -1.95 -36.15
C HIS G 715 4.33 -2.23 -37.48
N LEU G 716 4.92 -3.10 -38.31
CA LEU G 716 4.38 -3.51 -39.59
C LEU G 716 3.04 -4.21 -39.49
N GLY G 717 2.88 -5.07 -38.48
CA GLY G 717 1.66 -5.85 -38.28
C GLY G 717 1.62 -7.16 -39.05
N GLU G 718 2.78 -7.55 -39.66
CA GLU G 718 2.96 -8.79 -40.41
C GLU G 718 4.24 -9.47 -39.99
N PHE G 719 4.30 -10.80 -40.10
CA PHE G 719 5.50 -11.58 -39.75
C PHE G 719 6.34 -11.82 -41.03
N VAL G 720 7.49 -11.14 -41.13
CA VAL G 720 8.38 -11.25 -42.29
C VAL G 720 9.19 -12.52 -42.21
N ASN G 721 9.24 -13.27 -43.31
CA ASN G 721 10.01 -14.51 -43.43
C ASN G 721 11.21 -14.34 -44.36
N VAL G 722 11.07 -13.47 -45.39
CA VAL G 722 12.12 -13.27 -46.39
C VAL G 722 12.19 -11.82 -46.84
N PHE G 723 13.42 -11.29 -46.96
CA PHE G 723 13.71 -9.97 -47.49
C PHE G 723 14.42 -10.25 -48.80
N CYS G 724 14.09 -9.49 -49.86
CA CYS G 724 14.66 -9.73 -51.17
C CYS G 724 14.89 -8.42 -51.93
N HIS G 725 16.13 -8.17 -52.38
CA HIS G 725 16.42 -6.97 -53.16
C HIS G 725 15.84 -7.13 -54.57
N GLY G 726 15.07 -6.14 -55.01
CA GLY G 726 14.42 -6.16 -56.32
C GLY G 726 13.22 -5.25 -56.40
N SER G 727 12.60 -5.17 -57.59
CA SER G 727 11.41 -4.34 -57.81
C SER G 727 10.50 -4.95 -58.87
N LEU G 728 9.18 -4.83 -58.65
CA LEU G 728 8.17 -5.35 -59.58
C LEU G 728 7.69 -4.30 -60.60
N VAL G 729 8.45 -3.21 -60.80
CA VAL G 729 8.11 -2.16 -61.78
C VAL G 729 9.24 -2.04 -62.79
N MET G 730 9.01 -1.33 -63.91
CA MET G 730 10.03 -1.16 -64.95
C MET G 730 11.18 -0.34 -64.36
N GLN G 731 12.39 -0.90 -64.31
CA GLN G 731 13.52 -0.24 -63.62
C GLN G 731 13.96 1.11 -64.21
N ASN G 732 13.49 1.49 -65.43
CA ASN G 732 13.75 2.78 -66.06
C ASN G 732 15.23 2.89 -66.50
N LEU G 733 15.50 2.74 -67.83
CA LEU G 733 16.85 2.80 -68.41
C LEU G 733 17.50 4.16 -68.18
N GLY G 734 16.89 5.21 -68.71
CA GLY G 734 17.39 6.58 -68.55
C GLY G 734 17.13 7.07 -67.14
N GLU G 735 18.21 7.30 -66.35
CA GLU G 735 18.07 7.74 -64.95
C GLU G 735 17.57 9.19 -64.86
N THR G 736 16.28 9.34 -64.50
CA THR G 736 15.58 10.62 -64.35
C THR G 736 15.29 10.90 -62.87
N SER G 737 16.27 11.52 -62.16
CA SER G 737 16.24 11.91 -60.74
C SER G 737 15.19 11.19 -59.87
N THR G 738 15.51 9.96 -59.42
CA THR G 738 14.60 9.16 -58.59
C THR G 738 14.45 9.74 -57.18
N PRO G 739 13.21 9.88 -56.64
CA PRO G 739 13.06 10.39 -55.27
C PRO G 739 13.44 9.35 -54.21
N THR G 740 13.17 8.05 -54.47
CA THR G 740 13.48 6.94 -53.57
C THR G 740 14.73 6.20 -54.07
N GLN G 741 15.60 5.77 -53.15
CA GLN G 741 16.83 5.04 -53.45
C GLN G 741 16.74 3.62 -52.87
N GLY G 742 17.06 2.62 -53.69
CA GLY G 742 17.01 1.22 -53.28
C GLY G 742 15.62 0.62 -53.32
N SER G 743 15.51 -0.73 -53.25
CA SER G 743 14.23 -1.42 -53.26
C SER G 743 14.35 -2.82 -52.70
N VAL G 744 13.76 -3.06 -51.50
CA VAL G 744 13.78 -4.35 -50.82
C VAL G 744 12.36 -4.84 -50.63
N LEU G 745 11.98 -5.93 -51.31
CA LEU G 745 10.68 -6.55 -51.18
C LEU G 745 10.69 -7.52 -50.00
N PHE G 746 9.52 -7.93 -49.50
CA PHE G 746 9.47 -8.90 -48.41
C PHE G 746 8.20 -9.73 -48.38
N GLY G 747 8.37 -11.01 -48.02
CA GLY G 747 7.31 -12.00 -47.94
C GLY G 747 6.91 -12.24 -46.51
N THR G 748 5.62 -12.50 -46.26
CA THR G 748 5.10 -12.67 -44.90
C THR G 748 4.23 -13.93 -44.74
N VAL G 749 3.91 -14.23 -43.47
CA VAL G 749 3.09 -15.39 -43.09
C VAL G 749 1.64 -15.28 -43.62
N ASN G 750 1.09 -14.05 -43.75
CA ASN G 750 -0.29 -13.84 -44.22
C ASN G 750 -0.41 -13.63 -45.74
N GLY G 751 0.70 -13.78 -46.47
CA GLY G 751 0.69 -13.60 -47.92
C GLY G 751 0.86 -12.14 -48.34
N MET G 752 0.98 -11.19 -47.38
CA MET G 752 1.17 -9.78 -47.67
C MET G 752 2.59 -9.61 -48.20
N ILE G 753 2.77 -8.81 -49.26
CA ILE G 753 4.08 -8.52 -49.83
C ILE G 753 4.26 -7.02 -49.68
N GLY G 754 5.35 -6.61 -49.06
CA GLY G 754 5.64 -5.19 -48.87
C GLY G 754 6.95 -4.81 -49.53
N LEU G 755 7.19 -3.51 -49.67
CA LEU G 755 8.41 -2.98 -50.27
C LEU G 755 8.95 -1.91 -49.35
N VAL G 756 10.28 -1.90 -49.14
CA VAL G 756 10.98 -0.92 -48.30
C VAL G 756 11.95 -0.19 -49.22
N THR G 757 12.13 1.11 -48.97
CA THR G 757 13.06 1.93 -49.74
C THR G 757 13.58 3.08 -48.89
N SER G 758 14.73 3.67 -49.27
CA SER G 758 15.34 4.77 -48.52
C SER G 758 15.02 6.12 -49.15
N LEU G 759 14.92 7.16 -48.31
CA LEU G 759 14.61 8.54 -48.72
C LEU G 759 15.73 9.49 -48.29
N SER G 760 15.57 10.79 -48.61
CA SER G 760 16.47 11.85 -48.18
C SER G 760 15.88 12.50 -46.94
N GLU G 761 16.70 13.19 -46.13
CA GLU G 761 16.25 13.87 -44.90
C GLU G 761 15.10 14.83 -45.19
N SER G 762 15.21 15.61 -46.27
CA SER G 762 14.19 16.59 -46.69
C SER G 762 12.86 15.90 -47.00
N TRP G 763 12.90 14.88 -47.86
CA TRP G 763 11.70 14.12 -48.24
C TRP G 763 11.06 13.44 -47.04
N TYR G 764 11.89 12.93 -46.10
CA TYR G 764 11.39 12.27 -44.90
C TYR G 764 10.64 13.27 -44.01
N ASN G 765 11.29 14.38 -43.64
CA ASN G 765 10.68 15.40 -42.78
C ASN G 765 9.39 15.96 -43.39
N LEU G 766 9.32 16.05 -44.72
CA LEU G 766 8.10 16.50 -45.42
C LEU G 766 7.00 15.47 -45.22
N LEU G 767 7.30 14.21 -45.58
CA LEU G 767 6.34 13.11 -45.46
C LEU G 767 5.89 12.86 -44.02
N LEU G 768 6.80 13.00 -43.04
CA LEU G 768 6.49 12.81 -41.62
C LEU G 768 5.48 13.88 -41.18
N ASP G 769 5.75 15.16 -41.51
CA ASP G 769 4.85 16.27 -41.20
C ASP G 769 3.49 16.02 -41.87
N MET G 770 3.51 15.56 -43.12
CA MET G 770 2.30 15.25 -43.89
C MET G 770 1.50 14.11 -43.25
N GLN G 771 2.18 13.11 -42.67
CA GLN G 771 1.52 12.00 -41.99
C GLN G 771 0.69 12.50 -40.81
N ASN G 772 1.27 13.41 -40.02
CA ASN G 772 0.56 13.95 -38.84
C ASN G 772 -0.60 14.85 -39.25
N ARG G 773 -0.52 15.49 -40.43
CA ARG G 773 -1.61 16.30 -40.96
C ARG G 773 -2.71 15.37 -41.46
N LEU G 774 -2.32 14.34 -42.25
CA LEU G 774 -3.24 13.32 -42.79
C LEU G 774 -4.07 12.65 -41.70
N ASN G 775 -3.44 12.31 -40.57
CA ASN G 775 -4.11 11.66 -39.44
C ASN G 775 -5.29 12.46 -38.87
N LYS G 776 -5.22 13.80 -38.91
CA LYS G 776 -6.31 14.65 -38.40
C LYS G 776 -7.55 14.55 -39.27
N VAL G 777 -7.37 14.51 -40.61
CA VAL G 777 -8.48 14.45 -41.56
C VAL G 777 -8.97 13.03 -41.86
N ILE G 778 -8.11 12.00 -41.78
CA ILE G 778 -8.50 10.62 -42.11
C ILE G 778 -9.38 10.01 -41.01
N LYS G 779 -10.41 9.22 -41.41
CA LYS G 779 -11.33 8.56 -40.48
C LYS G 779 -10.90 7.11 -40.27
N SER G 780 -10.41 6.78 -39.05
CA SER G 780 -9.96 5.42 -38.72
C SER G 780 -11.14 4.54 -38.38
N VAL G 781 -11.12 3.27 -38.85
CA VAL G 781 -12.19 2.32 -38.53
C VAL G 781 -11.92 1.91 -37.08
N GLY G 782 -12.94 2.04 -36.23
CA GLY G 782 -12.81 1.77 -34.80
C GLY G 782 -12.12 2.88 -34.03
N LYS G 783 -11.88 4.04 -34.66
CA LYS G 783 -11.23 5.23 -34.08
C LYS G 783 -9.89 4.89 -33.39
N ILE G 784 -9.08 4.03 -34.03
CA ILE G 784 -7.75 3.66 -33.54
C ILE G 784 -6.77 4.70 -34.02
N GLU G 785 -5.89 5.20 -33.14
CA GLU G 785 -4.88 6.19 -33.54
C GLU G 785 -3.79 5.54 -34.38
N HIS G 786 -3.45 6.16 -35.53
CA HIS G 786 -2.40 5.67 -36.41
C HIS G 786 -1.08 5.61 -35.66
N SER G 787 -0.77 6.68 -34.92
CA SER G 787 0.45 6.79 -34.10
C SER G 787 0.56 5.58 -33.17
N PHE G 788 -0.52 5.25 -32.47
CA PHE G 788 -0.58 4.10 -31.57
C PHE G 788 -0.38 2.78 -32.33
N TRP G 789 -1.02 2.65 -33.48
CA TRP G 789 -0.94 1.44 -34.30
C TRP G 789 0.49 1.14 -34.75
N ARG G 790 1.13 2.09 -35.44
CA ARG G 790 2.49 1.89 -35.92
C ARG G 790 3.55 1.96 -34.82
N SER G 791 3.23 2.43 -33.59
CA SER G 791 4.21 2.45 -32.50
C SER G 791 4.78 1.06 -32.27
N PHE G 792 6.11 0.97 -32.15
CA PHE G 792 6.83 -0.29 -31.92
C PHE G 792 6.28 -0.94 -30.66
N HIS G 793 5.85 -2.21 -30.74
CA HIS G 793 5.24 -2.87 -29.59
C HIS G 793 5.74 -4.27 -29.33
N THR G 794 5.93 -4.60 -28.04
CA THR G 794 6.27 -5.91 -27.48
C THR G 794 5.71 -5.94 -26.03
N GLU G 795 5.73 -7.10 -25.37
CA GLU G 795 5.26 -7.20 -23.98
C GLU G 795 6.21 -6.41 -23.05
N ARG G 796 7.53 -6.47 -23.35
CA ARG G 796 8.58 -5.75 -22.61
C ARG G 796 8.39 -4.22 -22.70
N LYS G 797 8.46 -3.67 -23.94
CA LYS G 797 8.37 -2.23 -24.20
C LYS G 797 7.41 -1.90 -25.33
N THR G 798 6.94 -0.64 -25.35
CA THR G 798 6.10 -0.09 -26.43
C THR G 798 6.55 1.38 -26.67
N GLU G 799 7.42 1.61 -27.67
CA GLU G 799 7.95 2.96 -28.00
C GLU G 799 7.34 3.51 -29.30
N PRO G 800 7.38 4.85 -29.54
CA PRO G 800 6.81 5.37 -30.79
C PRO G 800 7.66 5.03 -32.02
N ALA G 801 7.02 5.00 -33.20
CA ALA G 801 7.70 4.66 -34.44
C ALA G 801 8.66 5.76 -34.86
N THR G 802 9.83 5.39 -35.38
CA THR G 802 10.86 6.33 -35.83
C THR G 802 11.56 5.83 -37.08
N GLY G 803 12.05 6.75 -37.89
CA GLY G 803 12.76 6.45 -39.13
C GLY G 803 12.01 5.65 -40.18
N PHE G 804 10.67 5.69 -40.15
CA PHE G 804 9.83 4.95 -41.08
C PHE G 804 8.63 5.77 -41.51
N ILE G 805 8.36 5.82 -42.82
CA ILE G 805 7.21 6.53 -43.38
C ILE G 805 6.23 5.48 -43.85
N ASP G 806 4.99 5.54 -43.33
CA ASP G 806 3.94 4.60 -43.71
C ASP G 806 3.40 5.01 -45.08
N GLY G 807 3.81 4.26 -46.10
CA GLY G 807 3.38 4.48 -47.47
C GLY G 807 1.91 4.23 -47.71
N ASP G 808 1.28 3.34 -46.94
CA ASP G 808 -0.16 3.10 -47.09
C ASP G 808 -0.96 4.36 -46.68
N LEU G 809 -0.49 5.06 -45.63
CA LEU G 809 -1.12 6.31 -45.18
C LEU G 809 -0.85 7.43 -46.17
N ILE G 810 0.40 7.55 -46.66
CA ILE G 810 0.77 8.59 -47.64
C ILE G 810 -0.04 8.39 -48.93
N GLU G 811 -0.07 7.17 -49.46
CA GLU G 811 -0.80 6.88 -50.69
C GLU G 811 -2.31 7.03 -50.56
N SER G 812 -2.87 6.95 -49.33
CA SER G 812 -4.31 7.18 -49.14
C SER G 812 -4.71 8.64 -49.45
N PHE G 813 -3.74 9.58 -49.52
CA PHE G 813 -3.97 10.99 -49.87
C PHE G 813 -4.63 11.13 -51.25
N LEU G 814 -4.31 10.25 -52.22
CA LEU G 814 -4.91 10.32 -53.56
C LEU G 814 -6.38 9.88 -53.61
N ASP G 815 -6.86 9.12 -52.61
CA ASP G 815 -8.24 8.61 -52.58
C ASP G 815 -9.20 9.42 -51.67
N ILE G 816 -8.85 10.66 -51.28
CA ILE G 816 -9.72 11.50 -50.43
C ILE G 816 -10.24 12.71 -51.21
N SER G 817 -11.21 13.43 -50.63
CA SER G 817 -11.85 14.59 -51.27
C SER G 817 -10.93 15.81 -51.31
N ARG G 818 -11.12 16.69 -52.32
CA ARG G 818 -10.33 17.91 -52.50
C ARG G 818 -10.40 18.89 -51.32
N PRO G 819 -11.56 19.19 -50.68
CA PRO G 819 -11.51 20.08 -49.50
C PRO G 819 -10.59 19.56 -48.39
N LYS G 820 -10.59 18.22 -48.16
CA LYS G 820 -9.72 17.59 -47.17
C LYS G 820 -8.25 17.61 -47.60
N MET G 821 -7.96 17.53 -48.92
CA MET G 821 -6.58 17.67 -49.41
C MET G 821 -6.13 19.11 -49.11
N GLN G 822 -7.04 20.08 -49.29
CA GLN G 822 -6.77 21.50 -49.00
C GLN G 822 -6.52 21.72 -47.51
N GLU G 823 -7.23 20.96 -46.62
CA GLU G 823 -7.02 21.04 -45.17
C GLU G 823 -5.60 20.60 -44.82
N VAL G 824 -5.12 19.47 -45.40
CA VAL G 824 -3.77 18.93 -45.14
C VAL G 824 -2.67 19.91 -45.58
N VAL G 825 -2.81 20.51 -46.78
CA VAL G 825 -1.81 21.48 -47.28
C VAL G 825 -2.01 22.91 -46.74
N ALA G 826 -3.01 23.15 -45.84
CA ALA G 826 -3.25 24.47 -45.27
C ALA G 826 -2.04 24.93 -44.44
N ASN G 827 -1.42 26.06 -44.84
CA ASN G 827 -0.23 26.63 -44.20
C ASN G 827 0.94 25.64 -44.19
N LEU G 828 1.18 24.97 -45.34
CA LEU G 828 2.25 23.98 -45.49
C LEU G 828 3.09 24.26 -46.72
N GLN G 829 4.42 24.21 -46.56
CA GLN G 829 5.35 24.40 -47.66
C GLN G 829 6.70 23.80 -47.32
N TYR G 830 7.40 23.26 -48.32
CA TYR G 830 8.72 22.68 -48.16
C TYR G 830 9.68 23.40 -49.11
N ASP G 831 9.50 23.21 -50.43
CA ASP G 831 10.36 23.80 -51.46
C ASP G 831 9.67 23.70 -52.83
N ASP G 832 9.90 24.70 -53.69
CA ASP G 832 9.33 24.78 -55.05
C ASP G 832 10.32 24.33 -56.14
N GLY G 833 11.57 24.05 -55.75
CA GLY G 833 12.66 23.64 -56.63
C GLY G 833 13.80 24.64 -56.57
N SER G 834 14.87 24.27 -55.84
CA SER G 834 16.09 25.07 -55.64
C SER G 834 15.84 26.39 -54.87
N GLY G 835 15.18 27.37 -55.51
CA GLY G 835 14.88 28.67 -54.91
C GLY G 835 13.46 29.13 -55.17
N MET G 836 13.06 30.26 -54.55
CA MET G 836 11.73 30.86 -54.66
C MET G 836 10.65 29.90 -54.11
N LYS G 837 10.63 29.73 -52.78
CA LYS G 837 9.69 28.83 -52.09
C LYS G 837 8.28 29.44 -52.01
N ARG G 838 7.22 28.63 -52.23
CA ARG G 838 5.83 29.10 -52.19
C ARG G 838 4.88 28.14 -51.45
N GLU G 839 3.64 28.59 -51.19
CA GLU G 839 2.58 27.84 -50.50
C GLU G 839 2.21 26.60 -51.33
N ALA G 840 2.20 25.40 -50.71
CA ALA G 840 1.91 24.15 -51.42
C ALA G 840 0.41 23.98 -51.73
N THR G 841 0.10 23.53 -52.96
CA THR G 841 -1.27 23.29 -53.44
C THR G 841 -1.51 21.79 -53.49
N ALA G 842 -2.79 21.37 -53.54
CA ALA G 842 -3.12 19.95 -53.61
C ALA G 842 -2.61 19.32 -54.91
N ASP G 843 -2.58 20.08 -56.01
CA ASP G 843 -2.08 19.59 -57.30
C ASP G 843 -0.57 19.29 -57.24
N ASP G 844 0.20 20.10 -56.47
CA ASP G 844 1.64 19.85 -56.29
C ASP G 844 1.85 18.53 -55.55
N LEU G 845 1.14 18.38 -54.41
CA LEU G 845 1.25 17.20 -53.56
C LEU G 845 0.71 15.94 -54.25
N ILE G 846 -0.36 16.05 -55.06
CA ILE G 846 -0.89 14.92 -55.83
C ILE G 846 0.22 14.43 -56.78
N LYS G 847 0.98 15.35 -57.38
CA LYS G 847 2.08 15.00 -58.29
C LYS G 847 3.17 14.19 -57.55
N VAL G 848 3.48 14.58 -56.30
CA VAL G 848 4.49 13.87 -55.50
C VAL G 848 4.01 12.48 -55.06
N VAL G 849 2.78 12.35 -54.56
CA VAL G 849 2.24 11.04 -54.12
C VAL G 849 2.07 10.12 -55.35
N GLU G 850 1.73 10.70 -56.52
CA GLU G 850 1.62 9.92 -57.76
C GLU G 850 2.99 9.36 -58.14
N GLU G 851 4.10 10.10 -57.86
CA GLU G 851 5.44 9.60 -58.14
C GLU G 851 5.77 8.42 -57.20
N LEU G 852 5.30 8.47 -55.93
CA LEU G 852 5.54 7.38 -54.97
C LEU G 852 4.80 6.09 -55.34
N THR G 853 3.56 6.19 -55.87
CA THR G 853 2.79 5.00 -56.28
C THR G 853 3.45 4.19 -57.41
N ARG G 854 4.38 4.80 -58.16
CA ARG G 854 5.08 4.14 -59.26
C ARG G 854 6.21 3.20 -58.81
N ILE G 855 6.55 3.11 -57.49
CA ILE G 855 7.61 2.19 -57.03
C ILE G 855 7.12 0.74 -56.93
N HIS G 856 5.79 0.48 -56.98
CA HIS G 856 5.22 -0.86 -56.88
C HIS G 856 4.02 -1.04 -57.82
N GLY H 53 11.23 -8.60 4.94
CA GLY H 53 10.55 -8.54 3.66
C GLY H 53 11.48 -8.66 2.47
N ARG H 54 11.26 -7.84 1.43
CA ARG H 54 12.07 -7.83 0.20
C ARG H 54 12.15 -6.41 -0.39
N THR H 55 13.37 -5.84 -0.46
CA THR H 55 13.63 -4.49 -1.00
C THR H 55 14.14 -4.63 -2.45
N LEU H 56 13.35 -4.17 -3.46
CA LEU H 56 13.74 -4.27 -4.87
C LEU H 56 13.62 -2.93 -5.63
N HIS H 57 14.68 -2.56 -6.38
CA HIS H 57 14.74 -1.32 -7.15
C HIS H 57 14.13 -1.48 -8.55
N ASP H 58 13.83 -0.35 -9.21
CA ASP H 58 13.23 -0.36 -10.54
C ASP H 58 14.24 -0.73 -11.62
N ASP H 59 13.74 -1.31 -12.71
CA ASP H 59 14.55 -1.72 -13.87
C ASP H 59 15.18 -0.49 -14.54
N ASP H 60 16.48 -0.58 -14.90
CA ASP H 60 17.25 0.51 -15.52
C ASP H 60 17.40 1.75 -14.60
N SER H 61 17.13 1.62 -13.29
CA SER H 61 17.22 2.74 -12.35
C SER H 61 18.65 2.92 -11.86
N CYS H 62 19.02 4.17 -11.56
CA CYS H 62 20.34 4.52 -11.06
C CYS H 62 20.29 4.50 -9.54
N GLN H 63 21.18 3.72 -8.90
CA GLN H 63 21.25 3.59 -7.44
C GLN H 63 22.69 3.68 -6.99
N VAL H 64 22.91 4.06 -5.72
CA VAL H 64 24.25 4.14 -5.13
C VAL H 64 24.24 3.24 -3.92
N ILE H 65 25.09 2.18 -3.90
CA ILE H 65 25.13 1.26 -2.76
C ILE H 65 26.56 0.95 -2.31
N PRO H 66 26.75 0.65 -1.00
CA PRO H 66 28.10 0.37 -0.50
C PRO H 66 28.68 -0.95 -0.98
N VAL H 67 30.01 -1.06 -0.96
CA VAL H 67 30.74 -2.27 -1.35
C VAL H 67 31.56 -2.71 -0.14
N LEU H 68 31.41 -3.97 0.30
CA LEU H 68 32.20 -4.49 1.41
C LEU H 68 33.60 -4.78 0.91
N PRO H 69 34.65 -4.13 1.45
CA PRO H 69 36.01 -4.33 0.89
C PRO H 69 36.56 -5.74 1.00
N GLN H 70 36.17 -6.51 2.03
CA GLN H 70 36.66 -7.89 2.19
C GLN H 70 36.21 -8.83 1.06
N VAL H 71 35.04 -8.55 0.45
CA VAL H 71 34.44 -9.41 -0.57
C VAL H 71 35.19 -9.33 -1.91
N MET H 72 35.20 -10.45 -2.65
CA MET H 72 35.79 -10.55 -3.98
C MET H 72 35.09 -11.53 -4.93
N MET H 73 34.67 -12.70 -4.43
CA MET H 73 34.02 -13.69 -5.28
C MET H 73 32.71 -13.20 -5.88
N ILE H 74 32.43 -13.59 -7.15
CA ILE H 74 31.22 -13.21 -7.90
C ILE H 74 29.98 -13.77 -7.18
N LEU H 75 28.93 -12.95 -7.05
CA LEU H 75 27.67 -13.37 -6.43
C LEU H 75 26.58 -13.42 -7.48
N ILE H 76 26.02 -14.61 -7.76
CA ILE H 76 24.96 -14.76 -8.75
C ILE H 76 23.58 -14.54 -8.10
N PRO H 77 22.67 -13.80 -8.77
CA PRO H 77 21.31 -13.67 -8.21
C PRO H 77 20.75 -15.00 -7.68
N GLY H 78 20.27 -15.00 -6.45
CA GLY H 78 19.69 -16.18 -5.84
C GLY H 78 20.60 -16.90 -4.88
N GLN H 79 21.88 -17.09 -5.24
CA GLN H 79 22.79 -17.81 -4.34
C GLN H 79 23.12 -16.96 -3.07
N THR H 80 23.39 -17.66 -1.95
CA THR H 80 23.67 -17.04 -0.66
C THR H 80 25.15 -16.68 -0.52
N LEU H 81 25.42 -15.59 0.21
CA LEU H 81 26.77 -15.13 0.52
C LEU H 81 26.95 -15.09 2.03
N PRO H 82 27.66 -16.08 2.61
CA PRO H 82 27.95 -16.02 4.06
C PRO H 82 29.16 -15.12 4.30
N LEU H 83 29.13 -14.30 5.36
CA LEU H 83 30.22 -13.37 5.69
C LEU H 83 30.63 -13.46 7.15
N GLN H 84 31.93 -13.25 7.42
CA GLN H 84 32.53 -13.25 8.75
C GLN H 84 33.21 -11.89 8.90
N LEU H 85 32.66 -10.98 9.72
CA LEU H 85 33.23 -9.63 9.89
C LEU H 85 33.90 -9.45 11.26
N PHE H 86 35.09 -8.88 11.26
CA PHE H 86 35.90 -8.61 12.46
C PHE H 86 36.12 -7.10 12.67
N HIS H 87 36.38 -6.35 11.58
CA HIS H 87 36.69 -4.93 11.68
C HIS H 87 35.46 -4.09 12.04
N PRO H 88 35.56 -3.15 13.02
CA PRO H 88 34.37 -2.37 13.43
C PRO H 88 33.68 -1.61 12.31
N GLN H 89 34.42 -1.09 11.32
CA GLN H 89 33.80 -0.37 10.20
C GLN H 89 32.88 -1.28 9.37
N GLU H 90 33.24 -2.57 9.21
CA GLU H 90 32.42 -3.53 8.47
C GLU H 90 31.19 -3.91 9.28
N VAL H 91 31.37 -4.14 10.59
CA VAL H 91 30.26 -4.51 11.46
C VAL H 91 29.28 -3.34 11.56
N SER H 92 29.78 -2.14 11.86
CA SER H 92 28.97 -0.93 11.98
C SER H 92 28.22 -0.61 10.69
N MET H 93 28.88 -0.78 9.52
CA MET H 93 28.24 -0.53 8.23
C MET H 93 27.08 -1.51 8.02
N VAL H 94 27.30 -2.81 8.31
CA VAL H 94 26.25 -3.81 8.18
C VAL H 94 25.10 -3.52 9.16
N ARG H 95 25.40 -3.12 10.41
CA ARG H 95 24.34 -2.78 11.37
C ARG H 95 23.47 -1.64 10.85
N ASN H 96 24.06 -0.66 10.10
CA ASN H 96 23.27 0.45 9.54
C ASN H 96 22.39 -0.10 8.41
N LEU H 97 22.94 -0.96 7.54
CA LEU H 97 22.16 -1.55 6.43
C LEU H 97 20.97 -2.34 6.98
N ILE H 98 21.17 -3.11 8.05
CA ILE H 98 20.11 -3.89 8.70
C ILE H 98 18.90 -2.98 9.02
N GLN H 99 19.15 -1.74 9.46
CA GLN H 99 18.07 -0.79 9.76
C GLN H 99 17.59 -0.12 8.48
N LYS H 100 18.52 0.38 7.62
CA LYS H 100 18.18 1.06 6.36
C LYS H 100 17.42 0.14 5.36
N ASP H 101 18.09 -0.43 4.33
CA ASP H 101 17.42 -1.25 3.30
C ASP H 101 17.92 -2.69 3.19
N ARG H 102 19.00 -3.05 3.93
CA ARG H 102 19.64 -4.37 3.96
C ARG H 102 20.47 -4.68 2.71
N THR H 103 20.57 -3.76 1.73
CA THR H 103 21.24 -4.04 0.45
C THR H 103 22.63 -3.41 0.30
N PHE H 104 23.58 -4.18 -0.27
CA PHE H 104 24.93 -3.70 -0.58
C PHE H 104 25.35 -4.31 -1.93
N ALA H 105 26.37 -3.74 -2.56
CA ALA H 105 26.87 -4.19 -3.86
C ALA H 105 28.00 -5.23 -3.73
N VAL H 106 27.99 -6.23 -4.61
CA VAL H 106 29.04 -7.26 -4.69
C VAL H 106 29.58 -7.12 -6.11
N LEU H 107 30.79 -6.56 -6.24
CA LEU H 107 31.39 -6.31 -7.55
C LEU H 107 31.98 -7.58 -8.15
N ALA H 108 31.77 -7.74 -9.48
CA ALA H 108 32.28 -8.85 -10.25
C ALA H 108 33.61 -8.41 -10.82
N TYR H 109 34.70 -8.67 -10.09
CA TYR H 109 36.03 -8.22 -10.49
C TYR H 109 36.62 -8.98 -11.67
N SER H 110 37.17 -8.24 -12.64
CA SER H 110 37.89 -8.78 -13.78
C SER H 110 39.33 -9.05 -13.29
N ASN H 111 39.85 -8.14 -12.42
CA ASN H 111 41.17 -8.24 -11.79
C ASN H 111 41.02 -7.75 -10.33
N VAL H 112 41.02 -8.68 -9.38
CA VAL H 112 40.89 -8.37 -7.95
C VAL H 112 42.15 -7.68 -7.37
N GLN H 113 43.33 -7.86 -8.00
CA GLN H 113 44.58 -7.21 -7.54
C GLN H 113 44.45 -5.69 -7.67
N GLU H 114 44.02 -5.22 -8.85
CA GLU H 114 43.82 -3.79 -9.15
C GLU H 114 42.38 -3.31 -8.81
N ARG H 115 41.46 -4.24 -8.43
CA ARG H 115 40.07 -3.95 -8.07
C ARG H 115 39.32 -3.34 -9.25
N GLU H 116 39.33 -4.06 -10.40
CA GLU H 116 38.70 -3.65 -11.66
C GLU H 116 37.38 -4.38 -11.84
N ALA H 117 36.23 -3.67 -11.86
CA ALA H 117 34.92 -4.31 -12.04
C ALA H 117 33.98 -3.46 -12.89
N GLN H 118 33.31 -4.10 -13.86
CA GLN H 118 32.35 -3.46 -14.78
C GLN H 118 30.90 -3.81 -14.43
N PHE H 119 30.65 -4.95 -13.73
CA PHE H 119 29.32 -5.39 -13.34
C PHE H 119 29.31 -5.90 -11.91
N GLY H 120 28.14 -6.35 -11.46
CA GLY H 120 28.01 -6.95 -10.13
C GLY H 120 26.59 -7.31 -9.76
N THR H 121 26.36 -7.65 -8.49
CA THR H 121 25.04 -8.06 -8.00
C THR H 121 24.74 -7.47 -6.63
N THR H 122 23.52 -6.95 -6.44
CA THR H 122 23.07 -6.40 -5.16
C THR H 122 22.78 -7.57 -4.20
N ALA H 123 23.30 -7.49 -2.98
CA ALA H 123 23.15 -8.53 -1.97
C ALA H 123 22.27 -8.01 -0.83
N GLU H 124 21.14 -8.68 -0.57
CA GLU H 124 20.25 -8.29 0.52
C GLU H 124 20.55 -9.14 1.75
N ILE H 125 20.81 -8.50 2.90
CA ILE H 125 21.09 -9.22 4.15
C ILE H 125 19.80 -9.82 4.66
N TYR H 126 19.82 -11.11 5.01
CA TYR H 126 18.67 -11.81 5.57
C TYR H 126 18.94 -12.49 6.92
N ALA H 127 20.17 -12.40 7.47
CA ALA H 127 20.51 -13.02 8.75
C ALA H 127 21.77 -12.38 9.37
N TYR H 128 21.72 -12.01 10.66
CA TYR H 128 22.83 -11.38 11.38
C TYR H 128 22.93 -12.05 12.75
N ARG H 129 24.14 -12.39 13.23
CA ARG H 129 24.32 -13.04 14.52
C ARG H 129 25.75 -12.82 15.01
N GLU H 130 25.90 -12.35 16.26
CA GLU H 130 27.18 -12.03 16.87
C GLU H 130 27.75 -13.26 17.56
N GLU H 131 28.58 -14.03 16.86
CA GLU H 131 29.15 -15.27 17.41
C GLU H 131 30.54 -15.08 18.01
N GLN H 132 31.05 -16.16 18.60
CA GLN H 132 32.38 -16.27 19.17
C GLN H 132 32.98 -17.53 18.59
N ASP H 133 34.22 -17.45 18.07
CA ASP H 133 34.89 -18.61 17.47
C ASP H 133 36.38 -18.53 17.69
N PHE H 134 36.99 -19.60 18.24
CA PHE H 134 38.42 -19.69 18.53
C PHE H 134 38.93 -18.56 19.45
N GLY H 135 38.07 -18.10 20.36
CA GLY H 135 38.38 -17.01 21.28
C GLY H 135 38.39 -15.65 20.62
N ILE H 136 37.70 -15.52 19.48
CA ILE H 136 37.59 -14.29 18.69
C ILE H 136 36.12 -13.95 18.62
N GLU H 137 35.76 -12.69 18.88
CA GLU H 137 34.36 -12.27 18.78
C GLU H 137 34.13 -11.78 17.34
N ILE H 138 33.35 -12.54 16.54
CA ILE H 138 33.12 -12.23 15.12
C ILE H 138 31.63 -12.26 14.79
N VAL H 139 31.14 -11.31 13.95
CA VAL H 139 29.73 -11.31 13.56
C VAL H 139 29.58 -12.06 12.24
N LYS H 140 28.59 -12.95 12.18
CA LYS H 140 28.32 -13.76 11.00
C LYS H 140 27.02 -13.29 10.37
N VAL H 141 27.08 -13.00 9.06
CA VAL H 141 25.96 -12.45 8.30
C VAL H 141 25.71 -13.26 7.04
N LYS H 142 24.43 -13.43 6.66
CA LYS H 142 24.05 -14.13 5.43
C LYS H 142 23.28 -13.17 4.55
N ALA H 143 23.69 -13.05 3.30
CA ALA H 143 23.00 -12.19 2.34
C ALA H 143 22.67 -13.03 1.13
N ILE H 144 21.71 -12.57 0.32
CA ILE H 144 21.28 -13.30 -0.87
C ILE H 144 21.36 -12.37 -2.09
N GLY H 145 21.81 -12.90 -3.23
CA GLY H 145 21.94 -12.13 -4.46
C GLY H 145 20.57 -11.76 -5.01
N ARG H 146 20.35 -10.49 -5.34
CA ARG H 146 19.08 -10.02 -5.86
C ARG H 146 19.24 -9.46 -7.27
N GLN H 147 19.26 -8.14 -7.49
CA GLN H 147 19.41 -7.59 -8.84
C GLN H 147 20.85 -7.57 -9.35
N ARG H 148 21.01 -7.60 -10.69
CA ARG H 148 22.30 -7.49 -11.37
C ARG H 148 22.48 -6.03 -11.75
N PHE H 149 23.73 -5.56 -11.88
CA PHE H 149 23.98 -4.17 -12.25
C PHE H 149 25.22 -3.96 -13.10
N LYS H 150 25.29 -2.76 -13.70
CA LYS H 150 26.40 -2.26 -14.49
C LYS H 150 27.04 -1.17 -13.63
N VAL H 151 28.36 -1.18 -13.50
CA VAL H 151 29.10 -0.23 -12.69
C VAL H 151 29.26 1.09 -13.43
N LEU H 152 28.88 2.21 -12.80
CA LEU H 152 29.04 3.53 -13.41
C LEU H 152 30.20 4.29 -12.77
N GLU H 153 30.19 4.44 -11.43
CA GLU H 153 31.23 5.14 -10.67
C GLU H 153 31.60 4.34 -9.41
N LEU H 154 32.89 4.37 -9.02
CA LEU H 154 33.38 3.68 -7.82
C LEU H 154 34.13 4.66 -6.91
N ARG H 155 33.36 5.52 -6.22
CA ARG H 155 33.94 6.52 -5.32
C ARG H 155 34.33 5.84 -4.00
N THR H 156 35.58 6.03 -3.54
CA THR H 156 36.04 5.44 -2.28
C THR H 156 35.95 6.53 -1.19
N GLN H 157 35.33 6.21 -0.04
CA GLN H 157 35.13 7.20 1.02
C GLN H 157 36.29 7.26 2.01
N SER H 158 36.36 8.39 2.75
CA SER H 158 37.38 8.68 3.76
C SER H 158 37.54 7.60 4.85
N ASP H 159 36.45 6.89 5.19
CA ASP H 159 36.48 5.83 6.20
C ASP H 159 37.22 4.55 5.73
N GLY H 160 37.07 4.20 4.45
CA GLY H 160 37.69 3.00 3.88
C GLY H 160 36.75 2.28 2.93
N ILE H 161 35.50 2.04 3.38
CA ILE H 161 34.44 1.41 2.59
C ILE H 161 34.14 2.29 1.37
N GLN H 162 33.77 1.68 0.21
CA GLN H 162 33.55 2.47 -1.00
C GLN H 162 32.11 2.36 -1.50
N GLN H 163 31.54 3.49 -1.93
CA GLN H 163 30.19 3.53 -2.52
C GLN H 163 30.31 3.17 -3.99
N ALA H 164 29.17 2.91 -4.65
CA ALA H 164 29.17 2.55 -6.06
C ALA H 164 27.91 2.99 -6.78
N LYS H 165 28.04 3.94 -7.74
CA LYS H 165 26.91 4.40 -8.56
C LYS H 165 26.71 3.27 -9.56
N VAL H 166 25.49 2.76 -9.65
CA VAL H 166 25.19 1.59 -10.43
C VAL H 166 23.86 1.68 -11.16
N GLN H 167 23.78 1.06 -12.35
CA GLN H 167 22.54 1.02 -13.14
C GLN H 167 22.00 -0.42 -13.08
N ILE H 168 20.74 -0.60 -12.64
CA ILE H 168 20.13 -1.92 -12.48
C ILE H 168 19.83 -2.53 -13.85
N LEU H 169 20.40 -3.71 -14.14
CA LEU H 169 20.17 -4.40 -15.40
C LEU H 169 18.89 -5.24 -15.26
N PRO H 170 17.92 -5.07 -16.17
CA PRO H 170 16.65 -5.81 -16.04
C PRO H 170 16.73 -7.27 -16.47
N GLU H 171 15.78 -8.09 -15.98
CA GLU H 171 15.70 -9.50 -16.35
C GLU H 171 14.88 -9.56 -17.62
N CYS H 172 15.50 -9.91 -18.75
CA CYS H 172 14.79 -10.00 -20.02
C CYS H 172 13.90 -11.25 -20.07
N VAL H 173 12.57 -11.08 -20.19
CA VAL H 173 11.62 -12.19 -20.27
C VAL H 173 10.86 -12.08 -21.60
N LEU H 174 11.03 -13.06 -22.51
CA LEU H 174 10.38 -13.06 -23.82
C LEU H 174 9.25 -14.07 -23.88
N PRO H 175 8.27 -13.87 -24.78
CA PRO H 175 7.18 -14.87 -24.92
C PRO H 175 7.66 -16.08 -25.69
N SER H 176 6.78 -17.07 -25.87
CA SER H 176 7.15 -18.25 -26.65
C SER H 176 7.55 -17.81 -28.04
N THR H 177 8.59 -18.42 -28.60
CA THR H 177 9.06 -18.13 -29.96
C THR H 177 7.89 -18.24 -31.00
N MET H 178 6.92 -19.15 -30.75
CA MET H 178 5.74 -19.37 -31.60
C MET H 178 4.54 -18.46 -31.29
N SER H 179 4.52 -17.76 -30.14
CA SER H 179 3.41 -16.89 -29.71
C SER H 179 2.87 -15.98 -30.81
N ALA H 180 3.77 -15.39 -31.60
CA ALA H 180 3.41 -14.49 -32.70
C ALA H 180 2.74 -15.25 -33.86
N VAL H 181 3.43 -16.28 -34.35
CA VAL H 181 3.00 -17.06 -35.51
C VAL H 181 1.91 -18.13 -35.24
N GLN H 182 1.52 -18.41 -33.97
CA GLN H 182 0.52 -19.45 -33.70
C GLN H 182 -0.83 -19.14 -34.37
N LEU H 183 -1.43 -20.15 -35.03
CA LEU H 183 -2.72 -20.00 -35.70
C LEU H 183 -3.80 -20.04 -34.63
N GLU H 184 -4.81 -19.17 -34.75
CA GLU H 184 -5.93 -19.08 -33.79
C GLU H 184 -6.60 -20.44 -33.60
N SER H 185 -6.82 -21.19 -34.67
CA SER H 185 -7.42 -22.52 -34.61
C SER H 185 -6.59 -23.48 -33.73
N LEU H 186 -5.25 -23.44 -33.89
CA LEU H 186 -4.32 -24.28 -33.14
C LEU H 186 -3.98 -23.76 -31.74
N ASN H 187 -4.47 -22.57 -31.32
CA ASN H 187 -4.19 -22.06 -29.97
C ASN H 187 -4.69 -23.03 -28.88
N LYS H 188 -5.88 -23.63 -29.09
CA LYS H 188 -6.48 -24.59 -28.15
C LYS H 188 -5.68 -25.90 -27.99
N CYS H 189 -4.87 -26.28 -29.01
CA CYS H 189 -4.04 -27.48 -28.97
C CYS H 189 -2.65 -27.24 -28.36
N GLN H 190 -2.22 -25.99 -28.13
CA GLN H 190 -0.87 -25.80 -27.62
C GLN H 190 -0.74 -26.08 -26.09
N ILE H 191 -1.86 -26.31 -25.35
CA ILE H 191 -1.79 -26.73 -23.94
C ILE H 191 -1.63 -28.25 -23.90
N PHE H 192 -0.71 -28.75 -23.05
CA PHE H 192 -0.39 -30.17 -22.89
C PHE H 192 -1.16 -30.82 -21.74
N PRO H 193 -1.53 -32.11 -21.85
CA PRO H 193 -2.27 -32.77 -20.76
C PRO H 193 -1.33 -33.32 -19.67
N SER H 194 -0.80 -32.43 -18.83
CA SER H 194 0.09 -32.74 -17.70
C SER H 194 1.46 -33.36 -18.10
N LYS H 195 2.36 -33.45 -17.12
CA LYS H 195 3.71 -34.01 -17.28
C LYS H 195 3.69 -35.52 -16.94
N PRO H 196 4.58 -36.35 -17.55
CA PRO H 196 4.58 -37.78 -17.22
C PRO H 196 5.19 -38.10 -15.85
N VAL H 197 6.04 -37.16 -15.30
CA VAL H 197 6.80 -37.18 -14.03
C VAL H 197 7.16 -38.62 -13.52
N SER H 198 7.58 -39.47 -14.46
CA SER H 198 8.08 -40.81 -14.22
C SER H 198 9.47 -40.72 -14.83
N ARG H 199 10.51 -40.70 -13.97
CA ARG H 199 11.92 -40.57 -14.41
C ARG H 199 12.21 -41.25 -15.75
N GLU H 200 11.75 -42.51 -15.90
CA GLU H 200 11.94 -43.33 -17.11
C GLU H 200 11.18 -42.78 -18.32
N ASP H 201 9.91 -42.38 -18.14
CA ASP H 201 9.04 -41.90 -19.23
C ASP H 201 9.45 -40.53 -19.81
N GLN H 202 9.95 -39.61 -18.96
CA GLN H 202 10.40 -38.34 -19.49
C GLN H 202 11.93 -38.42 -19.93
N CYS H 203 12.73 -39.36 -19.36
CA CYS H 203 14.10 -39.59 -19.83
C CYS H 203 14.03 -40.20 -21.25
N SER H 204 12.95 -40.99 -21.53
CA SER H 204 12.67 -41.56 -22.85
C SER H 204 12.31 -40.42 -23.80
N TYR H 205 13.11 -40.26 -24.87
CA TYR H 205 12.98 -39.19 -25.86
C TYR H 205 11.66 -39.19 -26.66
N LYS H 206 10.81 -40.22 -26.55
CA LYS H 206 9.54 -40.26 -27.27
C LYS H 206 8.59 -39.12 -26.81
N TRP H 207 8.61 -38.76 -25.51
CA TRP H 207 7.78 -37.66 -25.00
C TRP H 207 8.27 -36.31 -25.53
N TRP H 208 9.60 -36.10 -25.53
CA TRP H 208 10.21 -34.86 -26.04
C TRP H 208 9.99 -34.70 -27.53
N GLN H 209 9.85 -35.83 -28.25
CA GLN H 209 9.54 -35.82 -29.68
C GLN H 209 8.10 -35.27 -29.87
N LYS H 210 7.11 -35.78 -29.02
CA LYS H 210 5.70 -35.33 -29.04
C LYS H 210 5.59 -33.86 -28.64
N TYR H 211 6.40 -33.44 -27.65
CA TYR H 211 6.46 -32.06 -27.16
C TYR H 211 6.89 -31.09 -28.27
N GLN H 212 7.94 -31.46 -29.01
CA GLN H 212 8.47 -30.65 -30.11
C GLN H 212 7.44 -30.54 -31.22
N LYS H 213 6.90 -31.69 -31.66
CA LYS H 213 5.89 -31.75 -32.72
C LYS H 213 4.68 -30.87 -32.42
N ARG H 214 4.22 -30.83 -31.15
CA ARG H 214 3.06 -30.04 -30.75
C ARG H 214 3.36 -28.58 -30.53
N LYS H 215 4.36 -28.27 -29.69
CA LYS H 215 4.67 -26.87 -29.37
C LYS H 215 5.12 -26.06 -30.58
N PHE H 216 5.98 -26.62 -31.44
CA PHE H 216 6.52 -25.92 -32.61
C PHE H 216 5.91 -26.36 -33.92
N HIS H 217 4.62 -26.73 -33.93
CA HIS H 217 3.97 -27.13 -35.18
C HIS H 217 4.01 -25.98 -36.18
N CYS H 218 3.71 -24.75 -35.72
CA CYS H 218 3.70 -23.57 -36.59
C CYS H 218 5.08 -23.12 -37.09
N ALA H 219 6.16 -23.89 -36.84
CA ALA H 219 7.46 -23.62 -37.41
C ALA H 219 7.35 -23.74 -38.95
N ASN H 220 6.39 -24.55 -39.45
CA ASN H 220 6.10 -24.69 -40.89
C ASN H 220 5.71 -23.37 -41.56
N LEU H 221 5.10 -22.41 -40.82
CA LEU H 221 4.75 -21.08 -41.34
C LEU H 221 6.00 -20.22 -41.49
N THR H 222 7.05 -20.51 -40.68
CA THR H 222 8.28 -19.72 -40.66
C THR H 222 9.33 -20.30 -41.62
N SER H 223 10.52 -19.70 -41.61
CA SER H 223 11.67 -20.09 -42.44
C SER H 223 12.60 -21.12 -41.75
N TRP H 224 12.26 -21.59 -40.51
CA TRP H 224 13.10 -22.54 -39.76
C TRP H 224 12.34 -23.77 -39.29
N PRO H 225 13.05 -24.88 -38.99
CA PRO H 225 12.36 -26.10 -38.51
C PRO H 225 12.08 -26.13 -37.01
N ARG H 226 11.27 -27.12 -36.60
CA ARG H 226 10.88 -27.30 -35.20
C ARG H 226 12.11 -27.47 -34.33
N TRP H 227 13.03 -28.34 -34.76
CA TRP H 227 14.26 -28.59 -34.01
C TRP H 227 15.11 -27.37 -33.78
N LEU H 228 15.02 -26.33 -34.64
CA LEU H 228 15.76 -25.10 -34.39
C LEU H 228 15.10 -24.38 -33.24
N TYR H 229 13.77 -24.30 -33.25
CA TYR H 229 13.06 -23.61 -32.17
C TYR H 229 13.30 -24.27 -30.80
N SER H 230 13.53 -25.61 -30.77
CA SER H 230 13.85 -26.31 -29.52
C SER H 230 15.19 -25.83 -28.94
N LEU H 231 16.14 -25.39 -29.80
CA LEU H 231 17.44 -24.90 -29.34
C LEU H 231 17.32 -23.58 -28.59
N TYR H 232 16.19 -22.84 -28.75
CA TYR H 232 15.92 -21.61 -28.02
C TYR H 232 14.72 -21.79 -27.07
N ASP H 233 14.40 -23.05 -26.68
CA ASP H 233 13.27 -23.34 -25.79
C ASP H 233 13.76 -23.51 -24.36
N ALA H 234 13.16 -22.80 -23.39
CA ALA H 234 13.56 -22.89 -21.99
C ALA H 234 13.49 -24.30 -21.42
N GLU H 235 12.30 -24.94 -21.51
CA GLU H 235 12.08 -26.29 -20.97
C GLU H 235 13.03 -27.35 -21.53
N THR H 236 13.26 -27.33 -22.85
CA THR H 236 14.18 -28.27 -23.50
C THR H 236 15.61 -28.03 -23.03
N LEU H 237 16.03 -26.74 -23.00
CA LEU H 237 17.37 -26.38 -22.57
C LEU H 237 17.62 -26.81 -21.11
N MET H 238 16.61 -26.64 -20.25
CA MET H 238 16.73 -27.05 -18.85
C MET H 238 16.91 -28.54 -18.78
N ASP H 239 16.05 -29.31 -19.47
CA ASP H 239 16.14 -30.77 -19.48
C ASP H 239 17.52 -31.21 -19.94
N ARG H 240 18.05 -30.60 -21.01
CA ARG H 240 19.39 -30.94 -21.52
C ARG H 240 20.46 -30.75 -20.45
N ILE H 241 20.39 -29.64 -19.68
CA ILE H 241 21.35 -29.36 -18.60
C ILE H 241 21.20 -30.42 -17.51
N LYS H 242 19.98 -30.60 -16.98
CA LYS H 242 19.68 -31.61 -15.96
C LYS H 242 20.29 -32.96 -16.33
N LYS H 243 20.05 -33.42 -17.57
CA LYS H 243 20.58 -34.69 -18.06
C LYS H 243 22.11 -34.72 -18.06
N GLN H 244 22.77 -33.63 -18.49
CA GLN H 244 24.24 -33.58 -18.51
C GLN H 244 24.84 -33.42 -17.11
N LEU H 245 24.09 -32.79 -16.16
CA LEU H 245 24.55 -32.66 -14.78
C LEU H 245 24.48 -34.02 -14.10
N ARG H 246 23.43 -34.81 -14.40
CA ARG H 246 23.29 -36.16 -13.85
C ARG H 246 24.42 -37.05 -14.42
N GLU H 247 24.77 -36.86 -15.71
CA GLU H 247 25.85 -37.57 -16.39
C GLU H 247 27.19 -37.29 -15.68
N TRP H 248 27.41 -36.04 -15.24
CA TRP H 248 28.64 -35.66 -14.52
C TRP H 248 28.68 -36.28 -13.13
N ASP H 249 27.57 -36.20 -12.37
CA ASP H 249 27.47 -36.74 -11.02
C ASP H 249 26.05 -37.20 -10.74
N GLU H 250 25.88 -38.41 -10.17
CA GLU H 250 24.54 -38.93 -9.81
C GLU H 250 23.96 -38.13 -8.61
N ASN H 251 22.70 -37.61 -8.75
CA ASN H 251 22.03 -36.82 -7.71
C ASN H 251 20.50 -36.74 -7.90
N LEU H 252 19.77 -36.26 -6.87
CA LEU H 252 18.30 -36.09 -6.92
C LEU H 252 17.97 -34.81 -7.68
N LYS H 253 17.31 -34.93 -8.83
CA LYS H 253 17.01 -33.77 -9.69
C LYS H 253 15.82 -32.91 -9.21
N ASP H 254 14.71 -33.53 -8.78
CA ASP H 254 13.50 -32.81 -8.36
C ASP H 254 13.75 -31.82 -7.24
N ASP H 255 14.56 -32.22 -6.26
CA ASP H 255 14.85 -31.39 -5.09
C ASP H 255 15.90 -30.32 -5.38
N SER H 256 17.06 -30.74 -5.89
CA SER H 256 18.22 -29.88 -6.10
C SER H 256 18.03 -28.69 -7.06
N LEU H 257 17.31 -28.85 -8.19
CA LEU H 257 17.18 -27.76 -9.17
C LEU H 257 15.77 -27.19 -9.27
N PRO H 258 15.61 -25.84 -9.30
CA PRO H 258 14.25 -25.26 -9.39
C PRO H 258 13.58 -25.46 -10.75
N SER H 259 12.25 -25.44 -10.78
CA SER H 259 11.49 -25.61 -12.01
C SER H 259 11.48 -24.34 -12.88
N ASN H 260 11.67 -23.14 -12.28
CA ASN H 260 11.65 -21.87 -13.02
C ASN H 260 12.94 -21.71 -13.83
N PRO H 261 12.88 -21.35 -15.14
CA PRO H 261 14.13 -21.18 -15.91
C PRO H 261 15.03 -20.02 -15.48
N ILE H 262 14.46 -18.92 -14.91
CA ILE H 262 15.26 -17.80 -14.43
C ILE H 262 16.08 -18.30 -13.24
N ASP H 263 15.39 -18.92 -12.28
CA ASP H 263 16.01 -19.47 -11.07
C ASP H 263 17.00 -20.57 -11.42
N PHE H 264 16.60 -21.50 -12.28
CA PHE H 264 17.44 -22.63 -12.73
C PHE H 264 18.73 -22.13 -13.37
N SER H 265 18.61 -21.23 -14.36
CA SER H 265 19.79 -20.68 -15.05
C SER H 265 20.78 -20.10 -14.06
N TYR H 266 20.30 -19.32 -13.07
CA TYR H 266 21.21 -18.77 -12.06
C TYR H 266 21.84 -19.86 -11.21
N ARG H 267 21.03 -20.77 -10.64
CA ARG H 267 21.51 -21.90 -9.84
C ARG H 267 22.67 -22.64 -10.55
N VAL H 268 22.52 -22.89 -11.86
CA VAL H 268 23.55 -23.56 -12.67
C VAL H 268 24.76 -22.66 -12.83
N ALA H 269 24.52 -21.38 -13.17
CA ALA H 269 25.61 -20.40 -13.36
C ALA H 269 26.52 -20.41 -12.18
N ALA H 270 25.95 -20.50 -10.97
CA ALA H 270 26.71 -20.50 -9.73
C ALA H 270 27.49 -21.82 -9.52
N CYS H 271 26.85 -22.96 -9.74
CA CYS H 271 27.48 -24.26 -9.48
C CYS H 271 28.45 -24.78 -10.57
N LEU H 272 28.56 -24.15 -11.74
CA LEU H 272 29.43 -24.72 -12.80
C LEU H 272 30.92 -24.73 -12.42
N PRO H 273 31.68 -25.78 -12.81
CA PRO H 273 33.12 -25.82 -12.45
C PRO H 273 33.96 -24.95 -13.40
N ILE H 274 33.88 -23.62 -13.19
CA ILE H 274 34.54 -22.63 -14.05
C ILE H 274 35.21 -21.49 -13.29
N ASP H 275 36.09 -20.79 -14.02
CA ASP H 275 36.82 -19.63 -13.52
C ASP H 275 35.81 -18.50 -13.32
N ASP H 276 35.98 -17.69 -12.27
CA ASP H 276 35.09 -16.55 -12.02
C ASP H 276 35.12 -15.49 -13.13
N VAL H 277 36.25 -15.37 -13.86
CA VAL H 277 36.35 -14.45 -15.00
C VAL H 277 35.42 -14.95 -16.10
N LEU H 278 35.34 -16.28 -16.30
CA LEU H 278 34.42 -16.85 -17.29
C LEU H 278 32.97 -16.67 -16.80
N ARG H 279 32.75 -16.85 -15.48
CA ARG H 279 31.44 -16.68 -14.85
C ARG H 279 30.83 -15.28 -15.08
N ILE H 280 31.68 -14.24 -15.23
CA ILE H 280 31.20 -12.88 -15.51
C ILE H 280 30.34 -12.88 -16.79
N GLN H 281 30.69 -13.72 -17.78
CA GLN H 281 29.93 -13.83 -19.03
C GLN H 281 28.48 -14.19 -18.72
N LEU H 282 28.26 -15.16 -17.79
CA LEU H 282 26.90 -15.55 -17.39
C LEU H 282 26.19 -14.40 -16.67
N LEU H 283 26.93 -13.63 -15.85
CA LEU H 283 26.33 -12.50 -15.15
C LEU H 283 25.88 -11.41 -16.13
N LYS H 284 26.68 -11.16 -17.17
CA LYS H 284 26.36 -10.15 -18.20
C LYS H 284 25.08 -10.49 -18.98
N ILE H 285 24.78 -11.80 -19.19
CA ILE H 285 23.58 -12.23 -19.94
C ILE H 285 22.30 -11.90 -19.17
N GLY H 286 21.35 -11.24 -19.86
CA GLY H 286 20.08 -10.82 -19.29
C GLY H 286 18.89 -11.72 -19.58
N SER H 287 18.93 -12.51 -20.67
CA SER H 287 17.82 -13.43 -21.02
C SER H 287 18.12 -14.81 -20.47
N ALA H 288 17.19 -15.40 -19.71
CA ALA H 288 17.40 -16.75 -19.20
C ALA H 288 17.59 -17.77 -20.34
N ILE H 289 16.98 -17.55 -21.54
CA ILE H 289 17.16 -18.45 -22.69
C ILE H 289 18.63 -18.46 -23.09
N GLN H 290 19.19 -17.26 -23.33
CA GLN H 290 20.60 -17.09 -23.69
C GLN H 290 21.50 -17.62 -22.58
N ARG H 291 21.11 -17.39 -21.31
CA ARG H 291 21.87 -17.84 -20.15
C ARG H 291 22.00 -19.37 -20.14
N LEU H 292 20.89 -20.08 -20.41
CA LEU H 292 20.87 -21.55 -20.46
C LEU H 292 21.66 -22.07 -21.66
N ARG H 293 21.52 -21.41 -22.81
CA ARG H 293 22.25 -21.82 -24.03
C ARG H 293 23.75 -21.67 -23.81
N CYS H 294 24.15 -20.62 -23.09
CA CYS H 294 25.54 -20.36 -22.76
C CYS H 294 26.07 -21.41 -21.80
N GLU H 295 25.25 -21.79 -20.82
CA GLU H 295 25.64 -22.83 -19.86
C GLU H 295 25.85 -24.15 -20.55
N LEU H 296 25.00 -24.52 -21.53
CA LEU H 296 25.22 -25.78 -22.26
C LEU H 296 26.50 -25.70 -23.09
N ASP H 297 26.84 -24.52 -23.62
CA ASP H 297 28.09 -24.37 -24.39
C ASP H 297 29.27 -24.58 -23.46
N ILE H 298 29.27 -23.91 -22.30
CA ILE H 298 30.31 -24.06 -21.28
C ILE H 298 30.45 -25.53 -20.92
N MET H 299 29.32 -26.22 -20.65
CA MET H 299 29.30 -27.64 -20.30
C MET H 299 29.95 -28.51 -21.37
N ASN H 300 29.59 -28.26 -22.64
CA ASN H 300 30.16 -29.01 -23.76
C ASN H 300 31.65 -28.72 -23.95
N LYS H 301 32.12 -27.55 -23.50
CA LYS H 301 33.53 -27.19 -23.59
C LYS H 301 34.38 -27.77 -22.45
N CYS H 302 33.76 -28.46 -21.44
CA CYS H 302 34.51 -29.09 -20.34
C CYS H 302 35.00 -30.47 -20.77
N THR H 303 35.94 -30.49 -21.72
CA THR H 303 36.50 -31.71 -22.30
C THR H 303 37.74 -32.22 -21.55
N SER H 304 38.08 -31.62 -20.38
CA SER H 304 39.18 -32.07 -19.55
C SER H 304 38.68 -32.49 -18.18
N LEU H 305 39.53 -33.21 -17.44
CA LEU H 305 39.27 -33.67 -16.08
C LEU H 305 40.41 -33.14 -15.23
N CYS H 306 40.10 -32.65 -14.02
CA CYS H 306 41.08 -32.06 -13.11
C CYS H 306 40.90 -32.60 -11.72
N CYS H 307 41.90 -32.38 -10.83
CA CYS H 307 41.80 -32.78 -9.43
C CYS H 307 40.59 -32.12 -8.83
N LYS H 308 39.64 -32.90 -8.37
CA LYS H 308 38.42 -32.38 -7.74
C LYS H 308 38.76 -31.58 -6.48
N GLN H 309 39.80 -31.99 -5.73
CA GLN H 309 40.16 -31.32 -4.50
C GLN H 309 40.74 -29.94 -4.70
N CYS H 310 41.85 -29.80 -5.44
CA CYS H 310 42.45 -28.49 -5.62
C CYS H 310 41.91 -27.76 -6.83
N GLN H 311 41.54 -28.47 -7.90
CA GLN H 311 41.01 -27.88 -9.14
C GLN H 311 42.02 -26.93 -9.77
N GLU H 312 43.32 -27.21 -9.60
CA GLU H 312 44.40 -26.40 -10.16
C GLU H 312 45.26 -27.22 -11.12
N THR H 313 44.92 -28.53 -11.36
CA THR H 313 45.73 -29.39 -12.20
C THR H 313 44.87 -30.12 -13.19
N GLU H 314 45.14 -29.96 -14.48
CA GLU H 314 44.44 -30.69 -15.52
C GLU H 314 45.08 -32.08 -15.55
N ILE H 315 44.35 -33.10 -15.13
CA ILE H 315 44.90 -34.44 -15.04
C ILE H 315 44.93 -35.11 -16.41
N THR H 316 43.80 -35.10 -17.14
CA THR H 316 43.69 -35.73 -18.47
C THR H 316 42.48 -35.20 -19.25
N THR H 317 42.44 -35.44 -20.57
CA THR H 317 41.38 -34.99 -21.46
C THR H 317 40.50 -36.15 -21.85
N LYS H 318 39.24 -35.87 -22.20
CA LYS H 318 38.30 -36.90 -22.64
C LYS H 318 38.82 -37.67 -23.89
N ASN H 319 39.64 -37.00 -24.73
CA ASN H 319 40.25 -37.62 -25.91
C ASN H 319 41.14 -38.80 -25.53
N GLU H 320 41.80 -38.74 -24.36
CA GLU H 320 42.68 -39.80 -23.89
C GLU H 320 41.93 -41.02 -23.33
N ILE H 321 40.58 -40.94 -23.16
CA ILE H 321 39.79 -42.07 -22.65
C ILE H 321 39.84 -43.20 -23.67
N PHE H 322 39.93 -44.45 -23.17
CA PHE H 322 39.98 -45.62 -24.03
C PHE H 322 39.41 -46.83 -23.32
N SER H 323 38.90 -47.79 -24.09
CA SER H 323 38.29 -49.01 -23.58
C SER H 323 39.31 -50.14 -23.67
N LEU H 324 39.81 -50.62 -22.52
CA LEU H 324 40.77 -51.71 -22.51
C LEU H 324 40.03 -53.03 -22.73
N SER H 325 38.94 -53.23 -21.97
CA SER H 325 38.09 -54.42 -22.06
C SER H 325 36.72 -54.02 -22.59
N LEU H 326 35.96 -55.00 -23.10
CA LEU H 326 34.60 -54.78 -23.65
C LEU H 326 33.60 -54.20 -22.61
N CYS H 327 33.89 -54.30 -21.30
CA CYS H 327 33.05 -53.72 -20.24
C CYS H 327 32.79 -52.22 -20.46
N GLY H 328 33.83 -51.48 -20.87
CA GLY H 328 33.75 -50.05 -21.14
C GLY H 328 34.96 -49.31 -20.62
N PRO H 329 35.07 -47.98 -20.87
CA PRO H 329 36.23 -47.23 -20.36
C PRO H 329 36.21 -47.09 -18.85
N MET H 330 35.03 -46.81 -18.27
CA MET H 330 34.86 -46.71 -16.82
C MET H 330 34.16 -47.95 -16.28
N ALA H 331 34.70 -48.50 -15.19
CA ALA H 331 34.15 -49.70 -14.57
C ALA H 331 34.54 -49.75 -13.10
N ALA H 332 33.70 -50.37 -12.26
CA ALA H 332 33.95 -50.46 -10.82
C ALA H 332 34.76 -51.70 -10.49
N TYR H 333 35.86 -51.53 -9.76
CA TYR H 333 36.73 -52.65 -9.34
C TYR H 333 36.91 -52.58 -7.84
N VAL H 334 36.93 -53.73 -7.16
CA VAL H 334 37.15 -53.78 -5.71
C VAL H 334 38.62 -54.12 -5.45
N ASN H 335 39.17 -53.62 -4.34
CA ASN H 335 40.55 -53.87 -3.97
C ASN H 335 40.59 -55.02 -2.93
N PRO H 336 41.76 -55.50 -2.46
CA PRO H 336 41.76 -56.63 -1.51
C PRO H 336 41.18 -56.36 -0.12
N HIS H 337 40.88 -55.09 0.23
CA HIS H 337 40.29 -54.71 1.52
C HIS H 337 38.82 -54.29 1.44
N GLY H 338 38.17 -54.48 0.29
CA GLY H 338 36.77 -54.13 0.11
C GLY H 338 36.46 -52.72 -0.36
N TYR H 339 37.48 -51.92 -0.72
CA TYR H 339 37.21 -50.57 -1.22
C TYR H 339 36.86 -50.66 -2.70
N VAL H 340 35.69 -50.17 -3.11
CA VAL H 340 35.26 -50.20 -4.50
C VAL H 340 35.64 -48.89 -5.20
N HIS H 341 36.26 -48.98 -6.38
CA HIS H 341 36.73 -47.83 -7.14
C HIS H 341 36.16 -47.78 -8.54
N GLU H 342 35.32 -46.77 -8.85
CA GLU H 342 34.79 -46.55 -10.20
C GLU H 342 35.99 -45.97 -10.92
N THR H 343 36.68 -46.78 -11.74
CA THR H 343 37.92 -46.38 -12.40
C THR H 343 37.78 -46.12 -13.89
N LEU H 344 38.26 -44.94 -14.34
CA LEU H 344 38.30 -44.53 -15.74
C LEU H 344 39.69 -44.83 -16.29
N THR H 345 39.77 -45.44 -17.49
CA THR H 345 41.05 -45.77 -18.13
C THR H 345 41.39 -44.71 -19.18
N VAL H 346 42.58 -44.08 -19.07
CA VAL H 346 43.05 -43.08 -20.03
C VAL H 346 44.47 -43.45 -20.49
N TYR H 347 44.79 -43.18 -21.77
CA TYR H 347 46.11 -43.49 -22.33
C TYR H 347 47.21 -42.68 -21.67
N LYS H 348 46.97 -41.39 -21.45
CA LYS H 348 47.93 -40.47 -20.84
C LYS H 348 47.26 -39.60 -19.78
N ALA H 349 48.05 -39.20 -18.78
CA ALA H 349 47.62 -38.29 -17.70
C ALA H 349 48.84 -37.50 -17.27
N CYS H 350 48.63 -36.38 -16.59
CA CYS H 350 49.76 -35.59 -16.12
C CYS H 350 49.44 -34.76 -14.88
N ASN H 351 50.46 -34.14 -14.29
CA ASN H 351 50.38 -33.38 -13.04
C ASN H 351 50.14 -34.35 -11.89
N LEU H 352 50.78 -35.51 -11.97
CA LEU H 352 50.68 -36.56 -10.96
C LEU H 352 52.07 -37.03 -10.50
N ASN H 353 52.22 -37.38 -9.22
CA ASN H 353 53.46 -37.95 -8.64
C ASN H 353 53.16 -39.39 -8.36
N LEU H 354 54.16 -40.26 -8.53
CA LEU H 354 54.00 -41.68 -8.24
C LEU H 354 54.54 -41.97 -6.83
N ILE H 355 53.86 -42.84 -6.08
CA ILE H 355 54.22 -43.22 -4.72
C ILE H 355 54.63 -44.70 -4.72
N GLY H 356 55.80 -45.00 -4.14
CA GLY H 356 56.33 -46.35 -4.06
C GLY H 356 56.78 -46.94 -5.38
N ARG H 357 57.05 -48.25 -5.39
CA ARG H 357 57.46 -48.97 -6.59
C ARG H 357 56.24 -49.67 -7.22
N PRO H 358 56.28 -50.05 -8.51
CA PRO H 358 55.12 -50.75 -9.08
C PRO H 358 54.88 -52.12 -8.45
N SER H 359 53.64 -52.59 -8.49
CA SER H 359 53.28 -53.89 -7.93
C SER H 359 52.21 -54.55 -8.77
N THR H 360 52.30 -55.88 -8.91
CA THR H 360 51.34 -56.69 -9.65
C THR H 360 50.35 -57.35 -8.68
N GLU H 361 50.53 -57.17 -7.35
CA GLU H 361 49.66 -57.78 -6.35
C GLU H 361 48.20 -57.29 -6.49
N HIS H 362 47.27 -58.21 -6.87
CA HIS H 362 45.83 -57.91 -7.03
C HIS H 362 45.54 -56.91 -8.17
N SER H 363 46.35 -56.93 -9.23
CA SER H 363 46.15 -55.98 -10.34
C SER H 363 44.80 -56.23 -11.01
N TRP H 364 44.05 -55.15 -11.30
CA TRP H 364 42.76 -55.28 -11.96
C TRP H 364 42.89 -55.57 -13.46
N PHE H 365 44.08 -55.34 -14.05
CA PHE H 365 44.32 -55.58 -15.47
C PHE H 365 45.52 -56.52 -15.57
N PRO H 366 45.28 -57.86 -15.57
CA PRO H 366 46.40 -58.81 -15.59
C PRO H 366 47.43 -58.52 -16.66
N GLY H 367 48.71 -58.61 -16.27
CA GLY H 367 49.83 -58.28 -17.14
C GLY H 367 50.38 -56.88 -16.89
N TYR H 368 49.72 -56.07 -16.03
CA TYR H 368 50.14 -54.71 -15.69
C TYR H 368 50.41 -54.57 -14.22
N ALA H 369 51.34 -53.65 -13.86
CA ALA H 369 51.71 -53.35 -12.48
C ALA H 369 51.27 -51.91 -12.14
N TRP H 370 50.53 -51.77 -11.04
CA TRP H 370 50.00 -50.47 -10.59
C TRP H 370 51.00 -49.72 -9.74
N THR H 371 51.04 -48.39 -9.88
CA THR H 371 51.91 -47.48 -9.12
C THR H 371 51.00 -46.30 -8.68
N VAL H 372 50.79 -46.11 -7.36
CA VAL H 372 49.85 -45.10 -6.84
C VAL H 372 50.19 -43.69 -7.35
N ALA H 373 49.19 -42.99 -7.90
CA ALA H 373 49.34 -41.65 -8.47
C ALA H 373 48.53 -40.62 -7.70
N GLN H 374 49.16 -39.49 -7.34
CA GLN H 374 48.51 -38.41 -6.58
C GLN H 374 48.75 -37.06 -7.21
N CYS H 375 47.88 -36.07 -6.90
CA CYS H 375 47.95 -34.70 -7.44
C CYS H 375 49.28 -34.03 -7.11
N LYS H 376 49.90 -33.41 -8.14
CA LYS H 376 51.17 -32.69 -7.98
C LYS H 376 51.05 -31.54 -6.96
N ILE H 377 49.88 -30.89 -6.88
CA ILE H 377 49.64 -29.73 -6.01
C ILE H 377 49.18 -30.12 -4.59
N CYS H 378 48.03 -30.80 -4.46
CA CYS H 378 47.46 -31.11 -3.15
C CYS H 378 47.75 -32.51 -2.62
N ALA H 379 48.44 -33.37 -3.41
CA ALA H 379 48.77 -34.75 -2.99
C ALA H 379 47.56 -35.67 -2.77
N SER H 380 46.37 -35.28 -3.27
CA SER H 380 45.17 -36.12 -3.12
C SER H 380 45.30 -37.28 -4.07
N HIS H 381 44.85 -38.47 -3.66
CA HIS H 381 44.96 -39.67 -4.49
C HIS H 381 44.06 -39.57 -5.73
N ILE H 382 44.63 -39.66 -6.95
CA ILE H 382 43.85 -39.59 -8.20
C ILE H 382 43.65 -40.99 -8.83
N GLY H 383 44.56 -41.93 -8.57
CA GLY H 383 44.44 -43.27 -9.11
C GLY H 383 45.77 -43.99 -9.21
N TRP H 384 46.00 -44.74 -10.31
CA TRP H 384 47.25 -45.49 -10.49
C TRP H 384 47.76 -45.43 -11.92
N LYS H 385 49.09 -45.66 -12.07
CA LYS H 385 49.74 -45.76 -13.37
C LYS H 385 49.96 -47.24 -13.61
N PHE H 386 49.34 -47.77 -14.68
CA PHE H 386 49.46 -49.17 -15.05
C PHE H 386 50.56 -49.30 -16.06
N THR H 387 51.60 -50.08 -15.72
CA THR H 387 52.78 -50.30 -16.56
C THR H 387 52.89 -51.79 -16.89
N ALA H 388 53.08 -52.11 -18.17
CA ALA H 388 53.17 -53.50 -18.66
C ALA H 388 54.38 -54.27 -18.11
N THR H 389 54.17 -55.55 -17.79
CA THR H 389 55.23 -56.43 -17.31
C THR H 389 56.00 -57.06 -18.49
N LYS H 390 55.32 -57.27 -19.64
CA LYS H 390 55.91 -57.85 -20.85
C LYS H 390 56.11 -56.79 -21.94
N LYS H 391 56.89 -57.13 -22.99
CA LYS H 391 57.18 -56.22 -24.11
C LYS H 391 56.10 -56.33 -25.21
N ASP H 392 55.38 -57.47 -25.26
CA ASP H 392 54.33 -57.71 -26.26
C ASP H 392 52.94 -57.16 -25.87
N MET H 393 52.85 -56.33 -24.83
CA MET H 393 51.57 -55.79 -24.35
C MET H 393 51.15 -54.60 -25.22
N SER H 394 49.84 -54.48 -25.50
CA SER H 394 49.30 -53.47 -26.42
C SER H 394 49.51 -52.02 -25.98
N PRO H 395 48.72 -51.39 -25.06
CA PRO H 395 49.01 -49.98 -24.71
C PRO H 395 50.37 -49.76 -24.03
N GLN H 396 50.93 -50.79 -23.35
CA GLN H 396 52.24 -50.74 -22.67
C GLN H 396 52.19 -49.91 -21.39
N LYS H 397 51.73 -48.66 -21.44
CA LYS H 397 51.52 -47.85 -20.25
C LYS H 397 50.21 -47.09 -20.38
N PHE H 398 49.45 -47.03 -19.28
CA PHE H 398 48.19 -46.29 -19.24
C PHE H 398 47.89 -45.90 -17.78
N TRP H 399 46.78 -45.17 -17.56
CA TRP H 399 46.42 -44.70 -16.23
C TRP H 399 44.98 -45.05 -15.88
N GLY H 400 44.79 -45.59 -14.68
CA GLY H 400 43.47 -45.92 -14.14
C GLY H 400 43.14 -44.87 -13.10
N LEU H 401 42.23 -43.93 -13.43
CA LEU H 401 41.87 -42.83 -12.52
C LEU H 401 40.54 -43.07 -11.79
N THR H 402 40.53 -42.93 -10.45
CA THR H 402 39.29 -43.11 -9.65
C THR H 402 38.38 -41.90 -9.96
N ARG H 403 37.18 -42.14 -10.53
CA ARG H 403 36.33 -41.04 -11.01
C ARG H 403 35.88 -40.08 -9.93
N SER H 404 35.64 -40.58 -8.71
CA SER H 404 35.30 -39.73 -7.56
C SER H 404 36.37 -38.64 -7.30
N ALA H 405 37.64 -38.88 -7.67
CA ALA H 405 38.72 -37.90 -7.49
C ALA H 405 38.81 -36.84 -8.59
N LEU H 406 38.10 -37.02 -9.72
CA LEU H 406 38.15 -36.10 -10.86
C LEU H 406 36.93 -35.20 -10.98
N LEU H 407 37.11 -34.08 -11.70
CA LEU H 407 36.07 -33.10 -11.91
C LEU H 407 36.20 -32.51 -13.32
N PRO H 408 35.10 -32.30 -14.08
CA PRO H 408 35.24 -31.73 -15.44
C PRO H 408 35.66 -30.27 -15.45
N THR H 409 36.43 -29.89 -16.48
CA THR H 409 36.89 -28.51 -16.63
C THR H 409 37.24 -28.15 -18.09
N ILE H 410 37.21 -26.85 -18.38
CA ILE H 410 37.59 -26.34 -19.71
C ILE H 410 39.12 -26.44 -19.84
N PRO H 411 39.67 -27.02 -20.93
CA PRO H 411 41.13 -27.12 -21.04
C PRO H 411 41.82 -25.77 -20.94
N ASP H 412 42.73 -25.61 -19.98
CA ASP H 412 43.42 -24.33 -19.81
C ASP H 412 44.57 -24.21 -20.82
N THR H 413 44.89 -22.98 -21.24
CA THR H 413 45.98 -22.70 -22.18
C THR H 413 46.94 -21.76 -21.47
N GLU H 414 47.72 -22.31 -20.52
CA GLU H 414 48.71 -21.57 -19.75
C GLU H 414 49.88 -21.11 -20.62
N ASP H 415 50.16 -21.81 -21.74
CA ASP H 415 51.24 -21.43 -22.66
C ASP H 415 50.88 -20.12 -23.38
N GLU H 416 51.85 -19.19 -23.46
CA GLU H 416 51.67 -17.88 -24.11
C GLU H 416 51.98 -17.90 -25.63
N ILE H 417 52.24 -19.09 -26.23
CA ILE H 417 52.53 -19.21 -27.67
C ILE H 417 51.24 -19.03 -28.50
N SER H 418 50.13 -19.66 -28.07
CA SER H 418 48.83 -19.56 -28.74
C SER H 418 47.67 -19.55 -27.72
N PRO H 419 47.53 -18.45 -26.93
CA PRO H 419 46.43 -18.37 -25.96
C PRO H 419 45.14 -17.85 -26.59
N ASP H 420 44.41 -18.75 -27.28
CA ASP H 420 43.13 -18.40 -27.92
C ASP H 420 42.07 -18.36 -26.82
N LYS H 421 41.47 -17.16 -26.59
CA LYS H 421 40.47 -16.97 -25.51
C LYS H 421 39.20 -17.80 -25.74
N VAL H 422 38.54 -18.20 -24.63
CA VAL H 422 37.30 -18.99 -24.69
C VAL H 422 36.18 -18.07 -25.17
N ILE H 423 35.59 -18.42 -26.32
CA ILE H 423 34.53 -17.64 -26.96
C ILE H 423 33.21 -18.38 -26.74
N LEU H 424 32.47 -17.99 -25.70
CA LEU H 424 31.19 -18.63 -25.37
C LEU H 424 30.08 -18.18 -26.32
N CYS H 425 29.16 -19.10 -26.65
CA CYS H 425 28.06 -18.84 -27.58
C CYS H 425 26.74 -18.67 -26.81
N LEU H 426 25.91 -17.70 -27.25
CA LEU H 426 24.60 -17.37 -26.69
C LEU H 426 23.49 -17.91 -27.61
N GLY I 2 66.21 -42.17 6.60
CA GLY I 2 65.07 -42.99 6.20
C GLY I 2 64.41 -43.73 7.34
N GLY I 3 63.68 -44.81 6.99
CA GLY I 3 62.98 -45.68 7.94
C GLY I 3 63.14 -47.15 7.58
N ARG I 4 62.21 -47.71 6.79
CA ARG I 4 62.31 -49.10 6.26
C ARG I 4 62.21 -49.06 4.73
N GLY I 5 63.33 -49.30 4.04
CA GLY I 5 63.46 -49.29 2.59
C GLY I 5 62.43 -50.08 1.81
N GLU I 6 61.97 -51.21 2.36
CA GLU I 6 60.97 -52.05 1.70
C GLU I 6 59.56 -51.42 1.67
N ARG I 7 59.28 -50.43 2.55
CA ARG I 7 58.01 -49.70 2.66
C ARG I 7 56.91 -50.63 3.14
N PRO I 8 56.99 -51.09 4.41
CA PRO I 8 55.99 -52.03 4.93
C PRO I 8 54.65 -51.41 5.34
N PHE I 9 54.54 -50.08 5.43
CA PHE I 9 53.31 -49.41 5.86
C PHE I 9 52.45 -49.10 4.65
N GLN I 10 51.43 -49.93 4.40
CA GLN I 10 50.57 -49.79 3.23
C GLN I 10 49.19 -49.24 3.55
N CYS I 11 48.62 -48.47 2.60
CA CYS I 11 47.29 -47.90 2.71
C CYS I 11 46.26 -48.90 2.19
N ASN I 12 45.23 -49.20 3.01
CA ASN I 12 44.19 -50.15 2.64
C ASN I 12 43.24 -49.63 1.56
N GLN I 13 43.17 -48.29 1.37
CA GLN I 13 42.28 -47.68 0.41
C GLN I 13 42.85 -47.65 -0.99
N CYS I 14 44.16 -47.34 -1.16
CA CYS I 14 44.77 -47.26 -2.49
C CYS I 14 46.07 -48.10 -2.69
N GLY I 15 46.59 -48.73 -1.65
CA GLY I 15 47.80 -49.53 -1.78
C GLY I 15 49.10 -48.74 -1.69
N ALA I 16 49.03 -47.44 -1.35
CA ALA I 16 50.23 -46.61 -1.21
C ALA I 16 51.11 -47.13 -0.08
N SER I 17 52.35 -47.52 -0.40
CA SER I 17 53.32 -48.02 0.59
C SER I 17 54.21 -46.88 1.11
N PHE I 18 54.68 -46.96 2.37
CA PHE I 18 55.55 -45.93 2.98
C PHE I 18 56.63 -46.54 3.84
N THR I 19 57.80 -45.86 3.93
CA THR I 19 58.93 -46.31 4.75
C THR I 19 58.63 -46.21 6.25
N GLN I 20 57.86 -45.17 6.67
CA GLN I 20 57.55 -44.90 8.07
C GLN I 20 56.04 -44.81 8.32
N LYS I 21 55.60 -45.30 9.50
CA LYS I 21 54.17 -45.30 9.87
C LYS I 21 53.57 -43.90 9.85
N GLY I 22 54.33 -42.90 10.30
CA GLY I 22 53.89 -41.52 10.31
C GLY I 22 53.46 -41.02 8.94
N ASN I 23 54.22 -41.38 7.90
CA ASN I 23 53.92 -41.01 6.51
C ASN I 23 52.64 -41.67 6.06
N LEU I 24 52.42 -42.94 6.47
CA LEU I 24 51.18 -43.62 6.14
C LEU I 24 50.00 -42.92 6.83
N LEU I 25 50.16 -42.56 8.12
CA LEU I 25 49.09 -41.88 8.87
C LEU I 25 48.69 -40.60 8.15
N ARG I 26 49.68 -39.80 7.73
CA ARG I 26 49.45 -38.56 6.98
C ARG I 26 48.68 -38.85 5.69
N HIS I 27 49.12 -39.90 4.95
CA HIS I 27 48.50 -40.31 3.70
C HIS I 27 47.03 -40.68 3.89
N ILE I 28 46.72 -41.51 4.91
CA ILE I 28 45.34 -41.93 5.14
C ILE I 28 44.49 -40.70 5.55
N LYS I 29 45.08 -39.68 6.21
CA LYS I 29 44.33 -38.48 6.56
C LYS I 29 43.88 -37.72 5.31
N LEU I 30 44.70 -37.73 4.25
CA LEU I 30 44.34 -37.07 2.99
C LEU I 30 43.10 -37.70 2.29
N HIS I 31 42.86 -39.02 2.48
CA HIS I 31 41.69 -39.69 1.89
C HIS I 31 40.38 -39.16 2.48
N SER I 32 40.41 -38.70 3.74
CA SER I 32 39.24 -38.15 4.43
C SER I 32 38.80 -36.82 3.81
N GLY I 33 39.77 -35.92 3.54
CA GLY I 33 39.51 -34.63 2.91
C GLY I 33 40.77 -33.94 2.40
N GLU J 10 -0.65 105.96 -25.28
CA GLU J 10 -1.14 104.80 -26.02
C GLU J 10 -0.38 104.61 -27.33
N GLU J 11 -0.50 103.38 -27.92
CA GLU J 11 -0.03 102.87 -29.20
C GLU J 11 1.24 102.02 -29.12
N ASN J 12 2.13 102.24 -28.10
CA ASN J 12 3.38 101.49 -28.03
C ASN J 12 3.47 100.50 -26.91
N LEU J 13 3.63 99.23 -27.26
CA LEU J 13 3.87 98.14 -26.34
C LEU J 13 5.03 97.31 -26.93
N TYR J 14 6.08 97.99 -27.44
CA TYR J 14 7.24 97.36 -28.02
C TYR J 14 8.48 97.64 -27.19
N PHE J 15 9.43 96.71 -27.21
CA PHE J 15 10.71 96.84 -26.53
C PHE J 15 11.72 95.83 -27.08
N GLN J 16 12.99 96.24 -27.19
CA GLN J 16 14.06 95.37 -27.72
C GLN J 16 14.28 94.14 -26.86
N GLY J 17 14.06 94.28 -25.55
CA GLY J 17 14.20 93.21 -24.56
C GLY J 17 13.66 91.84 -24.95
N GLY J 18 14.23 90.84 -24.31
CA GLY J 18 13.89 89.45 -24.55
C GLY J 18 12.83 88.89 -23.63
N GLY J 19 12.28 87.77 -24.08
CA GLY J 19 11.26 87.01 -23.38
C GLY J 19 11.11 85.70 -24.10
N ARG J 20 11.00 84.62 -23.33
CA ARG J 20 10.95 83.25 -23.85
C ARG J 20 9.54 82.90 -24.29
N MET J 21 9.34 82.73 -25.62
CA MET J 21 8.04 82.44 -26.22
C MET J 21 8.13 81.26 -27.19
N SER J 22 7.10 80.40 -27.23
CA SER J 22 7.06 79.20 -28.06
C SER J 22 6.35 79.37 -29.40
N TYR J 23 5.03 79.67 -29.39
CA TYR J 23 4.19 79.85 -30.59
C TYR J 23 4.02 78.54 -31.43
N ASN J 24 3.12 77.64 -30.99
CA ASN J 24 2.88 76.37 -31.69
C ASN J 24 1.40 76.04 -31.86
N TYR J 25 1.09 75.27 -32.90
CA TYR J 25 -0.26 74.81 -33.25
C TYR J 25 -0.27 73.30 -33.23
N VAL J 26 -1.37 72.69 -32.74
CA VAL J 26 -1.51 71.23 -32.70
C VAL J 26 -2.95 70.80 -33.14
N VAL J 27 -3.04 69.94 -34.16
CA VAL J 27 -4.31 69.47 -34.72
C VAL J 27 -4.37 67.94 -34.81
N THR J 28 -5.58 67.36 -34.71
CA THR J 28 -5.79 65.93 -34.87
C THR J 28 -5.93 65.60 -36.35
N ALA J 29 -5.06 64.71 -36.87
CA ALA J 29 -5.09 64.25 -38.26
C ALA J 29 -5.99 63.00 -38.35
N GLN J 30 -5.89 62.10 -37.35
CA GLN J 30 -6.73 60.92 -37.23
C GLN J 30 -7.25 60.88 -35.80
N LYS J 31 -8.58 60.76 -35.61
CA LYS J 31 -9.18 60.71 -34.27
C LYS J 31 -8.80 59.39 -33.58
N PRO J 32 -8.84 59.30 -32.22
CA PRO J 32 -8.54 58.01 -31.57
C PRO J 32 -9.47 56.89 -32.04
N THR J 33 -8.88 55.80 -32.53
CA THR J 33 -9.60 54.66 -33.10
C THR J 33 -9.83 53.52 -32.06
N ALA J 34 -9.06 53.50 -30.95
CA ALA J 34 -9.14 52.42 -29.96
C ALA J 34 -10.37 52.56 -29.05
N VAL J 35 -11.17 51.47 -28.93
CA VAL J 35 -12.39 51.45 -28.11
C VAL J 35 -12.08 51.08 -26.66
N ASN J 36 -12.35 52.01 -25.73
CA ASN J 36 -12.10 51.77 -24.30
C ASN J 36 -13.39 51.45 -23.51
N GLY J 37 -14.54 51.57 -24.13
CA GLY J 37 -15.80 51.25 -23.47
C GLY J 37 -16.96 51.15 -24.45
N CYS J 38 -17.96 50.33 -24.10
CA CYS J 38 -19.17 50.17 -24.92
C CYS J 38 -20.35 49.73 -24.06
N VAL J 39 -21.53 50.35 -24.27
CA VAL J 39 -22.76 50.05 -23.53
C VAL J 39 -23.96 50.08 -24.46
N THR J 40 -24.97 49.22 -24.20
CA THR J 40 -26.20 49.17 -24.97
C THR J 40 -27.35 49.61 -24.11
N GLY J 41 -28.41 50.08 -24.75
CA GLY J 41 -29.61 50.54 -24.07
C GLY J 41 -30.51 51.32 -25.00
N HIS J 42 -31.45 52.09 -24.45
CA HIS J 42 -32.39 52.90 -25.23
C HIS J 42 -32.16 54.37 -24.90
N PHE J 43 -31.11 54.94 -25.51
CA PHE J 43 -30.65 56.32 -25.29
C PHE J 43 -31.37 57.33 -26.16
N THR J 44 -31.54 57.00 -27.45
CA THR J 44 -32.22 57.87 -28.40
C THR J 44 -33.73 57.92 -28.14
N SER J 45 -34.41 56.77 -28.27
CA SER J 45 -35.84 56.63 -28.02
C SER J 45 -36.08 55.30 -27.31
N ALA J 46 -37.09 55.23 -26.44
CA ALA J 46 -37.44 54.02 -25.70
C ALA J 46 -37.68 52.80 -26.59
N GLU J 47 -38.11 53.01 -27.85
CA GLU J 47 -38.39 51.91 -28.78
C GLU J 47 -37.13 51.26 -29.33
N ASP J 48 -36.33 51.97 -30.15
CA ASP J 48 -35.14 51.37 -30.77
C ASP J 48 -33.97 51.14 -29.79
N LEU J 49 -33.16 50.11 -30.08
CA LEU J 49 -32.00 49.71 -29.27
C LEU J 49 -30.75 50.41 -29.79
N ASN J 50 -29.94 50.97 -28.87
CA ASN J 50 -28.72 51.69 -29.20
C ASN J 50 -27.47 51.00 -28.69
N LEU J 51 -26.33 51.31 -29.31
CA LEU J 51 -25.00 50.87 -28.91
C LEU J 51 -24.17 52.14 -28.82
N LEU J 52 -23.69 52.45 -27.61
CA LEU J 52 -22.83 53.60 -27.36
C LEU J 52 -21.41 53.07 -27.31
N ILE J 53 -20.44 53.79 -27.91
CA ILE J 53 -19.03 53.37 -27.97
C ILE J 53 -18.14 54.54 -27.56
N ALA J 54 -17.24 54.32 -26.59
CA ALA J 54 -16.29 55.34 -26.11
C ALA J 54 -14.90 55.16 -26.74
N LYS J 55 -14.46 56.15 -27.55
CA LYS J 55 -13.14 56.13 -28.16
C LYS J 55 -12.34 57.31 -27.59
N ASN J 56 -11.96 57.19 -26.31
CA ASN J 56 -11.20 58.14 -25.51
C ASN J 56 -11.93 59.48 -25.31
N THR J 57 -11.72 60.47 -26.18
CA THR J 57 -12.38 61.78 -26.09
C THR J 57 -13.64 61.81 -26.97
N ARG J 58 -13.84 60.79 -27.84
CA ARG J 58 -14.98 60.69 -28.74
C ARG J 58 -16.04 59.71 -28.22
N LEU J 59 -17.32 59.98 -28.55
CA LEU J 59 -18.47 59.13 -28.19
C LEU J 59 -19.32 58.92 -29.45
N GLU J 60 -19.42 57.66 -29.93
CA GLU J 60 -20.20 57.30 -31.12
C GLU J 60 -21.53 56.67 -30.68
N ILE J 61 -22.65 57.09 -31.29
CA ILE J 61 -24.00 56.58 -31.01
C ILE J 61 -24.51 55.85 -32.25
N TYR J 62 -24.93 54.59 -32.08
CA TYR J 62 -25.48 53.81 -33.19
C TYR J 62 -26.84 53.26 -32.78
N VAL J 63 -27.59 52.78 -33.80
CA VAL J 63 -28.88 52.11 -33.63
C VAL J 63 -28.68 50.68 -34.14
N VAL J 64 -29.14 49.71 -33.35
CA VAL J 64 -28.98 48.30 -33.67
C VAL J 64 -30.09 47.89 -34.64
N THR J 65 -29.71 47.54 -35.88
CA THR J 65 -30.63 47.05 -36.91
C THR J 65 -30.43 45.56 -37.11
N ALA J 66 -31.31 44.94 -37.91
CA ALA J 66 -31.20 43.51 -38.22
C ALA J 66 -30.00 43.24 -39.14
N GLU J 67 -29.60 44.24 -39.95
CA GLU J 67 -28.47 44.11 -40.88
C GLU J 67 -27.14 44.24 -40.12
N GLY J 68 -26.98 45.35 -39.43
CA GLY J 68 -25.78 45.64 -38.64
C GLY J 68 -25.99 46.82 -37.71
N LEU J 69 -25.11 47.84 -37.80
CA LEU J 69 -25.19 49.06 -36.98
C LEU J 69 -25.43 50.26 -37.87
N ARG J 70 -26.41 51.11 -37.50
CA ARG J 70 -26.72 52.34 -38.25
C ARG J 70 -26.15 53.54 -37.48
N PRO J 71 -25.16 54.27 -38.03
CA PRO J 71 -24.62 55.43 -37.30
C PRO J 71 -25.64 56.56 -37.17
N VAL J 72 -25.85 57.06 -35.94
CA VAL J 72 -26.84 58.09 -35.65
C VAL J 72 -26.21 59.44 -35.29
N LYS J 73 -25.25 59.47 -34.36
CA LYS J 73 -24.61 60.71 -33.95
C LYS J 73 -23.23 60.43 -33.35
N GLU J 74 -22.26 61.31 -33.62
CA GLU J 74 -20.90 61.21 -33.08
C GLU J 74 -20.55 62.55 -32.45
N VAL J 75 -20.06 62.53 -31.20
CA VAL J 75 -19.71 63.76 -30.47
C VAL J 75 -18.32 63.66 -29.86
N GLY J 76 -17.72 64.82 -29.64
CA GLY J 76 -16.42 64.97 -29.01
C GLY J 76 -16.57 65.65 -27.67
N MET J 77 -15.88 65.13 -26.65
CA MET J 77 -15.89 65.69 -25.29
C MET J 77 -14.54 66.34 -25.00
N TYR J 78 -14.54 67.30 -24.07
CA TYR J 78 -13.32 67.95 -23.62
C TYR J 78 -12.90 67.20 -22.34
N GLY J 79 -12.53 65.94 -22.52
CA GLY J 79 -12.14 65.04 -21.43
C GLY J 79 -12.01 63.60 -21.87
N LYS J 80 -11.11 62.84 -21.24
CA LYS J 80 -10.94 61.41 -21.54
C LYS J 80 -12.05 60.67 -20.80
N ILE J 81 -12.94 59.97 -21.53
CA ILE J 81 -14.09 59.27 -20.94
C ILE J 81 -13.61 58.09 -20.06
N ALA J 82 -13.76 58.23 -18.71
CA ALA J 82 -13.40 57.20 -17.72
C ALA J 82 -14.56 56.24 -17.47
N VAL J 83 -15.74 56.78 -17.08
CA VAL J 83 -16.97 56.00 -16.83
C VAL J 83 -17.99 56.41 -17.89
N MET J 84 -18.80 55.44 -18.35
CA MET J 84 -19.88 55.66 -19.33
C MET J 84 -20.94 54.59 -19.06
N GLU J 85 -22.08 54.99 -18.45
CA GLU J 85 -23.17 54.05 -18.12
C GLU J 85 -24.54 54.68 -18.37
N LEU J 86 -25.46 53.92 -19.01
CA LEU J 86 -26.83 54.39 -19.25
C LEU J 86 -27.70 54.02 -18.04
N PHE J 87 -28.79 54.76 -17.83
CA PHE J 87 -29.71 54.52 -16.71
C PHE J 87 -31.04 55.24 -16.94
N ARG J 88 -32.16 54.65 -16.52
CA ARG J 88 -33.49 55.26 -16.67
C ARG J 88 -34.08 55.55 -15.29
N PRO J 89 -34.05 56.82 -14.82
CA PRO J 89 -34.65 57.12 -13.51
C PRO J 89 -36.17 56.97 -13.49
N LYS J 90 -36.75 57.05 -12.29
CA LYS J 90 -38.19 56.89 -12.11
C LYS J 90 -38.91 58.10 -12.74
N GLY J 91 -39.81 57.84 -13.68
CA GLY J 91 -40.55 58.89 -14.38
C GLY J 91 -39.77 59.53 -15.50
N GLU J 92 -39.19 58.71 -16.40
CA GLU J 92 -38.44 59.18 -17.56
C GLU J 92 -38.79 58.33 -18.77
N SER J 93 -38.93 58.99 -19.94
CA SER J 93 -39.30 58.34 -21.20
C SER J 93 -38.25 57.36 -21.68
N LYS J 94 -37.01 57.84 -21.87
CA LYS J 94 -35.88 57.03 -22.35
C LYS J 94 -34.69 57.10 -21.37
N ASP J 95 -33.61 56.36 -21.65
CA ASP J 95 -32.43 56.30 -20.78
C ASP J 95 -31.57 57.57 -20.87
N LEU J 96 -30.90 57.92 -19.77
CA LEU J 96 -29.96 59.04 -19.65
C LEU J 96 -28.57 58.44 -19.60
N LEU J 97 -27.54 59.20 -20.00
CA LEU J 97 -26.15 58.73 -20.04
C LEU J 97 -25.26 59.43 -19.03
N PHE J 98 -24.72 58.67 -18.06
CA PHE J 98 -23.79 59.21 -17.07
C PHE J 98 -22.38 59.01 -17.58
N ILE J 99 -21.59 60.10 -17.67
CA ILE J 99 -20.19 60.02 -18.06
C ILE J 99 -19.33 60.73 -17.02
N LEU J 100 -18.15 60.17 -16.74
CA LEU J 100 -17.16 60.73 -15.84
C LEU J 100 -15.85 60.80 -16.61
N THR J 101 -15.14 61.94 -16.59
CA THR J 101 -13.87 62.06 -17.31
C THR J 101 -12.71 61.72 -16.40
N ALA J 102 -11.50 61.61 -16.98
CA ALA J 102 -10.27 61.34 -16.23
C ALA J 102 -9.93 62.48 -15.26
N LYS J 103 -10.30 63.75 -15.63
CA LYS J 103 -10.12 64.92 -14.75
C LYS J 103 -11.29 65.06 -13.74
N TYR J 104 -12.12 64.01 -13.58
CA TYR J 104 -13.23 63.93 -12.64
C TYR J 104 -14.41 64.85 -12.99
N ASN J 105 -14.68 65.07 -14.29
CA ASN J 105 -15.84 65.87 -14.72
C ASN J 105 -17.01 64.90 -14.84
N ALA J 106 -17.95 64.95 -13.89
CA ALA J 106 -19.15 64.11 -13.89
C ALA J 106 -20.27 64.82 -14.64
N CYS J 107 -21.11 64.06 -15.37
CA CYS J 107 -22.23 64.65 -16.12
C CYS J 107 -23.31 63.64 -16.50
N ILE J 108 -24.58 64.09 -16.58
CA ILE J 108 -25.73 63.31 -17.02
C ILE J 108 -26.17 63.97 -18.31
N LEU J 109 -26.08 63.23 -19.43
CA LEU J 109 -26.45 63.72 -20.75
C LEU J 109 -27.75 63.07 -21.22
N GLU J 110 -28.52 63.80 -22.05
CA GLU J 110 -29.78 63.34 -22.63
C GLU J 110 -29.75 63.55 -24.13
N TYR J 111 -30.34 62.59 -24.88
CA TYR J 111 -30.40 62.67 -26.33
C TYR J 111 -31.65 63.45 -26.70
N LYS J 112 -31.52 64.56 -27.44
CA LYS J 112 -32.68 65.35 -27.86
C LYS J 112 -32.57 65.65 -29.34
N GLN J 113 -33.60 65.24 -30.11
CA GLN J 113 -33.68 65.44 -31.55
C GLN J 113 -34.91 66.28 -31.87
N SER J 114 -34.76 67.28 -32.75
CA SER J 114 -35.87 68.14 -33.19
C SER J 114 -35.85 68.19 -34.71
N GLY J 115 -36.73 67.42 -35.33
CA GLY J 115 -36.83 67.32 -36.78
C GLY J 115 -35.62 66.63 -37.37
N GLU J 116 -34.60 67.42 -37.73
CA GLU J 116 -33.34 66.92 -38.28
C GLU J 116 -32.11 67.57 -37.59
N SER J 117 -32.28 68.12 -36.37
CA SER J 117 -31.19 68.72 -35.61
C SER J 117 -30.98 67.90 -34.34
N ILE J 118 -29.89 67.12 -34.29
CA ILE J 118 -29.55 66.24 -33.17
C ILE J 118 -28.63 66.98 -32.20
N ASP J 119 -28.93 66.92 -30.89
CA ASP J 119 -28.12 67.58 -29.87
C ASP J 119 -28.12 66.79 -28.55
N ILE J 120 -26.92 66.55 -28.00
CA ILE J 120 -26.73 65.83 -26.74
C ILE J 120 -26.73 66.89 -25.63
N ILE J 121 -27.91 67.19 -25.08
CA ILE J 121 -28.03 68.24 -24.06
C ILE J 121 -27.55 67.75 -22.68
N THR J 122 -26.90 68.66 -21.94
CA THR J 122 -26.35 68.36 -20.62
C THR J 122 -27.42 68.58 -19.54
N ARG J 123 -28.08 67.51 -19.07
CA ARG J 123 -29.09 67.61 -18.01
C ARG J 123 -28.49 68.05 -16.68
N ALA J 124 -27.27 67.58 -16.36
CA ALA J 124 -26.61 67.94 -15.11
C ALA J 124 -25.10 67.74 -15.22
N HIS J 125 -24.31 68.51 -14.46
CA HIS J 125 -22.84 68.40 -14.51
C HIS J 125 -22.14 68.97 -13.29
N GLY J 126 -20.85 68.64 -13.17
CA GLY J 126 -20.02 69.12 -12.07
C GLY J 126 -18.76 68.30 -11.88
N ASN J 127 -17.69 68.93 -11.38
CA ASN J 127 -16.42 68.25 -11.13
C ASN J 127 -16.50 67.57 -9.77
N VAL J 128 -16.20 66.25 -9.71
CA VAL J 128 -16.28 65.45 -8.48
C VAL J 128 -14.90 65.16 -7.85
N GLN J 129 -13.85 65.96 -8.19
CA GLN J 129 -12.52 65.75 -7.62
C GLN J 129 -12.51 66.13 -6.15
N ASP J 130 -11.65 65.48 -5.36
CA ASP J 130 -11.49 65.80 -3.94
C ASP J 130 -10.07 66.28 -3.75
N ARG J 131 -9.87 67.55 -3.33
CA ARG J 131 -8.52 68.03 -3.07
C ARG J 131 -8.08 67.25 -1.84
N ILE J 132 -7.01 66.46 -1.98
CA ILE J 132 -6.49 65.49 -1.01
C ILE J 132 -7.28 64.18 -1.21
N GLY J 133 -6.54 63.09 -1.38
CA GLY J 133 -7.11 61.76 -1.62
C GLY J 133 -6.20 60.98 -2.55
N ARG J 134 -5.75 59.80 -2.10
CA ARG J 134 -4.84 58.94 -2.87
C ARG J 134 -5.65 58.17 -3.90
N PRO J 135 -5.47 58.41 -5.24
CA PRO J 135 -6.25 57.64 -6.23
C PRO J 135 -6.04 56.13 -6.10
N SER J 136 -7.10 55.35 -6.32
CA SER J 136 -7.03 53.90 -6.13
C SER J 136 -6.18 53.13 -7.13
N GLU J 137 -5.65 51.97 -6.67
CA GLU J 137 -4.80 51.07 -7.46
C GLU J 137 -5.57 50.51 -8.65
N THR J 138 -6.89 50.25 -8.47
CA THR J 138 -7.77 49.74 -9.53
C THR J 138 -8.43 50.85 -10.35
N GLY J 139 -7.94 52.09 -10.24
CA GLY J 139 -8.48 53.22 -10.99
C GLY J 139 -9.88 53.65 -10.63
N ILE J 140 -10.49 54.45 -11.51
CA ILE J 140 -11.84 54.95 -11.28
C ILE J 140 -12.86 53.84 -11.52
N ILE J 141 -13.78 53.65 -10.56
CA ILE J 141 -14.87 52.69 -10.67
C ILE J 141 -16.14 53.52 -10.46
N GLY J 142 -17.01 53.56 -11.47
CA GLY J 142 -18.26 54.29 -11.40
C GLY J 142 -19.44 53.36 -11.66
N ILE J 143 -20.35 53.24 -10.67
CA ILE J 143 -21.51 52.35 -10.74
C ILE J 143 -22.80 53.06 -10.36
N ILE J 144 -23.94 52.61 -10.93
CA ILE J 144 -25.25 53.20 -10.66
C ILE J 144 -26.14 52.15 -10.03
N ASP J 145 -26.99 52.57 -9.08
CA ASP J 145 -27.95 51.68 -8.42
C ASP J 145 -28.99 51.20 -9.45
N PRO J 146 -29.44 49.93 -9.42
CA PRO J 146 -30.42 49.47 -10.43
C PRO J 146 -31.73 50.25 -10.46
N GLU J 147 -32.23 50.70 -9.30
CA GLU J 147 -33.47 51.49 -9.26
C GLU J 147 -33.16 53.01 -9.26
N CYS J 148 -31.92 53.39 -9.66
CA CYS J 148 -31.45 54.75 -9.81
C CYS J 148 -31.55 55.61 -8.53
N ARG J 149 -31.31 55.00 -7.37
CA ARG J 149 -31.30 55.73 -6.10
C ARG J 149 -30.10 56.70 -6.04
N MET J 150 -28.91 56.27 -6.56
CA MET J 150 -27.70 57.09 -6.57
C MET J 150 -26.63 56.58 -7.56
N ILE J 151 -25.56 57.39 -7.73
CA ILE J 151 -24.37 57.01 -8.50
C ILE J 151 -23.26 56.86 -7.45
N GLY J 152 -22.65 55.69 -7.43
CA GLY J 152 -21.56 55.38 -6.51
C GLY J 152 -20.25 55.41 -7.26
N LEU J 153 -19.31 56.26 -6.80
CA LEU J 153 -18.00 56.38 -7.43
C LEU J 153 -16.89 56.04 -6.45
N ARG J 154 -15.94 55.20 -6.88
CA ARG J 154 -14.76 54.85 -6.10
C ARG J 154 -13.59 55.46 -6.87
N LEU J 155 -13.11 56.61 -6.38
CA LEU J 155 -12.00 57.37 -6.97
C LEU J 155 -10.74 57.24 -6.14
N TYR J 156 -10.83 57.40 -4.80
CA TYR J 156 -9.69 57.36 -3.88
C TYR J 156 -9.82 56.25 -2.85
N ASP J 157 -8.67 55.64 -2.47
CA ASP J 157 -8.65 54.56 -1.46
C ASP J 157 -9.13 55.09 -0.11
N GLY J 158 -10.01 54.34 0.55
CA GLY J 158 -10.59 54.69 1.84
C GLY J 158 -11.86 55.52 1.80
N LEU J 159 -12.36 55.91 0.60
CA LEU J 159 -13.56 56.73 0.48
C LEU J 159 -14.47 56.27 -0.66
N PHE J 160 -15.79 56.33 -0.43
CA PHE J 160 -16.81 55.97 -1.43
C PHE J 160 -17.73 57.17 -1.68
N LYS J 161 -17.54 57.88 -2.80
CA LYS J 161 -18.34 59.07 -3.13
C LYS J 161 -19.72 58.66 -3.61
N VAL J 162 -20.75 59.39 -3.17
CA VAL J 162 -22.15 59.11 -3.51
C VAL J 162 -22.80 60.36 -4.03
N ILE J 163 -23.35 60.31 -5.26
CA ILE J 163 -24.08 61.42 -5.88
C ILE J 163 -25.55 60.97 -5.83
N PRO J 164 -26.40 61.52 -4.94
CA PRO J 164 -27.80 61.07 -4.91
C PRO J 164 -28.57 61.52 -6.15
N LEU J 165 -29.44 60.65 -6.67
CA LEU J 165 -30.24 60.94 -7.84
C LEU J 165 -31.60 61.51 -7.43
N ASP J 166 -31.61 62.84 -7.27
CA ASP J 166 -32.79 63.63 -6.94
C ASP J 166 -32.92 64.67 -8.04
N ARG J 167 -34.17 65.03 -8.38
CA ARG J 167 -34.43 66.04 -9.42
C ARG J 167 -33.78 67.39 -9.08
N ASP J 168 -33.61 67.71 -7.78
CA ASP J 168 -32.98 68.94 -7.33
C ASP J 168 -31.46 68.95 -7.58
N ASN J 169 -30.79 67.78 -7.50
CA ASN J 169 -29.34 67.70 -7.69
C ASN J 169 -28.92 67.91 -9.16
N LYS J 170 -28.67 69.19 -9.54
CA LYS J 170 -28.26 69.58 -10.88
C LYS J 170 -26.74 69.82 -10.97
N GLU J 171 -26.11 70.30 -9.88
CA GLU J 171 -24.66 70.54 -9.86
C GLU J 171 -23.87 69.26 -9.53
N LEU J 172 -24.56 68.14 -9.20
CA LEU J 172 -23.97 66.87 -8.83
C LEU J 172 -23.21 66.98 -7.51
N LYS J 173 -23.90 67.54 -6.50
CA LYS J 173 -23.35 67.66 -5.16
C LYS J 173 -23.36 66.26 -4.58
N ALA J 174 -22.21 65.81 -4.08
CA ALA J 174 -22.04 64.47 -3.56
C ALA J 174 -21.31 64.48 -2.24
N PHE J 175 -21.40 63.37 -1.50
CA PHE J 175 -20.76 63.22 -0.20
C PHE J 175 -19.96 61.93 -0.14
N ASN J 176 -18.83 61.95 0.56
CA ASN J 176 -17.99 60.77 0.72
C ASN J 176 -18.45 59.97 1.92
N ILE J 177 -18.24 58.64 1.87
CA ILE J 177 -18.55 57.73 2.97
C ILE J 177 -17.24 57.07 3.35
N ARG J 178 -16.97 56.99 4.66
CA ARG J 178 -15.77 56.36 5.21
C ARG J 178 -15.84 54.86 4.91
N LEU J 179 -14.80 54.34 4.27
CA LEU J 179 -14.72 52.93 3.91
C LEU J 179 -13.50 52.32 4.61
N GLU J 180 -13.71 51.39 5.55
CA GLU J 180 -12.62 50.79 6.31
C GLU J 180 -11.72 49.90 5.45
N GLU J 181 -12.26 49.33 4.35
CA GLU J 181 -11.50 48.47 3.44
C GLU J 181 -10.80 49.40 2.45
N LEU J 182 -9.48 49.55 2.61
CA LEU J 182 -8.69 50.46 1.76
C LEU J 182 -8.51 49.93 0.35
N HIS J 183 -8.10 48.65 0.24
CA HIS J 183 -7.80 48.04 -1.06
C HIS J 183 -8.99 47.31 -1.68
N VAL J 184 -9.94 48.06 -2.25
CA VAL J 184 -11.10 47.49 -2.94
C VAL J 184 -10.69 47.23 -4.39
N ILE J 185 -10.93 46.00 -4.87
CA ILE J 185 -10.58 45.57 -6.22
C ILE J 185 -11.71 45.93 -7.18
N ASP J 186 -12.90 45.35 -6.97
CA ASP J 186 -14.08 45.63 -7.81
C ASP J 186 -15.31 45.79 -6.93
N VAL J 187 -16.27 46.62 -7.38
CA VAL J 187 -17.51 46.91 -6.66
C VAL J 187 -18.68 47.07 -7.65
N LYS J 188 -19.87 46.57 -7.25
CA LYS J 188 -21.10 46.65 -8.05
C LYS J 188 -22.29 46.89 -7.13
N PHE J 189 -23.41 47.38 -7.69
CA PHE J 189 -24.65 47.58 -6.93
C PHE J 189 -25.52 46.35 -7.13
N LEU J 190 -25.97 45.71 -6.04
CA LEU J 190 -26.78 44.50 -6.14
C LEU J 190 -28.24 44.75 -6.55
N TYR J 191 -28.86 43.74 -7.17
CA TYR J 191 -30.26 43.78 -7.60
C TYR J 191 -31.14 43.14 -6.55
N GLY J 192 -32.42 43.53 -6.53
CA GLY J 192 -33.42 42.98 -5.62
C GLY J 192 -33.13 43.18 -4.14
N CYS J 193 -32.74 44.42 -3.76
CA CYS J 193 -32.45 44.79 -2.38
C CYS J 193 -33.43 45.85 -1.93
N GLN J 194 -33.82 45.84 -0.65
CA GLN J 194 -34.75 46.83 -0.11
C GLN J 194 -34.11 48.21 -0.15
N ALA J 195 -32.87 48.31 0.33
CA ALA J 195 -32.09 49.55 0.32
C ALA J 195 -30.93 49.39 -0.68
N PRO J 196 -30.35 50.49 -1.20
CA PRO J 196 -29.20 50.36 -2.13
C PRO J 196 -28.05 49.62 -1.46
N THR J 197 -27.63 48.49 -2.03
CA THR J 197 -26.57 47.67 -1.46
C THR J 197 -25.41 47.50 -2.43
N ILE J 198 -24.19 47.78 -1.95
CA ILE J 198 -22.97 47.60 -2.75
C ILE J 198 -22.31 46.30 -2.34
N CYS J 199 -21.74 45.59 -3.31
CA CYS J 199 -21.03 44.33 -3.10
C CYS J 199 -19.66 44.51 -3.68
N PHE J 200 -18.61 44.18 -2.94
CA PHE J 200 -17.25 44.40 -3.43
C PHE J 200 -16.23 43.40 -2.93
N VAL J 201 -15.20 43.15 -3.74
CA VAL J 201 -14.07 42.30 -3.36
C VAL J 201 -12.97 43.25 -2.94
N TYR J 202 -12.28 42.93 -1.84
CA TYR J 202 -11.16 43.74 -1.34
C TYR J 202 -10.08 42.84 -0.79
N GLN J 203 -8.89 43.42 -0.58
CA GLN J 203 -7.77 42.67 -0.04
C GLN J 203 -7.27 43.24 1.26
N ASP J 204 -6.84 42.34 2.16
CA ASP J 204 -6.24 42.66 3.44
C ASP J 204 -5.11 41.64 3.69
N PRO J 205 -4.32 41.72 4.77
CA PRO J 205 -3.23 40.74 4.97
C PRO J 205 -3.65 39.26 5.04
N GLN J 206 -4.95 38.97 5.28
CA GLN J 206 -5.47 37.60 5.34
C GLN J 206 -5.97 37.09 3.97
N GLY J 207 -5.81 37.88 2.92
CA GLY J 207 -6.22 37.51 1.56
C GLY J 207 -7.37 38.35 1.05
N ARG J 208 -8.08 37.84 0.02
CA ARG J 208 -9.22 38.55 -0.59
C ARG J 208 -10.55 38.07 -0.01
N HIS J 209 -11.51 39.00 0.13
CA HIS J 209 -12.83 38.71 0.69
C HIS J 209 -13.90 39.53 -0.02
N VAL J 210 -15.14 39.02 -0.05
CA VAL J 210 -16.29 39.72 -0.66
C VAL J 210 -17.22 40.14 0.48
N LYS J 211 -17.51 41.45 0.57
CA LYS J 211 -18.35 42.02 1.63
C LYS J 211 -19.40 42.93 1.03
N THR J 212 -20.50 43.13 1.76
CA THR J 212 -21.60 43.98 1.33
C THR J 212 -21.89 45.07 2.36
N TYR J 213 -22.46 46.18 1.88
CA TYR J 213 -22.86 47.29 2.74
C TYR J 213 -24.15 47.89 2.19
N GLU J 214 -25.01 48.37 3.09
CA GLU J 214 -26.25 49.04 2.70
C GLU J 214 -25.94 50.54 2.75
N VAL J 215 -26.20 51.28 1.66
CA VAL J 215 -25.90 52.71 1.58
C VAL J 215 -27.13 53.54 1.97
N SER J 216 -27.06 54.25 3.13
CA SER J 216 -28.16 55.08 3.62
C SER J 216 -27.96 56.54 3.26
N LEU J 217 -28.85 57.07 2.39
CA LEU J 217 -28.81 58.48 1.98
C LEU J 217 -29.31 59.40 3.09
N ARG J 218 -30.22 58.91 3.97
CA ARG J 218 -30.74 59.71 5.07
C ARG J 218 -29.63 59.92 6.11
N GLU J 219 -29.03 58.81 6.58
CA GLU J 219 -27.95 58.86 7.55
C GLU J 219 -26.62 59.33 6.93
N LYS J 220 -26.49 59.21 5.58
CA LYS J 220 -25.27 59.57 4.82
C LYS J 220 -24.11 58.69 5.31
N GLU J 221 -24.38 57.38 5.45
CA GLU J 221 -23.39 56.43 5.95
C GLU J 221 -23.72 54.98 5.53
N PHE J 222 -22.78 54.06 5.79
CA PHE J 222 -22.96 52.62 5.48
C PHE J 222 -23.65 51.92 6.64
N ASN J 223 -24.37 50.82 6.33
CA ASN J 223 -25.07 49.97 7.28
C ASN J 223 -24.69 48.53 6.99
N LYS J 224 -24.91 47.61 7.95
CA LYS J 224 -24.56 46.20 7.78
C LYS J 224 -25.25 45.65 6.53
N GLY J 225 -24.49 44.92 5.72
CA GLY J 225 -24.98 44.35 4.47
C GLY J 225 -25.81 43.08 4.65
N PRO J 226 -26.59 42.67 3.61
CA PRO J 226 -27.39 41.45 3.73
C PRO J 226 -26.61 40.18 4.05
N TRP J 227 -25.36 40.08 3.59
CA TRP J 227 -24.49 38.94 3.89
C TRP J 227 -23.06 39.46 4.00
N LYS J 228 -22.57 39.75 5.22
CA LYS J 228 -21.22 40.33 5.39
C LYS J 228 -20.08 39.34 5.04
N GLN J 229 -18.81 39.82 5.12
CA GLN J 229 -17.55 39.14 4.77
C GLN J 229 -17.61 37.63 4.52
N GLU J 230 -17.26 37.23 3.28
CA GLU J 230 -17.13 35.85 2.85
C GLU J 230 -15.75 35.75 2.19
N ASN J 231 -14.97 34.70 2.46
CA ASN J 231 -13.63 34.56 1.87
C ASN J 231 -13.70 34.09 0.40
N VAL J 232 -12.91 34.74 -0.50
CA VAL J 232 -12.87 34.43 -1.93
C VAL J 232 -11.48 33.91 -2.33
N GLU J 233 -11.27 33.59 -3.64
CA GLU J 233 -9.97 33.09 -4.09
C GLU J 233 -8.91 34.19 -4.10
N ALA J 234 -7.64 33.78 -4.01
CA ALA J 234 -6.47 34.66 -3.96
C ALA J 234 -6.45 35.73 -5.05
N GLU J 235 -6.87 35.37 -6.28
CA GLU J 235 -6.86 36.28 -7.43
C GLU J 235 -8.28 36.73 -7.84
N ALA J 236 -9.24 36.80 -6.89
CA ALA J 236 -10.61 37.25 -7.20
C ALA J 236 -10.54 38.68 -7.72
N SER J 237 -10.80 38.89 -9.03
CA SER J 237 -10.68 40.18 -9.67
C SER J 237 -11.99 40.79 -10.22
N MET J 238 -13.05 40.01 -10.46
CA MET J 238 -14.28 40.55 -11.05
C MET J 238 -15.52 40.30 -10.20
N VAL J 239 -16.44 41.28 -10.15
CA VAL J 239 -17.73 41.19 -9.44
C VAL J 239 -18.82 41.50 -10.44
N ILE J 240 -19.87 40.67 -10.49
CA ILE J 240 -20.98 40.83 -11.43
C ILE J 240 -22.27 40.68 -10.63
N ALA J 241 -23.12 41.73 -10.59
CA ALA J 241 -24.42 41.66 -9.90
C ALA J 241 -25.41 40.94 -10.83
N VAL J 242 -26.13 39.92 -10.32
CA VAL J 242 -27.07 39.14 -11.16
C VAL J 242 -28.52 39.65 -10.98
N PRO J 243 -29.26 39.93 -12.10
CA PRO J 243 -30.64 40.44 -12.02
C PRO J 243 -31.62 39.72 -11.09
N GLU J 244 -32.74 40.43 -10.79
CA GLU J 244 -33.83 40.05 -9.86
C GLU J 244 -34.16 38.54 -9.74
N PRO J 245 -34.41 37.77 -10.83
CA PRO J 245 -34.76 36.34 -10.65
C PRO J 245 -33.73 35.59 -9.80
N PHE J 246 -32.44 35.73 -10.13
CA PHE J 246 -31.37 35.09 -9.39
C PHE J 246 -31.03 35.88 -8.15
N GLY J 247 -30.59 37.11 -8.34
CA GLY J 247 -30.12 37.97 -7.26
C GLY J 247 -28.70 37.64 -6.89
N GLY J 248 -28.14 38.35 -5.91
CA GLY J 248 -26.77 38.10 -5.47
C GLY J 248 -25.72 38.50 -6.48
N ALA J 249 -24.53 37.86 -6.44
CA ALA J 249 -23.44 38.21 -7.36
C ALA J 249 -22.48 37.06 -7.71
N ILE J 250 -21.80 37.20 -8.86
CA ILE J 250 -20.81 36.25 -9.37
C ILE J 250 -19.44 36.90 -9.21
N ILE J 251 -18.50 36.18 -8.58
CA ILE J 251 -17.13 36.65 -8.40
C ILE J 251 -16.22 35.77 -9.26
N ILE J 252 -15.47 36.39 -10.19
CA ILE J 252 -14.55 35.65 -11.07
C ILE J 252 -13.11 35.92 -10.62
N GLY J 253 -12.33 34.84 -10.56
CA GLY J 253 -10.91 34.86 -10.22
C GLY J 253 -10.10 34.21 -11.32
N GLN J 254 -8.85 33.80 -11.03
CA GLN J 254 -8.01 33.21 -12.08
C GLN J 254 -8.48 31.79 -12.40
N GLU J 255 -8.50 30.93 -11.39
CA GLU J 255 -8.90 29.52 -11.55
C GLU J 255 -10.39 29.24 -11.41
N SER J 256 -11.14 30.07 -10.64
CA SER J 256 -12.56 29.81 -10.36
C SER J 256 -13.56 30.93 -10.67
N ILE J 257 -14.85 30.53 -10.69
CA ILE J 257 -16.02 31.39 -10.84
C ILE J 257 -16.97 30.96 -9.73
N THR J 258 -17.32 31.87 -8.80
CA THR J 258 -18.20 31.53 -7.69
C THR J 258 -19.41 32.44 -7.68
N TYR J 259 -20.55 31.92 -7.23
CA TYR J 259 -21.80 32.66 -7.09
C TYR J 259 -22.16 32.71 -5.62
N HIS J 260 -22.45 33.92 -5.10
CA HIS J 260 -22.83 34.09 -3.70
C HIS J 260 -24.19 34.76 -3.60
N ASN J 261 -25.03 34.26 -2.68
CA ASN J 261 -26.37 34.79 -2.44
C ASN J 261 -26.87 34.37 -1.06
N GLY J 262 -26.74 35.28 -0.11
CA GLY J 262 -27.19 35.09 1.27
C GLY J 262 -26.54 33.90 1.97
N ASP J 263 -27.26 32.77 1.98
CA ASP J 263 -26.80 31.53 2.60
C ASP J 263 -26.09 30.63 1.60
N LYS J 264 -26.54 30.58 0.33
CA LYS J 264 -25.93 29.71 -0.69
C LYS J 264 -24.64 30.31 -1.26
N TYR J 265 -23.67 29.43 -1.55
CA TYR J 265 -22.36 29.81 -2.08
C TYR J 265 -21.84 28.69 -2.98
N LEU J 266 -22.12 28.75 -4.29
CA LEU J 266 -21.71 27.72 -5.26
C LEU J 266 -20.44 28.18 -5.96
N ALA J 267 -19.45 27.27 -6.09
CA ALA J 267 -18.17 27.60 -6.72
C ALA J 267 -17.72 26.52 -7.68
N ILE J 268 -17.26 26.92 -8.89
CA ILE J 268 -16.77 26.01 -9.91
C ILE J 268 -15.37 26.42 -10.38
N ALA J 269 -14.50 25.45 -10.64
CA ALA J 269 -13.13 25.68 -11.11
C ALA J 269 -12.94 25.00 -12.48
N PRO J 270 -13.54 25.56 -13.54
CA PRO J 270 -13.44 24.92 -14.86
C PRO J 270 -12.05 25.00 -15.47
N PRO J 271 -11.43 23.88 -15.89
CA PRO J 271 -10.08 23.97 -16.47
C PRO J 271 -9.96 24.82 -17.73
N ILE J 272 -11.06 24.97 -18.49
CA ILE J 272 -11.06 25.75 -19.74
C ILE J 272 -10.70 27.24 -19.51
N ILE J 273 -10.84 27.81 -18.28
CA ILE J 273 -10.49 29.22 -18.00
C ILE J 273 -9.10 29.41 -17.34
N LYS J 274 -8.38 28.33 -17.03
CA LYS J 274 -7.11 28.43 -16.30
C LYS J 274 -5.95 29.01 -17.11
N GLN J 275 -5.84 28.70 -18.41
CA GLN J 275 -4.75 29.20 -19.26
C GLN J 275 -4.63 30.76 -19.37
N SER J 276 -5.71 31.53 -19.10
CA SER J 276 -5.65 33.01 -19.14
C SER J 276 -6.73 33.69 -18.30
N THR J 277 -6.46 34.93 -17.85
CA THR J 277 -7.37 35.67 -16.98
C THR J 277 -8.56 36.28 -17.72
N ILE J 278 -9.78 36.13 -17.14
CA ILE J 278 -11.04 36.74 -17.64
C ILE J 278 -10.96 38.22 -17.23
N VAL J 279 -10.92 39.13 -18.22
CA VAL J 279 -10.76 40.56 -17.94
C VAL J 279 -11.96 41.41 -18.33
N CYS J 280 -13.01 40.83 -18.94
CA CYS J 280 -14.21 41.60 -19.27
C CYS J 280 -15.41 40.66 -19.38
N HIS J 281 -16.61 41.19 -19.10
CA HIS J 281 -17.85 40.43 -19.15
C HIS J 281 -18.99 41.24 -19.72
N ASN J 282 -20.12 40.58 -19.98
CA ASN J 282 -21.33 41.25 -20.44
C ASN J 282 -22.54 40.33 -20.31
N ARG J 283 -23.67 40.88 -19.86
CA ARG J 283 -24.91 40.12 -19.71
C ARG J 283 -25.57 39.88 -21.08
N VAL J 284 -25.96 38.63 -21.35
CA VAL J 284 -26.62 38.27 -22.61
C VAL J 284 -28.13 38.37 -22.38
N ASP J 285 -28.69 37.47 -21.55
CA ASP J 285 -30.12 37.43 -21.27
C ASP J 285 -30.45 38.43 -20.15
N PRO J 286 -31.49 39.29 -20.28
CA PRO J 286 -31.79 40.27 -19.20
C PRO J 286 -32.07 39.69 -17.82
N ASN J 287 -32.52 38.43 -17.74
CA ASN J 287 -32.77 37.73 -16.47
C ASN J 287 -31.46 37.30 -15.78
N GLY J 288 -30.36 37.26 -16.54
CA GLY J 288 -29.05 36.85 -16.05
C GLY J 288 -28.72 35.39 -16.29
N SER J 289 -29.51 34.70 -17.13
CA SER J 289 -29.29 33.28 -17.39
C SER J 289 -27.99 33.01 -18.18
N ARG J 290 -27.52 33.97 -18.98
CA ARG J 290 -26.29 33.82 -19.76
C ARG J 290 -25.43 35.08 -19.69
N TYR J 291 -24.10 34.90 -19.72
CA TYR J 291 -23.10 35.96 -19.64
C TYR J 291 -21.92 35.65 -20.58
N LEU J 292 -21.35 36.67 -21.22
CA LEU J 292 -20.17 36.49 -22.07
C LEU J 292 -18.94 36.89 -21.28
N LEU J 293 -17.87 36.06 -21.31
CA LEU J 293 -16.61 36.35 -20.61
C LEU J 293 -15.48 36.37 -21.62
N GLY J 294 -14.60 37.36 -21.53
CA GLY J 294 -13.47 37.52 -22.45
C GLY J 294 -12.13 37.53 -21.74
N ASP J 295 -11.18 36.69 -22.19
CA ASP J 295 -9.86 36.68 -21.56
C ASP J 295 -8.85 37.61 -22.27
N MET J 296 -7.65 37.75 -21.66
CA MET J 296 -6.57 38.60 -22.16
C MET J 296 -6.03 38.18 -23.53
N GLU J 297 -6.16 36.89 -23.90
CA GLU J 297 -5.65 36.36 -25.17
C GLU J 297 -6.72 36.27 -26.29
N GLY J 298 -7.85 36.97 -26.14
CA GLY J 298 -8.89 37.01 -27.16
C GLY J 298 -9.97 35.93 -27.12
N ARG J 299 -9.88 34.92 -26.23
CA ARG J 299 -10.93 33.89 -26.15
C ARG J 299 -12.23 34.48 -25.65
N LEU J 300 -13.35 33.87 -26.08
CA LEU J 300 -14.71 34.26 -25.72
C LEU J 300 -15.45 33.05 -25.19
N PHE J 301 -15.93 33.15 -23.92
CA PHE J 301 -16.68 32.08 -23.29
C PHE J 301 -18.11 32.50 -23.04
N MET J 302 -18.96 31.52 -22.69
CA MET J 302 -20.35 31.73 -22.33
C MET J 302 -20.56 31.10 -20.97
N LEU J 303 -20.87 31.94 -19.97
CA LEU J 303 -21.13 31.52 -18.61
C LEU J 303 -22.64 31.36 -18.52
N LEU J 304 -23.13 30.15 -18.22
CA LEU J 304 -24.56 29.86 -18.13
C LEU J 304 -24.95 29.58 -16.67
N LEU J 305 -26.08 30.19 -16.23
CA LEU J 305 -26.65 30.04 -14.88
C LEU J 305 -27.96 29.23 -14.98
N GLU J 306 -27.94 27.95 -14.56
CA GLU J 306 -29.14 27.10 -14.64
C GLU J 306 -30.14 27.48 -13.55
N LYS J 307 -31.44 27.51 -13.91
CA LYS J 307 -32.53 27.89 -12.98
C LYS J 307 -33.09 26.67 -12.24
N GLU J 308 -33.93 26.94 -11.24
CA GLU J 308 -34.64 25.91 -10.48
C GLU J 308 -35.89 26.58 -9.93
N GLU J 309 -37.07 26.25 -10.47
CA GLU J 309 -38.33 26.90 -10.05
C GLU J 309 -38.64 26.71 -8.56
N GLN J 310 -38.36 25.53 -8.01
CA GLN J 310 -38.58 25.19 -6.59
C GLN J 310 -40.07 25.30 -6.21
N MET J 311 -40.94 24.88 -7.18
CA MET J 311 -42.41 24.80 -7.23
C MET J 311 -43.18 26.04 -6.75
N ASP J 312 -43.00 26.52 -5.50
CA ASP J 312 -43.70 27.74 -5.07
C ASP J 312 -43.38 28.99 -5.94
N GLY J 313 -42.31 28.94 -6.74
CA GLY J 313 -41.94 30.01 -7.67
C GLY J 313 -40.90 30.96 -7.11
N THR J 314 -39.93 30.39 -6.37
CA THR J 314 -38.85 31.13 -5.74
C THR J 314 -37.65 31.34 -6.67
N VAL J 315 -37.48 30.50 -7.73
CA VAL J 315 -36.37 30.54 -8.70
C VAL J 315 -34.97 30.69 -8.01
N THR J 316 -34.24 29.56 -7.83
CA THR J 316 -32.90 29.54 -7.22
C THR J 316 -31.87 29.08 -8.27
N LEU J 317 -30.57 29.36 -8.04
CA LEU J 317 -29.52 28.95 -8.97
C LEU J 317 -29.25 27.47 -8.74
N LYS J 318 -29.33 26.66 -9.80
CA LYS J 318 -29.10 25.22 -9.73
C LYS J 318 -27.61 24.91 -9.92
N ASP J 319 -27.01 25.46 -11.00
CA ASP J 319 -25.63 25.16 -11.37
C ASP J 319 -25.01 26.26 -12.26
N LEU J 320 -23.66 26.24 -12.39
CA LEU J 320 -22.88 27.14 -13.23
C LEU J 320 -22.12 26.32 -14.27
N ARG J 321 -22.04 26.82 -15.51
CA ARG J 321 -21.33 26.15 -16.59
C ARG J 321 -20.57 27.17 -17.42
N VAL J 322 -19.38 26.79 -17.93
CA VAL J 322 -18.57 27.66 -18.80
C VAL J 322 -18.33 26.91 -20.11
N GLU J 323 -18.63 27.57 -21.25
CA GLU J 323 -18.44 26.99 -22.57
C GLU J 323 -17.59 27.93 -23.42
N LEU J 324 -16.53 27.41 -24.06
CA LEU J 324 -15.67 28.21 -24.93
C LEU J 324 -16.35 28.36 -26.29
N LEU J 325 -16.79 29.59 -26.62
CA LEU J 325 -17.48 29.86 -27.90
C LEU J 325 -16.48 29.91 -29.03
N GLY J 326 -15.46 30.75 -28.89
CA GLY J 326 -14.42 30.89 -29.90
C GLY J 326 -13.44 32.01 -29.60
N GLU J 327 -12.68 32.43 -30.64
CA GLU J 327 -11.66 33.47 -30.54
C GLU J 327 -12.15 34.74 -31.23
N THR J 328 -11.85 35.89 -30.62
CA THR J 328 -12.18 37.22 -31.14
C THR J 328 -10.90 38.09 -31.05
N SER J 329 -11.02 39.40 -31.32
CA SER J 329 -9.90 40.32 -31.18
C SER J 329 -9.68 40.47 -29.67
N ILE J 330 -8.47 40.86 -29.21
CA ILE J 330 -8.21 40.96 -27.75
C ILE J 330 -9.22 41.99 -27.21
N ALA J 331 -10.28 41.48 -26.56
CA ALA J 331 -11.42 42.28 -26.09
C ALA J 331 -11.19 43.13 -24.85
N GLU J 332 -11.37 44.45 -25.01
CA GLU J 332 -11.28 45.38 -23.88
C GLU J 332 -12.66 45.36 -23.21
N CYS J 333 -13.72 45.39 -24.02
CA CYS J 333 -15.11 45.36 -23.58
C CYS J 333 -15.95 44.55 -24.56
N LEU J 334 -17.01 43.91 -24.06
CA LEU J 334 -17.94 43.14 -24.89
C LEU J 334 -19.33 43.68 -24.69
N THR J 335 -20.20 43.54 -25.69
CA THR J 335 -21.58 43.94 -25.52
C THR J 335 -22.49 43.15 -26.48
N TYR J 336 -23.42 42.36 -25.92
CA TYR J 336 -24.35 41.57 -26.72
C TYR J 336 -25.39 42.51 -27.27
N LEU J 337 -25.54 42.52 -28.60
CA LEU J 337 -26.52 43.38 -29.25
C LEU J 337 -27.86 42.64 -29.30
N ASP J 338 -28.07 41.75 -30.25
CA ASP J 338 -29.29 40.95 -30.34
C ASP J 338 -29.16 39.91 -31.42
N ASN J 339 -30.00 38.87 -31.35
CA ASN J 339 -30.04 37.81 -32.36
C ASN J 339 -28.66 37.21 -32.64
N GLY J 340 -27.92 36.89 -31.58
CA GLY J 340 -26.60 36.29 -31.69
C GLY J 340 -25.45 37.21 -32.06
N VAL J 341 -25.68 38.53 -32.29
CA VAL J 341 -24.59 39.44 -32.68
C VAL J 341 -23.97 40.11 -31.45
N VAL J 342 -22.64 39.93 -31.28
CA VAL J 342 -21.86 40.50 -30.18
C VAL J 342 -20.90 41.56 -30.74
N PHE J 343 -20.80 42.73 -30.08
CA PHE J 343 -19.83 43.75 -30.47
C PHE J 343 -18.64 43.62 -29.54
N VAL J 344 -17.45 43.42 -30.13
CA VAL J 344 -16.18 43.30 -29.42
C VAL J 344 -15.45 44.62 -29.61
N GLY J 345 -15.14 45.30 -28.51
CA GLY J 345 -14.38 46.53 -28.49
C GLY J 345 -12.95 46.21 -28.13
N SER J 346 -12.02 46.41 -29.07
CA SER J 346 -10.61 46.08 -28.86
C SER J 346 -9.75 47.33 -28.80
N ARG J 347 -8.72 47.25 -27.95
CA ARG J 347 -7.71 48.30 -27.77
C ARG J 347 -6.43 47.91 -28.51
N LEU J 348 -6.02 46.63 -28.40
CA LEU J 348 -4.81 46.11 -29.07
C LEU J 348 -5.00 45.73 -30.54
N GLY J 349 -6.24 45.51 -30.98
CA GLY J 349 -6.54 45.16 -32.37
C GLY J 349 -7.78 45.84 -32.88
N ASP J 350 -8.27 45.37 -34.04
CA ASP J 350 -9.51 45.89 -34.67
C ASP J 350 -10.72 45.47 -33.84
N SER J 351 -11.69 46.38 -33.70
CA SER J 351 -12.94 46.08 -33.00
C SER J 351 -13.80 45.31 -33.99
N GLN J 352 -14.77 44.51 -33.52
CA GLN J 352 -15.52 43.64 -34.43
C GLN J 352 -16.98 43.50 -34.05
N LEU J 353 -17.78 43.01 -35.02
CA LEU J 353 -19.16 42.58 -34.84
C LEU J 353 -19.04 41.09 -35.17
N VAL J 354 -19.49 40.19 -34.28
CA VAL J 354 -19.35 38.74 -34.50
C VAL J 354 -20.68 38.04 -34.22
N LYS J 355 -20.97 36.99 -34.99
CA LYS J 355 -22.19 36.20 -34.86
C LYS J 355 -21.90 34.96 -34.04
N LEU J 356 -22.83 34.63 -33.11
CA LEU J 356 -22.74 33.45 -32.26
C LEU J 356 -23.75 32.41 -32.77
N ASN J 357 -23.28 31.44 -33.56
CA ASN J 357 -24.12 30.38 -34.12
C ASN J 357 -24.34 29.31 -33.07
N VAL J 358 -25.41 28.53 -33.22
CA VAL J 358 -25.77 27.49 -32.25
C VAL J 358 -25.05 26.17 -32.55
N ASP J 359 -24.98 25.78 -33.82
CA ASP J 359 -24.37 24.51 -34.22
C ASP J 359 -22.84 24.51 -34.29
N SER J 360 -22.15 25.67 -34.28
CA SER J 360 -20.68 25.72 -34.41
C SER J 360 -20.25 25.42 -35.85
N ASN J 361 -18.94 25.22 -36.09
CA ASN J 361 -18.44 24.89 -37.41
C ASN J 361 -17.48 23.68 -37.34
N GLU J 362 -16.90 23.28 -38.49
CA GLU J 362 -16.00 22.12 -38.58
C GLU J 362 -14.75 22.21 -37.68
N GLN J 363 -14.23 23.43 -37.46
CA GLN J 363 -13.07 23.64 -36.60
C GLN J 363 -13.46 23.53 -35.11
N GLY J 364 -14.73 23.78 -34.79
CA GLY J 364 -15.26 23.70 -33.44
C GLY J 364 -15.71 25.03 -32.86
N SER J 365 -15.48 26.16 -33.58
CA SER J 365 -15.84 27.49 -33.09
C SER J 365 -17.31 27.84 -33.34
N TYR J 366 -17.91 28.52 -32.36
CA TYR J 366 -19.29 28.97 -32.42
C TYR J 366 -19.35 30.46 -32.82
N VAL J 367 -18.17 31.14 -32.96
CA VAL J 367 -18.08 32.57 -33.31
C VAL J 367 -17.69 32.76 -34.77
N VAL J 368 -18.39 33.65 -35.51
CA VAL J 368 -18.12 33.95 -36.91
C VAL J 368 -18.10 35.46 -37.11
N ALA J 369 -16.98 36.01 -37.61
CA ALA J 369 -16.83 37.46 -37.78
C ALA J 369 -17.71 38.03 -38.87
N MET J 370 -18.36 39.18 -38.60
CA MET J 370 -19.22 39.87 -39.55
C MET J 370 -18.50 41.11 -40.10
N GLU J 371 -18.20 42.10 -39.24
CA GLU J 371 -17.52 43.34 -39.60
C GLU J 371 -16.26 43.49 -38.79
N THR J 372 -15.30 44.25 -39.32
CA THR J 372 -14.02 44.53 -38.70
C THR J 372 -13.75 46.03 -38.77
N PHE J 373 -13.95 46.74 -37.67
CA PHE J 373 -13.72 48.19 -37.61
C PHE J 373 -12.24 48.45 -37.34
N THR J 374 -11.62 49.22 -38.25
CA THR J 374 -10.19 49.52 -38.19
C THR J 374 -9.83 50.27 -36.93
N ASN J 375 -8.75 49.81 -36.28
CA ASN J 375 -8.16 50.41 -35.08
C ASN J 375 -6.67 50.50 -35.34
N LEU J 376 -6.16 51.73 -35.50
CA LEU J 376 -4.71 51.94 -35.67
C LEU J 376 -3.95 51.51 -34.41
N GLY J 377 -4.70 51.26 -33.31
CA GLY J 377 -4.26 50.65 -32.07
C GLY J 377 -3.04 51.31 -31.47
N PRO J 378 -2.31 50.64 -30.57
CA PRO J 378 -1.11 51.28 -30.03
C PRO J 378 -0.10 51.53 -31.16
N ILE J 379 0.07 52.81 -31.57
CA ILE J 379 1.07 53.12 -32.59
C ILE J 379 2.36 53.22 -31.77
N VAL J 380 3.24 52.22 -31.92
CA VAL J 380 4.48 52.13 -31.15
C VAL J 380 5.68 52.79 -31.87
N ASP J 381 5.59 52.89 -33.21
CA ASP J 381 6.59 53.55 -34.07
C ASP J 381 5.94 53.76 -35.43
N MET J 382 6.46 54.72 -36.20
CA MET J 382 5.93 55.00 -37.53
C MET J 382 6.95 55.75 -38.37
N CYS J 383 6.71 55.79 -39.69
CA CYS J 383 7.59 56.52 -40.62
C CYS J 383 6.81 57.05 -41.80
N VAL J 384 7.32 58.11 -42.42
CA VAL J 384 6.67 58.75 -43.57
C VAL J 384 7.44 58.38 -44.84
N VAL J 385 6.73 57.89 -45.88
CA VAL J 385 7.33 57.46 -47.16
C VAL J 385 6.47 57.95 -48.34
N ASP J 386 7.10 58.26 -49.48
CA ASP J 386 6.40 58.73 -50.69
C ASP J 386 5.65 57.60 -51.42
N LEU J 387 6.33 56.47 -51.61
CA LEU J 387 5.80 55.22 -52.20
C LEU J 387 5.38 55.29 -53.67
N GLU J 388 4.22 55.89 -53.96
CA GLU J 388 3.60 55.87 -55.29
C GLU J 388 3.58 57.19 -56.06
N ARG J 389 3.04 58.26 -55.47
CA ARG J 389 2.86 59.54 -56.15
C ARG J 389 4.17 60.24 -56.46
N GLN J 390 5.22 60.01 -55.65
CA GLN J 390 6.52 60.68 -55.81
C GLN J 390 6.36 62.20 -55.61
N GLY J 391 5.40 62.58 -54.76
CA GLY J 391 5.07 63.96 -54.44
C GLY J 391 4.60 64.07 -53.01
N GLN J 392 3.37 63.58 -52.74
CA GLN J 392 2.82 63.58 -51.38
C GLN J 392 3.19 62.30 -50.62
N GLY J 393 3.38 62.48 -49.33
CA GLY J 393 3.78 61.45 -48.38
C GLY J 393 2.68 60.63 -47.78
N GLN J 394 3.02 59.39 -47.37
CA GLN J 394 2.13 58.41 -46.74
C GLN J 394 2.75 57.95 -45.43
N LEU J 395 1.91 57.68 -44.44
CA LEU J 395 2.34 57.28 -43.11
C LEU J 395 2.16 55.79 -42.95
N VAL J 396 3.23 55.07 -42.57
CA VAL J 396 3.18 53.63 -42.30
C VAL J 396 3.46 53.49 -40.81
N THR J 397 2.56 52.80 -40.08
CA THR J 397 2.70 52.65 -38.62
C THR J 397 2.94 51.21 -38.18
N CYS J 398 3.53 51.06 -36.98
CA CYS J 398 3.69 49.77 -36.29
C CYS J 398 2.54 49.78 -35.29
N SER J 399 1.46 49.06 -35.64
CA SER J 399 0.21 49.08 -34.90
C SER J 399 -0.06 47.79 -34.17
N GLY J 400 -0.84 47.87 -33.10
CA GLY J 400 -1.28 46.69 -32.36
C GLY J 400 -0.22 45.91 -31.62
N ALA J 401 -0.68 44.82 -30.99
CA ALA J 401 0.18 43.95 -30.18
C ALA J 401 -0.23 42.48 -30.29
N PHE J 402 0.75 41.57 -30.18
CA PHE J 402 0.52 40.12 -30.22
C PHE J 402 -0.17 39.69 -31.54
N LYS J 403 -1.13 38.74 -31.51
CA LYS J 403 -1.83 38.30 -32.73
C LYS J 403 -2.46 39.49 -33.47
N GLU J 404 -2.82 40.56 -32.73
CA GLU J 404 -3.40 41.76 -33.31
C GLU J 404 -2.37 42.67 -33.99
N GLY J 405 -1.07 42.41 -33.76
CA GLY J 405 0.02 43.19 -34.34
C GLY J 405 -0.05 43.26 -35.85
N SER J 406 0.23 44.47 -36.41
CA SER J 406 0.14 44.71 -37.85
C SER J 406 0.84 46.01 -38.28
N LEU J 407 0.94 46.24 -39.59
CA LEU J 407 1.39 47.52 -40.12
C LEU J 407 0.16 48.18 -40.72
N ARG J 408 0.12 49.52 -40.75
CA ARG J 408 -1.01 50.23 -41.37
C ARG J 408 -0.44 51.30 -42.29
N ILE J 409 -0.86 51.30 -43.58
CA ILE J 409 -0.42 52.30 -44.56
C ILE J 409 -1.56 53.32 -44.74
N ILE J 410 -1.48 54.45 -44.01
CA ILE J 410 -2.50 55.51 -44.02
C ILE J 410 -2.28 56.47 -45.21
N ARG J 411 -3.37 56.69 -45.98
CA ARG J 411 -3.41 57.57 -47.15
C ARG J 411 -4.36 58.74 -46.88
N ASN J 412 -4.05 59.91 -47.48
CA ASN J 412 -4.85 61.12 -47.33
C ASN J 412 -5.64 61.41 -48.61
N GLY J 413 -6.75 62.13 -48.46
CA GLY J 413 -7.65 62.46 -49.56
C GLY J 413 -8.16 63.89 -49.55
N ILE J 414 -8.64 64.36 -50.72
CA ILE J 414 -9.15 65.73 -50.94
C ILE J 414 -10.32 66.13 -50.02
N GLY J 415 -11.36 65.29 -49.96
CA GLY J 415 -12.52 65.52 -49.10
C GLY J 415 -12.40 64.80 -47.75
N GLY J 416 -13.53 64.65 -47.06
CA GLY J 416 -13.59 63.97 -45.76
C GLY J 416 -14.80 64.33 -44.93
N GLY J 421 -19.65 65.62 -40.16
CA GLY J 421 -20.45 65.43 -38.97
C GLY J 421 -20.81 63.98 -38.66
N GLU J 422 -21.23 63.21 -39.69
CA GLU J 422 -21.65 61.80 -39.54
C GLU J 422 -20.47 60.86 -39.24
N ILE J 423 -20.76 59.58 -38.92
CA ILE J 423 -19.71 58.59 -38.61
C ILE J 423 -19.24 57.93 -39.91
N GLN J 424 -18.14 58.45 -40.47
CA GLN J 424 -17.56 57.91 -41.70
C GLN J 424 -16.65 56.74 -41.33
N LYS J 425 -16.88 55.57 -41.96
CA LYS J 425 -16.14 54.34 -41.65
C LYS J 425 -14.68 54.37 -42.15
N LEU J 426 -13.76 53.82 -41.32
CA LEU J 426 -12.32 53.78 -41.63
C LEU J 426 -11.94 52.62 -42.52
N HIS J 427 -11.23 52.94 -43.61
CA HIS J 427 -10.69 51.97 -44.55
C HIS J 427 -9.23 52.33 -44.72
N ILE J 428 -8.33 51.61 -44.03
CA ILE J 428 -6.88 51.83 -44.06
C ILE J 428 -6.21 50.54 -44.47
N ARG J 429 -5.24 50.62 -45.38
CA ARG J 429 -4.51 49.44 -45.84
C ARG J 429 -3.73 48.80 -44.70
N THR J 430 -4.26 47.67 -44.23
CA THR J 430 -3.71 46.90 -43.11
C THR J 430 -2.89 45.72 -43.62
N VAL J 431 -1.76 45.42 -42.95
CA VAL J 431 -0.86 44.30 -43.25
C VAL J 431 -0.74 43.49 -41.96
N PRO J 432 -1.55 42.42 -41.75
CA PRO J 432 -1.47 41.68 -40.48
C PRO J 432 -0.17 40.89 -40.32
N LEU J 433 0.46 40.96 -39.14
CA LEU J 433 1.69 40.23 -38.86
C LEU J 433 1.51 39.04 -37.91
N TYR J 434 0.44 39.05 -37.08
CA TYR J 434 0.16 38.00 -36.10
C TYR J 434 1.23 37.94 -34.97
N GLU J 435 2.00 39.04 -34.82
CA GLU J 435 3.03 39.19 -33.79
C GLU J 435 3.25 40.68 -33.57
N SER J 436 3.90 41.04 -32.46
CA SER J 436 4.07 42.45 -32.08
C SER J 436 5.13 43.21 -32.90
N PRO J 437 4.76 44.20 -33.76
CA PRO J 437 5.78 45.02 -34.45
C PRO J 437 6.25 46.10 -33.47
N ARG J 438 7.54 46.46 -33.52
CA ARG J 438 8.12 47.40 -32.57
C ARG J 438 8.75 48.67 -33.20
N LYS J 439 9.61 48.54 -34.22
CA LYS J 439 10.27 49.67 -34.87
C LYS J 439 10.22 49.49 -36.37
N ILE J 440 10.10 50.59 -37.15
CA ILE J 440 10.00 50.56 -38.63
C ILE J 440 10.90 51.61 -39.29
N CYS J 441 11.50 51.24 -40.41
CA CYS J 441 12.33 52.15 -41.19
C CYS J 441 12.28 51.75 -42.66
N TYR J 442 12.23 52.72 -43.56
CA TYR J 442 12.13 52.50 -45.00
C TYR J 442 13.50 52.57 -45.69
N GLN J 443 13.74 51.67 -46.66
CA GLN J 443 14.98 51.64 -47.44
C GLN J 443 14.61 51.82 -48.92
N GLU J 444 14.73 53.08 -49.42
CA GLU J 444 14.40 53.42 -50.81
C GLU J 444 15.29 52.67 -51.80
N VAL J 445 16.59 52.54 -51.50
CA VAL J 445 17.55 51.85 -52.35
C VAL J 445 17.12 50.41 -52.67
N SER J 446 16.50 49.70 -51.72
CA SER J 446 16.03 48.33 -51.92
C SER J 446 14.49 48.21 -52.03
N GLN J 447 13.77 49.35 -52.19
CA GLN J 447 12.32 49.41 -52.35
C GLN J 447 11.57 48.54 -51.33
N CYS J 448 11.93 48.67 -50.05
CA CYS J 448 11.28 47.88 -49.00
C CYS J 448 11.48 48.53 -47.63
N PHE J 449 10.79 47.98 -46.63
CA PHE J 449 10.90 48.41 -45.24
C PHE J 449 11.68 47.38 -44.42
N GLY J 450 12.20 47.85 -43.29
CA GLY J 450 12.87 47.05 -42.28
C GLY J 450 12.04 47.23 -41.02
N VAL J 451 11.55 46.14 -40.42
CA VAL J 451 10.68 46.23 -39.25
C VAL J 451 11.16 45.32 -38.15
N LEU J 452 11.38 45.85 -36.93
CA LEU J 452 11.72 45.03 -35.77
C LEU J 452 10.41 44.47 -35.20
N SER J 453 10.41 43.18 -34.84
CA SER J 453 9.20 42.56 -34.31
C SER J 453 9.53 41.45 -33.33
N SER J 454 8.60 41.16 -32.41
CA SER J 454 8.79 40.09 -31.44
C SER J 454 7.57 39.19 -31.40
N ARG J 455 7.84 37.87 -31.25
CA ARG J 455 6.81 36.86 -31.15
C ARG J 455 7.03 36.11 -29.84
N ILE J 456 5.92 35.73 -29.15
CA ILE J 456 5.99 34.98 -27.89
C ILE J 456 6.00 33.49 -28.20
N GLU J 457 6.95 32.76 -27.62
CA GLU J 457 7.03 31.30 -27.72
C GLU J 457 6.98 30.77 -26.30
N VAL J 458 6.60 29.49 -26.12
CA VAL J 458 6.50 28.85 -24.80
C VAL J 458 7.57 27.78 -24.65
N GLN J 459 8.13 27.64 -23.44
CA GLN J 459 9.18 26.66 -23.16
C GLN J 459 8.61 25.24 -23.29
N ASP J 460 9.23 24.42 -24.17
CA ASP J 460 8.82 23.05 -24.43
C ASP J 460 9.54 22.07 -23.48
N THR J 461 8.88 20.92 -23.23
CA THR J 461 9.40 19.82 -22.41
C THR J 461 10.81 19.39 -22.89
N SER J 462 10.98 19.32 -24.23
CA SER J 462 12.24 18.96 -24.90
C SER J 462 13.46 19.82 -24.51
N GLY J 463 13.22 21.09 -24.19
CA GLY J 463 14.28 22.02 -23.83
C GLY J 463 14.16 23.32 -24.60
N GLY J 464 13.84 23.22 -25.88
CA GLY J 464 13.65 24.36 -26.77
C GLY J 464 12.30 25.03 -26.57
N THR J 465 11.95 25.96 -27.48
CA THR J 465 10.69 26.72 -27.43
C THR J 465 9.78 26.38 -28.60
N THR J 466 8.45 26.56 -28.40
CA THR J 466 7.44 26.30 -29.41
C THR J 466 6.57 27.54 -29.61
N ALA J 467 6.24 27.88 -30.87
CA ALA J 467 5.41 29.04 -31.18
C ALA J 467 3.94 28.77 -30.86
N LEU J 468 3.17 29.86 -30.68
CA LEU J 468 1.74 29.80 -30.37
C LEU J 468 0.93 29.66 -31.65
N ARG J 469 1.25 30.48 -32.65
CA ARG J 469 0.55 30.50 -33.95
C ARG J 469 1.55 30.86 -35.05
N PRO J 470 1.22 30.61 -36.32
CA PRO J 470 2.17 30.99 -37.38
C PRO J 470 2.07 32.49 -37.66
N SER J 471 3.14 33.25 -37.37
CA SER J 471 3.20 34.69 -37.56
C SER J 471 4.27 35.08 -38.57
N ALA J 472 4.26 36.37 -38.97
CA ALA J 472 5.19 36.98 -39.95
C ALA J 472 6.63 36.44 -39.93
N SER J 473 7.27 36.36 -38.75
CA SER J 473 8.66 35.89 -38.64
C SER J 473 8.80 34.39 -38.90
N THR J 474 7.73 33.60 -38.68
CA THR J 474 7.75 32.16 -38.95
C THR J 474 7.37 31.82 -40.41
N GLN J 475 6.59 32.70 -41.09
CA GLN J 475 6.14 32.50 -42.47
C GLN J 475 6.85 33.49 -43.41
N ALA J 476 8.19 33.47 -43.42
CA ALA J 476 8.99 34.34 -44.26
C ALA J 476 9.52 33.55 -45.45
N LEU J 477 9.77 34.24 -46.59
CA LEU J 477 10.31 33.56 -47.78
C LEU J 477 11.75 33.15 -47.47
N SER J 478 12.62 34.13 -47.21
CA SER J 478 14.01 33.90 -46.84
C SER J 478 14.09 33.97 -45.31
N SER J 479 14.97 33.17 -44.69
CA SER J 479 15.08 33.14 -43.22
C SER J 479 16.52 33.00 -42.77
N SER J 480 16.82 33.47 -41.55
CA SER J 480 18.16 33.34 -40.98
C SER J 480 18.18 33.52 -39.47
N VAL J 481 19.27 33.07 -38.83
CA VAL J 481 19.49 33.17 -37.38
C VAL J 481 20.85 33.81 -37.13
N SER J 482 20.99 34.59 -36.04
CA SER J 482 22.29 35.21 -35.72
C SER J 482 23.23 34.11 -35.20
N SER J 483 24.32 33.87 -35.94
CA SER J 483 25.33 32.85 -35.62
C SER J 483 26.60 33.59 -35.19
N SER J 484 26.54 34.18 -33.99
CA SER J 484 27.63 34.98 -33.43
C SER J 484 28.38 34.27 -32.34
N LYS J 485 29.58 34.80 -32.08
CA LYS J 485 30.49 34.25 -31.09
C LYS J 485 30.73 35.20 -29.91
N LEU J 486 30.11 36.40 -29.87
CA LEU J 486 30.38 37.32 -28.77
C LEU J 486 29.87 36.81 -27.43
N PHE J 487 28.59 36.41 -27.38
CA PHE J 487 27.95 35.92 -26.15
C PHE J 487 27.74 34.41 -26.10
N SER J 488 28.07 33.66 -27.17
CA SER J 488 27.99 32.19 -27.13
C SER J 488 29.01 31.69 -26.09
N SER J 489 30.21 32.33 -26.06
CA SER J 489 31.27 32.03 -25.11
C SER J 489 31.04 32.81 -23.80
N SER J 490 30.64 34.10 -23.91
CA SER J 490 30.38 34.98 -22.77
C SER J 490 28.86 34.98 -22.42
N THR J 491 28.40 33.89 -21.78
CA THR J 491 27.01 33.66 -21.35
C THR J 491 26.96 33.31 -19.85
N ALA J 492 25.90 33.75 -19.16
CA ALA J 492 25.71 33.47 -17.73
C ALA J 492 25.04 32.09 -17.54
N PRO J 493 25.26 31.37 -16.41
CA PRO J 493 24.61 30.07 -16.24
C PRO J 493 23.18 30.18 -15.69
N HIS J 494 22.18 29.59 -16.40
CA HIS J 494 20.78 29.63 -15.98
C HIS J 494 19.92 28.66 -16.82
N GLU J 495 18.72 28.33 -16.35
CA GLU J 495 17.82 27.45 -17.09
C GLU J 495 16.36 27.95 -17.01
N THR J 496 15.61 27.82 -18.12
CA THR J 496 14.20 28.25 -18.21
C THR J 496 13.28 27.04 -17.96
N SER J 497 12.27 27.21 -17.09
CA SER J 497 11.34 26.14 -16.71
C SER J 497 10.21 25.97 -17.72
N PHE J 498 9.66 24.74 -17.81
CA PHE J 498 8.56 24.40 -18.74
C PHE J 498 7.36 25.31 -18.57
N GLY J 499 6.75 25.70 -19.68
CA GLY J 499 5.58 26.56 -19.70
C GLY J 499 5.87 28.05 -19.72
N GLU J 500 7.08 28.49 -19.27
CA GLU J 500 7.42 29.92 -19.25
C GLU J 500 7.45 30.50 -20.66
N GLU J 501 6.91 31.72 -20.82
CA GLU J 501 6.90 32.42 -22.10
C GLU J 501 8.22 33.13 -22.33
N VAL J 502 8.67 33.21 -23.58
CA VAL J 502 9.91 33.91 -23.96
C VAL J 502 9.69 34.56 -25.30
N GLU J 503 9.98 35.88 -25.42
CA GLU J 503 9.78 36.57 -26.69
C GLU J 503 11.03 36.47 -27.59
N VAL J 504 10.80 36.10 -28.88
CA VAL J 504 11.84 35.94 -29.89
C VAL J 504 11.79 37.20 -30.74
N HIS J 505 12.95 37.87 -30.88
CA HIS J 505 13.08 39.10 -31.66
C HIS J 505 13.59 38.85 -33.07
N ASN J 506 13.01 39.55 -34.06
CA ASN J 506 13.36 39.39 -35.48
C ASN J 506 13.35 40.73 -36.21
N LEU J 507 14.08 40.78 -37.33
CA LEU J 507 14.13 41.93 -38.22
C LEU J 507 13.46 41.46 -39.50
N LEU J 508 12.28 41.99 -39.78
CA LEU J 508 11.53 41.63 -40.97
C LEU J 508 11.89 42.59 -42.11
N ILE J 509 12.07 42.06 -43.32
CA ILE J 509 12.32 42.86 -44.53
C ILE J 509 11.03 42.73 -45.33
N ILE J 510 10.20 43.78 -45.36
CA ILE J 510 8.89 43.73 -46.01
C ILE J 510 8.86 44.58 -47.28
N ASP J 511 8.39 43.98 -48.41
CA ASP J 511 8.31 44.68 -49.71
C ASP J 511 7.41 45.92 -49.66
N GLN J 512 7.83 47.04 -50.28
CA GLN J 512 7.04 48.28 -50.24
C GLN J 512 5.73 48.23 -51.05
N HIS J 513 5.66 47.32 -52.05
CA HIS J 513 4.49 47.21 -52.93
C HIS J 513 3.52 46.13 -52.43
N THR J 514 3.97 44.88 -52.37
CA THR J 514 3.14 43.74 -51.95
C THR J 514 3.00 43.59 -50.44
N PHE J 515 3.97 44.11 -49.66
CA PHE J 515 4.02 43.99 -48.20
C PHE J 515 4.15 42.54 -47.74
N GLU J 516 4.82 41.70 -48.55
CA GLU J 516 5.07 40.33 -48.17
C GLU J 516 6.39 40.30 -47.42
N VAL J 517 6.54 39.35 -46.47
CA VAL J 517 7.76 39.23 -45.69
C VAL J 517 8.82 38.55 -46.56
N LEU J 518 9.69 39.37 -47.17
CA LEU J 518 10.76 38.87 -48.04
C LEU J 518 11.82 38.10 -47.25
N HIS J 519 12.19 38.58 -46.05
CA HIS J 519 13.19 37.92 -45.21
C HIS J 519 12.91 38.16 -43.73
N ALA J 520 13.26 37.19 -42.87
CA ALA J 520 13.10 37.30 -41.41
C ALA J 520 14.39 36.84 -40.71
N HIS J 521 15.09 37.77 -40.06
CA HIS J 521 16.33 37.47 -39.35
C HIS J 521 16.10 37.41 -37.87
N GLN J 522 16.23 36.23 -37.28
CA GLN J 522 16.06 36.03 -35.85
C GLN J 522 17.36 36.40 -35.13
N PHE J 523 17.26 37.11 -34.02
CA PHE J 523 18.43 37.53 -33.25
C PHE J 523 18.89 36.41 -32.31
N LEU J 524 19.89 36.67 -31.43
CA LEU J 524 20.40 35.66 -30.50
C LEU J 524 19.43 35.37 -29.37
N GLN J 525 19.66 34.25 -28.68
CA GLN J 525 18.82 33.87 -27.53
C GLN J 525 19.09 34.88 -26.42
N ASN J 526 18.03 35.39 -25.77
CA ASN J 526 18.09 36.43 -24.74
C ASN J 526 18.47 37.82 -25.30
N GLU J 527 18.47 38.02 -26.64
CA GLU J 527 18.81 39.31 -27.24
C GLU J 527 17.56 40.13 -27.51
N TYR J 528 17.48 41.32 -26.91
CA TYR J 528 16.35 42.24 -27.09
C TYR J 528 16.74 43.34 -28.09
N ALA J 529 15.99 43.48 -29.20
CA ALA J 529 16.28 44.52 -30.19
C ALA J 529 15.52 45.78 -29.79
N LEU J 530 16.25 46.89 -29.60
CA LEU J 530 15.67 48.16 -29.14
C LEU J 530 15.56 49.21 -30.24
N SER J 531 16.67 49.49 -30.96
CA SER J 531 16.71 50.54 -31.99
C SER J 531 17.00 50.02 -33.39
N LEU J 532 16.61 50.79 -34.41
CA LEU J 532 16.77 50.41 -35.81
C LEU J 532 16.92 51.66 -36.67
N VAL J 533 17.88 51.64 -37.60
CA VAL J 533 18.08 52.74 -38.56
C VAL J 533 18.45 52.17 -39.94
N SER J 534 18.17 52.95 -41.00
CA SER J 534 18.53 52.62 -42.39
C SER J 534 19.30 53.82 -42.93
N CYS J 535 20.58 53.65 -43.28
CA CYS J 535 21.38 54.78 -43.76
C CYS J 535 22.65 54.37 -44.51
N LYS J 536 23.33 55.38 -45.09
CA LYS J 536 24.64 55.28 -45.74
C LYS J 536 25.63 55.92 -44.75
N LEU J 537 26.74 55.23 -44.43
CA LEU J 537 27.75 55.75 -43.48
C LEU J 537 29.11 55.97 -44.14
N GLY J 538 29.66 57.17 -43.99
CA GLY J 538 30.97 57.53 -44.50
C GLY J 538 31.05 57.56 -46.01
N LYS J 539 32.17 57.07 -46.57
CA LYS J 539 32.38 57.02 -48.02
C LYS J 539 31.60 55.87 -48.68
N ASP J 540 31.19 54.84 -47.90
CA ASP J 540 30.49 53.67 -48.41
C ASP J 540 29.18 54.02 -49.14
N PRO J 541 29.05 53.65 -50.43
CA PRO J 541 27.81 53.97 -51.16
C PRO J 541 26.62 53.03 -50.85
N ASN J 542 26.85 51.87 -50.19
CA ASN J 542 25.77 50.93 -49.86
C ASN J 542 24.91 51.48 -48.71
N THR J 543 23.59 51.21 -48.75
CA THR J 543 22.66 51.61 -47.70
C THR J 543 22.45 50.39 -46.81
N TYR J 544 22.79 50.49 -45.51
CA TYR J 544 22.70 49.40 -44.55
C TYR J 544 21.55 49.59 -43.57
N PHE J 545 21.04 48.46 -43.03
CA PHE J 545 19.99 48.42 -42.00
C PHE J 545 20.76 48.15 -40.71
N ILE J 546 20.92 49.14 -39.80
CA ILE J 546 21.67 48.94 -38.55
C ILE J 546 20.67 48.73 -37.41
N VAL J 547 20.94 47.75 -36.51
CA VAL J 547 20.08 47.40 -35.36
C VAL J 547 20.83 47.42 -34.00
N GLY J 548 20.30 48.17 -33.03
CA GLY J 548 20.83 48.26 -31.68
C GLY J 548 20.12 47.28 -30.77
N THR J 549 20.89 46.46 -30.03
CA THR J 549 20.35 45.39 -29.17
C THR J 549 20.78 45.50 -27.70
N ALA J 550 20.33 44.52 -26.89
CA ALA J 550 20.65 44.43 -25.46
C ALA J 550 20.44 43.00 -25.00
N MET J 551 21.45 42.37 -24.36
CA MET J 551 21.30 40.99 -23.86
C MET J 551 20.58 41.05 -22.51
N VAL J 552 19.34 40.58 -22.50
CA VAL J 552 18.45 40.61 -21.34
C VAL J 552 18.35 39.25 -20.67
N TYR J 553 18.99 39.11 -19.49
CA TYR J 553 18.92 37.90 -18.67
C TYR J 553 18.02 38.25 -17.48
N PRO J 554 17.25 37.30 -16.90
CA PRO J 554 16.37 37.67 -15.78
C PRO J 554 17.10 38.02 -14.49
N GLU J 555 18.18 37.30 -14.15
CA GLU J 555 18.98 37.60 -12.96
C GLU J 555 19.69 38.95 -13.05
N GLU J 556 20.05 39.39 -14.27
CA GLU J 556 20.76 40.65 -14.52
C GLU J 556 19.74 41.80 -14.63
N ALA J 557 19.80 42.77 -13.69
CA ALA J 557 18.86 43.90 -13.66
C ALA J 557 19.11 44.91 -14.80
N GLU J 558 20.25 45.63 -14.77
CA GLU J 558 20.59 46.60 -15.81
C GLU J 558 21.43 45.87 -16.87
N PRO J 559 21.14 45.98 -18.19
CA PRO J 559 21.94 45.23 -19.18
C PRO J 559 23.41 45.66 -19.26
N LYS J 560 24.33 44.68 -19.26
CA LYS J 560 25.77 44.93 -19.35
C LYS J 560 26.37 44.42 -20.67
N GLN J 561 25.52 43.98 -21.63
CA GLN J 561 25.97 43.47 -22.92
C GLN J 561 24.98 43.83 -24.02
N GLY J 562 25.50 44.17 -25.21
CA GLY J 562 24.66 44.47 -26.37
C GLY J 562 25.47 44.56 -27.64
N ARG J 563 24.81 44.70 -28.81
CA ARG J 563 25.51 44.82 -30.10
C ARG J 563 24.88 45.84 -31.01
N ILE J 564 25.67 46.25 -32.00
CA ILE J 564 25.28 47.13 -33.10
C ILE J 564 25.57 46.27 -34.33
N VAL J 565 24.53 45.77 -34.99
CA VAL J 565 24.69 44.88 -36.13
C VAL J 565 24.33 45.63 -37.40
N VAL J 566 25.27 45.71 -38.35
CA VAL J 566 25.07 46.38 -39.64
C VAL J 566 24.68 45.30 -40.62
N PHE J 567 23.47 45.38 -41.20
CA PHE J 567 22.99 44.39 -42.18
C PHE J 567 22.88 45.02 -43.55
N GLN J 568 23.02 44.21 -44.61
CA GLN J 568 22.83 44.66 -45.99
C GLN J 568 21.85 43.70 -46.66
N TYR J 569 20.78 44.25 -47.24
CA TYR J 569 19.79 43.45 -47.95
C TYR J 569 20.08 43.54 -49.44
N SER J 570 20.38 42.39 -50.06
CA SER J 570 20.68 42.34 -51.49
C SER J 570 20.40 40.95 -52.05
N ASP J 571 19.91 40.89 -53.29
CA ASP J 571 19.60 39.64 -53.99
C ASP J 571 18.62 38.75 -53.21
N GLY J 572 17.65 39.38 -52.53
CA GLY J 572 16.65 38.66 -51.75
C GLY J 572 17.12 38.06 -50.44
N LYS J 573 18.32 38.43 -49.96
CA LYS J 573 18.89 37.90 -48.72
C LYS J 573 19.53 39.00 -47.88
N LEU J 574 19.47 38.84 -46.55
CA LEU J 574 20.04 39.79 -45.58
C LEU J 574 21.35 39.21 -45.04
N GLN J 575 22.46 39.96 -45.18
CA GLN J 575 23.79 39.49 -44.74
C GLN J 575 24.38 40.43 -43.69
N THR J 576 25.02 39.85 -42.66
CA THR J 576 25.65 40.64 -41.60
C THR J 576 26.97 41.21 -42.14
N VAL J 577 27.06 42.54 -42.22
CA VAL J 577 28.25 43.24 -42.72
C VAL J 577 29.26 43.35 -41.59
N ALA J 578 28.83 43.94 -40.46
CA ALA J 578 29.66 44.16 -39.28
C ALA J 578 28.86 43.94 -38.01
N GLU J 579 29.57 43.66 -36.92
CA GLU J 579 29.01 43.38 -35.60
C GLU J 579 29.92 44.06 -34.58
N LYS J 580 29.38 44.95 -33.72
CA LYS J 580 30.20 45.64 -32.71
C LYS J 580 29.61 45.40 -31.33
N GLU J 581 30.39 44.77 -30.42
CA GLU J 581 29.95 44.50 -29.05
C GLU J 581 30.01 45.80 -28.25
N VAL J 582 29.09 45.95 -27.27
CA VAL J 582 29.06 47.10 -26.37
C VAL J 582 28.78 46.66 -24.94
N LYS J 583 29.16 47.51 -23.98
CA LYS J 583 29.04 47.22 -22.56
C LYS J 583 27.66 47.59 -21.96
N GLY J 584 26.64 47.75 -22.80
CA GLY J 584 25.29 48.01 -22.32
C GLY J 584 24.20 47.85 -23.36
N ALA J 585 23.04 48.46 -23.11
CA ALA J 585 21.88 48.41 -24.01
C ALA J 585 21.88 49.57 -24.99
N VAL J 586 21.84 49.26 -26.30
CA VAL J 586 21.82 50.29 -27.36
C VAL J 586 20.36 50.78 -27.50
N TYR J 587 19.92 51.68 -26.58
CA TYR J 587 18.53 52.18 -26.54
C TYR J 587 18.12 52.93 -27.80
N SER J 588 19.04 53.76 -28.34
CA SER J 588 18.74 54.56 -29.52
C SER J 588 19.96 54.81 -30.37
N MET J 589 19.71 55.05 -31.68
CA MET J 589 20.74 55.33 -32.68
C MET J 589 20.18 56.31 -33.70
N VAL J 590 21.05 57.19 -34.23
CA VAL J 590 20.69 58.14 -35.28
C VAL J 590 21.84 58.32 -36.27
N GLU J 591 21.49 58.65 -37.52
CA GLU J 591 22.44 58.94 -38.58
C GLU J 591 22.94 60.35 -38.26
N PHE J 592 24.24 60.50 -38.00
CA PHE J 592 24.82 61.79 -37.62
C PHE J 592 25.94 62.24 -38.56
N ASN J 593 25.59 63.01 -39.60
CA ASN J 593 26.55 63.58 -40.55
C ASN J 593 27.53 62.52 -41.11
N GLY J 594 26.97 61.45 -41.66
CA GLY J 594 27.74 60.34 -42.22
C GLY J 594 28.38 59.40 -41.21
N LYS J 595 28.07 59.58 -39.91
CA LYS J 595 28.60 58.75 -38.82
C LYS J 595 27.40 58.17 -38.06
N LEU J 596 27.64 57.16 -37.21
CA LEU J 596 26.57 56.53 -36.45
C LEU J 596 26.65 56.97 -35.00
N LEU J 597 25.62 57.67 -34.53
CA LEU J 597 25.54 58.13 -33.15
C LEU J 597 24.66 57.15 -32.40
N ALA J 598 25.22 56.42 -31.41
CA ALA J 598 24.49 55.43 -30.62
C ALA J 598 24.51 55.82 -29.16
N SER J 599 23.59 55.24 -28.37
CA SER J 599 23.49 55.51 -26.93
C SER J 599 23.53 54.20 -26.15
N ILE J 600 24.63 53.95 -25.42
CA ILE J 600 24.80 52.73 -24.62
C ILE J 600 24.65 53.10 -23.13
N ASN J 601 23.48 52.79 -22.54
CA ASN J 601 23.13 53.12 -21.16
C ASN J 601 23.28 54.64 -20.88
N SER J 602 24.33 55.07 -20.16
CA SER J 602 24.56 56.48 -19.83
C SER J 602 25.46 57.19 -20.84
N THR J 603 26.22 56.40 -21.66
CA THR J 603 27.13 56.96 -22.66
C THR J 603 26.42 57.25 -23.96
N VAL J 604 26.84 58.33 -24.64
CA VAL J 604 26.39 58.71 -25.98
C VAL J 604 27.65 58.60 -26.81
N ARG J 605 27.77 57.51 -27.59
CA ARG J 605 28.96 57.21 -28.38
C ARG J 605 28.82 57.54 -29.86
N LEU J 606 29.94 57.96 -30.50
CA LEU J 606 29.97 58.29 -31.92
C LEU J 606 30.91 57.32 -32.62
N TYR J 607 30.38 56.58 -33.59
CA TYR J 607 31.14 55.61 -34.36
C TYR J 607 31.36 56.11 -35.76
N GLU J 608 32.53 55.79 -36.34
CA GLU J 608 32.88 56.13 -37.71
C GLU J 608 32.96 54.83 -38.50
N TRP J 609 32.45 54.83 -39.74
CA TRP J 609 32.45 53.66 -40.61
C TRP J 609 33.75 53.60 -41.41
N THR J 610 34.69 52.74 -40.97
CA THR J 610 36.00 52.63 -41.60
C THR J 610 35.95 52.00 -42.99
N THR J 611 37.04 52.17 -43.73
CA THR J 611 37.20 51.62 -45.08
C THR J 611 37.24 50.10 -45.08
N GLU J 612 37.58 49.48 -43.92
CA GLU J 612 37.59 48.03 -43.76
C GLU J 612 36.17 47.50 -43.45
N LYS J 613 35.12 48.37 -43.49
CA LYS J 613 33.72 48.02 -43.21
C LYS J 613 33.54 47.52 -41.78
N GLU J 614 33.93 48.37 -40.82
CA GLU J 614 33.82 48.11 -39.38
C GLU J 614 33.56 49.43 -38.66
N LEU J 615 32.84 49.38 -37.51
CA LEU J 615 32.55 50.57 -36.72
C LEU J 615 33.75 50.85 -35.82
N ARG J 616 34.23 52.10 -35.80
CA ARG J 616 35.38 52.52 -34.98
C ARG J 616 34.96 53.70 -34.13
N THR J 617 35.18 53.60 -32.81
CA THR J 617 34.78 54.64 -31.84
C THR J 617 35.61 55.91 -31.98
N GLU J 618 34.96 57.10 -32.14
CA GLU J 618 35.67 58.38 -32.21
C GLU J 618 35.40 59.25 -30.95
N CYS J 619 34.15 59.27 -30.44
CA CYS J 619 33.78 60.06 -29.26
C CYS J 619 32.92 59.27 -28.30
N ASN J 620 32.88 59.76 -27.05
CA ASN J 620 32.05 59.23 -25.97
C ASN J 620 31.61 60.44 -25.15
N HIS J 621 30.40 60.39 -24.60
CA HIS J 621 29.94 61.43 -23.70
C HIS J 621 29.18 60.79 -22.57
N TYR J 622 29.74 60.84 -21.37
CA TYR J 622 29.18 60.22 -20.18
C TYR J 622 28.21 61.19 -19.55
N ASN J 623 26.92 60.80 -19.46
CA ASN J 623 25.85 61.66 -18.97
C ASN J 623 25.38 61.31 -17.57
N ASN J 624 24.66 62.26 -16.96
CA ASN J 624 24.04 62.11 -15.64
C ASN J 624 22.68 61.40 -15.78
N ILE J 625 22.26 61.03 -16.99
CA ILE J 625 20.99 60.37 -17.23
C ILE J 625 21.19 59.19 -18.15
N MET J 626 20.15 58.36 -18.30
CA MET J 626 20.20 57.23 -19.23
C MET J 626 19.78 57.76 -20.60
N ALA J 627 20.68 57.67 -21.59
CA ALA J 627 20.39 58.18 -22.94
C ALA J 627 19.38 57.30 -23.69
N LEU J 628 18.09 57.45 -23.33
CA LEU J 628 17.01 56.67 -23.94
C LEU J 628 16.58 57.32 -25.22
N TYR J 629 16.20 58.59 -25.13
CA TYR J 629 15.72 59.37 -26.26
C TYR J 629 16.89 60.08 -26.91
N LEU J 630 17.19 59.73 -28.17
CA LEU J 630 18.27 60.34 -28.97
C LEU J 630 17.64 60.93 -30.23
N LYS J 631 17.77 62.26 -30.41
CA LYS J 631 17.31 62.98 -31.59
C LYS J 631 18.41 63.96 -31.99
N THR J 632 18.53 64.30 -33.28
CA THR J 632 19.60 65.19 -33.75
C THR J 632 19.18 66.15 -34.86
N LYS J 633 19.85 67.32 -34.90
CA LYS J 633 19.67 68.34 -35.93
C LYS J 633 21.03 68.97 -36.24
N GLY J 634 21.61 68.56 -37.38
CA GLY J 634 22.91 69.03 -37.82
C GLY J 634 24.00 68.55 -36.89
N ASP J 635 24.54 69.46 -36.06
CA ASP J 635 25.57 69.13 -35.07
C ASP J 635 25.01 69.09 -33.64
N PHE J 636 23.70 69.44 -33.44
CA PHE J 636 23.06 69.40 -32.12
C PHE J 636 22.48 68.00 -31.86
N ILE J 637 22.56 67.55 -30.59
CA ILE J 637 22.05 66.25 -30.16
C ILE J 637 21.16 66.46 -28.95
N LEU J 638 19.92 65.98 -29.02
CA LEU J 638 18.97 66.07 -27.93
C LEU J 638 18.94 64.71 -27.26
N VAL J 639 19.21 64.67 -25.94
CA VAL J 639 19.22 63.44 -25.14
C VAL J 639 18.16 63.55 -24.05
N GLY J 640 17.53 62.43 -23.72
CA GLY J 640 16.50 62.42 -22.68
C GLY J 640 16.27 61.06 -22.06
N ASP J 641 15.87 61.04 -20.76
CA ASP J 641 15.58 59.80 -20.04
C ASP J 641 14.09 59.66 -19.75
N LEU J 642 13.70 58.56 -19.11
CA LEU J 642 12.29 58.27 -18.83
C LEU J 642 11.66 59.26 -17.84
N MET J 643 12.47 59.96 -17.01
CA MET J 643 11.98 60.92 -16.02
C MET J 643 12.06 62.39 -16.46
N ARG J 644 11.82 62.66 -17.76
CA ARG J 644 11.79 64.02 -18.31
C ARG J 644 13.08 64.84 -18.06
N SER J 645 14.24 64.15 -18.01
CA SER J 645 15.51 64.84 -17.84
C SER J 645 15.95 65.16 -19.26
N VAL J 646 15.82 66.44 -19.69
CA VAL J 646 16.17 66.87 -21.05
C VAL J 646 17.60 67.43 -21.05
N LEU J 647 18.41 67.05 -22.06
CA LEU J 647 19.82 67.44 -22.17
C LEU J 647 20.17 67.75 -23.63
N LEU J 648 20.87 68.88 -23.88
CA LEU J 648 21.27 69.30 -25.22
C LEU J 648 22.80 69.27 -25.37
N LEU J 649 23.33 68.34 -26.18
CA LEU J 649 24.77 68.22 -26.46
C LEU J 649 25.07 68.80 -27.83
N ALA J 650 26.36 68.95 -28.16
CA ALA J 650 26.80 69.47 -29.45
C ALA J 650 28.14 68.89 -29.83
N TYR J 651 28.24 68.37 -31.06
CA TYR J 651 29.50 67.80 -31.57
C TYR J 651 30.39 68.96 -32.01
N LYS J 652 31.58 69.11 -31.40
CA LYS J 652 32.53 70.16 -31.78
C LYS J 652 33.42 69.55 -32.87
N PRO J 653 33.30 69.93 -34.16
CA PRO J 653 34.12 69.26 -35.20
C PRO J 653 35.61 69.51 -35.13
N MET J 654 36.01 70.78 -34.91
CA MET J 654 37.43 71.14 -34.82
C MET J 654 38.12 70.47 -33.62
N GLU J 655 37.42 70.33 -32.48
CA GLU J 655 37.96 69.69 -31.28
C GLU J 655 37.90 68.15 -31.39
N GLY J 656 36.81 67.63 -31.95
CA GLY J 656 36.61 66.19 -32.10
C GLY J 656 36.12 65.54 -30.82
N ASN J 657 35.10 66.16 -30.19
CA ASN J 657 34.51 65.68 -28.94
C ASN J 657 33.13 66.32 -28.72
N PHE J 658 32.40 65.83 -27.69
CA PHE J 658 31.06 66.33 -27.35
C PHE J 658 31.12 67.38 -26.25
N GLU J 659 30.20 68.38 -26.33
CA GLU J 659 30.11 69.49 -25.38
C GLU J 659 28.65 69.70 -24.99
N GLU J 660 28.36 69.83 -23.69
CA GLU J 660 27.01 70.09 -23.22
C GLU J 660 26.68 71.57 -23.39
N ILE J 661 25.55 71.88 -24.02
CA ILE J 661 25.10 73.25 -24.26
C ILE J 661 24.16 73.70 -23.14
N ALA J 662 23.11 72.91 -22.87
CA ALA J 662 22.12 73.25 -21.84
C ALA J 662 21.32 72.01 -21.41
N ARG J 663 20.47 72.17 -20.38
CA ARG J 663 19.62 71.08 -19.88
C ARG J 663 18.44 71.59 -19.04
N ASP J 664 17.49 70.69 -18.73
CA ASP J 664 16.35 71.01 -17.88
C ASP J 664 15.81 69.71 -17.28
N PHE J 665 16.15 69.46 -16.01
CA PHE J 665 15.76 68.26 -15.29
C PHE J 665 14.65 68.54 -14.28
N ASN J 666 13.40 68.24 -14.65
CA ASN J 666 12.23 68.33 -13.80
C ASN J 666 11.70 66.88 -13.74
N PRO J 667 11.68 66.19 -12.58
CA PRO J 667 11.25 64.79 -12.59
C PRO J 667 9.77 64.59 -12.92
N ASN J 668 9.50 63.81 -13.99
CA ASN J 668 8.16 63.45 -14.46
C ASN J 668 8.28 62.41 -15.57
N TRP J 669 7.31 61.51 -15.73
CA TRP J 669 7.43 60.47 -16.76
C TRP J 669 7.34 61.03 -18.18
N MET J 670 8.38 60.83 -19.01
CA MET J 670 8.40 61.30 -20.41
C MET J 670 8.28 60.09 -21.37
N SER J 671 7.38 60.16 -22.38
CA SER J 671 7.11 59.08 -23.33
C SER J 671 7.76 59.24 -24.73
N ALA J 672 8.01 60.49 -25.16
CA ALA J 672 8.63 60.76 -26.47
C ALA J 672 9.23 62.18 -26.49
N VAL J 673 10.17 62.41 -27.43
CA VAL J 673 10.84 63.71 -27.57
C VAL J 673 11.18 64.00 -29.04
N GLU J 674 11.33 65.29 -29.39
CA GLU J 674 11.65 65.70 -30.77
C GLU J 674 12.21 67.12 -30.82
N ILE J 675 13.07 67.39 -31.82
CA ILE J 675 13.66 68.73 -32.02
C ILE J 675 12.78 69.44 -33.04
N LEU J 676 12.09 70.52 -32.63
CA LEU J 676 11.20 71.27 -33.52
C LEU J 676 12.04 72.10 -34.50
N ASP J 677 12.91 72.96 -33.95
CA ASP J 677 13.82 73.81 -34.72
C ASP J 677 15.15 73.87 -33.95
N ASP J 678 16.12 74.67 -34.43
CA ASP J 678 17.43 74.78 -33.78
C ASP J 678 17.36 75.16 -32.29
N ASP J 679 16.34 75.95 -31.88
CA ASP J 679 16.18 76.40 -30.50
C ASP J 679 15.05 75.75 -29.70
N ASN J 680 14.01 75.16 -30.35
CA ASN J 680 12.87 74.54 -29.64
C ASN J 680 12.88 73.02 -29.67
N PHE J 681 12.44 72.38 -28.55
CA PHE J 681 12.40 70.94 -28.38
C PHE J 681 11.06 70.53 -27.78
N LEU J 682 10.32 69.66 -28.48
CA LEU J 682 9.00 69.17 -28.07
C LEU J 682 9.15 67.84 -27.35
N GLY J 683 8.29 67.63 -26.35
CA GLY J 683 8.24 66.38 -25.60
C GLY J 683 6.84 66.02 -25.16
N ALA J 684 6.64 64.76 -24.72
CA ALA J 684 5.35 64.26 -24.25
C ALA J 684 5.52 63.72 -22.82
N GLU J 685 5.05 64.49 -21.81
CA GLU J 685 5.21 64.11 -20.39
C GLU J 685 3.88 63.68 -19.72
N ASN J 686 4.01 63.07 -18.51
CA ASN J 686 2.95 62.43 -17.72
C ASN J 686 1.61 63.13 -17.72
N ALA J 687 0.55 62.28 -17.71
CA ALA J 687 -0.85 62.64 -17.75
C ALA J 687 -1.18 63.29 -19.09
N PHE J 688 -0.75 62.61 -20.17
CA PHE J 688 -1.06 62.94 -21.56
C PHE J 688 -0.77 64.39 -21.96
N ASN J 689 0.28 65.01 -21.40
CA ASN J 689 0.62 66.41 -21.71
C ASN J 689 1.72 66.49 -22.76
N LEU J 690 1.77 67.65 -23.44
CA LEU J 690 2.80 68.01 -24.40
C LEU J 690 3.54 69.19 -23.80
N PHE J 691 4.84 69.30 -24.04
CA PHE J 691 5.61 70.42 -23.51
C PHE J 691 6.70 70.86 -24.47
N VAL J 692 7.09 72.14 -24.38
CA VAL J 692 8.13 72.71 -25.23
C VAL J 692 9.21 73.34 -24.37
N CYS J 693 10.46 72.97 -24.65
CA CYS J 693 11.65 73.48 -23.99
C CYS J 693 12.35 74.35 -25.00
N GLN J 694 12.97 75.45 -24.55
CA GLN J 694 13.64 76.36 -25.47
C GLN J 694 15.03 76.74 -24.98
N LYS J 695 16.00 76.76 -25.92
CA LYS J 695 17.41 77.07 -25.65
C LYS J 695 17.64 78.56 -25.78
N ASP J 696 18.15 79.19 -24.70
CA ASP J 696 18.49 80.61 -24.70
C ASP J 696 19.95 80.67 -25.13
N SER J 697 20.22 81.33 -26.25
CA SER J 697 21.58 81.48 -26.76
C SER J 697 21.89 82.97 -26.76
N ALA J 698 23.15 83.34 -26.51
CA ALA J 698 23.57 84.75 -26.44
C ALA J 698 22.82 85.53 -25.34
N ALA J 699 22.51 84.88 -24.20
CA ALA J 699 21.90 85.53 -23.03
C ALA J 699 23.06 86.20 -22.29
N THR J 700 22.95 86.61 -21.01
CA THR J 700 24.15 87.15 -20.37
C THR J 700 24.98 86.09 -19.66
N THR J 701 24.41 85.50 -18.60
CA THR J 701 25.08 84.55 -17.72
C THR J 701 25.23 83.16 -18.36
N ASP J 702 26.37 82.46 -18.06
CA ASP J 702 26.55 81.09 -18.55
C ASP J 702 25.51 80.19 -17.90
N GLU J 703 25.23 80.44 -16.60
CA GLU J 703 24.23 79.73 -15.81
C GLU J 703 22.86 79.69 -16.51
N GLU J 704 22.34 80.86 -16.96
CA GLU J 704 21.04 80.93 -17.65
C GLU J 704 21.13 80.43 -19.11
N ARG J 705 22.30 80.61 -19.80
CA ARG J 705 22.53 80.05 -21.16
C ARG J 705 22.39 78.51 -21.13
N GLN J 706 22.90 77.88 -20.04
CA GLN J 706 22.89 76.43 -19.82
C GLN J 706 21.54 75.87 -19.30
N HIS J 707 20.44 76.66 -19.32
CA HIS J 707 19.12 76.16 -18.89
C HIS J 707 18.11 76.32 -20.00
N LEU J 708 17.34 75.25 -20.26
CA LEU J 708 16.29 75.27 -21.27
C LEU J 708 15.00 75.70 -20.56
N GLN J 709 14.38 76.81 -21.01
CA GLN J 709 13.17 77.31 -20.35
C GLN J 709 11.94 76.61 -20.90
N GLU J 710 11.00 76.24 -19.99
CA GLU J 710 9.73 75.60 -20.38
C GLU J 710 8.89 76.73 -20.96
N VAL J 711 8.66 76.70 -22.27
CA VAL J 711 7.97 77.78 -22.98
C VAL J 711 6.59 77.38 -23.55
N GLY J 712 6.16 76.13 -23.34
CA GLY J 712 4.86 75.67 -23.80
C GLY J 712 4.39 74.44 -23.05
N LEU J 713 3.11 74.41 -22.68
CA LEU J 713 2.47 73.29 -21.97
C LEU J 713 1.07 73.09 -22.52
N PHE J 714 0.61 71.84 -22.67
CA PHE J 714 -0.72 71.61 -23.21
C PHE J 714 -1.17 70.20 -22.96
N HIS J 715 -2.35 70.02 -22.40
CA HIS J 715 -2.87 68.70 -22.13
C HIS J 715 -3.53 68.14 -23.40
N LEU J 716 -2.79 67.30 -24.13
CA LEU J 716 -3.23 66.65 -25.36
C LEU J 716 -4.36 65.64 -25.12
N GLY J 717 -4.27 64.88 -24.04
CA GLY J 717 -5.27 63.85 -23.72
C GLY J 717 -4.99 62.51 -24.37
N GLU J 718 -3.79 62.36 -24.99
CA GLU J 718 -3.33 61.13 -25.64
C GLU J 718 -1.89 60.83 -25.21
N PHE J 719 -1.50 59.55 -25.21
CA PHE J 719 -0.14 59.14 -24.86
C PHE J 719 0.69 59.00 -26.14
N VAL J 720 1.63 59.95 -26.39
CA VAL J 720 2.49 59.94 -27.58
C VAL J 720 3.62 58.93 -27.39
N ASN J 721 3.82 58.09 -28.41
CA ASN J 721 4.88 57.08 -28.45
C ASN J 721 5.99 57.45 -29.44
N VAL J 722 5.63 58.15 -30.54
CA VAL J 722 6.57 58.50 -31.59
C VAL J 722 6.27 59.87 -32.17
N PHE J 723 7.33 60.66 -32.39
CA PHE J 723 7.26 61.97 -33.04
C PHE J 723 8.00 61.75 -34.36
N CYS J 724 7.46 62.29 -35.46
CA CYS J 724 8.04 62.07 -36.78
C CYS J 724 7.91 63.31 -37.65
N HIS J 725 9.05 63.83 -38.18
CA HIS J 725 9.02 64.98 -39.08
C HIS J 725 8.46 64.53 -40.44
N GLY J 726 7.46 65.25 -40.94
CA GLY J 726 6.82 64.94 -42.22
C GLY J 726 5.42 65.50 -42.33
N SER J 727 4.78 65.31 -43.49
CA SER J 727 3.42 65.80 -43.73
C SER J 727 2.66 64.89 -44.68
N LEU J 728 1.36 64.69 -44.42
CA LEU J 728 0.49 63.85 -45.24
C LEU J 728 -0.26 64.64 -46.34
N VAL J 729 0.21 65.85 -46.68
CA VAL J 729 -0.41 66.68 -47.72
C VAL J 729 0.62 66.97 -48.81
N MET J 730 0.16 67.48 -49.97
CA MET J 730 1.05 67.79 -51.09
C MET J 730 1.95 68.94 -50.67
N GLN J 731 3.28 68.76 -50.73
CA GLN J 731 4.25 69.75 -50.23
C GLN J 731 4.23 71.12 -50.97
N ASN J 732 3.57 71.23 -52.15
CA ASN J 732 3.38 72.48 -52.90
C ASN J 732 4.69 72.95 -53.58
N LEU J 733 4.78 72.78 -54.92
CA LEU J 733 5.97 73.16 -55.72
C LEU J 733 6.24 74.66 -55.64
N GLY J 734 5.29 75.47 -56.11
CA GLY J 734 5.42 76.92 -56.08
C GLY J 734 5.23 77.44 -54.67
N GLU J 735 6.30 78.00 -54.05
CA GLU J 735 6.25 78.49 -52.67
C GLU J 735 5.40 79.76 -52.53
N THR J 736 4.16 79.58 -52.01
CA THR J 736 3.17 80.64 -51.81
C THR J 736 2.99 80.96 -50.33
N SER J 737 3.86 81.84 -49.78
CA SER J 737 3.87 82.32 -48.38
C SER J 737 3.08 81.48 -47.38
N THR J 738 3.70 80.39 -46.88
CA THR J 738 3.06 79.47 -45.91
C THR J 738 2.80 80.14 -44.55
N PRO J 739 1.58 80.01 -43.98
CA PRO J 739 1.33 80.60 -42.65
C PRO J 739 1.98 79.80 -41.52
N THR J 740 2.05 78.46 -41.65
CA THR J 740 2.65 77.56 -40.67
C THR J 740 4.04 77.11 -41.16
N GLN J 741 5.01 77.01 -40.23
CA GLN J 741 6.39 76.59 -40.53
C GLN J 741 6.68 75.27 -39.79
N GLY J 742 7.21 74.29 -40.53
CA GLY J 742 7.53 72.97 -39.98
C GLY J 742 6.34 72.05 -39.90
N SER J 743 6.58 70.73 -39.69
CA SER J 743 5.50 69.75 -39.58
C SER J 743 5.98 68.48 -38.90
N VAL J 744 5.49 68.24 -37.67
CA VAL J 744 5.85 67.07 -36.87
C VAL J 744 4.59 66.26 -36.58
N LEU J 745 4.50 65.06 -37.13
CA LEU J 745 3.39 64.15 -36.89
C LEU J 745 3.67 63.34 -35.63
N PHE J 746 2.65 62.70 -35.05
CA PHE J 746 2.87 61.86 -33.87
C PHE J 746 1.83 60.73 -33.72
N GLY J 747 2.31 59.56 -33.29
CA GLY J 747 1.50 58.36 -33.09
C GLY J 747 1.23 58.10 -31.62
N THR J 748 -0.04 57.75 -31.28
CA THR J 748 -0.44 57.54 -29.88
C THR J 748 -0.98 56.13 -29.56
N VAL J 749 -1.12 55.84 -28.26
CA VAL J 749 -1.60 54.56 -27.74
C VAL J 749 -3.06 54.25 -28.21
N ASN J 750 -3.90 55.29 -28.43
CA ASN J 750 -5.29 55.09 -28.86
C ASN J 750 -5.47 55.11 -30.38
N GLY J 751 -4.38 55.19 -31.13
CA GLY J 751 -4.46 55.23 -32.59
C GLY J 751 -4.70 56.63 -33.14
N MET J 752 -4.79 57.65 -32.27
CA MET J 752 -4.95 59.03 -32.70
C MET J 752 -3.61 59.49 -33.30
N ILE J 753 -3.67 60.19 -34.43
CA ILE J 753 -2.48 60.74 -35.08
C ILE J 753 -2.67 62.24 -35.08
N GLY J 754 -1.71 62.97 -34.53
CA GLY J 754 -1.77 64.43 -34.48
C GLY J 754 -0.61 65.05 -35.22
N LEU J 755 -0.72 66.36 -35.47
CA LEU J 755 0.31 67.13 -36.17
C LEU J 755 0.61 68.39 -35.38
N VAL J 756 1.89 68.73 -35.24
CA VAL J 756 2.34 69.92 -34.55
C VAL J 756 3.08 70.77 -35.56
N THR J 757 2.93 72.09 -35.46
CA THR J 757 3.61 73.05 -36.34
C THR J 757 3.84 74.36 -35.63
N SER J 758 4.79 75.17 -36.12
CA SER J 758 5.13 76.47 -35.52
C SER J 758 4.47 77.63 -36.27
N LEU J 759 4.11 78.69 -35.53
CA LEU J 759 3.45 79.88 -36.05
C LEU J 759 4.30 81.13 -35.76
N SER J 760 3.80 82.31 -36.20
CA SER J 760 4.42 83.61 -35.93
C SER J 760 3.70 84.21 -34.71
N GLU J 761 4.35 85.15 -34.01
CA GLU J 761 3.76 85.82 -32.83
C GLU J 761 2.39 86.44 -33.15
N SER J 762 2.27 87.10 -34.31
CA SER J 762 1.03 87.73 -34.77
C SER J 762 -0.08 86.70 -34.95
N TRP J 763 0.20 85.64 -35.72
CA TRP J 763 -0.78 84.57 -35.97
C TRP J 763 -1.19 83.87 -34.67
N TYR J 764 -0.25 83.68 -33.73
CA TYR J 764 -0.53 83.04 -32.45
C TYR J 764 -1.49 83.89 -31.63
N ASN J 765 -1.14 85.17 -31.39
CA ASN J 765 -1.97 86.09 -30.60
C ASN J 765 -3.37 86.24 -31.19
N LEU J 766 -3.50 86.18 -32.54
CA LEU J 766 -4.80 86.24 -33.21
C LEU J 766 -5.59 84.98 -32.86
N LEU J 767 -5.00 83.82 -33.13
CA LEU J 767 -5.63 82.53 -32.86
C LEU J 767 -5.98 82.31 -31.39
N LEU J 768 -5.11 82.77 -30.47
CA LEU J 768 -5.34 82.66 -29.02
C LEU J 768 -6.58 83.48 -28.64
N ASP J 769 -6.64 84.74 -29.11
CA ASP J 769 -7.81 85.61 -28.86
C ASP J 769 -9.06 84.95 -29.47
N MET J 770 -8.89 84.35 -30.65
CA MET J 770 -9.96 83.65 -31.36
C MET J 770 -10.49 82.45 -30.58
N GLN J 771 -9.59 81.68 -29.91
CA GLN J 771 -9.99 80.53 -29.08
C GLN J 771 -10.88 80.98 -27.94
N ASN J 772 -10.53 82.09 -27.27
CA ASN J 772 -11.32 82.56 -26.12
C ASN J 772 -12.67 83.10 -26.55
N ARG J 773 -12.77 83.60 -27.80
CA ARG J 773 -14.05 84.06 -28.34
C ARG J 773 -14.89 82.83 -28.70
N LEU J 774 -14.29 81.85 -29.40
CA LEU J 774 -14.94 80.59 -29.77
C LEU J 774 -15.54 79.88 -28.58
N ASN J 775 -14.81 79.82 -27.45
CA ASN J 775 -15.28 79.15 -26.23
C ASN J 775 -16.60 79.69 -25.69
N LYS J 776 -16.87 81.00 -25.88
CA LYS J 776 -18.12 81.60 -25.40
C LYS J 776 -19.31 81.10 -26.20
N VAL J 777 -19.16 80.97 -27.53
CA VAL J 777 -20.25 80.53 -28.42
C VAL J 777 -20.37 79.00 -28.56
N ILE J 778 -19.26 78.23 -28.42
CA ILE J 778 -19.31 76.77 -28.58
C ILE J 778 -19.98 76.08 -27.38
N LYS J 779 -20.79 75.04 -27.65
CA LYS J 779 -21.49 74.27 -26.62
C LYS J 779 -20.69 73.02 -26.28
N SER J 780 -20.14 72.94 -25.07
CA SER J 780 -19.34 71.78 -24.64
C SER J 780 -20.26 70.66 -24.16
N VAL J 781 -19.94 69.41 -24.53
CA VAL J 781 -20.73 68.26 -24.07
C VAL J 781 -20.33 68.07 -22.61
N GLY J 782 -21.33 68.04 -21.73
CA GLY J 782 -21.10 67.93 -20.30
C GLY J 782 -20.71 69.25 -19.65
N LYS J 783 -20.76 70.37 -20.40
CA LYS J 783 -20.41 71.72 -19.94
C LYS J 783 -19.02 71.80 -19.28
N ILE J 784 -18.04 71.10 -19.88
CA ILE J 784 -16.66 71.12 -19.41
C ILE J 784 -15.99 72.33 -20.04
N GLU J 785 -15.22 73.09 -19.26
CA GLU J 785 -14.51 74.27 -19.79
C GLU J 785 -13.30 73.84 -20.63
N HIS J 786 -13.17 74.42 -21.84
CA HIS J 786 -12.04 74.11 -22.72
C HIS J 786 -10.73 74.46 -22.03
N SER J 787 -10.68 75.63 -21.39
CA SER J 787 -9.51 76.12 -20.66
C SER J 787 -9.08 75.06 -19.63
N PHE J 788 -10.04 74.54 -18.85
CA PHE J 788 -9.78 73.49 -17.86
C PHE J 788 -9.27 72.21 -18.50
N TRP J 789 -9.88 71.80 -19.62
CA TRP J 789 -9.52 70.58 -20.34
C TRP J 789 -8.09 70.60 -20.82
N ARG J 790 -7.71 71.62 -21.60
CA ARG J 790 -6.35 71.71 -22.12
C ARG J 790 -5.31 72.14 -21.08
N SER J 791 -5.72 72.64 -19.89
CA SER J 791 -4.76 73.01 -18.83
C SER J 791 -3.85 71.83 -18.51
N PHE J 792 -2.52 72.10 -18.44
CA PHE J 792 -1.50 71.08 -18.13
C PHE J 792 -1.85 70.45 -16.80
N HIS J 793 -1.96 69.11 -16.73
CA HIS J 793 -2.35 68.44 -15.51
C HIS J 793 -1.52 67.24 -15.15
N THR J 794 -1.16 67.15 -13.86
CA THR J 794 -0.49 66.03 -13.21
C THR J 794 -1.14 65.98 -11.82
N GLU J 795 -1.02 64.86 -11.09
CA GLU J 795 -1.58 64.76 -9.74
C GLU J 795 -0.98 65.83 -8.80
N ARG J 796 0.31 66.17 -8.99
CA ARG J 796 0.99 67.18 -8.16
C ARG J 796 0.48 68.58 -8.52
N LYS J 797 0.84 69.06 -9.73
CA LYS J 797 0.51 70.40 -10.21
C LYS J 797 -0.39 70.39 -11.44
N THR J 798 -1.21 71.44 -11.56
CA THR J 798 -2.15 71.65 -12.66
C THR J 798 -2.11 73.15 -13.05
N GLU J 799 -1.34 73.50 -14.11
CA GLU J 799 -1.17 74.89 -14.58
C GLU J 799 -1.92 75.14 -15.90
N PRO J 800 -2.23 76.41 -16.26
CA PRO J 800 -2.94 76.64 -17.53
C PRO J 800 -2.05 76.41 -18.76
N ALA J 801 -2.68 76.10 -19.90
CA ALA J 801 -1.97 75.81 -21.14
C ALA J 801 -1.33 77.06 -21.70
N THR J 802 -0.11 76.95 -22.24
CA THR J 802 0.62 78.08 -22.82
C THR J 802 1.40 77.64 -24.06
N GLY J 803 1.63 78.57 -24.98
CA GLY J 803 2.38 78.33 -26.20
C GLY J 803 1.84 77.27 -27.15
N PHE J 804 0.54 76.95 -27.06
CA PHE J 804 -0.10 75.93 -27.90
C PHE J 804 -1.47 76.40 -28.35
N ILE J 805 -1.82 76.14 -29.62
CA ILE J 805 -3.10 76.49 -30.19
C ILE J 805 -3.84 75.19 -30.51
N ASP J 806 -5.03 75.01 -29.92
CA ASP J 806 -5.82 73.82 -30.17
C ASP J 806 -6.47 73.94 -31.54
N GLY J 807 -5.86 73.29 -32.51
CA GLY J 807 -6.35 73.28 -33.87
C GLY J 807 -7.74 72.69 -34.01
N ASP J 808 -8.10 71.74 -33.15
CA ASP J 808 -9.43 71.14 -33.20
C ASP J 808 -10.50 72.19 -32.88
N LEU J 809 -10.22 73.10 -31.93
CA LEU J 809 -11.13 74.18 -31.56
C LEU J 809 -11.17 75.23 -32.67
N ILE J 810 -10.01 75.61 -33.24
CA ILE J 810 -9.95 76.60 -34.33
C ILE J 810 -10.69 76.08 -35.55
N GLU J 811 -10.43 74.83 -35.95
CA GLU J 811 -11.08 74.24 -37.12
C GLU J 811 -12.58 74.01 -36.93
N SER J 812 -13.08 73.91 -35.67
CA SER J 812 -14.52 73.79 -35.43
C SER J 812 -15.29 75.05 -35.86
N PHE J 813 -14.59 76.20 -36.07
CA PHE J 813 -15.18 77.45 -36.56
C PHE J 813 -15.90 77.27 -37.90
N LEU J 814 -15.38 76.40 -38.79
CA LEU J 814 -16.00 76.18 -40.11
C LEU J 814 -17.30 75.37 -40.04
N ASP J 815 -17.55 74.61 -38.95
CA ASP J 815 -18.75 73.78 -38.81
C ASP J 815 -19.87 74.41 -37.94
N ILE J 816 -19.84 75.73 -37.69
CA ILE J 816 -20.88 76.41 -36.89
C ILE J 816 -21.72 77.35 -37.75
N SER J 817 -22.83 77.85 -37.20
CA SER J 817 -23.76 78.74 -37.91
C SER J 817 -23.19 80.15 -38.12
N ARG J 818 -23.62 80.83 -39.20
CA ARG J 818 -23.17 82.19 -39.54
C ARG J 818 -23.47 83.25 -38.46
N PRO J 819 -24.65 83.30 -37.79
CA PRO J 819 -24.80 84.31 -36.71
C PRO J 819 -23.76 84.15 -35.60
N LYS J 820 -23.40 82.89 -35.25
CA LYS J 820 -22.38 82.62 -34.24
C LYS J 820 -20.97 82.96 -34.74
N MET J 821 -20.71 82.82 -36.06
CA MET J 821 -19.42 83.25 -36.62
C MET J 821 -19.35 84.78 -36.50
N GLN J 822 -20.49 85.46 -36.72
CA GLN J 822 -20.59 86.92 -36.59
C GLN J 822 -20.36 87.34 -35.13
N GLU J 823 -20.83 86.54 -34.15
CA GLU J 823 -20.62 86.82 -32.73
C GLU J 823 -19.12 86.78 -32.41
N VAL J 824 -18.41 85.75 -32.93
CA VAL J 824 -16.94 85.55 -32.74
C VAL J 824 -16.14 86.75 -33.27
N VAL J 825 -16.45 87.21 -34.50
CA VAL J 825 -15.74 88.34 -35.12
C VAL J 825 -16.30 89.72 -34.70
N ALA J 826 -17.29 89.78 -33.78
CA ALA J 826 -17.86 91.05 -33.31
C ALA J 826 -16.79 91.88 -32.59
N ASN J 827 -16.51 93.09 -33.11
CA ASN J 827 -15.49 94.02 -32.59
C ASN J 827 -14.09 93.36 -32.59
N LEU J 828 -13.73 92.71 -33.73
CA LEU J 828 -12.45 92.02 -33.88
C LEU J 828 -11.66 92.61 -35.04
N GLN J 829 -10.44 93.06 -34.78
CA GLN J 829 -9.56 93.67 -35.78
C GLN J 829 -8.66 92.62 -36.40
N TYR J 830 -8.56 92.61 -37.75
CA TYR J 830 -7.78 91.64 -38.50
C TYR J 830 -6.88 92.31 -39.54
N ASP J 831 -5.72 91.66 -39.85
CA ASP J 831 -4.75 92.11 -40.84
C ASP J 831 -4.80 91.21 -42.07
N ASP J 832 -5.16 91.78 -43.25
CA ASP J 832 -5.23 91.03 -44.52
C ASP J 832 -3.98 91.23 -45.42
N GLY J 833 -2.96 91.91 -44.89
CA GLY J 833 -1.68 92.16 -45.56
C GLY J 833 -1.21 93.60 -45.48
N SER J 834 -0.31 93.88 -44.53
CA SER J 834 0.30 95.20 -44.29
C SER J 834 -0.71 96.29 -43.90
N GLY J 835 -1.49 96.79 -44.85
CA GLY J 835 -2.48 97.84 -44.62
C GLY J 835 -3.81 97.26 -44.19
N MET J 836 -4.43 97.84 -43.14
CA MET J 836 -5.71 97.41 -42.55
C MET J 836 -5.60 96.01 -41.89
N LYS J 837 -5.77 95.83 -40.55
CA LYS J 837 -6.20 96.78 -39.51
C LYS J 837 -7.64 97.27 -39.78
N ARG J 838 -8.55 96.31 -40.09
CA ARG J 838 -9.97 96.63 -40.36
C ARG J 838 -10.88 95.67 -39.62
N GLU J 839 -12.20 95.95 -39.64
CA GLU J 839 -13.18 95.10 -38.97
C GLU J 839 -13.28 93.76 -39.69
N ALA J 840 -13.05 92.67 -38.94
CA ALA J 840 -13.03 91.31 -39.49
C ALA J 840 -14.43 90.79 -39.83
N THR J 841 -14.58 90.18 -41.04
CA THR J 841 -15.85 89.57 -41.45
C THR J 841 -15.69 88.07 -41.33
N ALA J 842 -16.80 87.34 -41.28
CA ALA J 842 -16.76 85.88 -41.18
C ALA J 842 -16.13 85.26 -42.43
N ASP J 843 -16.32 85.88 -43.61
CA ASP J 843 -15.73 85.41 -44.86
C ASP J 843 -14.20 85.51 -44.84
N ASP J 844 -13.65 86.55 -44.19
CA ASP J 844 -12.19 86.72 -44.06
C ASP J 844 -11.63 85.58 -43.20
N LEU J 845 -12.25 85.37 -42.03
CA LEU J 845 -11.81 84.36 -41.07
C LEU J 845 -12.03 82.93 -41.60
N ILE J 846 -13.11 82.68 -42.37
CA ILE J 846 -13.35 81.38 -43.00
C ILE J 846 -12.17 81.09 -43.95
N LYS J 847 -11.69 82.11 -44.68
CA LYS J 847 -10.55 81.96 -45.60
C LYS J 847 -9.28 81.54 -44.84
N VAL J 848 -9.05 82.12 -43.65
CA VAL J 848 -7.86 81.78 -42.82
C VAL J 848 -7.96 80.37 -42.24
N VAL J 849 -9.11 79.98 -41.65
CA VAL J 849 -9.28 78.64 -41.08
C VAL J 849 -9.24 77.59 -42.19
N GLU J 850 -9.75 77.93 -43.40
CA GLU J 850 -9.67 77.02 -44.55
C GLU J 850 -8.21 76.79 -44.95
N GLU J 851 -7.34 77.82 -44.79
CA GLU J 851 -5.91 77.64 -45.08
C GLU J 851 -5.27 76.70 -44.05
N LEU J 852 -5.71 76.75 -42.77
CA LEU J 852 -5.17 75.86 -41.73
C LEU J 852 -5.57 74.40 -41.94
N THR J 853 -6.81 74.13 -42.41
CA THR J 853 -7.25 72.75 -42.66
C THR J 853 -6.43 72.03 -43.74
N ARG J 854 -5.70 72.77 -44.60
CA ARG J 854 -4.88 72.19 -45.65
C ARG J 854 -3.53 71.64 -45.17
N ILE J 855 -3.16 71.78 -43.87
CA ILE J 855 -1.88 71.24 -43.37
C ILE J 855 -1.96 69.71 -43.10
N HIS J 856 -3.19 69.13 -43.07
CA HIS J 856 -3.40 67.70 -42.83
C HIS J 856 -4.55 67.12 -43.68
N GLY K 53 5.32 67.97 18.92
CA GLY K 53 4.63 67.81 17.65
C GLY K 53 5.57 67.83 16.45
N ARG K 54 5.15 68.48 15.35
CA ARG K 54 5.93 68.58 14.11
C ARG K 54 5.64 69.91 13.39
N THR K 55 6.68 70.76 13.22
CA THR K 55 6.57 72.06 12.53
C THR K 55 7.10 71.90 11.10
N LEU K 56 6.23 72.03 10.07
CA LEU K 56 6.62 71.88 8.65
C LEU K 56 6.17 73.05 7.77
N HIS K 57 7.11 73.60 6.95
CA HIS K 57 6.85 74.73 6.05
C HIS K 57 6.28 74.28 4.71
N ASP K 58 5.70 75.22 3.95
CA ASP K 58 5.11 74.92 2.65
C ASP K 58 6.16 74.69 1.57
N ASP K 59 5.80 73.88 0.56
CA ASP K 59 6.67 73.56 -0.58
C ASP K 59 6.97 74.82 -1.38
N ASP K 60 8.26 75.00 -1.79
CA ASP K 60 8.73 76.16 -2.54
C ASP K 60 8.59 77.51 -1.78
N SER K 61 8.37 77.45 -0.44
CA SER K 61 8.20 78.67 0.36
C SER K 61 9.55 79.24 0.77
N CYS K 62 9.60 80.56 0.92
CA CYS K 62 10.81 81.27 1.33
C CYS K 62 10.78 81.41 2.85
N GLN K 63 11.84 80.94 3.53
CA GLN K 63 11.96 81.00 4.99
C GLN K 63 13.34 81.48 5.37
N VAL K 64 13.48 82.05 6.57
CA VAL K 64 14.77 82.51 7.08
C VAL K 64 15.00 81.78 8.40
N ILE K 65 16.08 80.98 8.50
CA ILE K 65 16.36 80.22 9.73
C ILE K 65 17.82 80.33 10.15
N PRO K 66 18.09 80.23 11.47
CA PRO K 66 19.48 80.34 11.94
C PRO K 66 20.36 79.15 11.58
N VAL K 67 21.68 79.37 11.57
CA VAL K 67 22.67 78.33 11.29
C VAL K 67 23.60 78.24 12.50
N LEU K 68 23.76 77.04 13.07
CA LEU K 68 24.66 76.84 14.21
C LEU K 68 26.10 76.84 13.68
N PRO K 69 26.96 77.77 14.11
CA PRO K 69 28.32 77.82 13.53
C PRO K 69 29.19 76.60 13.77
N GLN K 70 29.00 75.87 14.89
CA GLN K 70 29.80 74.68 15.18
C GLN K 70 29.57 73.53 14.19
N VAL K 71 28.35 73.43 13.61
CA VAL K 71 28.06 72.30 12.72
C VAL K 71 28.69 72.45 11.33
N MET K 72 28.94 71.31 10.73
CA MET K 72 29.53 71.21 9.39
C MET K 72 29.07 69.99 8.59
N MET K 73 28.96 68.81 9.21
CA MET K 73 28.57 67.60 8.49
C MET K 73 27.15 67.70 7.90
N ILE K 74 26.97 67.11 6.69
CA ILE K 74 25.69 67.10 5.95
C ILE K 74 24.64 66.35 6.77
N LEU K 75 23.42 66.91 6.88
CA LEU K 75 22.32 66.26 7.60
C LEU K 75 21.30 65.83 6.55
N ILE K 76 21.01 64.52 6.46
CA ILE K 76 20.04 63.98 5.52
C ILE K 76 18.68 63.97 6.23
N PRO K 77 17.57 64.33 5.56
CA PRO K 77 16.26 64.24 6.23
C PRO K 77 16.04 62.89 6.91
N GLY K 78 15.51 62.91 8.13
CA GLY K 78 15.24 61.69 8.88
C GLY K 78 16.34 61.24 9.82
N GLN K 79 17.62 61.47 9.46
CA GLN K 79 18.72 61.06 10.37
C GLN K 79 18.87 62.11 11.52
N THR K 80 19.23 61.63 12.73
CA THR K 80 19.38 62.46 13.93
C THR K 80 20.73 63.17 13.96
N LEU K 81 20.74 64.38 14.55
CA LEU K 81 21.93 65.19 14.76
C LEU K 81 22.12 65.46 16.24
N PRO K 82 23.04 64.75 16.91
CA PRO K 82 23.32 65.04 18.32
C PRO K 82 24.28 66.23 18.40
N LEU K 83 24.07 67.14 19.36
CA LEU K 83 24.90 68.34 19.53
C LEU K 83 25.32 68.51 20.99
N GLN K 84 26.54 69.04 21.18
CA GLN K 84 27.14 69.34 22.48
C GLN K 84 27.49 70.82 22.44
N LEU K 85 26.74 71.68 23.16
CA LEU K 85 26.97 73.13 23.16
C LEU K 85 27.61 73.60 24.47
N PHE K 86 28.64 74.45 24.36
CA PHE K 86 29.39 75.03 25.48
C PHE K 86 29.26 76.57 25.51
N HIS K 87 29.33 77.22 24.34
CA HIS K 87 29.31 78.68 24.26
C HIS K 87 27.92 79.26 24.58
N PRO K 88 27.82 80.30 25.42
CA PRO K 88 26.49 80.84 25.78
C PRO K 88 25.62 81.29 24.62
N GLN K 89 26.21 81.84 23.54
CA GLN K 89 25.43 82.26 22.37
C GLN K 89 24.74 81.07 21.69
N GLU K 90 25.39 79.90 21.68
CA GLU K 90 24.82 78.67 21.09
C GLU K 90 23.71 78.13 21.96
N VAL K 91 23.93 78.12 23.29
CA VAL K 91 22.95 77.62 24.25
C VAL K 91 21.72 78.54 24.24
N SER K 92 21.95 79.86 24.38
CA SER K 92 20.88 80.85 24.40
C SER K 92 20.07 80.84 23.12
N MET K 93 20.72 80.68 21.95
CA MET K 93 20.02 80.60 20.66
C MET K 93 19.11 79.37 20.63
N VAL K 94 19.63 78.21 21.05
CA VAL K 94 18.83 76.98 21.09
C VAL K 94 17.66 77.14 22.07
N ARG K 95 17.88 77.74 23.24
CA ARG K 95 16.79 77.96 24.20
C ARG K 95 15.67 78.80 23.58
N ASN K 96 16.01 79.78 22.70
CA ASN K 96 14.98 80.61 22.04
C ASN K 96 14.24 79.75 21.03
N LEU K 97 14.96 78.90 20.24
CA LEU K 97 14.33 78.00 19.25
C LEU K 97 13.33 77.05 19.88
N ILE K 98 13.63 76.53 21.07
CA ILE K 98 12.70 75.63 21.78
C ILE K 98 11.35 76.34 21.99
N GLN K 99 11.37 77.64 22.36
CA GLN K 99 10.14 78.44 22.55
C GLN K 99 9.41 78.68 21.22
N LYS K 100 10.15 78.84 20.11
CA LYS K 100 9.57 79.08 18.78
C LYS K 100 9.37 77.74 18.02
N ASP K 101 9.63 77.69 16.70
CA ASP K 101 9.43 76.48 15.89
C ASP K 101 10.37 75.30 16.20
N ARG K 102 11.49 75.51 16.92
CA ARG K 102 12.49 74.47 17.24
C ARG K 102 13.35 74.11 16.02
N THR K 103 13.26 74.88 14.92
CA THR K 103 13.96 74.56 13.67
C THR K 103 15.11 75.50 13.36
N PHE K 104 16.22 74.91 12.86
CA PHE K 104 17.39 75.66 12.42
C PHE K 104 17.94 75.02 11.14
N ALA K 105 18.78 75.74 10.42
CA ALA K 105 19.36 75.26 9.16
C ALA K 105 20.71 74.55 9.36
N VAL K 106 20.92 73.47 8.59
CA VAL K 106 22.18 72.72 8.58
C VAL K 106 22.66 72.81 7.13
N LEU K 107 23.70 73.63 6.90
CA LEU K 107 24.21 73.87 5.55
C LEU K 107 25.08 72.71 5.07
N ALA K 108 24.90 72.36 3.78
CA ALA K 108 25.67 71.31 3.12
C ALA K 108 26.84 71.98 2.45
N TYR K 109 27.98 72.07 3.17
CA TYR K 109 29.15 72.77 2.68
C TYR K 109 29.88 72.05 1.56
N SER K 110 30.23 72.79 0.49
CA SER K 110 31.06 72.31 -0.61
C SER K 110 32.52 72.44 -0.14
N ASN K 111 32.82 73.53 0.59
CA ASN K 111 34.12 73.81 1.19
C ASN K 111 33.89 74.42 2.58
N VAL K 112 34.12 73.62 3.64
CA VAL K 112 33.94 74.06 5.03
C VAL K 112 35.00 75.08 5.47
N GLN K 113 36.19 75.11 4.83
CA GLN K 113 37.25 76.07 5.18
C GLN K 113 36.77 77.50 4.88
N GLU K 114 36.23 77.72 3.67
CA GLU K 114 35.69 79.01 3.23
C GLU K 114 34.19 79.18 3.57
N ARG K 115 33.52 78.13 4.08
CA ARG K 115 32.10 78.12 4.47
C ARG K 115 31.20 78.41 3.24
N GLU K 116 31.38 77.59 2.20
CA GLU K 116 30.64 77.69 0.92
C GLU K 116 29.53 76.65 0.86
N ALA K 117 28.25 77.07 0.81
CA ALA K 117 27.12 76.12 0.75
C ALA K 117 26.00 76.63 -0.16
N GLN K 118 25.48 75.73 -1.02
CA GLN K 118 24.39 76.00 -1.98
C GLN K 118 23.07 75.35 -1.53
N PHE K 119 23.12 74.24 -0.76
CA PHE K 119 21.94 73.52 -0.28
C PHE K 119 22.08 73.19 1.22
N GLY K 120 21.03 72.61 1.78
CA GLY K 120 21.06 72.15 3.18
C GLY K 120 19.77 71.52 3.64
N THR K 121 19.64 71.30 4.95
CA THR K 121 18.48 70.61 5.55
C THR K 121 18.00 71.30 6.82
N THR K 122 16.69 71.53 6.94
CA THR K 122 16.14 72.11 8.16
C THR K 122 16.21 71.02 9.22
N ALA K 123 16.58 71.37 10.45
CA ALA K 123 16.73 70.43 11.56
C ALA K 123 15.82 70.85 12.68
N GLU K 124 14.91 69.97 13.12
CA GLU K 124 13.96 70.24 14.21
C GLU K 124 14.49 69.64 15.51
N ILE K 125 14.63 70.47 16.57
CA ILE K 125 15.11 70.02 17.87
C ILE K 125 13.99 69.23 18.55
N TYR K 126 14.29 68.01 19.02
CA TYR K 126 13.33 67.14 19.70
C TYR K 126 13.77 66.71 21.11
N ALA K 127 14.95 67.16 21.60
CA ALA K 127 15.45 66.80 22.93
C ALA K 127 16.51 67.80 23.41
N TYR K 128 16.36 68.34 24.64
CA TYR K 128 17.30 69.29 25.25
C TYR K 128 17.55 68.85 26.69
N ARG K 129 18.81 68.87 27.15
CA ARG K 129 19.15 68.44 28.51
C ARG K 129 20.50 69.03 28.92
N GLU K 130 20.55 69.68 30.09
CA GLU K 130 21.75 70.34 30.61
C GLU K 130 22.57 69.37 31.43
N GLU K 131 23.56 68.72 30.80
CA GLU K 131 24.40 67.72 31.46
C GLU K 131 25.71 68.27 31.97
N GLN K 132 26.46 67.41 32.65
CA GLN K 132 27.80 67.66 33.19
C GLN K 132 28.67 66.50 32.73
N ASP K 133 29.84 66.80 32.15
CA ASP K 133 30.74 65.74 31.66
C ASP K 133 32.18 66.18 31.82
N PHE K 134 33.01 65.35 32.48
CA PHE K 134 34.44 65.61 32.71
C PHE K 134 34.69 66.93 33.48
N GLY K 135 33.75 67.30 34.36
CA GLY K 135 33.83 68.54 35.13
C GLY K 135 33.52 69.77 34.32
N ILE K 136 32.82 69.60 33.19
CA ILE K 136 32.43 70.67 32.28
C ILE K 136 30.92 70.68 32.22
N GLU K 137 30.28 71.84 32.34
CA GLU K 137 28.82 71.93 32.25
C GLU K 137 28.47 72.17 30.77
N ILE K 138 27.87 71.17 30.10
CA ILE K 138 27.55 71.24 28.66
C ILE K 138 26.10 70.84 28.40
N VAL K 139 25.41 71.55 27.48
CA VAL K 139 24.03 71.19 27.14
C VAL K 139 24.03 70.27 25.92
N LYS K 140 23.26 69.19 26.00
CA LYS K 140 23.18 68.20 24.95
C LYS K 140 21.80 68.29 24.31
N VAL K 141 21.78 68.46 22.97
CA VAL K 141 20.56 68.63 22.19
C VAL K 141 20.51 67.59 21.06
N LYS K 142 19.31 67.06 20.74
CA LYS K 142 19.12 66.14 19.63
C LYS K 142 18.13 66.78 18.66
N ALA K 143 18.51 66.86 17.39
CA ALA K 143 17.67 67.41 16.32
C ALA K 143 17.49 66.34 15.25
N ILE K 144 16.50 66.52 14.39
CA ILE K 144 16.23 65.56 13.31
C ILE K 144 16.02 66.32 12.01
N GLY K 145 16.66 65.86 10.94
CA GLY K 145 16.54 66.50 9.63
C GLY K 145 15.13 66.39 9.11
N ARG K 146 14.57 67.51 8.64
CA ARG K 146 13.22 67.55 8.12
C ARG K 146 13.22 67.96 6.63
N GLN K 147 12.92 69.23 6.28
CA GLN K 147 12.89 69.63 4.86
C GLN K 147 14.27 69.94 4.30
N ARG K 148 14.41 69.80 2.97
CA ARG K 148 15.62 70.14 2.22
C ARG K 148 15.43 71.53 1.68
N PHE K 149 16.54 72.28 1.46
CA PHE K 149 16.45 73.64 0.94
C PHE K 149 17.58 74.04 0.01
N LYS K 150 17.32 75.12 -0.76
CA LYS K 150 18.26 75.78 -1.65
C LYS K 150 18.62 77.11 -0.98
N VAL K 151 19.92 77.39 -0.85
CA VAL K 151 20.43 78.60 -0.18
C VAL K 151 20.22 79.82 -1.06
N LEU K 152 19.63 80.89 -0.51
CA LEU K 152 19.45 82.14 -1.26
C LEU K 152 20.41 83.21 -0.75
N GLU K 153 20.39 83.50 0.57
CA GLU K 153 21.24 84.52 1.21
C GLU K 153 21.81 83.97 2.52
N LEU K 154 23.06 84.34 2.85
CA LEU K 154 23.72 83.93 4.09
C LEU K 154 24.18 85.18 4.85
N ARG K 155 23.17 85.99 5.23
CA ARG K 155 23.30 87.24 5.98
C ARG K 155 23.70 86.97 7.45
N THR K 156 23.87 88.04 8.26
CA THR K 156 24.23 87.88 9.67
C THR K 156 24.01 89.17 10.48
N GLN K 157 23.04 89.17 11.43
CA GLN K 157 22.82 90.30 12.34
C GLN K 157 23.80 90.13 13.51
N SER K 158 24.32 91.25 14.07
CA SER K 158 25.29 91.24 15.17
C SER K 158 26.60 90.53 14.73
N ASP K 159 26.82 89.24 15.06
CA ASP K 159 28.04 88.53 14.65
C ASP K 159 27.90 87.00 14.75
N GLY K 160 27.60 86.48 15.95
CA GLY K 160 27.43 85.05 16.19
C GLY K 160 26.18 84.47 15.57
N ILE K 161 25.14 85.31 15.35
CA ILE K 161 23.87 84.87 14.74
C ILE K 161 24.11 84.88 13.22
N GLN K 162 23.98 83.70 12.58
CA GLN K 162 24.18 83.52 11.13
C GLN K 162 22.85 83.06 10.53
N GLN K 163 22.02 84.00 10.06
CA GLN K 163 20.72 83.65 9.51
C GLN K 163 20.90 83.16 8.08
N ALA K 164 19.86 82.55 7.51
CA ALA K 164 19.93 82.04 6.15
C ALA K 164 18.58 82.10 5.43
N LYS K 165 18.46 82.94 4.37
CA LYS K 165 17.24 83.01 3.56
C LYS K 165 17.31 81.77 2.69
N VAL K 166 16.24 80.98 2.70
CA VAL K 166 16.23 79.68 2.07
C VAL K 166 14.91 79.36 1.40
N GLN K 167 14.97 78.61 0.27
CA GLN K 167 13.77 78.18 -0.45
C GLN K 167 13.60 76.68 -0.22
N ILE K 168 12.43 76.26 0.29
CA ILE K 168 12.16 74.86 0.62
C ILE K 168 11.99 74.04 -0.67
N LEU K 169 12.84 73.01 -0.86
CA LEU K 169 12.76 72.15 -2.03
C LEU K 169 11.73 71.04 -1.74
N PRO K 170 10.73 70.87 -2.62
CA PRO K 170 9.67 69.88 -2.36
C PRO K 170 10.11 68.45 -2.62
N GLU K 171 9.39 67.48 -2.02
CA GLU K 171 9.66 66.06 -2.24
C GLU K 171 8.85 65.65 -3.45
N CYS K 172 9.52 65.37 -4.58
CA CYS K 172 8.83 64.97 -5.81
C CYS K 172 8.29 63.55 -5.70
N VAL K 173 6.95 63.37 -5.78
CA VAL K 173 6.29 62.06 -5.70
C VAL K 173 5.52 61.84 -7.01
N LEU K 174 5.91 60.83 -7.81
CA LEU K 174 5.25 60.53 -9.10
C LEU K 174 4.40 59.29 -9.00
N PRO K 175 3.37 59.15 -9.87
CA PRO K 175 2.57 57.91 -9.86
C PRO K 175 3.31 56.77 -10.52
N SER K 176 2.69 55.59 -10.58
CA SER K 176 3.32 54.46 -11.26
C SER K 176 3.58 54.84 -12.70
N THR K 177 4.72 54.44 -13.24
CA THR K 177 5.07 54.71 -14.65
C THR K 177 3.96 54.20 -15.62
N MET K 178 3.23 53.11 -15.24
CA MET K 178 2.14 52.53 -16.02
C MET K 178 0.74 53.14 -15.74
N SER K 179 0.58 53.92 -14.65
CA SER K 179 -0.70 54.53 -14.26
C SER K 179 -1.48 55.15 -15.41
N ALA K 180 -0.78 55.87 -16.30
CA ALA K 180 -1.38 56.54 -17.45
C ALA K 180 -1.85 55.52 -18.50
N VAL K 181 -0.94 54.65 -18.93
CA VAL K 181 -1.18 53.67 -19.99
C VAL K 181 -1.96 52.40 -19.58
N GLN K 182 -2.25 52.17 -18.27
CA GLN K 182 -2.95 50.94 -17.87
C GLN K 182 -4.35 50.83 -18.49
N LEU K 183 -4.69 49.64 -19.04
CA LEU K 183 -6.00 49.40 -19.65
C LEU K 183 -7.00 49.18 -18.54
N GLU K 184 -8.22 49.71 -18.70
CA GLU K 184 -9.29 49.64 -17.68
C GLU K 184 -9.60 48.20 -17.33
N SER K 185 -9.64 47.31 -18.33
CA SER K 185 -9.89 45.89 -18.11
C SER K 185 -8.82 45.28 -17.20
N LEU K 186 -7.53 45.64 -17.42
CA LEU K 186 -6.41 45.14 -16.62
C LEU K 186 -6.19 45.87 -15.29
N ASN K 187 -6.95 46.94 -14.97
CA ASN K 187 -6.79 47.65 -13.69
C ASN K 187 -7.00 46.70 -12.49
N LYS K 188 -8.01 45.83 -12.56
CA LYS K 188 -8.34 44.84 -11.51
C LYS K 188 -7.27 43.74 -11.32
N CYS K 189 -6.38 43.51 -12.30
CA CYS K 189 -5.27 42.56 -12.18
C CYS K 189 -3.99 43.23 -11.66
N GLN K 190 -3.92 44.58 -11.56
CA GLN K 190 -2.73 45.25 -11.05
C GLN K 190 -2.41 44.93 -9.59
N ILE K 191 -3.42 44.61 -8.77
CA ILE K 191 -3.21 44.35 -7.35
C ILE K 191 -2.68 42.93 -7.17
N PHE K 192 -1.65 42.77 -6.31
CA PHE K 192 -0.98 41.49 -6.05
C PHE K 192 -1.53 40.81 -4.80
N PRO K 193 -1.58 39.46 -4.78
CA PRO K 193 -2.11 38.76 -3.60
C PRO K 193 -1.04 38.58 -2.50
N SER K 194 -0.74 39.68 -1.77
CA SER K 194 0.22 39.71 -0.65
C SER K 194 1.69 39.42 -1.05
N LYS K 195 2.61 39.66 -0.10
CA LYS K 195 4.05 39.43 -0.26
C LYS K 195 4.40 38.01 0.22
N PRO K 196 5.46 37.37 -0.34
CA PRO K 196 5.82 36.02 0.15
C PRO K 196 6.51 36.01 1.51
N VAL K 197 7.12 37.17 1.92
CA VAL K 197 7.87 37.48 3.16
C VAL K 197 8.59 36.23 3.79
N SER K 198 9.20 35.42 2.91
CA SER K 198 10.02 34.28 3.27
C SER K 198 11.33 34.64 2.59
N ARG K 199 12.36 34.98 3.39
CA ARG K 199 13.67 35.41 2.89
C ARG K 199 14.09 34.69 1.61
N GLU K 200 13.95 33.34 1.61
CA GLU K 200 14.32 32.48 0.47
C GLU K 200 13.43 32.69 -0.75
N ASP K 201 12.09 32.78 -0.55
CA ASP K 201 11.11 32.92 -1.65
C ASP K 201 11.16 34.27 -2.38
N GLN K 202 11.43 35.37 -1.65
CA GLN K 202 11.55 36.66 -2.33
C GLN K 202 13.03 36.90 -2.82
N CYS K 203 14.06 36.24 -2.19
CA CYS K 203 15.43 36.31 -2.71
C CYS K 203 15.48 35.55 -4.04
N SER K 204 14.63 34.50 -4.20
CA SER K 204 14.49 33.73 -5.45
C SER K 204 13.84 34.64 -6.50
N TYR K 205 14.56 34.87 -7.61
CA TYR K 205 14.15 35.79 -8.68
C TYR K 205 12.86 35.39 -9.42
N LYS K 206 12.29 34.19 -9.17
CA LYS K 206 11.05 33.77 -9.83
C LYS K 206 9.87 34.69 -9.45
N TRP K 207 9.82 35.18 -8.19
CA TRP K 207 8.75 36.09 -7.75
C TRP K 207 8.88 37.46 -8.44
N TRP K 208 10.13 37.98 -8.52
CA TRP K 208 10.39 39.27 -9.16
C TRP K 208 10.11 39.21 -10.66
N GLN K 209 10.24 38.02 -11.26
CA GLN K 209 9.92 37.80 -12.68
C GLN K 209 8.39 37.96 -12.84
N LYS K 210 7.57 37.32 -11.91
CA LYS K 210 6.09 37.41 -11.91
C LYS K 210 5.63 38.84 -11.65
N TYR K 211 6.32 39.55 -10.75
CA TYR K 211 6.05 40.94 -10.39
C TYR K 211 6.21 41.87 -11.61
N GLN K 212 7.32 41.69 -12.35
CA GLN K 212 7.61 42.48 -13.55
C GLN K 212 6.57 42.22 -14.63
N LYS K 213 6.32 40.93 -14.93
CA LYS K 213 5.33 40.51 -15.93
C LYS K 213 3.95 41.10 -15.66
N ARG K 214 3.52 41.15 -14.38
CA ARG K 214 2.20 41.68 -14.02
C ARG K 214 2.13 43.18 -13.95
N LYS K 215 3.04 43.82 -13.20
CA LYS K 215 3.01 45.27 -13.02
C LYS K 215 3.21 46.04 -14.31
N PHE K 216 4.17 45.62 -15.15
CA PHE K 216 4.50 46.30 -16.41
C PHE K 216 3.99 45.59 -17.64
N HIS K 217 2.83 44.92 -17.57
CA HIS K 217 2.29 44.24 -18.74
C HIS K 217 2.01 45.24 -19.86
N CYS K 218 1.43 46.41 -19.50
CA CYS K 218 1.11 47.46 -20.48
C CYS K 218 2.33 48.18 -21.07
N ALA K 219 3.55 47.73 -20.79
CA ALA K 219 4.75 48.24 -21.46
C ALA K 219 4.64 47.94 -22.97
N ASN K 220 3.89 46.88 -23.35
CA ASN K 220 3.63 46.51 -24.74
C ASN K 220 2.91 47.63 -25.53
N LEU K 221 2.09 48.47 -24.85
CA LEU K 221 1.41 49.60 -25.49
C LEU K 221 2.41 50.73 -25.77
N THR K 222 3.51 50.80 -24.99
CA THR K 222 4.51 51.85 -25.10
C THR K 222 5.64 51.45 -26.05
N SER K 223 6.66 52.31 -26.14
CA SER K 223 7.85 52.13 -26.98
C SER K 223 9.02 51.45 -26.23
N TRP K 224 8.83 51.05 -24.94
CA TRP K 224 9.89 50.43 -24.12
C TRP K 224 9.47 49.10 -23.51
N PRO K 225 10.45 48.23 -23.13
CA PRO K 225 10.10 46.95 -22.51
C PRO K 225 9.85 47.01 -21.01
N ARG K 226 9.32 45.90 -20.47
CA ARG K 226 9.02 45.76 -19.05
C ARG K 226 10.26 45.99 -18.21
N TRP K 227 11.37 45.33 -18.59
CA TRP K 227 12.64 45.47 -17.88
C TRP K 227 13.15 46.88 -17.81
N LEU K 228 12.80 47.78 -18.76
CA LEU K 228 13.23 49.17 -18.66
C LEU K 228 12.42 49.82 -17.56
N TYR K 229 11.11 49.58 -17.53
CA TYR K 229 10.27 50.17 -16.48
C TYR K 229 10.70 49.74 -15.06
N SER K 230 11.25 48.51 -14.92
CA SER K 230 11.76 48.05 -13.63
C SER K 230 12.95 48.89 -13.15
N LEU K 231 13.74 49.45 -14.09
CA LEU K 231 14.89 50.28 -13.73
C LEU K 231 14.47 51.61 -13.12
N TYR K 232 13.20 52.03 -13.30
CA TYR K 232 12.64 53.24 -12.68
C TYR K 232 11.54 52.87 -11.66
N ASP K 233 11.54 51.62 -11.15
CA ASP K 233 10.53 51.16 -10.18
C ASP K 233 11.08 51.26 -8.76
N ALA K 234 10.34 51.90 -7.84
CA ALA K 234 10.78 52.06 -6.45
C ALA K 234 11.06 50.73 -5.75
N GLU K 235 10.07 49.83 -5.74
CA GLU K 235 10.19 48.52 -5.05
C GLU K 235 11.37 47.68 -5.55
N THR K 236 11.56 47.61 -6.87
CA THR K 236 12.67 46.85 -7.47
C THR K 236 14.00 47.49 -7.09
N LEU K 237 14.10 48.83 -7.19
CA LEU K 237 15.32 49.55 -6.85
C LEU K 237 15.68 49.35 -5.37
N MET K 238 14.69 49.37 -4.47
CA MET K 238 14.95 49.14 -3.05
C MET K 238 15.47 47.75 -2.83
N ASP K 239 14.80 46.73 -3.43
CA ASP K 239 15.23 45.34 -3.30
C ASP K 239 16.68 45.20 -3.78
N ARG K 240 17.03 45.80 -4.92
CA ARG K 240 18.40 45.75 -5.43
C ARG K 240 19.41 46.30 -4.44
N ILE K 241 19.07 47.43 -3.77
CA ILE K 241 19.96 48.04 -2.76
C ILE K 241 20.09 47.09 -1.57
N LYS K 242 18.95 46.69 -0.98
CA LYS K 242 18.92 45.75 0.16
C LYS K 242 19.82 44.55 -0.11
N LYS K 243 19.69 43.92 -1.29
CA LYS K 243 20.50 42.77 -1.67
C LYS K 243 21.99 43.11 -1.74
N GLN K 244 22.36 44.27 -2.30
CA GLN K 244 23.77 44.67 -2.38
C GLN K 244 24.33 45.11 -1.02
N LEU K 245 23.49 45.64 -0.12
CA LEU K 245 23.92 46.01 1.23
C LEU K 245 24.20 44.76 2.03
N ARG K 246 23.36 43.71 1.87
CA ARG K 246 23.56 42.43 2.54
C ARG K 246 24.84 41.78 2.02
N GLU K 247 25.11 41.92 0.70
CA GLU K 247 26.32 41.42 0.05
C GLU K 247 27.58 42.09 0.65
N TRP K 248 27.49 43.39 0.97
CA TRP K 248 28.61 44.11 1.60
C TRP K 248 28.82 43.66 3.04
N ASP K 249 27.74 43.55 3.83
CA ASP K 249 27.79 43.15 5.23
C ASP K 249 26.52 42.40 5.63
N GLU K 250 26.65 41.26 6.32
CA GLU K 250 25.49 40.48 6.78
C GLU K 250 24.76 41.24 7.93
N ASN K 251 23.41 41.42 7.79
CA ASN K 251 22.59 42.15 8.77
C ASN K 251 21.08 41.83 8.64
N LEU K 252 20.28 42.23 9.66
CA LEU K 252 18.82 42.03 9.68
C LEU K 252 18.17 43.11 8.80
N LYS K 253 17.45 42.68 7.75
CA LYS K 253 16.89 43.60 6.75
C LYS K 253 15.58 44.23 7.19
N ASP K 254 14.65 43.42 7.73
CA ASP K 254 13.32 43.86 8.12
C ASP K 254 13.35 45.01 9.13
N ASP K 255 14.26 44.93 10.11
CA ASP K 255 14.35 45.93 11.17
C ASP K 255 15.10 47.18 10.71
N SER K 256 16.32 46.99 10.20
CA SER K 256 17.24 48.09 9.85
C SER K 256 16.74 49.09 8.79
N LEU K 257 16.06 48.63 7.71
CA LEU K 257 15.65 49.55 6.64
C LEU K 257 14.13 49.74 6.52
N PRO K 258 13.66 51.00 6.37
CA PRO K 258 12.20 51.23 6.28
C PRO K 258 11.58 50.73 4.96
N SER K 259 10.28 50.43 5.00
CA SER K 259 9.56 49.96 3.81
C SER K 259 9.22 51.09 2.82
N ASN K 260 9.14 52.36 3.30
CA ASN K 260 8.80 53.50 2.45
C ASN K 260 10.00 53.88 1.56
N PRO K 261 9.83 54.09 0.24
CA PRO K 261 10.99 54.46 -0.60
C PRO K 261 11.60 55.85 -0.31
N ILE K 262 10.78 56.82 0.17
CA ILE K 262 11.29 58.16 0.51
C ILE K 262 12.23 57.98 1.70
N ASP K 263 11.73 57.33 2.76
CA ASP K 263 12.48 57.08 3.98
C ASP K 263 13.69 56.20 3.71
N PHE K 264 13.51 55.13 2.92
CA PHE K 264 14.57 54.20 2.55
C PHE K 264 15.71 54.92 1.84
N SER K 265 15.37 55.66 0.78
CA SER K 265 16.38 56.40 -0.01
C SER K 265 17.21 57.31 0.89
N TYR K 266 16.58 58.06 1.82
CA TYR K 266 17.33 58.92 2.74
C TYR K 266 18.21 58.11 3.72
N ARG K 267 17.65 57.07 4.34
CA ARG K 267 18.40 56.17 5.23
C ARG K 267 19.71 55.66 4.55
N VAL K 268 19.61 55.25 3.28
CA VAL K 268 20.75 54.77 2.50
C VAL K 268 21.71 55.91 2.22
N ALA K 269 21.17 57.06 1.78
CA ALA K 269 21.96 58.25 1.46
C ALA K 269 22.88 58.61 2.61
N ALA K 270 22.36 58.47 3.85
CA ALA K 270 23.11 58.77 5.05
C ALA K 270 24.18 57.71 5.35
N CYS K 271 23.85 56.43 5.24
CA CYS K 271 24.77 55.34 5.60
C CYS K 271 25.83 54.96 4.53
N LEU K 272 25.79 55.48 3.28
CA LEU K 272 26.77 55.02 2.28
C LEU K 272 28.22 55.41 2.63
N PRO K 273 29.21 54.53 2.31
CA PRO K 273 30.62 54.88 2.60
C PRO K 273 31.17 55.83 1.55
N ILE K 274 30.77 57.12 1.63
CA ILE K 274 31.17 58.14 0.65
C ILE K 274 31.54 59.48 1.28
N ASP K 275 32.22 60.30 0.46
CA ASP K 275 32.65 61.64 0.82
C ASP K 275 31.40 62.51 0.94
N ASP K 276 31.38 63.46 1.89
CA ASP K 276 30.23 64.36 2.06
C ASP K 276 29.99 65.27 0.85
N VAL K 277 31.06 65.58 0.07
CA VAL K 277 30.93 66.36 -1.15
C VAL K 277 30.13 65.55 -2.18
N LEU K 278 30.37 64.23 -2.23
CA LEU K 278 29.60 63.36 -3.12
C LEU K 278 28.16 63.23 -2.60
N ARG K 279 27.99 63.14 -1.27
CA ARG K 279 26.69 63.05 -0.62
C ARG K 279 25.77 64.23 -0.96
N ILE K 280 26.33 65.43 -1.24
CA ILE K 280 25.53 66.58 -1.64
C ILE K 280 24.69 66.25 -2.88
N GLN K 281 25.21 65.42 -3.79
CA GLN K 281 24.49 65.02 -5.00
C GLN K 281 23.18 64.34 -4.61
N LEU K 282 23.23 63.47 -3.58
CA LEU K 282 22.02 62.80 -3.07
C LEU K 282 21.05 63.79 -2.45
N LEU K 283 21.57 64.80 -1.75
CA LEU K 283 20.71 65.82 -1.14
C LEU K 283 20.00 66.67 -2.22
N LYS K 284 20.71 67.00 -3.31
CA LYS K 284 20.15 67.79 -4.42
C LYS K 284 18.98 67.09 -5.11
N ILE K 285 19.00 65.73 -5.19
CA ILE K 285 17.93 64.96 -5.85
C ILE K 285 16.60 65.05 -5.07
N GLY K 286 15.52 65.38 -5.78
CA GLY K 286 14.19 65.53 -5.21
C GLY K 286 13.25 64.36 -5.36
N SER K 287 13.45 63.48 -6.37
CA SER K 287 12.61 62.30 -6.57
C SER K 287 13.25 61.10 -5.92
N ALA K 288 12.50 60.39 -5.06
CA ALA K 288 13.04 59.18 -4.42
C ALA K 288 13.46 58.12 -5.47
N ILE K 289 12.80 58.07 -6.66
CA ILE K 289 13.17 57.12 -7.73
C ILE K 289 14.60 57.43 -8.18
N GLN K 290 14.84 58.69 -8.55
CA GLN K 290 16.16 59.15 -8.99
C GLN K 290 17.18 58.97 -7.87
N ARG K 291 16.76 59.24 -6.62
CA ARG K 291 17.63 59.11 -5.45
C ARG K 291 18.13 57.67 -5.28
N LEU K 292 17.22 56.68 -5.44
CA LEU K 292 17.56 55.26 -5.35
C LEU K 292 18.43 54.83 -6.52
N ARG K 293 18.12 55.31 -7.75
CA ARG K 293 18.92 54.97 -8.94
C ARG K 293 20.34 55.50 -8.80
N CYS K 294 20.47 56.68 -8.17
CA CYS K 294 21.78 57.30 -7.93
C CYS K 294 22.56 56.51 -6.89
N GLU K 295 21.87 56.05 -5.85
CA GLU K 295 22.49 55.25 -4.81
C GLU K 295 23.03 53.93 -5.37
N LEU K 296 22.28 53.28 -6.28
CA LEU K 296 22.79 52.04 -6.91
C LEU K 296 24.00 52.34 -7.78
N ASP K 297 24.05 53.51 -8.43
CA ASP K 297 25.21 53.87 -9.25
C ASP K 297 26.42 54.04 -8.35
N ILE K 298 26.26 54.81 -7.25
CA ILE K 298 27.32 55.02 -6.26
C ILE K 298 27.82 53.67 -5.77
N MET K 299 26.91 52.76 -5.40
CA MET K 299 27.23 51.42 -4.91
C MET K 299 28.05 50.64 -5.92
N ASN K 300 27.64 50.66 -7.19
CA ASN K 300 28.37 49.97 -8.25
C ASN K 300 29.74 50.58 -8.52
N LYS K 301 29.91 51.87 -8.20
CA LYS K 301 31.19 52.56 -8.37
C LYS K 301 32.18 52.32 -7.21
N CYS K 302 31.76 51.61 -6.14
CA CYS K 302 32.66 51.29 -5.01
C CYS K 302 33.46 50.03 -5.33
N THR K 303 34.37 50.15 -6.30
CA THR K 303 35.20 49.05 -6.78
C THR K 303 36.54 48.92 -6.04
N SER K 304 36.71 49.65 -4.90
CA SER K 304 37.91 49.58 -4.06
C SER K 304 37.55 49.15 -2.66
N LEU K 305 38.58 48.74 -1.91
CA LEU K 305 38.47 48.29 -0.52
C LEU K 305 39.47 49.09 0.28
N CYS K 306 38.99 49.79 1.30
CA CYS K 306 39.81 50.66 2.13
C CYS K 306 39.87 50.16 3.55
N CYS K 307 40.71 50.80 4.40
CA CYS K 307 40.78 50.45 5.82
C CYS K 307 39.45 50.85 6.46
N LYS K 308 38.73 49.90 7.03
CA LYS K 308 37.44 50.17 7.67
C LYS K 308 37.59 51.14 8.85
N GLN K 309 38.70 51.03 9.60
CA GLN K 309 38.90 51.87 10.78
C GLN K 309 39.15 53.31 10.45
N CYS K 310 40.19 53.63 9.69
CA CYS K 310 40.48 55.03 9.40
C CYS K 310 39.78 55.53 8.15
N GLN K 311 39.58 54.66 7.14
CA GLN K 311 38.93 55.02 5.87
C GLN K 311 39.69 56.12 5.15
N GLU K 312 41.02 56.16 5.33
CA GLU K 312 41.89 57.14 4.68
C GLU K 312 42.91 56.45 3.77
N THR K 313 42.87 55.11 3.66
CA THR K 313 43.85 54.36 2.88
C THR K 313 43.17 53.38 1.95
N GLU K 314 43.36 53.53 0.63
CA GLU K 314 42.81 52.57 -0.33
C GLU K 314 43.75 51.36 -0.29
N ILE K 315 43.29 50.21 0.20
CA ILE K 315 44.15 49.03 0.33
C ILE K 315 44.29 48.32 -1.00
N THR K 316 43.18 47.97 -1.63
CA THR K 316 43.19 47.22 -2.89
C THR K 316 41.90 47.41 -3.67
N THR K 317 41.89 47.01 -4.94
CA THR K 317 40.74 47.12 -5.83
C THR K 317 40.16 45.76 -6.12
N LYS K 318 38.87 45.71 -6.46
CA LYS K 318 38.21 44.44 -6.79
C LYS K 318 38.88 43.74 -7.98
N ASN K 319 39.52 44.50 -8.89
CA ASN K 319 40.26 43.95 -10.05
C ASN K 319 41.40 43.04 -9.59
N GLU K 320 42.03 43.36 -8.44
CA GLU K 320 43.14 42.57 -7.90
C GLU K 320 42.69 41.25 -7.23
N ILE K 321 41.37 41.03 -7.05
CA ILE K 321 40.87 39.79 -6.43
C ILE K 321 41.17 38.62 -7.35
N PHE K 322 41.53 37.48 -6.76
CA PHE K 322 41.85 36.28 -7.53
C PHE K 322 41.57 35.03 -6.71
N SER K 323 41.29 33.92 -7.40
CA SER K 323 40.98 32.64 -6.76
C SER K 323 42.24 31.77 -6.79
N LEU K 324 42.84 31.52 -5.63
CA LEU K 324 44.04 30.68 -5.55
C LEU K 324 43.61 29.21 -5.63
N SER K 325 42.60 28.83 -4.83
CA SER K 325 42.04 27.48 -4.81
C SER K 325 40.61 27.51 -5.33
N LEU K 326 40.10 26.33 -5.73
CA LEU K 326 38.73 26.19 -6.25
C LEU K 326 37.63 26.61 -5.25
N CYS K 327 37.94 26.71 -3.93
CA CYS K 327 36.98 27.16 -2.92
C CYS K 327 36.37 28.54 -3.27
N GLY K 328 37.21 29.45 -3.77
CA GLY K 328 36.80 30.80 -4.14
C GLY K 328 37.82 31.84 -3.71
N PRO K 329 37.62 33.13 -4.07
CA PRO K 329 38.58 34.16 -3.65
C PRO K 329 38.54 34.43 -2.15
N MET K 330 37.32 34.47 -1.56
CA MET K 330 37.13 34.66 -0.14
C MET K 330 36.74 33.36 0.51
N ALA K 331 37.38 33.03 1.65
CA ALA K 331 37.11 31.80 2.38
C ALA K 331 37.51 31.97 3.84
N ALA K 332 36.83 31.27 4.74
CA ALA K 332 37.11 31.35 6.18
C ALA K 332 38.17 30.35 6.59
N TYR K 333 39.22 30.82 7.29
CA TYR K 333 40.30 29.97 7.77
C TYR K 333 40.47 30.20 9.25
N VAL K 334 40.75 29.14 10.03
CA VAL K 334 40.99 29.27 11.47
C VAL K 334 42.49 29.28 11.73
N ASN K 335 42.93 29.99 12.77
CA ASN K 335 44.33 30.08 13.13
C ASN K 335 44.63 29.06 14.25
N PRO K 336 45.89 28.89 14.72
CA PRO K 336 46.13 27.86 15.75
C PRO K 336 45.52 28.12 17.13
N HIS K 337 44.95 29.31 17.39
CA HIS K 337 44.31 29.66 18.67
C HIS K 337 42.77 29.74 18.59
N GLY K 338 42.18 29.32 17.47
CA GLY K 338 40.72 29.32 17.30
C GLY K 338 40.11 30.59 16.73
N TYR K 339 40.92 31.56 16.28
CA TYR K 339 40.35 32.77 15.69
C TYR K 339 40.03 32.49 14.22
N VAL K 340 38.77 32.67 13.80
CA VAL K 340 38.35 32.43 12.42
C VAL K 340 38.42 33.72 11.62
N HIS K 341 39.06 33.68 10.43
CA HIS K 341 39.24 34.84 9.57
C HIS K 341 38.68 34.63 8.18
N GLU K 342 37.64 35.41 7.82
CA GLU K 342 37.08 35.39 6.46
C GLU K 342 38.11 36.16 5.65
N THR K 343 38.95 35.44 4.89
CA THR K 343 40.07 36.05 4.18
C THR K 343 39.86 36.14 2.67
N LEU K 344 40.07 37.35 2.12
CA LEU K 344 40.00 37.64 0.68
C LEU K 344 41.42 37.62 0.13
N THR K 345 41.64 36.94 -1.01
CA THR K 345 42.96 36.85 -1.66
C THR K 345 43.04 37.88 -2.79
N VAL K 346 44.05 38.77 -2.76
CA VAL K 346 44.27 39.78 -3.80
C VAL K 346 45.74 39.71 -4.28
N TYR K 347 45.98 39.93 -5.57
CA TYR K 347 47.34 39.89 -6.13
C TYR K 347 48.22 40.99 -5.56
N LYS K 348 47.68 42.20 -5.44
CA LYS K 348 48.40 43.36 -4.92
C LYS K 348 47.55 44.14 -3.91
N ALA K 349 48.22 44.80 -2.95
CA ALA K 349 47.59 45.64 -1.93
C ALA K 349 48.60 46.70 -1.51
N CYS K 350 48.16 47.87 -1.06
CA CYS K 350 49.09 48.94 -0.69
C CYS K 350 48.59 49.78 0.50
N ASN K 351 49.47 50.65 1.01
CA ASN K 351 49.24 51.47 2.20
C ASN K 351 49.24 50.56 3.42
N LEU K 352 50.18 49.59 3.43
CA LEU K 352 50.34 48.63 4.51
C LEU K 352 51.79 48.50 4.97
N ASN K 353 52.00 48.28 6.28
CA ASN K 353 53.32 48.05 6.87
C ASN K 353 53.37 46.59 7.27
N LEU K 354 54.54 45.97 7.16
CA LEU K 354 54.69 44.58 7.58
C LEU K 354 55.30 44.54 8.98
N ILE K 355 54.82 43.60 9.81
CA ILE K 355 55.28 43.43 11.20
C ILE K 355 56.01 42.08 11.29
N GLY K 356 57.22 42.10 11.85
CA GLY K 356 58.03 40.90 12.03
C GLY K 356 58.58 40.32 10.73
N ARG K 357 59.16 39.11 10.83
CA ARG K 357 59.72 38.39 9.68
C ARG K 357 58.70 37.37 9.18
N PRO K 358 58.81 36.88 7.92
CA PRO K 358 57.83 35.90 7.43
C PRO K 358 57.91 34.58 8.18
N SER K 359 56.79 33.84 8.23
CA SER K 359 56.73 32.55 8.89
C SER K 359 55.83 31.60 8.12
N THR K 360 56.22 30.31 8.10
CA THR K 360 55.45 29.25 7.46
C THR K 360 54.63 28.47 8.49
N GLU K 361 54.78 28.79 9.80
CA GLU K 361 54.07 28.10 10.88
C GLU K 361 52.56 28.22 10.72
N HIS K 362 51.87 27.08 10.46
N HIS K 362 51.89 27.09 10.44
CA HIS K 362 50.42 27.02 10.28
CA HIS K 362 50.45 26.98 10.24
C HIS K 362 49.90 27.91 9.13
C HIS K 362 49.92 27.91 9.14
N SER K 363 50.63 27.93 7.99
CA SER K 363 50.22 28.74 6.83
C SER K 363 48.97 28.15 6.19
N TRP K 364 47.99 28.99 5.85
CA TRP K 364 46.76 28.54 5.23
C TRP K 364 46.94 28.16 3.75
N PHE K 365 48.05 28.59 3.11
CA PHE K 365 48.34 28.30 1.71
C PHE K 365 49.72 27.64 1.67
N PRO K 366 49.79 26.29 1.78
CA PRO K 366 51.10 25.62 1.81
C PRO K 366 52.03 26.04 0.69
N GLY K 367 53.29 26.27 1.05
CA GLY K 367 54.31 26.77 0.15
C GLY K 367 54.53 28.27 0.26
N TYR K 368 53.71 28.97 1.07
CA TYR K 368 53.81 30.42 1.30
C TYR K 368 54.05 30.75 2.76
N ALA K 369 54.76 31.85 3.02
CA ALA K 369 55.06 32.34 4.35
C ALA K 369 54.30 33.67 4.58
N TRP K 370 53.55 33.75 5.68
CA TRP K 370 52.76 34.93 6.04
C TRP K 370 53.58 35.95 6.80
N THR K 371 53.33 37.24 6.53
CA THR K 371 53.93 38.36 7.25
C THR K 371 52.75 39.27 7.59
N VAL K 372 52.57 39.62 8.88
CA VAL K 372 51.43 40.43 9.34
C VAL K 372 51.44 41.84 8.72
N ALA K 373 50.31 42.26 8.13
CA ALA K 373 50.15 43.54 7.44
C ALA K 373 49.13 44.44 8.16
N GLN K 374 49.50 45.70 8.40
CA GLN K 374 48.62 46.66 9.08
C GLN K 374 48.55 48.00 8.32
N CYS K 375 47.48 48.79 8.59
CA CYS K 375 47.24 50.07 7.94
C CYS K 375 48.39 51.06 8.17
N LYS K 376 48.85 51.72 7.10
CA LYS K 376 49.93 52.71 7.17
C LYS K 376 49.56 53.88 8.09
N ILE K 377 48.26 54.26 8.16
CA ILE K 377 47.78 55.41 8.95
C ILE K 377 47.42 55.04 10.39
N CYS K 378 46.46 54.14 10.61
CA CYS K 378 45.97 53.81 11.95
C CYS K 378 46.57 52.56 12.57
N ALA K 379 47.43 51.80 11.84
CA ALA K 379 48.06 50.58 12.35
C ALA K 379 47.09 49.44 12.67
N SER K 380 45.85 49.51 12.17
CA SER K 380 44.87 48.44 12.40
C SER K 380 45.26 47.25 11.55
N HIS K 381 45.09 46.04 12.06
CA HIS K 381 45.45 44.82 11.33
C HIS K 381 44.55 44.61 10.12
N ILE K 382 45.11 44.56 8.90
CA ILE K 382 44.31 44.32 7.68
C ILE K 382 44.45 42.88 7.18
N GLY K 383 45.56 42.18 7.49
CA GLY K 383 45.73 40.81 7.05
C GLY K 383 47.19 40.41 6.99
N TRP K 384 47.58 39.64 5.95
CA TRP K 384 48.96 39.18 5.80
C TRP K 384 49.45 39.23 4.36
N LYS K 385 50.78 39.28 4.18
CA LYS K 385 51.44 39.22 2.88
C LYS K 385 51.99 37.83 2.77
N PHE K 386 51.50 37.07 1.76
CA PHE K 386 51.93 35.70 1.51
C PHE K 386 53.04 35.74 0.50
N THR K 387 54.24 35.30 0.91
CA THR K 387 55.45 35.28 0.10
C THR K 387 55.86 33.83 -0.13
N ALA K 388 56.08 33.42 -1.40
CA ALA K 388 56.44 32.06 -1.76
C ALA K 388 57.80 31.64 -1.22
N THR K 389 57.91 30.35 -0.81
CA THR K 389 59.15 29.76 -0.28
C THR K 389 60.05 29.23 -1.42
N LYS K 390 59.43 28.77 -2.53
CA LYS K 390 60.15 28.25 -3.70
C LYS K 390 60.10 29.24 -4.87
N LYS K 391 60.94 29.00 -5.89
CA LYS K 391 61.02 29.86 -7.08
C LYS K 391 60.00 29.43 -8.17
N ASP K 392 59.56 28.16 -8.12
CA ASP K 392 58.59 27.60 -9.08
C ASP K 392 57.11 27.86 -8.70
N MET K 393 56.83 28.73 -7.73
CA MET K 393 55.46 29.00 -7.28
C MET K 393 54.79 29.98 -8.24
N SER K 394 53.48 29.79 -8.50
CA SER K 394 52.73 30.57 -9.49
C SER K 394 52.60 32.07 -9.16
N PRO K 395 51.69 32.58 -8.27
CA PRO K 395 51.66 34.04 -8.04
C PRO K 395 52.93 34.60 -7.41
N GLN K 396 53.70 33.79 -6.65
CA GLN K 396 54.97 34.19 -6.01
C GLN K 396 54.73 35.08 -4.79
N LYS K 397 54.00 36.20 -4.95
CA LYS K 397 53.62 37.03 -3.83
C LYS K 397 52.16 37.46 -3.98
N PHE K 398 51.41 37.44 -2.88
CA PHE K 398 50.01 37.88 -2.87
C PHE K 398 49.64 38.31 -1.44
N TRP K 399 48.42 38.82 -1.25
CA TRP K 399 47.96 39.27 0.08
C TRP K 399 46.65 38.61 0.45
N GLY K 400 46.57 38.17 1.69
CA GLY K 400 45.36 37.61 2.28
C GLY K 400 44.82 38.65 3.24
N LEU K 401 43.77 39.39 2.84
CA LEU K 401 43.20 40.46 3.67
C LEU K 401 41.95 40.02 4.40
N THR K 402 41.93 40.16 5.75
CA THR K 402 40.73 39.81 6.52
C THR K 402 39.55 40.75 6.12
N ARG K 403 38.43 40.15 5.65
CA ARG K 403 37.22 40.85 5.18
C ARG K 403 36.71 41.89 6.18
N SER K 404 36.64 41.49 7.46
CA SER K 404 36.17 42.34 8.56
C SER K 404 36.95 43.68 8.69
N ALA K 405 38.24 43.69 8.28
CA ALA K 405 39.09 44.90 8.37
C ALA K 405 38.92 45.87 7.22
N LEU K 406 38.25 45.46 6.12
CA LEU K 406 38.08 46.31 4.93
C LEU K 406 36.67 46.90 4.78
N LEU K 407 36.54 47.89 3.90
CA LEU K 407 35.27 48.58 3.65
C LEU K 407 35.22 49.06 2.19
N PRO K 408 34.09 48.93 1.47
CA PRO K 408 34.06 49.38 0.07
C PRO K 408 34.11 50.88 -0.09
N THR K 409 34.76 51.36 -1.16
CA THR K 409 34.84 52.79 -1.43
C THR K 409 35.16 53.10 -2.88
N ILE K 410 34.74 54.31 -3.33
CA ILE K 410 34.97 54.75 -4.71
C ILE K 410 36.47 55.01 -4.86
N PRO K 411 37.15 54.47 -5.91
CA PRO K 411 38.59 54.71 -6.04
C PRO K 411 38.93 56.19 -6.06
N ASP K 412 39.79 56.65 -5.14
CA ASP K 412 40.14 58.08 -5.12
C ASP K 412 41.20 58.38 -6.18
N THR K 413 41.19 59.61 -6.71
CA THR K 413 42.16 60.07 -7.71
C THR K 413 42.86 61.29 -7.13
N GLU K 414 43.75 61.03 -6.15
CA GLU K 414 44.54 62.08 -5.49
C GLU K 414 45.56 62.72 -6.44
N ASP K 415 46.00 61.98 -7.49
CA ASP K 415 46.93 62.50 -8.49
C ASP K 415 46.27 63.59 -9.33
N GLU K 416 46.99 64.71 -9.54
CA GLU K 416 46.49 65.86 -10.33
C GLU K 416 46.80 65.74 -11.85
N ILE K 417 47.33 64.59 -12.32
CA ILE K 417 47.63 64.37 -13.74
C ILE K 417 46.34 64.15 -14.54
N SER K 418 45.42 63.32 -14.02
CA SER K 418 44.12 63.02 -14.66
C SER K 418 43.00 62.89 -13.60
N PRO K 419 42.61 64.00 -12.95
CA PRO K 419 41.53 63.92 -11.94
C PRO K 419 40.14 64.04 -12.59
N ASP K 420 39.66 62.93 -13.16
CA ASP K 420 38.33 62.89 -13.80
C ASP K 420 37.29 62.80 -12.69
N LYS K 421 36.42 63.84 -12.57
CA LYS K 421 35.39 63.90 -11.52
C LYS K 421 34.36 62.77 -11.60
N VAL K 422 33.83 62.36 -10.44
CA VAL K 422 32.82 61.28 -10.38
C VAL K 422 31.51 61.83 -10.91
N ILE K 423 31.01 61.23 -12.01
CA ILE K 423 29.78 61.65 -12.68
C ILE K 423 28.68 60.66 -12.34
N LEU K 424 27.87 60.95 -11.31
CA LEU K 424 26.80 60.07 -10.88
C LEU K 424 25.61 60.14 -11.84
N CYS K 425 24.93 59.00 -12.05
CA CYS K 425 23.79 58.88 -12.96
C CYS K 425 22.47 58.76 -12.19
N LEU K 426 21.36 59.23 -12.75
CA LEU K 426 20.05 59.07 -12.10
C LEU K 426 18.93 58.78 -13.12
N GLY L 2 66.82 47.96 22.12
CA GLY L 2 65.87 46.88 21.83
C GLY L 2 65.41 46.11 23.07
N GLY L 3 64.98 44.87 22.85
CA GLY L 3 64.52 43.96 23.90
C GLY L 3 65.04 42.55 23.68
N ARG L 4 64.32 41.76 22.90
CA ARG L 4 64.72 40.40 22.54
C ARG L 4 64.54 40.19 21.03
N GLY L 5 65.66 40.15 20.33
CA GLY L 5 65.74 40.00 18.87
C GLY L 5 64.93 38.86 18.26
N GLU L 6 64.77 37.80 19.04
CA GLU L 6 64.01 36.59 18.71
C GLU L 6 62.51 36.87 18.44
N ARG L 7 61.95 37.92 19.09
CA ARG L 7 60.53 38.30 19.05
C ARG L 7 59.66 37.19 19.66
N PRO L 8 59.82 36.91 20.96
CA PRO L 8 59.03 35.83 21.59
C PRO L 8 57.59 36.19 21.95
N PHE L 9 57.20 37.46 21.94
CA PHE L 9 55.85 37.84 22.32
C PHE L 9 54.95 37.86 21.10
N GLN L 10 54.10 36.83 20.94
CA GLN L 10 53.23 36.71 19.78
C GLN L 10 51.76 36.98 20.07
N CYS L 11 51.04 37.52 19.08
CA CYS L 11 49.61 37.80 19.18
C CYS L 11 48.83 36.57 18.75
N ASN L 12 47.88 36.12 19.59
CA ASN L 12 47.07 34.93 19.29
C ASN L 12 46.02 35.17 18.21
N GLN L 13 45.67 36.43 17.93
CA GLN L 13 44.68 36.77 16.94
C GLN L 13 45.23 36.81 15.52
N CYS L 14 46.44 37.39 15.31
CA CYS L 14 47.03 37.50 13.96
C CYS L 14 48.47 36.95 13.81
N GLY L 15 49.12 36.52 14.88
CA GLY L 15 50.48 36.00 14.80
C GLY L 15 51.57 37.05 14.82
N ALA L 16 51.22 38.33 15.06
CA ALA L 16 52.21 39.41 15.13
C ALA L 16 53.19 39.17 16.28
N SER L 17 54.49 39.03 15.97
CA SER L 17 55.53 38.81 16.97
C SER L 17 56.16 40.15 17.38
N PHE L 18 56.60 40.28 18.63
CA PHE L 18 57.21 41.51 19.15
C PHE L 18 58.42 41.22 20.00
N THR L 19 59.40 42.15 19.99
CA THR L 19 60.63 42.04 20.75
C THR L 19 60.34 42.22 22.25
N GLN L 20 59.40 43.12 22.62
CA GLN L 20 59.04 43.40 24.00
C GLN L 20 57.55 43.16 24.26
N LYS L 21 57.22 42.67 25.47
CA LYS L 21 55.84 42.37 25.87
C LYS L 21 54.94 43.61 25.77
N GLY L 22 55.47 44.78 26.15
CA GLY L 22 54.72 46.03 26.07
C GLY L 22 54.18 46.33 24.70
N ASN L 23 55.00 46.05 23.66
CA ASN L 23 54.60 46.27 22.26
C ASN L 23 53.49 45.31 21.87
N LEU L 24 53.57 44.06 22.37
CA LEU L 24 52.50 43.08 22.12
C LEU L 24 51.21 43.54 22.83
N LEU L 25 51.31 44.04 24.06
CA LEU L 25 50.13 44.51 24.80
C LEU L 25 49.43 45.61 24.02
N ARG L 26 50.22 46.59 23.51
CA ARG L 26 49.71 47.69 22.69
C ARG L 26 49.01 47.15 21.43
N HIS L 27 49.66 46.17 20.77
CA HIS L 27 49.13 45.55 19.57
C HIS L 27 47.78 44.87 19.80
N ILE L 28 47.64 44.06 20.89
CA ILE L 28 46.35 43.38 21.11
C ILE L 28 45.29 44.46 21.40
N LYS L 29 45.68 45.55 22.10
CA LYS L 29 44.75 46.67 22.41
C LYS L 29 44.10 47.22 21.12
N LEU L 30 44.87 47.25 20.01
CA LEU L 30 44.36 47.72 18.71
C LEU L 30 43.30 46.79 18.08
N HIS L 31 43.35 45.46 18.35
CA HIS L 31 42.36 44.51 17.83
C HIS L 31 40.96 44.78 18.41
N SER L 32 40.90 45.29 19.65
CA SER L 32 39.64 45.62 20.35
C SER L 32 38.88 46.76 19.63
N GLY L 33 38.00 46.35 18.72
CA GLY L 33 37.20 47.25 17.90
C GLY L 33 38.01 47.76 16.72
ZN ZN M . 23.05 49.74 46.45
C1 Y70 N . 19.65 71.57 40.79
C2 Y70 N . 20.18 70.47 40.15
C3 Y70 N . 19.47 69.28 40.12
C4 Y70 N . 18.22 69.21 40.74
C5 Y70 N . 17.67 70.31 41.39
C6 Y70 N . 18.40 71.52 41.43
C7 Y70 N . 17.27 68.08 40.85
N8 Y70 N . 16.17 68.57 41.56
C9 Y70 N . 16.35 69.91 41.94
N10 Y70 N . 17.93 72.62 42.13
O11 Y70 N . 15.58 70.56 42.61
C12 Y70 N . 14.98 67.78 41.86
O13 Y70 N . 17.39 66.93 40.45
C14 Y70 N . 15.11 67.30 43.31
C15 Y70 N . 13.71 68.58 41.63
N16 Y70 N . 12.70 68.44 42.55
C17 Y70 N . 12.67 67.58 43.61
C18 Y70 N . 13.81 66.64 43.75
O19 Y70 N . 13.57 69.28 40.63
O20 Y70 N . 11.72 67.60 44.39
H1 Y70 N . 20.20 72.52 40.74
H2 Y70 N . 21.16 70.52 39.69
H3 Y70 N . 19.87 68.39 39.62
H101 Y70 N . 17.04 72.59 42.63
H102 Y70 N . 18.45 73.49 42.15
H12 Y70 N . 14.93 66.91 41.20
H141 Y70 N . 15.36 68.13 43.96
H142 Y70 N . 15.95 66.62 43.39
H181 Y70 N . 13.90 66.25 44.76
H182 Y70 N . 13.60 65.77 43.13
H16 Y70 N . 11.88 69.03 42.41
ZN ZN O . 23.40 63.27 41.20
ZN ZN P . 23.24 -34.17 30.45
C1 Y70 Q . 24.69 -11.59 26.89
C2 Y70 Q . 25.02 -12.73 26.17
C3 Y70 Q . 24.08 -13.74 25.99
C4 Y70 Q . 22.82 -13.59 26.55
C5 Y70 Q . 22.46 -12.46 27.29
C6 Y70 Q . 23.43 -11.44 27.49
C7 Y70 Q . 21.65 -14.51 26.53
N8 Y70 Q . 20.63 -13.86 27.25
C9 Y70 Q . 21.06 -12.63 27.75
N10 Y70 Q . 23.15 -10.33 28.26
O11 Y70 Q . 20.40 -11.89 28.46
C12 Y70 Q . 19.29 -14.41 27.42
O13 Y70 Q . 21.55 -15.61 26.02
C14 Y70 Q . 19.26 -15.03 28.81
C15 Y70 Q . 18.23 -13.35 27.23
N16 Y70 Q . 17.16 -13.35 28.09
C17 Y70 Q . 16.89 -14.28 29.06
C18 Y70 Q . 17.83 -15.44 29.15
O19 Y70 Q . 18.30 -12.55 26.30
O20 Y70 Q . 15.94 -14.13 29.81
H1 Y70 Q . 25.43 -10.78 26.96
H2 Y70 Q . 26.02 -12.84 25.75
H3 Y70 Q . 24.32 -14.63 25.42
H101 Y70 Q . 22.26 -10.21 28.72
H102 Y70 Q . 23.84 -9.59 28.39
H12 Y70 Q . 19.11 -15.18 26.68
H141 Y70 Q . 19.63 -14.33 29.56
H142 Y70 Q . 19.94 -15.88 28.87
H181 Y70 Q . 17.78 -15.93 30.12
H182 Y70 Q . 17.47 -16.19 28.44
H16 Y70 Q . 16.49 -12.59 27.98
ZN ZN R . 26.70 -20.46 26.64
ZN ZN S . 44.76 -31.30 -6.42
C1 Y70 T . 46.87 -53.52 -0.66
C2 Y70 T . 46.15 -52.43 -0.18
C3 Y70 T . 45.38 -51.67 -1.04
C4 Y70 T . 45.35 -52.00 -2.39
C5 Y70 T . 46.07 -53.08 -2.91
C6 Y70 T . 46.87 -53.86 -2.04
C7 Y70 T . 44.62 -51.35 -3.52
N8 Y70 T . 44.92 -52.11 -4.66
C9 Y70 T . 45.81 -53.16 -4.36
N10 Y70 T . 47.65 -54.88 -2.50
O11 Y70 T . 46.28 -53.92 -5.18
C12 Y70 T . 44.40 -51.81 -5.98
O13 Y70 T . 43.91 -50.37 -3.49
C14 Y70 T . 45.46 -51.05 -6.74
C15 Y70 T . 43.97 -53.08 -6.69
N16 Y70 T . 44.25 -53.18 -8.04
C17 Y70 T . 44.79 -52.22 -8.83
C18 Y70 T . 45.05 -50.89 -8.20
O19 Y70 T . 43.35 -53.96 -6.10
O20 Y70 T . 45.06 -52.47 -10.01
H1 Y70 T . 47.41 -54.14 0.04
H2 Y70 T . 46.20 -52.19 0.87
H3 Y70 T . 44.79 -50.83 -0.67
H101 Y70 T . 47.68 -55.12 -3.49
H102 Y70 T . 48.21 -55.45 -1.87
H12 Y70 T . 43.50 -51.20 -5.89
H141 Y70 T . 46.42 -51.56 -6.68
H142 Y70 T . 45.64 -50.07 -6.28
H181 Y70 T . 45.77 -50.30 -8.76
H182 Y70 T . 44.12 -50.32 -8.27
H16 Y70 T . 44.02 -54.07 -8.48
ZN ZN U . 45.68 -44.53 0.09
ZN ZN V . 43.55 52.62 8.79
C1 Y70 W . 50.43 32.07 16.25
C2 Y70 W . 49.50 33.01 16.66
C3 Y70 W . 48.57 33.52 15.76
C4 Y70 W . 48.60 33.09 14.44
C5 Y70 W . 49.54 32.16 13.99
C6 Y70 W . 50.49 31.65 14.91
C7 Y70 W . 47.74 33.46 13.29
N8 Y70 W . 48.21 32.71 12.19
C9 Y70 W . 49.30 31.92 12.55
N10 Y70 W . 51.48 30.78 14.50
O11 Y70 W . 49.94 31.22 11.79
C12 Y70 W . 47.61 32.77 10.86
O13 Y70 W . 46.82 34.26 13.25
C14 Y70 W . 48.48 33.69 10.03
C15 Y70 W . 47.47 31.38 10.27
N16 Y70 W . 47.76 31.23 8.93
C17 Y70 W . 48.08 32.23 8.05
C18 Y70 W . 48.04 33.63 8.57
O19 Y70 W . 47.06 30.43 10.94
O20 Y70 W . 48.38 31.95 6.89
H1 Y70 W . 51.11 31.65 16.99
H2 Y70 W . 49.49 33.35 17.69
H3 Y70 W . 47.82 34.25 16.07
H101 Y70 W . 51.57 30.47 13.54
H102 Y70 W . 52.16 30.42 15.17
H12 Y70 W . 46.60 33.17 10.93
H141 Y70 W . 49.52 33.41 10.10
H142 Y70 W . 48.43 34.71 10.41
H181 Y70 W . 48.61 34.31 7.95
H182 Y70 W . 47.00 33.96 8.47
H16 Y70 W . 47.74 30.28 8.57
ZN ZN X . 47.25 40.47 16.33
#